data_5XEX
#
_entry.id   5XEX
#
_cell.length_a   93.699
_cell.length_b   93.773
_cell.length_c   130.242
_cell.angle_alpha   98.22
_cell.angle_beta   95.34
_cell.angle_gamma   120.01
#
_symmetry.space_group_name_H-M   'P 1'
#
loop_
_entity.id
_entity.type
_entity.pdbx_description
1 polymer 'Polyribonucleotide nucleotidyltransferase'
2 non-polymer DI(HYDROXYETHYL)ETHER
3 non-polymer GLYCEROL
4 non-polymer PYROPHOSPHATE
5 water water
#
_entity_poly.entity_id   1
_entity_poly.type   'polypeptide(L)'
_entity_poly.pdbx_seq_one_letter_code
;MSQEKKVFKTEWAGRSLTIETGQLAKQANGAVLVRYGDTVVLSTATASKEPRDGDFFPLTVNYEEKMYAAGKIPGGFKKR
EGRPGDDATLTARLIDRPIRPLFPKGYKHDVQIMNMVLSADPDCSPQMAAMIGSSMALSVSDIPFQGPIAGVNVGYIDGK
YIINPTVEEKEVSRLDLEVAGHKDAVNMVEAGASEITEQEMLEAIFFGHEEIQRLVDFQQQIVDHIQPVKQEFIPAERDE
ALVERVKSLTEEKGLKETVLTFDKQQRDENLDNLKEEIVNEFIDEEDPENELLIKEVYAILNELVKEEVRRLIADEKIRP
DGRKPDEIRPLDSEVGILPRTHGSGLFTRGQTQALSVLTLGALGDYQLIDGLGPEEEKRFMHHYNFPNFSVGETGPVRAP
GRREIGHGALGERALKYIIPDTADFPYTIRIVSEVLESNGSSSQASICGSTLALMDAGVPIKAPVAGIAMGLVTREDSYT
ILTDIQGMEDALGDMDFKVAGTKEGITAIQMDIKIDGLTREIIEEALEQARRGRLEIMNHMLQTIDQPRTELSHHHHHH
;
_entity_poly.pdbx_strand_id   A,B,C,D,E,F
#
loop_
_chem_comp.id
_chem_comp.type
_chem_comp.name
_chem_comp.formula
GOL non-polymer GLYCEROL 'C3 H8 O3'
PEG non-polymer DI(HYDROXYETHYL)ETHER 'C4 H10 O3'
PPV non-polymer PYROPHOSPHATE 'H4 O7 P2'
#
# COMPACT_ATOMS: atom_id res chain seq x y z
N GLU A 4 13.70 60.87 12.00
CA GLU A 4 14.09 61.38 13.30
C GLU A 4 15.60 61.68 13.40
N LYS A 5 16.12 62.43 12.45
CA LYS A 5 17.56 62.69 12.41
C LYS A 5 18.15 63.51 13.57
N LYS A 6 19.18 63.01 14.21
CA LYS A 6 19.88 63.71 15.28
C LYS A 6 21.36 63.77 14.97
N VAL A 7 21.91 64.98 15.02
CA VAL A 7 23.29 65.22 14.69
C VAL A 7 24.05 65.73 15.91
N PHE A 8 25.17 65.08 16.21
CA PHE A 8 26.02 65.43 17.35
C PHE A 8 27.40 65.75 16.82
N LYS A 9 28.01 66.80 17.34
CA LYS A 9 29.21 67.34 16.70
C LYS A 9 30.31 67.64 17.69
N THR A 10 31.56 67.53 17.24
CA THR A 10 32.72 67.85 18.07
C THR A 10 33.97 68.05 17.23
N GLU A 11 35.10 68.23 17.90
CA GLU A 11 36.37 68.35 17.20
C GLU A 11 37.23 67.15 17.54
N TRP A 12 38.00 66.71 16.56
CA TRP A 12 38.91 65.58 16.72
C TRP A 12 40.19 65.92 16.00
N ALA A 13 41.21 66.29 16.78
CA ALA A 13 42.53 66.57 16.25
C ALA A 13 42.51 67.57 15.12
N GLY A 14 41.82 68.70 15.34
CA GLY A 14 41.87 69.80 14.37
C GLY A 14 40.96 69.69 13.16
N ARG A 15 39.98 68.79 13.23
CA ARG A 15 38.98 68.67 12.18
C ARG A 15 37.68 68.15 12.76
N SER A 16 36.56 68.38 12.10
CA SER A 16 35.27 68.15 12.76
C SER A 16 34.87 66.70 12.73
N LEU A 17 34.16 66.27 13.75
CA LEU A 17 33.66 64.95 13.80
C LEU A 17 32.18 65.05 14.09
N THR A 18 31.38 64.50 13.18
CA THR A 18 29.95 64.49 13.32
C THR A 18 29.43 63.08 13.31
N ILE A 19 28.47 62.82 14.19
CA ILE A 19 27.83 61.53 14.25
C ILE A 19 26.32 61.72 14.12
N GLU A 20 25.73 61.09 13.08
CA GLU A 20 24.28 61.17 12.83
C GLU A 20 23.60 59.85 13.06
N THR A 21 22.47 59.87 13.74
CA THR A 21 21.66 58.68 13.82
C THR A 21 20.18 59.03 13.62
N GLY A 22 19.36 57.98 13.56
CA GLY A 22 17.93 58.08 13.39
C GLY A 22 17.41 58.18 11.96
N GLN A 23 18.26 58.55 10.99
CA GLN A 23 17.84 58.64 9.60
C GLN A 23 18.11 57.35 8.81
N LEU A 24 19.35 56.85 8.85
CA LEU A 24 19.78 55.72 8.02
C LEU A 24 19.77 54.35 8.66
N ALA A 25 19.42 53.33 7.86
CA ALA A 25 19.64 51.92 8.17
C ALA A 25 18.97 51.52 9.44
N LYS A 26 17.70 51.87 9.54
CA LYS A 26 16.96 51.77 10.79
C LYS A 26 16.41 50.42 11.13
N GLN A 27 16.52 49.46 10.21
CA GLN A 27 16.18 48.08 10.53
C GLN A 27 17.32 47.34 11.24
N ALA A 28 18.56 47.81 11.06
CA ALA A 28 19.67 47.41 11.94
C ALA A 28 19.36 47.70 13.43
N ASN A 29 19.87 46.87 14.34
CA ASN A 29 19.60 47.10 15.78
C ASN A 29 20.08 48.48 16.17
N GLY A 30 21.15 48.92 15.54
CA GLY A 30 21.64 50.28 15.70
C GLY A 30 22.49 50.65 14.52
N ALA A 31 22.57 51.95 14.23
CA ALA A 31 23.24 52.41 13.05
C ALA A 31 23.52 53.89 13.17
N VAL A 32 24.64 54.32 12.59
CA VAL A 32 25.12 55.65 12.81
C VAL A 32 25.91 55.99 11.56
N LEU A 33 26.00 57.27 11.23
CA LEU A 33 26.79 57.75 10.13
C LEU A 33 27.87 58.67 10.72
N VAL A 34 29.11 58.54 10.25
CA VAL A 34 30.26 59.27 10.82
C VAL A 34 30.86 60.15 9.76
N ARG A 35 30.97 61.44 10.05
CA ARG A 35 31.63 62.35 9.16
C ARG A 35 32.80 62.86 9.97
N TYR A 36 33.98 62.67 9.42
CA TYR A 36 35.21 63.09 10.05
C TYR A 36 35.99 63.74 8.94
N GLY A 37 36.11 65.06 8.97
CA GLY A 37 36.62 65.81 7.82
C GLY A 37 35.78 65.41 6.63
N ASP A 38 36.43 65.22 5.48
CA ASP A 38 35.75 64.70 4.29
C ASP A 38 35.55 63.16 4.23
N THR A 39 35.81 62.45 5.34
CA THR A 39 35.63 61.01 5.39
C THR A 39 34.25 60.73 5.92
N VAL A 40 33.55 59.79 5.30
CA VAL A 40 32.22 59.40 5.73
C VAL A 40 32.16 57.87 5.77
N VAL A 41 31.53 57.35 6.84
CA VAL A 41 31.46 55.94 7.04
C VAL A 41 30.11 55.67 7.67
N LEU A 42 29.41 54.65 7.16
CA LEU A 42 28.19 54.20 7.73
C LEU A 42 28.51 52.91 8.45
N SER A 43 28.08 52.80 9.72
CA SER A 43 28.39 51.66 10.55
C SER A 43 27.11 51.10 11.09
N THR A 44 26.97 49.77 11.14
CA THR A 44 25.77 49.18 11.61
C THR A 44 26.05 47.97 12.49
N ALA A 45 25.09 47.64 13.33
CA ALA A 45 25.22 46.57 14.24
C ALA A 45 23.88 45.87 14.35
N THR A 46 23.91 44.56 14.15
CA THR A 46 22.71 43.76 14.02
C THR A 46 22.97 42.49 14.81
N ALA A 47 21.95 42.03 15.52
CA ALA A 47 22.07 40.82 16.31
C ALA A 47 20.98 39.81 15.91
N SER A 48 21.30 38.52 15.95
CA SER A 48 20.30 37.50 15.72
C SER A 48 19.19 37.68 16.74
N LYS A 49 18.03 37.13 16.43
CA LYS A 49 16.84 37.32 17.25
C LYS A 49 16.98 36.56 18.56
N GLU A 50 17.26 35.26 18.47
CA GLU A 50 17.54 34.40 19.64
C GLU A 50 19.03 34.04 19.68
N PRO A 51 19.53 33.52 20.83
CA PRO A 51 20.96 33.24 20.88
C PRO A 51 21.31 31.88 20.29
N ARG A 52 22.49 31.79 19.68
CA ARG A 52 22.94 30.54 19.09
C ARG A 52 23.23 29.52 20.17
N ASP A 53 23.16 28.24 19.80
CA ASP A 53 23.49 27.14 20.70
C ASP A 53 24.99 26.94 20.81
N GLY A 54 25.40 26.20 21.83
CA GLY A 54 26.81 25.90 22.05
C GLY A 54 27.51 27.02 22.78
N ASP A 55 28.78 26.80 23.10
CA ASP A 55 29.58 27.75 23.89
C ASP A 55 30.58 28.43 22.98
N PHE A 56 30.07 29.37 22.19
CA PHE A 56 30.88 30.12 21.24
C PHE A 56 30.10 31.37 20.83
N PHE A 57 30.76 32.53 20.92
CA PHE A 57 30.13 33.82 20.65
C PHE A 57 30.44 34.24 19.21
N PRO A 58 29.43 34.14 18.32
CA PRO A 58 29.73 34.55 16.95
C PRO A 58 29.63 36.06 16.86
N LEU A 59 30.77 36.68 16.55
CA LEU A 59 30.87 38.10 16.40
C LEU A 59 31.66 38.26 15.14
N THR A 60 31.18 39.10 14.23
CA THR A 60 31.85 39.35 12.99
C THR A 60 31.84 40.84 12.74
N VAL A 61 32.92 41.31 12.15
CA VAL A 61 33.09 42.70 11.82
C VAL A 61 33.53 42.72 10.37
N ASN A 62 32.88 43.56 9.57
CA ASN A 62 33.31 43.74 8.21
C ASN A 62 33.61 45.16 7.97
N TYR A 63 34.42 45.39 6.97
CA TYR A 63 34.78 46.72 6.61
C TYR A 63 34.99 46.68 5.14
N GLU A 64 34.55 47.71 4.46
CA GLU A 64 34.68 47.74 3.04
C GLU A 64 34.69 49.18 2.60
N GLU A 65 35.58 49.49 1.68
CA GLU A 65 35.70 50.81 1.13
C GLU A 65 35.18 50.78 -0.30
N LYS A 66 34.07 51.45 -0.53
CA LYS A 66 33.46 51.52 -1.84
C LYS A 66 34.42 52.04 -2.91
N MET A 67 34.16 51.64 -4.15
CA MET A 67 34.92 52.05 -5.32
C MET A 67 34.85 53.55 -5.50
N TYR A 68 33.68 54.10 -5.24
CA TYR A 68 33.45 55.51 -5.45
C TYR A 68 33.97 56.37 -4.30
N ALA A 69 34.27 55.74 -3.15
CA ALA A 69 34.77 56.43 -1.96
C ALA A 69 36.01 57.31 -2.20
N ALA A 70 36.77 57.01 -3.25
CA ALA A 70 37.95 57.81 -3.60
C ALA A 70 37.73 58.62 -4.87
N GLY A 71 36.47 58.76 -5.27
CA GLY A 71 36.10 59.41 -6.54
C GLY A 71 36.75 58.77 -7.77
N LYS A 72 36.86 57.44 -7.77
CA LYS A 72 37.56 56.72 -8.84
C LYS A 72 36.98 55.30 -9.00
N ASP A 86 43.82 43.29 0.84
CA ASP A 86 43.94 42.77 2.21
C ASP A 86 43.66 43.81 3.29
N ASP A 87 43.87 45.09 2.97
CA ASP A 87 43.70 46.20 3.93
C ASP A 87 42.34 46.17 4.63
N ALA A 88 41.29 45.88 3.87
CA ALA A 88 39.94 45.81 4.42
C ALA A 88 39.83 44.72 5.47
N THR A 89 40.55 43.61 5.23
CA THR A 89 40.54 42.49 6.18
C THR A 89 41.34 42.88 7.43
N LEU A 90 42.47 43.51 7.23
CA LEU A 90 43.29 44.01 8.34
C LEU A 90 42.46 45.02 9.16
N THR A 91 41.79 45.95 8.46
CA THR A 91 41.01 46.96 9.17
C THR A 91 39.89 46.30 9.98
N ALA A 92 39.22 45.33 9.40
CA ALA A 92 38.11 44.70 10.10
C ALA A 92 38.61 43.95 11.32
N ARG A 93 39.79 43.34 11.21
CA ARG A 93 40.42 42.66 12.36
C ARG A 93 40.79 43.69 13.42
N LEU A 94 41.35 44.80 12.98
CA LEU A 94 41.63 45.91 13.89
C LEU A 94 40.41 46.30 14.75
N ILE A 95 39.23 46.42 14.12
CA ILE A 95 38.02 46.90 14.81
C ILE A 95 37.42 45.86 15.74
N ASP A 96 37.44 44.59 15.33
CA ASP A 96 37.06 43.46 16.20
C ASP A 96 37.74 43.47 17.61
N ARG A 97 39.03 43.77 17.63
CA ARG A 97 39.87 43.58 18.84
C ARG A 97 39.38 44.27 20.10
N PRO A 98 39.23 45.60 20.06
CA PRO A 98 38.72 46.25 21.28
C PRO A 98 37.26 46.04 21.55
N ILE A 99 36.52 45.51 20.56
CA ILE A 99 35.08 45.36 20.72
C ILE A 99 34.76 44.01 21.32
N ARG A 100 35.50 42.98 20.91
CA ARG A 100 35.17 41.60 21.31
C ARG A 100 35.10 41.32 22.82
N PRO A 101 36.12 41.77 23.59
CA PRO A 101 36.03 41.40 25.01
C PRO A 101 34.93 42.06 25.84
N LEU A 102 34.19 43.01 25.26
CA LEU A 102 33.27 43.83 26.04
C LEU A 102 31.80 43.42 25.93
N PHE A 103 31.55 42.13 25.95
CA PHE A 103 30.19 41.63 25.96
C PHE A 103 30.01 40.79 27.21
N PRO A 104 28.81 40.79 27.79
CA PRO A 104 28.64 40.03 29.02
C PRO A 104 29.01 38.55 28.83
N LYS A 105 29.69 37.98 29.82
CA LYS A 105 30.16 36.60 29.71
C LYS A 105 28.97 35.66 29.55
N GLY A 106 29.06 34.77 28.57
CA GLY A 106 27.97 33.84 28.26
C GLY A 106 26.97 34.36 27.24
N TYR A 107 27.21 35.54 26.70
CA TYR A 107 26.35 36.13 25.67
C TYR A 107 26.78 35.58 24.33
N LYS A 108 25.90 34.81 23.69
CA LYS A 108 26.23 34.05 22.48
C LYS A 108 25.19 34.27 21.37
N HIS A 109 24.75 35.52 21.22
CA HIS A 109 23.95 35.96 20.10
C HIS A 109 24.87 36.19 18.92
N ASP A 110 24.39 35.93 17.71
CA ASP A 110 25.14 36.37 16.53
C ASP A 110 25.08 37.89 16.56
N VAL A 111 26.24 38.52 16.40
CA VAL A 111 26.32 39.93 16.25
C VAL A 111 27.19 40.17 15.05
N GLN A 112 26.70 40.97 14.12
CA GLN A 112 27.47 41.33 12.97
C GLN A 112 27.53 42.82 12.91
N ILE A 113 28.68 43.33 12.49
CA ILE A 113 28.95 44.72 12.48
C ILE A 113 29.53 45.01 11.13
N MET A 114 28.92 45.96 10.41
CA MET A 114 29.36 46.31 9.09
C MET A 114 29.79 47.77 9.07
N ASN A 115 30.78 48.08 8.24
CA ASN A 115 31.26 49.41 8.06
C ASN A 115 31.46 49.66 6.60
N MET A 116 30.89 50.74 6.09
CA MET A 116 31.00 51.08 4.70
C MET A 116 31.58 52.45 4.60
N VAL A 117 32.73 52.55 3.98
CA VAL A 117 33.37 53.79 3.77
C VAL A 117 32.79 54.35 2.48
N LEU A 118 31.90 55.33 2.64
CA LEU A 118 31.22 55.97 1.52
C LEU A 118 32.07 57.07 0.95
N SER A 119 32.90 57.66 1.79
CA SER A 119 33.83 58.69 1.32
C SER A 119 35.08 58.63 2.19
N ALA A 120 36.25 58.76 1.56
CA ALA A 120 37.51 58.49 2.22
C ALA A 120 38.56 59.53 1.90
N ASP A 121 38.86 60.34 2.91
CA ASP A 121 39.94 61.32 2.88
C ASP A 121 41.08 60.65 3.63
N PRO A 122 42.19 60.37 2.94
CA PRO A 122 43.21 59.60 3.64
C PRO A 122 43.87 60.36 4.81
N ASP A 123 43.72 61.69 4.84
CA ASP A 123 44.18 62.50 5.96
C ASP A 123 43.28 62.40 7.19
N CYS A 124 42.05 61.91 7.02
CA CYS A 124 41.12 61.72 8.12
C CYS A 124 40.73 60.25 8.16
N SER A 125 41.36 59.50 9.06
CA SER A 125 41.41 58.03 8.99
C SER A 125 40.05 57.38 8.93
N PRO A 126 39.75 56.72 7.80
CA PRO A 126 38.51 55.94 7.72
C PRO A 126 38.50 54.77 8.71
N GLN A 127 39.69 54.23 8.97
CA GLN A 127 39.82 53.11 9.91
C GLN A 127 39.38 53.53 11.29
N MET A 128 39.79 54.72 11.72
CA MET A 128 39.37 55.27 13.02
C MET A 128 37.90 55.77 13.03
N ALA A 129 37.52 56.39 11.94
CA ALA A 129 36.08 56.76 11.82
C ALA A 129 35.17 55.55 11.98
N ALA A 130 35.60 54.41 11.44
CA ALA A 130 34.77 53.22 11.42
C ALA A 130 34.75 52.57 12.77
N MET A 131 35.90 52.64 13.43
CA MET A 131 36.02 52.10 14.76
C MET A 131 35.11 52.82 15.73
N ILE A 132 35.06 54.14 15.64
CA ILE A 132 34.11 54.90 16.46
C ILE A 132 32.68 54.67 15.97
N GLY A 133 32.50 54.69 14.65
CA GLY A 133 31.21 54.28 14.06
C GLY A 133 30.64 53.00 14.66
N SER A 134 31.47 51.95 14.72
CA SER A 134 31.09 50.64 15.22
C SER A 134 30.72 50.66 16.68
N SER A 135 31.53 51.35 17.49
CA SER A 135 31.18 51.60 18.90
C SER A 135 29.83 52.31 19.05
N MET A 136 29.65 53.40 18.31
CA MET A 136 28.37 54.13 18.36
C MET A 136 27.17 53.28 17.97
N ALA A 137 27.30 52.52 16.87
CA ALA A 137 26.18 51.72 16.41
C ALA A 137 25.76 50.72 17.47
N LEU A 138 26.72 50.05 18.10
CA LEU A 138 26.40 49.18 19.24
C LEU A 138 25.85 49.95 20.46
N SER A 139 26.35 51.15 20.68
CA SER A 139 25.94 51.93 21.88
C SER A 139 24.49 52.42 21.79
N VAL A 140 24.07 52.85 20.61
CA VAL A 140 22.65 53.23 20.39
C VAL A 140 21.72 52.00 20.26
N SER A 141 22.27 50.84 19.94
CA SER A 141 21.47 49.63 19.72
C SER A 141 20.90 49.16 21.05
N ASP A 142 20.10 48.11 20.99
CA ASP A 142 19.67 47.42 22.20
C ASP A 142 20.60 46.24 22.53
N ILE A 143 21.75 46.15 21.86
CA ILE A 143 22.72 45.09 22.14
C ILE A 143 23.58 45.45 23.36
N PRO A 144 23.63 44.58 24.39
CA PRO A 144 24.31 44.92 25.65
C PRO A 144 25.83 44.96 25.57
N PHE A 145 26.35 45.88 24.80
CA PHE A 145 27.78 46.16 24.68
C PHE A 145 28.21 47.00 25.87
N GLN A 146 29.41 46.74 26.41
CA GLN A 146 29.90 47.43 27.61
C GLN A 146 30.94 48.48 27.30
N GLY A 147 30.71 49.24 26.25
CA GLY A 147 31.58 50.35 25.88
C GLY A 147 31.05 51.65 26.48
N PRO A 148 31.24 52.78 25.79
CA PRO A 148 31.81 52.86 24.48
C PRO A 148 33.30 52.57 24.45
N ILE A 149 33.82 52.49 23.23
CA ILE A 149 35.21 52.36 23.02
C ILE A 149 35.54 53.33 21.94
N ALA A 150 36.81 53.62 21.78
CA ALA A 150 37.23 54.45 20.69
C ALA A 150 38.65 54.15 20.39
N GLY A 151 39.11 54.62 19.25
CA GLY A 151 40.44 54.32 18.82
C GLY A 151 41.05 55.49 18.12
N VAL A 152 42.38 55.52 18.11
CA VAL A 152 43.07 56.68 17.67
C VAL A 152 44.40 56.26 17.06
N ASN A 153 44.88 57.05 16.11
CA ASN A 153 46.18 56.85 15.54
C ASN A 153 47.22 57.82 16.12
N VAL A 154 48.40 57.33 16.50
CA VAL A 154 49.49 58.20 16.99
C VAL A 154 50.75 58.11 16.15
N GLY A 155 51.26 59.26 15.74
CA GLY A 155 52.56 59.37 15.09
C GLY A 155 53.58 59.93 16.08
N TYR A 156 54.79 60.17 15.61
CA TYR A 156 55.89 60.57 16.48
C TYR A 156 56.93 61.26 15.63
N ILE A 157 56.93 62.58 15.66
CA ILE A 157 57.78 63.40 14.78
C ILE A 157 58.55 64.40 15.65
N ASP A 158 59.87 64.53 15.39
CA ASP A 158 60.76 65.39 16.20
C ASP A 158 60.36 65.37 17.68
N GLY A 159 60.25 64.18 18.24
CA GLY A 159 59.97 64.01 19.66
C GLY A 159 58.58 64.32 20.14
N LYS A 160 57.69 64.71 19.22
CA LYS A 160 56.32 65.04 19.61
C LYS A 160 55.34 64.01 19.08
N TYR A 161 54.48 63.53 19.96
CA TYR A 161 53.38 62.70 19.57
C TYR A 161 52.32 63.54 18.86
N ILE A 162 51.64 62.94 17.88
CA ILE A 162 50.56 63.62 17.18
C ILE A 162 49.42 62.66 16.93
N ILE A 163 48.20 63.13 17.15
CA ILE A 163 47.03 62.30 16.89
C ILE A 163 46.61 62.33 15.44
N ASN A 164 46.24 61.16 14.91
CA ASN A 164 45.74 61.03 13.54
C ASN A 164 46.56 61.85 12.58
N PRO A 165 47.86 61.53 12.46
CA PRO A 165 48.67 62.30 11.55
C PRO A 165 48.20 62.12 10.15
N THR A 166 48.52 63.10 9.32
CA THR A 166 48.07 63.12 7.95
C THR A 166 49.01 62.24 7.18
N VAL A 167 48.68 62.01 5.91
CA VAL A 167 49.49 61.18 5.04
C VAL A 167 50.93 61.68 5.07
N GLU A 168 51.10 62.97 4.95
CA GLU A 168 52.43 63.52 4.76
C GLU A 168 53.25 63.56 6.06
N GLU A 169 52.57 63.58 7.17
CA GLU A 169 53.23 63.53 8.47
C GLU A 169 53.69 62.09 8.77
N LYS A 170 52.92 61.12 8.27
CA LYS A 170 53.25 59.70 8.43
C LYS A 170 54.50 59.36 7.63
N GLU A 171 54.67 60.00 6.47
CA GLU A 171 55.90 59.86 5.69
C GLU A 171 57.16 60.11 6.51
N VAL A 172 56.98 60.73 7.67
CA VAL A 172 58.07 61.29 8.44
C VAL A 172 58.00 60.90 9.92
N SER A 173 56.95 60.22 10.33
CA SER A 173 56.83 59.76 11.69
C SER A 173 57.74 58.57 11.92
N ARG A 174 58.14 58.36 13.17
CA ARG A 174 58.94 57.20 13.53
C ARG A 174 58.03 56.11 14.08
N LEU A 175 56.73 56.39 14.13
CA LEU A 175 55.79 55.47 14.76
C LEU A 175 54.44 55.52 14.03
N ASP A 176 53.85 54.34 13.84
CA ASP A 176 52.53 54.19 13.24
C ASP A 176 51.76 53.34 14.22
N LEU A 177 51.06 53.99 15.15
CA LEU A 177 50.41 53.26 16.24
C LEU A 177 48.91 53.48 16.18
N GLU A 178 48.16 52.43 16.53
CA GLU A 178 46.74 52.50 16.62
C GLU A 178 46.40 51.96 17.97
N VAL A 179 45.84 52.84 18.82
CA VAL A 179 45.51 52.49 20.18
C VAL A 179 44.03 52.54 20.28
N ALA A 180 43.48 51.73 21.17
CA ALA A 180 42.11 51.79 21.44
C ALA A 180 41.79 51.31 22.83
N GLY A 181 40.66 51.80 23.33
CA GLY A 181 40.12 51.30 24.57
C GLY A 181 38.91 52.07 25.01
N HIS A 182 38.61 51.97 26.29
CA HIS A 182 37.39 52.52 26.85
C HIS A 182 37.70 53.64 27.85
N LYS A 183 36.70 53.98 28.64
CA LYS A 183 36.79 55.04 29.66
C LYS A 183 38.06 54.87 30.54
N ASP A 184 38.10 53.77 31.28
CA ASP A 184 39.11 53.49 32.29
C ASP A 184 40.43 52.76 31.89
N ALA A 185 40.59 52.33 30.64
CA ALA A 185 41.79 51.56 30.24
C ALA A 185 41.92 51.33 28.74
N VAL A 186 43.15 51.05 28.34
CA VAL A 186 43.49 50.64 27.00
C VAL A 186 43.15 49.17 26.76
N ASN A 187 42.70 48.89 25.53
CA ASN A 187 42.15 47.59 25.12
C ASN A 187 42.97 46.85 24.10
N MET A 188 43.72 47.61 23.29
CA MET A 188 44.27 47.08 22.09
C MET A 188 45.33 48.03 21.67
N VAL A 189 46.49 47.49 21.26
CA VAL A 189 47.47 48.28 20.56
C VAL A 189 47.95 47.45 19.40
N GLU A 190 48.36 48.14 18.36
CA GLU A 190 48.86 47.50 17.17
C GLU A 190 49.73 48.56 16.56
N ALA A 191 50.97 48.21 16.27
CA ALA A 191 51.91 49.25 15.89
C ALA A 191 53.03 48.77 15.01
N GLY A 192 53.61 49.72 14.31
CA GLY A 192 54.81 49.56 13.57
C GLY A 192 55.68 50.76 13.94
N ALA A 193 56.99 50.57 14.02
CA ALA A 193 57.87 51.64 14.47
C ALA A 193 59.28 51.51 13.94
N SER A 194 59.93 52.66 13.79
CA SER A 194 61.36 52.73 13.48
C SER A 194 62.26 52.46 14.70
N GLU A 195 62.13 51.28 15.32
CA GLU A 195 63.07 50.88 16.37
C GLU A 195 63.07 51.90 17.51
N ILE A 196 61.96 51.99 18.22
CA ILE A 196 61.81 52.97 19.28
C ILE A 196 61.79 52.25 20.62
N THR A 197 62.12 52.98 21.67
CA THR A 197 62.35 52.35 22.95
C THR A 197 61.03 51.98 23.54
N GLU A 198 61.06 51.15 24.55
CA GLU A 198 59.88 50.77 25.31
C GLU A 198 59.15 51.92 26.02
N GLN A 199 59.86 52.98 26.38
CA GLN A 199 59.22 54.04 27.15
C GLN A 199 58.63 55.03 26.20
N GLU A 200 59.18 55.02 25.02
CA GLU A 200 58.79 55.90 23.91
C GLU A 200 57.45 55.40 23.35
N MET A 201 57.25 54.09 23.47
CA MET A 201 56.05 53.42 23.00
C MET A 201 54.96 53.57 24.04
N LEU A 202 55.34 53.36 25.30
CA LEU A 202 54.37 53.35 26.39
C LEU A 202 53.77 54.76 26.60
N GLU A 203 54.59 55.77 26.31
CA GLU A 203 54.13 57.14 26.39
C GLU A 203 53.15 57.40 25.26
N ALA A 204 53.51 56.99 24.04
CA ALA A 204 52.63 57.12 22.87
C ALA A 204 51.30 56.45 23.17
N ILE A 205 51.35 55.26 23.70
CA ILE A 205 50.12 54.60 24.09
C ILE A 205 49.26 55.50 24.94
N PHE A 206 49.81 56.08 26.00
CA PHE A 206 48.96 56.81 26.95
C PHE A 206 48.65 58.25 26.58
N PHE A 207 49.45 58.82 25.68
CA PHE A 207 49.07 60.04 25.01
C PHE A 207 47.79 59.76 24.19
N GLY A 208 47.84 58.68 23.41
CA GLY A 208 46.69 58.20 22.67
C GLY A 208 45.49 57.98 23.56
N HIS A 209 45.68 57.38 24.73
CA HIS A 209 44.51 57.05 25.53
C HIS A 209 43.75 58.27 26.10
N GLU A 210 44.44 59.41 26.25
CA GLU A 210 43.77 60.60 26.82
C GLU A 210 42.72 61.05 25.80
N GLU A 211 43.10 61.13 24.53
CA GLU A 211 42.13 61.42 23.45
C GLU A 211 41.04 60.36 23.35
N ILE A 212 41.41 59.08 23.44
CA ILE A 212 40.44 58.02 23.51
C ILE A 212 39.38 58.39 24.53
N GLN A 213 39.82 58.93 25.67
CA GLN A 213 38.92 59.22 26.79
C GLN A 213 37.93 60.37 26.49
N ARG A 214 38.40 61.36 25.73
CA ARG A 214 37.53 62.41 25.23
C ARG A 214 36.46 61.81 24.31
N LEU A 215 36.92 61.02 23.34
CA LEU A 215 36.04 60.37 22.35
C LEU A 215 34.99 59.50 23.02
N VAL A 216 35.37 58.76 24.03
CA VAL A 216 34.39 57.94 24.78
C VAL A 216 33.38 58.84 25.47
N ASP A 217 33.87 60.00 25.90
CA ASP A 217 33.10 60.92 26.71
C ASP A 217 31.99 61.46 25.85
N PHE A 218 32.37 61.95 24.68
CA PHE A 218 31.48 62.42 23.66
C PHE A 218 30.43 61.41 23.20
N GLN A 219 30.73 60.10 23.24
CA GLN A 219 29.80 59.06 22.84
C GLN A 219 28.82 58.78 23.96
N GLN A 220 29.27 58.93 25.19
CA GLN A 220 28.43 58.69 26.32
C GLN A 220 27.34 59.74 26.48
N GLN A 221 27.60 60.94 26.04
CA GLN A 221 26.62 61.99 26.11
C GLN A 221 25.47 61.73 25.17
N ILE A 222 25.82 61.14 24.05
CA ILE A 222 24.95 60.81 22.96
C ILE A 222 24.08 59.73 23.53
N VAL A 223 24.70 58.70 24.09
CA VAL A 223 23.94 57.63 24.68
C VAL A 223 23.01 58.20 25.75
N ASP A 224 23.51 59.18 26.52
CA ASP A 224 22.70 59.80 27.57
C ASP A 224 21.50 60.57 26.98
N HIS A 225 21.70 61.18 25.83
CA HIS A 225 20.62 61.83 25.09
C HIS A 225 19.63 60.85 24.44
N ILE A 226 20.11 59.89 23.66
CA ILE A 226 19.24 58.91 22.98
C ILE A 226 18.59 57.93 23.95
N GLN A 227 19.28 57.60 25.05
CA GLN A 227 18.73 56.71 26.07
C GLN A 227 18.17 55.41 25.48
N PRO A 228 19.05 54.62 24.85
CA PRO A 228 18.55 53.40 24.24
C PRO A 228 18.16 52.38 25.29
N VAL A 229 17.23 51.50 24.96
CA VAL A 229 16.78 50.47 25.88
C VAL A 229 17.49 49.17 25.53
N LYS A 230 18.38 48.72 26.42
CA LYS A 230 19.17 47.53 26.15
C LYS A 230 18.34 46.29 26.38
N GLN A 231 18.74 45.21 25.73
CA GLN A 231 18.14 43.92 26.02
C GLN A 231 18.79 43.35 27.27
N GLU A 232 17.99 42.63 28.04
CA GLU A 232 18.37 42.21 29.37
C GLU A 232 19.05 40.84 29.31
N PHE A 233 20.36 40.80 29.57
CA PHE A 233 21.11 39.54 29.62
C PHE A 233 21.18 38.99 31.05
N ILE A 234 20.39 37.96 31.34
CA ILE A 234 20.43 37.32 32.66
C ILE A 234 21.44 36.19 32.69
N PRO A 235 22.60 36.41 33.32
CA PRO A 235 23.59 35.33 33.33
C PRO A 235 23.18 34.34 34.40
N ALA A 236 23.16 33.06 34.07
CA ALA A 236 22.81 32.04 35.03
C ALA A 236 23.82 31.98 36.16
N GLU A 237 23.39 31.54 37.33
CA GLU A 237 24.34 31.35 38.42
C GLU A 237 24.53 29.87 38.64
N ARG A 238 25.80 29.50 38.75
CA ARG A 238 26.17 28.11 38.92
C ARG A 238 25.58 27.49 40.17
N ASP A 239 25.10 26.27 40.00
CA ASP A 239 24.66 25.43 41.09
C ASP A 239 25.85 25.06 41.96
N GLU A 240 26.01 25.76 43.09
CA GLU A 240 27.10 25.52 44.04
C GLU A 240 27.35 24.04 44.28
N ALA A 241 26.26 23.28 44.42
CA ALA A 241 26.32 21.86 44.73
C ALA A 241 26.81 21.01 43.55
N LEU A 242 26.29 21.28 42.35
CA LEU A 242 26.71 20.52 41.17
C LEU A 242 28.19 20.76 40.90
N VAL A 243 28.61 22.03 40.93
CA VAL A 243 30.03 22.35 40.86
C VAL A 243 30.79 21.46 41.82
N GLU A 244 30.30 21.36 43.05
CA GLU A 244 30.99 20.61 44.10
C GLU A 244 31.18 19.13 43.73
N ARG A 245 30.09 18.48 43.31
CA ARG A 245 30.17 17.10 42.80
C ARG A 245 31.22 16.96 41.71
N VAL A 246 31.09 17.78 40.66
CA VAL A 246 31.99 17.73 39.52
C VAL A 246 33.43 18.01 39.95
N LYS A 247 33.60 18.99 40.83
CA LYS A 247 34.92 19.35 41.35
C LYS A 247 35.57 18.23 42.16
N SER A 248 34.79 17.24 42.58
CA SER A 248 35.34 16.09 43.31
C SER A 248 35.79 15.01 42.35
N LEU A 249 34.92 14.68 41.40
CA LEU A 249 35.25 13.69 40.36
C LEU A 249 36.45 14.16 39.53
N THR A 250 36.75 15.46 39.61
CA THR A 250 37.86 16.05 38.91
C THR A 250 39.14 15.90 39.75
N GLU A 251 38.99 16.05 41.07
CA GLU A 251 40.12 15.94 42.01
C GLU A 251 40.56 14.49 42.17
N GLU A 252 39.61 13.56 42.13
CA GLU A 252 39.92 12.15 42.27
C GLU A 252 40.70 11.63 41.05
N LYS A 253 40.36 12.12 39.87
CA LYS A 253 41.01 11.67 38.64
C LYS A 253 42.26 12.47 38.28
N GLY A 254 42.82 13.18 39.27
CA GLY A 254 44.10 13.87 39.11
C GLY A 254 44.14 14.91 38.00
N LEU A 255 43.20 15.85 38.04
CA LEU A 255 43.17 16.93 37.04
C LEU A 255 44.50 17.64 37.01
N LYS A 256 44.98 18.03 38.19
CA LYS A 256 46.24 18.76 38.30
C LYS A 256 47.36 18.08 37.50
N GLU A 257 47.52 16.78 37.71
CA GLU A 257 48.60 16.03 37.09
C GLU A 257 48.35 15.88 35.59
N THR A 258 47.08 15.68 35.22
CA THR A 258 46.67 15.67 33.80
C THR A 258 47.11 16.95 33.09
N VAL A 259 46.79 18.10 33.69
CA VAL A 259 47.16 19.40 33.13
C VAL A 259 48.66 19.48 32.86
N LEU A 260 49.44 18.87 33.76
CA LEU A 260 50.89 18.97 33.71
C LEU A 260 51.60 18.03 32.73
N THR A 261 50.83 17.15 32.06
CA THR A 261 51.31 16.47 30.86
C THR A 261 52.15 17.43 29.99
N PHE A 262 53.32 16.97 29.56
CA PHE A 262 54.27 17.85 28.86
C PHE A 262 53.90 18.06 27.39
N ASP A 263 53.48 16.99 26.73
CA ASP A 263 53.23 17.00 25.29
C ASP A 263 51.85 17.60 24.98
N LYS A 264 51.83 18.52 24.03
CA LYS A 264 50.59 19.27 23.71
C LYS A 264 49.41 18.38 23.34
N GLN A 265 49.61 17.55 22.31
CA GLN A 265 48.55 16.67 21.83
C GLN A 265 48.14 15.70 22.93
N GLN A 266 49.12 15.19 23.68
CA GLN A 266 48.84 14.26 24.75
C GLN A 266 48.09 14.93 25.91
N ARG A 267 48.44 16.18 26.22
CA ARG A 267 47.71 16.93 27.26
C ARG A 267 46.25 17.06 26.88
N ASP A 268 46.00 17.48 25.64
CA ASP A 268 44.63 17.68 25.16
C ASP A 268 43.86 16.36 25.10
N GLU A 269 44.54 15.29 24.74
CA GLU A 269 43.94 13.96 24.66
C GLU A 269 43.47 13.49 26.04
N ASN A 270 44.34 13.66 27.03
CA ASN A 270 44.02 13.23 28.39
C ASN A 270 42.90 14.06 29.01
N LEU A 271 42.94 15.36 28.76
CA LEU A 271 41.90 16.26 29.27
C LEU A 271 40.56 15.91 28.65
N ASP A 272 40.54 15.79 27.33
CA ASP A 272 39.33 15.33 26.65
C ASP A 272 38.82 14.07 27.32
N ASN A 273 39.70 13.06 27.44
CA ASN A 273 39.35 11.79 28.10
C ASN A 273 38.85 11.96 29.53
N LEU A 274 39.58 12.74 30.32
CA LEU A 274 39.17 13.02 31.69
C LEU A 274 37.74 13.56 31.71
N LYS A 275 37.50 14.61 30.95
CA LYS A 275 36.15 15.17 30.81
C LYS A 275 35.22 14.09 30.27
N GLU A 276 35.65 13.44 29.18
CA GLU A 276 34.92 12.34 28.54
C GLU A 276 34.40 11.32 29.54
N GLU A 277 35.10 11.13 30.66
CA GLU A 277 34.65 10.18 31.69
C GLU A 277 33.68 10.82 32.69
N ILE A 278 34.06 11.97 33.26
CA ILE A 278 33.22 12.66 34.26
C ILE A 278 31.81 12.84 33.71
N VAL A 279 31.72 13.30 32.46
CA VAL A 279 30.42 13.54 31.82
C VAL A 279 29.53 12.30 31.77
N ASN A 280 30.12 11.11 31.68
CA ASN A 280 29.36 9.85 31.54
C ASN A 280 28.67 9.40 32.83
N GLU A 281 28.78 10.19 33.88
CA GLU A 281 28.25 9.84 35.19
C GLU A 281 26.71 9.68 35.31
N PHE A 282 25.89 10.70 35.06
CA PHE A 282 26.25 12.00 34.50
C PHE A 282 26.11 13.11 35.55
N GLU A 291 21.41 16.20 26.10
CA GLU A 291 20.66 16.48 27.32
C GLU A 291 21.16 17.77 27.96
N LEU A 292 20.23 18.55 28.50
CA LEU A 292 20.52 19.86 29.04
C LEU A 292 21.49 19.83 30.24
N LEU A 293 21.42 18.76 31.06
CA LEU A 293 22.34 18.61 32.19
C LEU A 293 23.78 18.41 31.73
N ILE A 294 23.96 17.84 30.53
CA ILE A 294 25.29 17.56 30.00
C ILE A 294 25.98 18.87 29.66
N LYS A 295 25.28 19.74 28.94
CA LYS A 295 25.78 21.06 28.59
C LYS A 295 26.43 21.75 29.80
N GLU A 296 25.76 21.64 30.95
CA GLU A 296 26.25 22.23 32.19
C GLU A 296 27.57 21.60 32.63
N VAL A 297 27.60 20.28 32.73
CA VAL A 297 28.80 19.56 33.20
C VAL A 297 30.01 19.90 32.33
N TYR A 298 29.83 19.92 31.02
CA TYR A 298 30.92 20.32 30.13
C TYR A 298 31.40 21.71 30.46
N ALA A 299 30.47 22.64 30.68
CA ALA A 299 30.83 24.02 30.98
C ALA A 299 31.54 24.13 32.32
N ILE A 300 31.05 23.39 33.31
CA ILE A 300 31.66 23.39 34.63
C ILE A 300 33.08 22.83 34.52
N LEU A 301 33.24 21.76 33.75
CA LEU A 301 34.55 21.16 33.53
C LEU A 301 35.54 22.13 32.93
N ASN A 302 35.10 22.90 31.94
CA ASN A 302 36.00 23.83 31.26
C ASN A 302 36.51 24.90 32.19
N GLU A 303 35.68 25.32 33.14
CA GLU A 303 36.06 26.36 34.09
C GLU A 303 36.99 25.80 35.14
N LEU A 304 36.72 24.56 35.56
CA LEU A 304 37.62 23.85 36.47
C LEU A 304 38.99 23.64 35.84
N VAL A 305 39.04 23.27 34.56
CA VAL A 305 40.31 23.20 33.86
C VAL A 305 40.94 24.58 33.86
N LYS A 306 40.16 25.57 33.47
CA LYS A 306 40.64 26.95 33.41
C LYS A 306 41.24 27.37 34.75
N GLU A 307 40.56 27.05 35.83
CA GLU A 307 40.99 27.45 37.17
C GLU A 307 42.28 26.77 37.56
N GLU A 308 42.34 25.45 37.36
CA GLU A 308 43.55 24.70 37.67
C GLU A 308 44.77 25.30 37.00
N VAL A 309 44.68 25.59 35.72
CA VAL A 309 45.80 26.18 35.00
C VAL A 309 46.17 27.52 35.62
N ARG A 310 45.18 28.34 35.93
CA ARG A 310 45.43 29.69 36.41
C ARG A 310 46.01 29.63 37.82
N ARG A 311 45.47 28.76 38.65
CA ARG A 311 45.97 28.54 39.99
C ARG A 311 47.44 28.12 39.98
N LEU A 312 47.77 27.08 39.22
CA LEU A 312 49.15 26.60 39.10
C LEU A 312 50.15 27.72 38.86
N ILE A 313 49.73 28.72 38.09
CA ILE A 313 50.61 29.80 37.67
C ILE A 313 50.77 30.85 38.76
N ALA A 314 49.64 31.36 39.26
CA ALA A 314 49.67 32.36 40.33
C ALA A 314 50.29 31.80 41.62
N ASP A 315 49.88 30.60 42.02
CA ASP A 315 50.27 30.03 43.31
C ASP A 315 51.56 29.21 43.28
N GLU A 316 51.72 28.32 42.31
CA GLU A 316 52.93 27.48 42.26
C GLU A 316 53.98 27.98 41.28
N LYS A 317 53.68 29.04 40.55
CA LYS A 317 54.60 29.61 39.56
C LYS A 317 55.11 28.59 38.53
N ILE A 318 54.28 27.60 38.19
CA ILE A 318 54.61 26.72 37.08
C ILE A 318 53.48 26.58 36.05
N ARG A 319 53.89 26.71 34.80
CA ARG A 319 52.98 26.63 33.66
C ARG A 319 52.77 25.16 33.28
N PRO A 320 51.75 24.87 32.45
CA PRO A 320 51.37 23.45 32.33
C PRO A 320 52.35 22.57 31.56
N ASP A 321 53.34 23.16 30.89
CA ASP A 321 54.48 22.39 30.37
C ASP A 321 55.70 22.46 31.34
N GLY A 322 55.43 22.79 32.59
CA GLY A 322 56.48 22.84 33.63
C GLY A 322 57.38 24.06 33.61
N ARG A 323 57.19 25.00 32.70
CA ARG A 323 57.99 26.22 32.73
C ARG A 323 57.57 27.17 33.82
N LYS A 324 58.45 28.15 34.03
CA LYS A 324 58.24 29.26 34.92
C LYS A 324 57.88 30.51 34.11
N PRO A 325 57.21 31.48 34.74
CA PRO A 325 56.62 32.59 34.02
C PRO A 325 57.57 33.32 33.06
N ASP A 326 58.87 33.33 33.37
CA ASP A 326 59.81 34.03 32.48
C ASP A 326 60.64 33.13 31.55
N GLU A 327 60.47 31.82 31.57
CA GLU A 327 61.28 31.03 30.66
C GLU A 327 60.61 30.83 29.30
N ILE A 328 61.42 31.10 28.28
CA ILE A 328 61.18 30.80 26.89
C ILE A 328 61.36 29.31 26.60
N ARG A 329 60.62 28.80 25.62
CA ARG A 329 60.73 27.40 25.22
C ARG A 329 62.06 27.10 24.53
N PRO A 330 62.46 25.82 24.46
CA PRO A 330 63.75 25.45 23.85
C PRO A 330 63.78 25.83 22.38
N LEU A 331 64.93 26.27 21.89
CA LEU A 331 65.06 26.87 20.61
C LEU A 331 66.00 26.08 19.73
N ASP A 332 65.66 26.00 18.45
CA ASP A 332 66.53 25.41 17.45
C ASP A 332 66.37 26.16 16.14
N SER A 333 67.43 26.29 15.39
CA SER A 333 67.34 26.96 14.12
C SER A 333 68.41 26.47 13.16
N GLU A 334 68.18 26.77 11.89
CA GLU A 334 68.98 26.27 10.79
C GLU A 334 68.81 27.24 9.67
N VAL A 335 69.80 27.33 8.83
CA VAL A 335 69.74 28.18 7.68
C VAL A 335 70.16 27.37 6.41
N GLY A 336 69.73 27.83 5.24
CA GLY A 336 70.17 27.25 3.97
C GLY A 336 69.73 25.81 3.71
N ILE A 337 68.55 25.46 4.21
CA ILE A 337 68.10 24.09 4.10
C ILE A 337 67.47 23.73 2.73
N LEU A 338 67.29 24.71 1.85
CA LEU A 338 66.68 24.46 0.56
C LEU A 338 67.66 24.84 -0.50
N PRO A 339 67.96 23.90 -1.43
CA PRO A 339 69.13 24.04 -2.27
C PRO A 339 69.05 25.28 -3.15
N ARG A 340 67.96 25.42 -3.89
CA ARG A 340 67.90 26.34 -5.01
C ARG A 340 67.37 27.74 -4.67
N THR A 341 66.83 27.92 -3.47
CA THR A 341 66.22 29.18 -3.09
C THR A 341 67.29 30.15 -2.65
N HIS A 342 67.05 31.45 -2.84
CA HIS A 342 68.06 32.46 -2.50
C HIS A 342 68.38 32.52 -1.02
N GLY A 343 67.41 32.19 -0.20
CA GLY A 343 67.59 32.23 1.24
C GLY A 343 66.53 31.39 1.91
N SER A 344 66.86 30.84 3.06
CA SER A 344 66.07 29.78 3.65
C SER A 344 66.36 29.71 5.15
N GLY A 345 65.32 29.70 5.98
CA GLY A 345 65.51 29.63 7.41
C GLY A 345 64.47 28.80 8.14
N LEU A 346 64.91 27.99 9.10
CA LEU A 346 64.01 27.13 9.85
C LEU A 346 64.16 27.51 11.31
N PHE A 347 63.04 27.77 11.98
CA PHE A 347 63.09 28.27 13.35
C PHE A 347 62.09 27.52 14.19
N THR A 348 62.57 26.95 15.27
CA THR A 348 61.76 26.10 16.12
C THR A 348 61.88 26.57 17.58
N ARG A 349 60.74 26.79 18.18
CA ARG A 349 60.62 27.19 19.55
C ARG A 349 59.52 26.33 20.14
N GLY A 350 59.88 25.36 20.99
CA GLY A 350 58.94 24.37 21.52
C GLY A 350 58.26 23.58 20.41
N GLN A 351 56.97 23.29 20.58
CA GLN A 351 56.15 22.62 19.53
C GLN A 351 55.60 23.58 18.45
N THR A 352 56.25 24.74 18.28
CA THR A 352 55.93 25.67 17.21
C THR A 352 57.12 25.82 16.31
N GLN A 353 56.89 25.77 15.00
CA GLN A 353 57.96 25.64 14.03
C GLN A 353 57.59 26.31 12.71
N ALA A 354 58.53 27.05 12.14
CA ALA A 354 58.30 27.77 10.95
C ALA A 354 59.47 27.73 10.03
N LEU A 355 59.17 27.64 8.74
CA LEU A 355 60.14 27.57 7.69
C LEU A 355 59.87 28.76 6.81
N SER A 356 60.87 29.62 6.62
CA SER A 356 60.72 30.82 5.84
C SER A 356 61.67 30.77 4.66
N VAL A 357 61.18 31.20 3.49
CA VAL A 357 61.90 31.07 2.26
C VAL A 357 61.88 32.39 1.52
N LEU A 358 63.00 32.78 0.95
CA LEU A 358 63.15 34.08 0.38
C LEU A 358 63.55 34.01 -1.09
N THR A 359 62.86 34.80 -1.92
CA THR A 359 63.19 34.92 -3.32
C THR A 359 63.56 36.37 -3.66
N LEU A 360 64.63 36.55 -4.44
CA LEU A 360 65.03 37.86 -4.91
C LEU A 360 64.56 38.04 -6.34
N GLY A 361 64.43 39.29 -6.77
CA GLY A 361 63.92 39.59 -8.11
C GLY A 361 64.49 40.88 -8.66
N ALA A 362 64.17 41.18 -9.92
CA ALA A 362 64.79 42.31 -10.63
C ALA A 362 64.39 43.70 -10.11
N LEU A 363 63.14 44.10 -10.32
CA LEU A 363 62.58 45.40 -9.87
C LEU A 363 61.42 45.85 -10.78
N LYS A 378 55.10 46.42 -2.45
CA LYS A 378 55.56 45.84 -3.70
C LYS A 378 57.02 45.35 -3.61
N ARG A 379 57.96 46.26 -3.35
CA ARG A 379 59.39 45.94 -3.31
C ARG A 379 59.76 44.88 -2.27
N PHE A 380 59.01 44.82 -1.17
CA PHE A 380 59.22 43.82 -0.13
C PHE A 380 57.88 43.31 0.32
N MET A 381 57.69 42.00 0.41
CA MET A 381 56.50 41.47 1.05
C MET A 381 56.77 40.17 1.74
N HIS A 382 55.88 39.83 2.68
CA HIS A 382 56.01 38.65 3.49
C HIS A 382 54.64 37.99 3.54
N HIS A 383 54.54 36.70 3.21
CA HIS A 383 53.28 35.99 3.35
C HIS A 383 53.39 34.90 4.40
N TYR A 384 52.25 34.44 4.88
CA TYR A 384 52.21 33.46 5.94
C TYR A 384 51.17 32.40 5.59
N ASN A 385 51.56 31.12 5.63
CA ASN A 385 50.66 30.01 5.36
C ASN A 385 50.59 29.07 6.58
N PHE A 386 49.39 28.62 6.92
CA PHE A 386 49.11 27.80 8.12
C PHE A 386 48.34 26.52 7.77
N PRO A 387 49.03 25.43 7.42
CA PRO A 387 48.30 24.24 7.02
C PRO A 387 47.75 23.52 8.22
N ASN A 388 46.73 22.73 7.99
CA ASN A 388 46.04 22.01 9.05
C ASN A 388 46.91 20.98 9.76
N PHE A 389 47.90 20.44 9.04
CA PHE A 389 48.73 19.37 9.61
C PHE A 389 49.57 19.96 10.76
N SER A 390 49.89 21.27 10.66
CA SER A 390 50.64 21.97 11.70
C SER A 390 50.08 21.79 13.09
N VAL A 391 48.81 21.42 13.21
CA VAL A 391 48.19 21.20 14.51
C VAL A 391 47.61 19.82 14.59
N GLY A 392 48.08 18.94 13.72
CA GLY A 392 47.62 17.56 13.70
C GLY A 392 46.17 17.43 13.30
N GLU A 393 45.71 18.30 12.41
CA GLU A 393 44.31 18.32 11.97
C GLU A 393 44.13 17.95 10.50
N THR A 394 42.94 17.47 10.19
CA THR A 394 42.48 17.26 8.81
C THR A 394 41.45 18.32 8.46
N GLY A 395 41.34 18.64 7.18
CA GLY A 395 40.35 19.60 6.73
C GLY A 395 40.60 20.08 5.32
N PRO A 396 39.65 20.87 4.78
CA PRO A 396 39.78 21.30 3.39
C PRO A 396 40.80 22.43 3.26
N VAL A 397 41.53 22.45 2.15
CA VAL A 397 42.54 23.48 1.96
C VAL A 397 41.87 24.63 1.24
N ARG A 398 42.16 25.85 1.68
CA ARG A 398 41.46 27.02 1.16
C ARG A 398 42.39 28.12 0.70
N ALA A 399 41.80 29.19 0.18
CA ALA A 399 42.53 30.41 -0.08
C ALA A 399 42.95 31.02 1.27
N PRO A 400 43.94 31.92 1.27
CA PRO A 400 44.41 32.50 2.54
C PRO A 400 43.24 33.05 3.35
N GLY A 401 43.04 32.56 4.56
CA GLY A 401 42.02 33.08 5.47
C GLY A 401 42.40 34.43 6.08
N ARG A 402 41.52 34.92 6.94
CA ARG A 402 41.69 36.21 7.61
C ARG A 402 42.93 36.24 8.53
N ARG A 403 42.98 35.24 9.41
CA ARG A 403 44.11 35.05 10.31
C ARG A 403 45.46 34.99 9.58
N GLU A 404 45.51 34.22 8.49
CA GLU A 404 46.74 34.07 7.72
C GLU A 404 47.14 35.38 7.09
N ILE A 405 46.16 36.15 6.66
CA ILE A 405 46.41 37.49 6.13
C ILE A 405 46.92 38.46 7.24
N GLY A 406 46.32 38.37 8.44
CA GLY A 406 46.78 39.16 9.60
C GLY A 406 48.24 38.88 9.89
N HIS A 407 48.55 37.61 10.20
CA HIS A 407 49.92 37.25 10.56
C HIS A 407 50.95 37.56 9.52
N GLY A 408 50.58 37.44 8.26
CA GLY A 408 51.49 37.78 7.18
C GLY A 408 51.88 39.23 7.23
N ALA A 409 50.88 40.09 7.37
CA ALA A 409 51.12 41.52 7.42
C ALA A 409 51.85 41.96 8.70
N LEU A 410 51.53 41.34 9.82
CA LEU A 410 52.26 41.57 11.09
C LEU A 410 53.75 41.28 10.92
N GLY A 411 54.02 40.15 10.28
CA GLY A 411 55.37 39.78 9.91
C GLY A 411 56.01 40.82 9.04
N GLU A 412 55.33 41.18 7.96
CA GLU A 412 55.87 42.15 7.02
C GLU A 412 56.11 43.49 7.71
N ARG A 413 55.26 43.83 8.67
CA ARG A 413 55.39 45.10 9.38
C ARG A 413 56.64 45.08 10.27
N ALA A 414 56.78 44.05 11.08
CA ALA A 414 57.99 43.88 11.93
C ALA A 414 59.31 43.98 11.17
N LEU A 415 59.31 43.59 9.90
CA LEU A 415 60.55 43.41 9.12
C LEU A 415 60.90 44.57 8.22
N LYS A 416 59.90 45.30 7.72
CA LYS A 416 60.16 46.27 6.66
C LYS A 416 61.11 47.35 7.14
N TYR A 417 61.07 47.65 8.44
CA TYR A 417 61.95 48.70 8.99
C TYR A 417 63.45 48.40 8.84
N ILE A 418 63.82 47.12 8.85
CA ILE A 418 65.24 46.73 8.76
C ILE A 418 65.68 46.35 7.35
N ILE A 419 64.80 46.48 6.37
CA ILE A 419 65.15 46.12 5.01
C ILE A 419 65.88 47.25 4.33
N PRO A 420 66.95 46.93 3.58
CA PRO A 420 67.78 48.00 3.03
C PRO A 420 67.06 48.93 2.10
N ASP A 421 67.70 50.06 1.87
CA ASP A 421 67.22 51.04 0.93
C ASP A 421 67.38 50.43 -0.45
N THR A 422 66.41 50.70 -1.30
CA THR A 422 66.47 50.23 -2.68
C THR A 422 67.72 50.74 -3.40
N ALA A 423 68.26 51.85 -2.90
CA ALA A 423 69.43 52.50 -3.48
C ALA A 423 70.70 51.64 -3.41
N ASP A 424 70.96 51.03 -2.26
CA ASP A 424 72.16 50.19 -2.11
C ASP A 424 71.86 48.68 -2.22
N PHE A 425 70.61 48.33 -2.54
CA PHE A 425 70.24 46.92 -2.78
C PHE A 425 69.03 46.79 -3.73
N PRO A 426 69.25 46.99 -5.04
CA PRO A 426 68.17 47.01 -6.02
C PRO A 426 67.60 45.65 -6.39
N TYR A 427 66.87 45.03 -5.46
CA TYR A 427 66.15 43.80 -5.75
C TYR A 427 64.83 43.80 -5.02
N THR A 428 63.86 43.09 -5.58
CA THR A 428 62.63 42.84 -4.88
C THR A 428 62.89 41.68 -3.94
N ILE A 429 62.14 41.63 -2.85
CA ILE A 429 62.30 40.61 -1.84
C ILE A 429 60.93 40.09 -1.48
N ARG A 430 60.70 38.79 -1.68
CA ARG A 430 59.50 38.12 -1.26
C ARG A 430 59.94 37.11 -0.25
N ILE A 431 59.19 36.95 0.82
CA ILE A 431 59.44 35.92 1.78
C ILE A 431 58.11 35.25 2.07
N VAL A 432 58.14 33.91 2.16
CA VAL A 432 56.96 33.16 2.44
C VAL A 432 57.31 32.32 3.64
N SER A 433 56.42 32.23 4.63
CA SER A 433 56.68 31.47 5.82
C SER A 433 55.63 30.39 5.97
N GLU A 434 56.08 29.16 6.19
CA GLU A 434 55.19 28.04 6.37
C GLU A 434 55.28 27.56 7.79
N VAL A 435 54.12 27.41 8.40
CA VAL A 435 54.06 26.94 9.73
C VAL A 435 53.90 25.43 9.68
N LEU A 436 54.94 24.71 10.08
CA LEU A 436 54.95 23.23 10.00
C LEU A 436 54.41 22.62 11.27
N GLU A 437 54.58 23.36 12.36
CA GLU A 437 53.96 22.96 13.62
C GLU A 437 53.58 24.21 14.38
N SER A 438 52.62 24.05 15.27
CA SER A 438 52.10 25.20 15.97
C SER A 438 51.53 24.90 17.33
N ASN A 439 52.04 25.64 18.31
CA ASN A 439 51.48 25.66 19.64
C ASN A 439 51.54 27.06 20.27
N GLY A 440 52.30 27.97 19.66
CA GLY A 440 52.64 29.18 20.34
C GLY A 440 52.41 30.41 19.54
N SER A 441 53.46 30.90 18.92
CA SER A 441 53.27 32.04 18.09
C SER A 441 54.05 31.85 16.85
N SER A 442 53.35 31.18 15.95
CA SER A 442 53.65 31.06 14.55
C SER A 442 54.07 32.37 13.99
N SER A 443 53.30 33.43 14.28
CA SER A 443 53.56 34.73 13.65
C SER A 443 54.91 35.23 14.09
N GLN A 444 55.23 35.04 15.37
CA GLN A 444 56.53 35.49 15.88
C GLN A 444 57.65 34.57 15.33
N ALA A 445 57.41 33.26 15.38
CA ALA A 445 58.36 32.31 14.77
C ALA A 445 58.68 32.64 13.32
N SER A 446 57.70 33.12 12.56
CA SER A 446 57.89 33.47 11.16
C SER A 446 58.75 34.67 11.00
N ILE A 447 58.63 35.62 11.92
CA ILE A 447 59.55 36.76 11.94
C ILE A 447 60.99 36.29 12.17
N CYS A 448 61.17 35.37 13.12
CA CYS A 448 62.51 34.83 13.39
C CYS A 448 63.02 34.06 12.18
N GLY A 449 62.16 33.18 11.64
CA GLY A 449 62.48 32.49 10.40
C GLY A 449 62.91 33.40 9.26
N SER A 450 62.22 34.52 9.09
CA SER A 450 62.45 35.38 7.95
C SER A 450 63.75 36.12 8.12
N THR A 451 64.07 36.47 9.36
CA THR A 451 65.33 37.16 9.65
C THR A 451 66.48 36.21 9.28
N LEU A 452 66.35 34.95 9.67
CA LEU A 452 67.31 33.94 9.24
C LEU A 452 67.46 33.87 7.74
N ALA A 453 66.33 33.82 7.03
CA ALA A 453 66.36 33.72 5.57
C ALA A 453 67.01 34.93 4.90
N LEU A 454 66.77 36.11 5.45
CA LEU A 454 67.36 37.34 4.95
C LEU A 454 68.89 37.34 5.08
N MET A 455 69.38 36.88 6.21
CA MET A 455 70.82 36.76 6.43
C MET A 455 71.40 35.67 5.52
N ASP A 456 70.79 34.48 5.55
CA ASP A 456 71.11 33.41 4.60
C ASP A 456 71.28 33.95 3.18
N ALA A 457 70.35 34.78 2.75
CA ALA A 457 70.32 35.23 1.37
C ALA A 457 71.34 36.31 1.10
N GLY A 458 71.98 36.84 2.13
CA GLY A 458 72.97 37.90 1.97
C GLY A 458 72.36 39.28 1.78
N VAL A 459 71.20 39.52 2.37
CA VAL A 459 70.56 40.83 2.25
C VAL A 459 71.17 41.73 3.31
N PRO A 460 71.75 42.87 2.89
CA PRO A 460 72.39 43.73 3.87
C PRO A 460 71.36 44.50 4.70
N ILE A 461 70.79 43.81 5.67
CA ILE A 461 69.74 44.38 6.51
C ILE A 461 70.30 45.22 7.65
N LYS A 462 69.48 46.14 8.13
CA LYS A 462 69.84 47.05 9.20
C LYS A 462 70.21 46.28 10.46
N ALA A 463 69.41 45.30 10.83
CA ALA A 463 69.67 44.51 12.04
C ALA A 463 68.70 43.36 12.15
N PRO A 464 69.13 42.23 12.72
CA PRO A 464 68.18 41.12 12.87
C PRO A 464 66.97 41.54 13.65
N VAL A 465 65.88 40.79 13.52
CA VAL A 465 64.65 41.07 14.23
C VAL A 465 64.08 39.79 14.77
N ALA A 466 63.60 39.82 16.00
CA ALA A 466 62.95 38.67 16.57
C ALA A 466 61.71 39.14 17.30
N GLY A 467 60.90 38.21 17.76
CA GLY A 467 59.65 38.58 18.35
C GLY A 467 59.17 37.49 19.26
N ILE A 468 58.18 37.82 20.07
CA ILE A 468 57.70 36.88 21.04
C ILE A 468 56.30 37.33 21.41
N ALA A 469 55.57 36.47 22.09
CA ALA A 469 54.28 36.77 22.56
C ALA A 469 54.15 36.61 24.10
N MET A 470 53.63 37.66 24.76
CA MET A 470 53.48 37.72 26.20
C MET A 470 52.07 37.41 26.66
N GLY A 471 51.95 36.83 27.83
CA GLY A 471 50.66 36.41 28.36
C GLY A 471 50.46 36.91 29.76
N LEU A 472 49.34 36.53 30.38
CA LEU A 472 48.90 37.19 31.59
C LEU A 472 47.86 36.36 32.27
N VAL A 473 48.05 36.14 33.56
CA VAL A 473 47.02 35.62 34.43
C VAL A 473 46.83 36.64 35.55
N THR A 474 45.58 37.08 35.73
CA THR A 474 45.23 37.99 36.81
C THR A 474 44.46 37.19 37.82
N ARG A 475 44.89 37.28 39.06
CA ARG A 475 44.05 36.93 40.18
C ARG A 475 43.80 38.26 40.86
N GLU A 476 42.73 38.33 41.63
CA GLU A 476 42.39 39.60 42.29
C GLU A 476 43.43 40.03 43.33
N ASP A 477 44.14 39.06 43.89
CA ASP A 477 45.31 39.35 44.71
C ASP A 477 46.40 39.99 43.85
N SER A 478 46.78 39.34 42.76
CA SER A 478 47.82 39.90 41.88
C SER A 478 47.86 39.24 40.51
N TYR A 479 48.77 39.70 39.67
CA TYR A 479 48.94 39.14 38.36
C TYR A 479 50.34 38.54 38.13
N THR A 480 50.40 37.58 37.22
CA THR A 480 51.67 37.07 36.69
C THR A 480 51.74 37.29 35.17
N ILE A 481 52.81 37.90 34.71
CA ILE A 481 53.13 37.95 33.31
C ILE A 481 53.92 36.73 32.80
N LEU A 482 53.44 36.15 31.68
CA LEU A 482 54.02 34.93 31.10
C LEU A 482 54.78 35.25 29.85
N THR A 483 55.97 34.66 29.69
CA THR A 483 56.81 34.87 28.53
C THR A 483 56.61 33.72 27.53
N ASP A 484 56.59 34.07 26.24
CA ASP A 484 56.52 33.06 25.17
C ASP A 484 55.37 32.07 25.43
N ILE A 485 54.14 32.52 25.31
CA ILE A 485 53.01 31.65 25.69
C ILE A 485 52.66 30.57 24.67
N GLN A 486 52.11 29.46 25.18
CA GLN A 486 51.61 28.41 24.35
C GLN A 486 50.09 28.57 24.20
N GLY A 487 49.51 27.81 23.29
CA GLY A 487 48.14 28.01 22.86
C GLY A 487 47.17 28.05 24.01
N MET A 488 47.29 27.07 24.89
CA MET A 488 46.45 26.97 26.07
C MET A 488 46.51 28.22 26.97
N GLU A 489 47.64 28.91 26.96
CA GLU A 489 47.85 30.06 27.84
C GLU A 489 47.19 31.29 27.26
N ASP A 490 47.19 31.38 25.93
CA ASP A 490 46.40 32.38 25.22
C ASP A 490 44.92 32.11 25.47
N ALA A 491 44.52 30.86 25.29
CA ALA A 491 43.11 30.49 25.35
C ALA A 491 42.52 30.66 26.72
N LEU A 492 43.28 30.31 27.76
CA LEU A 492 42.81 30.41 29.15
C LEU A 492 43.39 31.60 29.90
N GLY A 493 44.24 32.36 29.23
CA GLY A 493 44.85 33.54 29.81
C GLY A 493 44.04 34.80 29.54
N ASP A 494 44.67 35.93 29.83
CA ASP A 494 43.99 37.22 29.78
C ASP A 494 44.46 38.10 28.63
N MET A 495 45.60 37.78 28.03
CA MET A 495 46.07 38.53 26.89
C MET A 495 46.99 37.74 26.01
N ASP A 496 47.27 38.34 24.86
CA ASP A 496 48.13 37.80 23.85
C ASP A 496 48.80 39.01 23.25
N PHE A 497 50.03 39.27 23.68
CA PHE A 497 50.66 40.54 23.44
C PHE A 497 51.97 40.30 22.73
N LYS A 498 51.99 40.60 21.44
CA LYS A 498 53.08 40.23 20.60
C LYS A 498 53.92 41.42 20.39
N VAL A 499 55.22 41.25 20.60
CA VAL A 499 56.18 42.31 20.37
C VAL A 499 57.34 41.77 19.59
N ALA A 500 57.78 42.55 18.61
CA ALA A 500 58.90 42.21 17.79
C ALA A 500 59.74 43.45 17.57
N GLY A 501 61.06 43.25 17.50
CA GLY A 501 61.95 44.30 17.06
C GLY A 501 63.41 43.88 17.11
N THR A 502 64.29 44.88 17.07
CA THR A 502 65.71 44.69 17.10
C THR A 502 66.25 44.82 18.52
N LYS A 503 67.58 44.78 18.63
CA LYS A 503 68.26 44.96 19.91
C LYS A 503 68.16 46.42 20.36
N GLU A 504 68.28 47.32 19.39
CA GLU A 504 68.03 48.76 19.56
C GLU A 504 66.57 49.17 19.93
N GLY A 505 65.54 48.46 19.44
CA GLY A 505 64.15 48.77 19.84
C GLY A 505 63.03 48.09 19.06
N ILE A 506 61.78 48.51 19.33
CA ILE A 506 60.59 47.85 18.82
C ILE A 506 60.25 48.22 17.39
N THR A 507 59.90 47.22 16.57
CA THR A 507 59.45 47.46 15.19
C THR A 507 57.97 47.14 14.96
N ALA A 508 57.34 46.33 15.81
CA ALA A 508 55.95 46.04 15.64
C ALA A 508 55.31 45.43 16.88
N ILE A 509 54.02 45.75 17.10
CA ILE A 509 53.23 45.17 18.17
C ILE A 509 51.82 44.81 17.65
N GLN A 510 51.21 43.82 18.29
CA GLN A 510 49.84 43.51 18.12
C GLN A 510 49.36 42.84 19.39
N MET A 511 48.31 43.40 20.01
CA MET A 511 47.83 42.95 21.28
C MET A 511 46.33 42.93 21.35
N ASP A 512 45.78 41.84 21.87
CA ASP A 512 44.38 41.79 22.24
C ASP A 512 44.23 41.10 23.58
N ILE A 513 43.06 41.23 24.21
CA ILE A 513 42.89 40.80 25.58
C ILE A 513 41.53 40.16 25.75
N LYS A 514 41.33 39.46 26.84
CA LYS A 514 40.08 38.80 27.15
C LYS A 514 39.51 39.26 28.46
N ILE A 515 40.07 40.32 29.01
CA ILE A 515 39.55 40.96 30.24
C ILE A 515 39.18 42.40 29.88
N ASP A 516 38.54 43.12 30.81
CA ASP A 516 38.04 44.48 30.49
C ASP A 516 39.15 45.45 30.10
N GLY A 517 40.31 45.38 30.74
CA GLY A 517 41.38 46.31 30.40
C GLY A 517 42.73 45.98 30.99
N LEU A 518 43.77 46.64 30.46
CA LEU A 518 45.13 46.48 30.96
C LEU A 518 45.59 47.78 31.60
N THR A 519 46.14 47.67 32.81
CA THR A 519 46.72 48.84 33.49
C THR A 519 48.07 49.24 32.88
N ARG A 520 48.59 50.39 33.25
CA ARG A 520 49.81 50.89 32.69
C ARG A 520 51.00 50.12 33.17
N GLU A 521 50.94 49.59 34.38
CA GLU A 521 52.05 48.88 34.93
C GLU A 521 52.24 47.51 34.28
N ILE A 522 51.16 46.81 34.02
CA ILE A 522 51.20 45.57 33.30
C ILE A 522 51.78 45.72 31.90
N ILE A 523 51.36 46.74 31.23
CA ILE A 523 51.76 47.08 29.89
C ILE A 523 53.25 47.27 29.89
N GLU A 524 53.73 48.14 30.76
CA GLU A 524 55.13 48.47 30.87
C GLU A 524 55.99 47.26 31.20
N GLU A 525 55.48 46.39 32.03
CA GLU A 525 56.21 45.27 32.55
C GLU A 525 56.35 44.28 31.41
N ALA A 526 55.21 44.02 30.75
CA ALA A 526 55.16 43.20 29.53
C ALA A 526 56.15 43.66 28.47
N LEU A 527 56.22 44.96 28.22
CA LEU A 527 57.18 45.45 27.21
C LEU A 527 58.61 45.10 27.60
N GLU A 528 58.92 45.22 28.89
CA GLU A 528 60.28 45.04 29.39
C GLU A 528 60.66 43.57 29.28
N GLN A 529 59.79 42.73 29.82
CA GLN A 529 59.93 41.29 29.79
C GLN A 529 59.90 40.75 28.35
N ALA A 530 59.27 41.47 27.44
CA ALA A 530 59.33 41.10 26.04
C ALA A 530 60.64 41.57 25.40
N ARG A 531 61.19 42.68 25.91
CA ARG A 531 62.54 43.12 25.46
C ARG A 531 63.63 42.05 25.83
N ARG A 532 63.49 41.47 27.01
CA ARG A 532 64.40 40.46 27.48
C ARG A 532 64.28 39.23 26.61
N GLY A 533 63.06 38.68 26.58
CA GLY A 533 62.69 37.58 25.70
C GLY A 533 63.26 37.69 24.30
N ARG A 534 63.05 38.82 23.63
CA ARG A 534 63.50 38.91 22.26
C ARG A 534 65.02 38.83 22.19
N LEU A 535 65.68 39.43 23.18
CA LEU A 535 67.14 39.51 23.24
C LEU A 535 67.78 38.12 23.36
N GLU A 536 67.25 37.29 24.26
CA GLU A 536 67.56 35.88 24.31
C GLU A 536 67.50 35.25 22.93
N ILE A 537 66.40 35.49 22.21
CA ILE A 537 66.13 34.84 20.93
C ILE A 537 67.11 35.31 19.88
N MET A 538 67.36 36.61 19.80
CA MET A 538 68.35 37.06 18.81
C MET A 538 69.70 36.42 19.13
N ASN A 539 69.93 36.13 20.41
CA ASN A 539 71.25 35.64 20.82
C ASN A 539 71.47 34.25 20.22
N HIS A 540 70.53 33.34 20.49
CA HIS A 540 70.45 32.06 19.80
C HIS A 540 70.54 32.17 18.28
N MET A 541 69.75 33.05 17.67
CA MET A 541 69.73 33.18 16.22
C MET A 541 71.13 33.48 15.67
N LEU A 542 71.90 34.25 16.42
CA LEU A 542 73.22 34.64 15.91
C LEU A 542 74.28 33.52 16.01
N GLN A 543 74.04 32.52 16.85
CA GLN A 543 74.82 31.28 16.82
C GLN A 543 74.70 30.61 15.47
N THR A 544 73.48 30.64 14.89
CA THR A 544 73.20 30.00 13.61
C THR A 544 73.81 30.77 12.45
N ILE A 545 73.61 32.08 12.46
CA ILE A 545 74.20 32.93 11.43
C ILE A 545 74.35 34.30 12.06
N ASP A 546 75.56 34.83 12.01
CA ASP A 546 75.92 35.99 12.84
C ASP A 546 75.96 37.30 12.02
N GLN A 547 75.76 37.17 10.71
CA GLN A 547 75.73 38.34 9.83
C GLN A 547 75.29 37.90 8.41
N PRO A 548 74.88 38.85 7.57
CA PRO A 548 74.50 38.54 6.19
C PRO A 548 75.62 37.90 5.35
N ARG A 549 75.31 36.72 4.79
CA ARG A 549 76.16 35.98 3.85
C ARG A 549 76.66 36.89 2.72
N GLU B 4 15.30 6.38 -30.38
CA GLU B 4 13.92 6.75 -30.66
C GLU B 4 13.76 8.21 -31.09
N LYS B 5 14.63 8.69 -31.94
CA LYS B 5 14.62 10.09 -32.31
C LYS B 5 13.37 10.57 -33.05
N LYS B 6 12.71 11.61 -32.55
CA LYS B 6 11.52 12.21 -33.14
C LYS B 6 11.71 13.68 -33.35
N VAL B 7 11.46 14.13 -34.57
CA VAL B 7 11.67 15.50 -34.97
C VAL B 7 10.34 16.15 -35.34
N PHE B 8 10.06 17.30 -34.73
CA PHE B 8 8.83 18.06 -34.97
C PHE B 8 9.20 19.44 -35.45
N LYS B 9 8.51 19.94 -36.47
CA LYS B 9 9.01 21.12 -37.19
C LYS B 9 7.91 22.14 -37.40
N THR B 10 8.29 23.41 -37.46
CA THR B 10 7.34 24.50 -37.73
C THR B 10 8.06 25.77 -38.13
N GLU B 11 7.31 26.84 -38.30
CA GLU B 11 7.91 28.13 -38.62
C GLU B 11 7.67 29.07 -37.45
N TRP B 12 8.66 29.93 -37.22
CA TRP B 12 8.60 30.90 -36.15
C TRP B 12 9.17 32.18 -36.69
N ALA B 13 8.29 33.13 -36.99
CA ALA B 13 8.69 34.45 -37.45
C ALA B 13 9.65 34.41 -38.60
N GLY B 14 9.33 33.63 -39.64
CA GLY B 14 10.12 33.64 -40.87
C GLY B 14 11.39 32.79 -40.87
N ARG B 15 11.51 31.88 -39.91
CA ARG B 15 12.61 30.94 -39.89
C ARG B 15 12.19 29.66 -39.21
N SER B 16 12.91 28.57 -39.44
CA SER B 16 12.40 27.27 -39.01
C SER B 16 12.68 26.99 -37.54
N LEU B 17 11.77 26.26 -36.93
CA LEU B 17 11.92 25.89 -35.57
C LEU B 17 11.72 24.39 -35.52
N THR B 18 12.75 23.69 -35.06
CA THR B 18 12.70 22.25 -34.93
C THR B 18 12.94 21.85 -33.49
N ILE B 19 12.17 20.88 -33.03
CA ILE B 19 12.31 20.34 -31.70
C ILE B 19 12.52 18.82 -31.79
N GLU B 20 13.67 18.34 -31.29
CA GLU B 20 14.01 16.90 -31.32
C GLU B 20 14.02 16.31 -29.92
N THR B 21 13.41 15.15 -29.77
CA THR B 21 13.54 14.44 -28.52
C THR B 21 13.80 12.97 -28.78
N GLY B 22 14.07 12.25 -27.69
CA GLY B 22 14.30 10.80 -27.71
C GLY B 22 15.74 10.35 -27.98
N GLN B 23 16.58 11.22 -28.55
CA GLN B 23 17.96 10.86 -28.81
C GLN B 23 18.91 11.27 -27.68
N LEU B 24 18.85 12.55 -27.26
CA LEU B 24 19.82 13.10 -26.29
C LEU B 24 19.37 13.17 -24.84
N ALA B 25 20.34 12.94 -23.92
CA ALA B 25 20.22 13.26 -22.50
C ALA B 25 19.07 12.55 -21.86
N LYS B 26 19.01 11.26 -22.11
CA LYS B 26 17.85 10.45 -21.80
C LYS B 26 17.76 9.97 -20.38
N GLN B 27 18.79 10.22 -19.58
CA GLN B 27 18.66 10.01 -18.14
C GLN B 27 17.99 11.19 -17.39
N ALA B 28 18.00 12.38 -17.98
CA ALA B 28 17.10 13.48 -17.54
C ALA B 28 15.63 13.07 -17.57
N ASN B 29 14.81 13.60 -16.66
CA ASN B 29 13.38 13.23 -16.67
C ASN B 29 12.76 13.57 -18.00
N GLY B 30 13.26 14.64 -18.61
CA GLY B 30 12.87 15.00 -19.95
C GLY B 30 13.92 15.89 -20.55
N ALA B 31 14.02 15.88 -21.88
CA ALA B 31 15.08 16.57 -22.56
C ALA B 31 14.74 16.72 -24.02
N VAL B 32 15.17 17.82 -24.61
CA VAL B 32 14.74 18.20 -25.92
C VAL B 32 15.86 19.03 -26.49
N LEU B 33 16.01 19.03 -27.80
CA LEU B 33 17.00 19.84 -28.49
C LEU B 33 16.22 20.80 -29.38
N VAL B 34 16.63 22.07 -29.42
CA VAL B 34 15.90 23.11 -30.14
C VAL B 34 16.79 23.67 -31.21
N ARG B 35 16.30 23.66 -32.44
CA ARG B 35 16.99 24.32 -33.51
C ARG B 35 16.05 25.40 -33.99
N TYR B 36 16.54 26.63 -33.98
CA TYR B 36 15.79 27.78 -34.40
C TYR B 36 16.74 28.57 -35.24
N GLY B 37 16.51 28.60 -36.56
CA GLY B 37 17.52 29.11 -37.49
C GLY B 37 18.81 28.37 -37.21
N ASP B 38 19.94 29.08 -37.23
CA ASP B 38 21.22 28.51 -36.83
C ASP B 38 21.50 28.43 -35.31
N THR B 39 20.49 28.67 -34.47
CA THR B 39 20.65 28.62 -33.04
C THR B 39 20.25 27.23 -32.59
N VAL B 40 21.04 26.65 -31.67
CA VAL B 40 20.76 25.32 -31.13
C VAL B 40 20.93 25.38 -29.62
N VAL B 41 20.00 24.76 -28.91
CA VAL B 41 19.99 24.78 -27.49
C VAL B 41 19.49 23.43 -27.04
N LEU B 42 20.18 22.86 -26.04
CA LEU B 42 19.76 21.62 -25.41
C LEU B 42 19.21 21.99 -24.07
N SER B 43 18.00 21.52 -23.76
CA SER B 43 17.32 21.89 -22.54
C SER B 43 16.95 20.62 -21.82
N THR B 44 17.06 20.60 -20.49
CA THR B 44 16.76 19.42 -19.75
C THR B 44 16.05 19.74 -18.46
N ALA B 45 15.33 18.77 -17.96
CA ALA B 45 14.57 18.94 -16.77
C ALA B 45 14.66 17.65 -15.96
N THR B 46 15.05 17.81 -14.70
CA THR B 46 15.36 16.68 -13.84
C THR B 46 14.73 16.99 -12.49
N ALA B 47 14.18 15.97 -11.86
CA ALA B 47 13.57 16.14 -10.55
C ALA B 47 14.16 15.16 -9.54
N SER B 48 14.26 15.58 -8.29
CA SER B 48 14.72 14.69 -7.23
C SER B 48 13.77 13.52 -7.18
N LYS B 49 14.23 12.42 -6.61
CA LYS B 49 13.46 11.18 -6.59
C LYS B 49 12.28 11.30 -5.65
N GLU B 50 12.54 11.70 -4.40
CA GLU B 50 11.49 11.97 -3.41
C GLU B 50 11.39 13.49 -3.15
N PRO B 51 10.30 13.96 -2.51
CA PRO B 51 10.19 15.40 -2.32
C PRO B 51 10.96 15.89 -1.10
N ARG B 52 11.48 17.11 -1.18
CA ARG B 52 12.21 17.69 -0.07
C ARG B 52 11.26 18.00 1.09
N ASP B 53 11.80 18.05 2.30
CA ASP B 53 11.05 18.42 3.49
C ASP B 53 10.87 19.93 3.60
N GLY B 54 9.93 20.34 4.45
CA GLY B 54 9.66 21.75 4.67
C GLY B 54 8.74 22.32 3.63
N ASP B 55 8.35 23.58 3.80
CA ASP B 55 7.41 24.25 2.92
C ASP B 55 8.15 25.24 2.04
N PHE B 56 8.84 24.70 1.03
CA PHE B 56 9.61 25.50 0.08
C PHE B 56 9.88 24.65 -1.16
N PHE B 57 9.59 25.21 -2.33
CA PHE B 57 9.70 24.50 -3.60
C PHE B 57 11.05 24.83 -4.24
N PRO B 58 12.01 23.90 -4.21
CA PRO B 58 13.29 24.25 -4.83
C PRO B 58 13.18 24.03 -6.32
N LEU B 59 13.32 25.12 -7.06
CA LEU B 59 13.25 25.12 -8.49
C LEU B 59 14.42 25.96 -8.89
N THR B 60 15.23 25.47 -9.80
CA THR B 60 16.37 26.18 -10.28
C THR B 60 16.40 26.07 -11.80
N VAL B 61 16.86 27.13 -12.44
CA VAL B 61 17.00 27.21 -13.86
C VAL B 61 18.38 27.73 -14.12
N ASN B 62 19.11 27.05 -15.01
CA ASN B 62 20.41 27.53 -15.42
C ASN B 62 20.43 27.73 -16.88
N TYR B 63 21.35 28.56 -17.31
CA TYR B 63 21.49 28.84 -18.69
C TYR B 63 22.94 29.15 -18.88
N GLU B 64 23.49 28.67 -19.97
CA GLU B 64 24.89 28.86 -20.21
C GLU B 64 25.13 28.76 -21.69
N GLU B 65 25.94 29.69 -22.18
CA GLU B 65 26.28 29.72 -23.57
C GLU B 65 27.72 29.29 -23.69
N LYS B 66 27.92 28.14 -24.32
CA LYS B 66 29.26 27.60 -24.54
C LYS B 66 30.17 28.57 -25.28
N MET B 67 31.47 28.40 -25.04
CA MET B 67 32.52 29.20 -25.68
C MET B 67 32.50 29.03 -27.18
N TYR B 68 32.24 27.80 -27.61
CA TYR B 68 32.26 27.47 -29.03
C TYR B 68 30.97 27.85 -29.73
N ALA B 69 29.91 28.13 -28.96
CA ALA B 69 28.60 28.53 -29.50
C ALA B 69 28.63 29.69 -30.49
N ALA B 70 29.67 30.52 -30.41
CA ALA B 70 29.82 31.63 -31.34
C ALA B 70 30.97 31.37 -32.30
N ASP B 86 27.05 38.43 -16.81
CA ASP B 86 25.77 38.52 -16.10
C ASP B 86 24.57 38.10 -16.95
N ASP B 87 24.70 38.21 -18.27
CA ASP B 87 23.59 37.91 -19.21
C ASP B 87 23.00 36.54 -19.00
N ALA B 88 23.86 35.55 -18.74
CA ALA B 88 23.41 34.20 -18.49
C ALA B 88 22.53 34.14 -17.25
N THR B 89 22.87 34.94 -16.25
CA THR B 89 22.10 34.95 -15.01
C THR B 89 20.76 35.64 -15.27
N LEU B 90 20.80 36.74 -16.01
CA LEU B 90 19.59 37.44 -16.38
C LEU B 90 18.68 36.49 -17.20
N THR B 91 19.28 35.78 -18.18
CA THR B 91 18.50 34.88 -19.00
C THR B 91 17.86 33.78 -18.17
N ALA B 92 18.62 33.22 -17.25
CA ALA B 92 18.08 32.15 -16.43
C ALA B 92 16.95 32.62 -15.55
N ARG B 93 17.08 33.85 -15.02
CA ARG B 93 15.99 34.47 -14.24
C ARG B 93 14.77 34.72 -15.13
N LEU B 94 15.01 35.18 -16.34
CA LEU B 94 13.94 35.31 -17.34
C LEU B 94 13.11 34.03 -17.51
N ILE B 95 13.79 32.88 -17.65
CA ILE B 95 13.12 31.62 -17.93
C ILE B 95 12.38 31.07 -16.71
N ASP B 96 12.95 31.24 -15.52
CA ASP B 96 12.30 30.86 -14.26
C ASP B 96 10.85 31.45 -14.12
N ARG B 97 10.71 32.72 -14.50
CA ARG B 97 9.49 33.51 -14.19
C ARG B 97 8.17 32.90 -14.66
N PRO B 98 8.04 32.67 -15.97
CA PRO B 98 6.79 32.02 -16.39
C PRO B 98 6.64 30.55 -16.05
N ILE B 99 7.75 29.91 -15.63
CA ILE B 99 7.70 28.47 -15.34
C ILE B 99 7.32 28.23 -13.90
N ARG B 100 7.81 29.05 -12.99
CA ARG B 100 7.63 28.82 -11.57
C ARG B 100 6.18 28.69 -11.08
N PRO B 101 5.28 29.60 -11.51
CA PRO B 101 3.95 29.50 -10.88
C PRO B 101 3.08 28.31 -11.34
N LEU B 102 3.58 27.54 -12.30
CA LEU B 102 2.76 26.50 -12.94
C LEU B 102 3.02 25.08 -12.44
N PHE B 103 3.18 24.93 -11.13
CA PHE B 103 3.36 23.62 -10.54
C PHE B 103 2.26 23.43 -9.53
N PRO B 104 1.78 22.21 -9.35
CA PRO B 104 0.68 22.03 -8.41
C PRO B 104 1.05 22.53 -7.02
N LYS B 105 0.10 23.18 -6.35
CA LYS B 105 0.36 23.77 -5.04
C LYS B 105 0.73 22.67 -4.04
N GLY B 106 1.82 22.89 -3.31
CA GLY B 106 2.32 21.90 -2.36
C GLY B 106 3.32 20.91 -2.95
N TYR B 107 3.68 21.09 -4.22
CA TYR B 107 4.67 20.24 -4.89
C TYR B 107 6.05 20.80 -4.56
N LYS B 108 6.85 20.02 -3.84
CA LYS B 108 8.13 20.49 -3.29
C LYS B 108 9.27 19.50 -3.58
N HIS B 109 9.26 18.97 -4.81
CA HIS B 109 10.37 18.19 -5.35
C HIS B 109 11.44 19.16 -5.80
N ASP B 110 12.71 18.78 -5.69
CA ASP B 110 13.75 19.54 -6.35
C ASP B 110 13.52 19.38 -7.84
N VAL B 111 13.50 20.49 -8.56
CA VAL B 111 13.46 20.45 -9.99
C VAL B 111 14.54 21.37 -10.48
N GLN B 112 15.37 20.86 -11.37
CA GLN B 112 16.41 21.67 -11.94
C GLN B 112 16.26 21.60 -13.42
N ILE B 113 16.53 22.73 -14.06
CA ILE B 113 16.34 22.89 -15.46
C ILE B 113 17.58 23.52 -15.99
N MET B 114 18.19 22.88 -17.00
CA MET B 114 19.42 23.37 -17.56
C MET B 114 19.21 23.67 -19.03
N ASN B 115 19.95 24.66 -19.51
CA ASN B 115 19.90 25.05 -20.88
C ASN B 115 21.29 25.31 -21.34
N MET B 116 21.69 24.70 -22.45
CA MET B 116 23.00 24.86 -22.98
C MET B 116 22.85 25.33 -24.39
N VAL B 117 23.37 26.51 -24.65
CA VAL B 117 23.39 27.04 -25.97
C VAL B 117 24.62 26.47 -26.66
N LEU B 118 24.38 25.50 -27.53
CA LEU B 118 25.45 24.84 -28.28
C LEU B 118 25.81 25.63 -29.51
N SER B 119 24.84 26.37 -30.04
CA SER B 119 25.10 27.22 -31.19
C SER B 119 24.17 28.42 -31.11
N ALA B 120 24.71 29.62 -31.42
CA ALA B 120 24.00 30.87 -31.14
C ALA B 120 24.10 31.84 -32.29
N ASP B 121 22.97 32.04 -32.95
CA ASP B 121 22.79 33.03 -34.00
C ASP B 121 22.07 34.18 -33.34
N PRO B 122 22.70 35.36 -33.24
CA PRO B 122 22.05 36.39 -32.45
C PRO B 122 20.74 36.90 -33.08
N ASP B 123 20.54 36.65 -34.38
CA ASP B 123 19.28 36.99 -35.07
C ASP B 123 18.15 36.01 -34.73
N CYS B 124 18.48 34.83 -34.20
CA CYS B 124 17.48 33.87 -33.75
C CYS B 124 17.67 33.60 -32.26
N SER B 125 16.85 34.24 -31.43
CA SER B 125 17.11 34.42 -30.01
C SER B 125 17.36 33.11 -29.27
N PRO B 126 18.59 32.92 -28.76
CA PRO B 126 18.85 31.77 -27.90
C PRO B 126 18.05 31.80 -26.60
N GLN B 127 17.80 33.00 -26.11
CA GLN B 127 17.01 33.18 -24.89
C GLN B 127 15.60 32.62 -25.08
N MET B 128 14.96 32.93 -26.19
CA MET B 128 13.63 32.39 -26.51
C MET B 128 13.64 30.90 -26.91
N ALA B 129 14.67 30.52 -27.68
CA ALA B 129 14.85 29.06 -27.95
C ALA B 129 14.93 28.24 -26.67
N ALA B 130 15.58 28.79 -25.66
CA ALA B 130 15.82 28.07 -24.41
C ALA B 130 14.59 28.04 -23.56
N MET B 131 13.85 29.13 -23.63
CA MET B 131 12.60 29.21 -22.92
C MET B 131 11.63 28.18 -23.42
N ILE B 132 11.53 28.03 -24.73
CA ILE B 132 10.64 26.99 -25.29
C ILE B 132 11.26 25.62 -25.04
N GLY B 133 12.57 25.52 -25.23
CA GLY B 133 13.29 24.29 -24.82
C GLY B 133 12.92 23.79 -23.43
N SER B 134 12.94 24.71 -22.44
CA SER B 134 12.67 24.39 -21.05
C SER B 134 11.24 23.94 -20.83
N SER B 135 10.30 24.65 -21.45
CA SER B 135 8.89 24.22 -21.47
C SER B 135 8.73 22.80 -22.06
N MET B 136 9.33 22.59 -23.22
CA MET B 136 9.26 21.24 -23.86
C MET B 136 9.86 20.13 -23.00
N ALA B 137 11.03 20.39 -22.40
CA ALA B 137 11.68 19.37 -21.59
C ALA B 137 10.80 18.96 -20.43
N LEU B 138 10.18 19.93 -19.76
CA LEU B 138 9.20 19.62 -18.72
C LEU B 138 7.95 18.93 -19.25
N SER B 139 7.53 19.31 -20.45
CA SER B 139 6.26 18.79 -21.00
C SER B 139 6.36 17.32 -21.39
N VAL B 140 7.51 16.94 -21.96
CA VAL B 140 7.75 15.51 -22.25
C VAL B 140 8.12 14.70 -21.02
N SER B 141 8.57 15.36 -19.95
CA SER B 141 9.00 14.67 -18.73
C SER B 141 7.79 14.06 -18.03
N ASP B 142 8.04 13.34 -16.94
CA ASP B 142 6.97 12.90 -16.06
C ASP B 142 6.73 13.90 -14.92
N ILE B 143 7.34 15.08 -15.01
CA ILE B 143 7.15 16.12 -13.98
C ILE B 143 5.84 16.88 -14.22
N PRO B 144 4.94 16.92 -13.22
CA PRO B 144 3.60 17.51 -13.41
C PRO B 144 3.59 19.04 -13.57
N PHE B 145 4.19 19.52 -14.65
CA PHE B 145 4.16 20.93 -15.03
C PHE B 145 2.82 21.23 -15.72
N GLN B 146 2.26 22.40 -15.45
CA GLN B 146 0.95 22.78 -16.01
C GLN B 146 1.03 23.75 -17.18
N GLY B 147 1.98 23.51 -18.07
CA GLY B 147 2.14 24.32 -19.28
C GLY B 147 1.41 23.64 -20.43
N PRO B 148 1.91 23.79 -21.66
CA PRO B 148 3.16 24.43 -21.97
C PRO B 148 3.14 25.93 -21.79
N ILE B 149 4.32 26.53 -21.92
CA ILE B 149 4.45 27.94 -21.92
C ILE B 149 5.36 28.25 -23.05
N ALA B 150 5.38 29.50 -23.46
CA ALA B 150 6.32 29.90 -24.48
C ALA B 150 6.58 31.36 -24.31
N GLY B 151 7.61 31.84 -24.97
CA GLY B 151 7.98 33.21 -24.83
C GLY B 151 8.47 33.77 -26.14
N VAL B 152 8.40 35.09 -26.27
CA VAL B 152 8.63 35.71 -27.53
C VAL B 152 9.18 37.09 -27.31
N ASN B 153 9.98 37.57 -28.25
CA ASN B 153 10.49 38.91 -28.23
C ASN B 153 9.70 39.83 -29.17
N VAL B 154 9.31 41.03 -28.70
CA VAL B 154 8.63 42.01 -29.57
C VAL B 154 9.40 43.32 -29.69
N GLY B 155 9.62 43.76 -30.92
CA GLY B 155 10.16 45.06 -31.22
C GLY B 155 9.05 45.98 -31.72
N TYR B 156 9.39 47.18 -32.13
CA TYR B 156 8.41 48.22 -32.46
C TYR B 156 9.09 49.25 -33.31
N ILE B 157 8.87 49.14 -34.62
CA ILE B 157 9.56 49.97 -35.62
C ILE B 157 8.52 50.61 -36.54
N ASP B 158 8.68 51.92 -36.78
CA ASP B 158 7.70 52.70 -37.55
C ASP B 158 6.26 52.23 -37.30
N GLY B 159 5.89 52.15 -36.03
CA GLY B 159 4.52 51.83 -35.66
C GLY B 159 4.08 50.39 -35.82
N LYS B 160 4.99 49.53 -36.27
CA LYS B 160 4.67 48.11 -36.44
C LYS B 160 5.40 47.25 -35.42
N TYR B 161 4.65 46.38 -34.75
CA TYR B 161 5.22 45.38 -33.92
C TYR B 161 5.87 44.31 -34.77
N ILE B 162 6.96 43.73 -34.28
CA ILE B 162 7.63 42.64 -34.97
C ILE B 162 8.10 41.58 -33.97
N ILE B 163 7.89 40.33 -34.33
CA ILE B 163 8.34 39.23 -33.47
C ILE B 163 9.80 38.89 -33.68
N ASN B 164 10.50 38.65 -32.57
CA ASN B 164 11.91 38.24 -32.60
C ASN B 164 12.68 39.05 -33.60
N PRO B 165 12.72 40.37 -33.42
CA PRO B 165 13.48 41.16 -34.37
C PRO B 165 14.92 40.76 -34.37
N THR B 166 15.58 41.05 -35.49
CA THR B 166 16.96 40.69 -35.67
C THR B 166 17.80 41.73 -34.97
N VAL B 167 19.11 41.50 -34.92
CA VAL B 167 20.03 42.42 -34.28
C VAL B 167 19.84 43.81 -34.86
N GLU B 168 19.76 43.89 -36.16
CA GLU B 168 19.78 45.18 -36.83
C GLU B 168 18.44 45.92 -36.74
N GLU B 169 17.38 45.18 -36.56
CA GLU B 169 16.07 45.78 -36.35
C GLU B 169 15.95 46.32 -34.92
N LYS B 170 16.61 45.66 -33.97
CA LYS B 170 16.64 46.10 -32.58
C LYS B 170 17.40 47.39 -32.44
N GLU B 171 18.43 47.58 -33.27
CA GLU B 171 19.15 48.87 -33.32
C GLU B 171 18.23 50.07 -33.54
N VAL B 172 17.00 49.77 -33.96
CA VAL B 172 16.10 50.78 -34.48
C VAL B 172 14.69 50.65 -33.87
N SER B 173 14.45 49.62 -33.07
CA SER B 173 13.18 49.46 -32.41
C SER B 173 13.06 50.47 -31.24
N ARG B 174 11.84 50.82 -30.90
CA ARG B 174 11.59 51.69 -29.74
C ARG B 174 11.27 50.83 -28.52
N LEU B 175 11.25 49.52 -28.70
CA LEU B 175 10.82 48.62 -27.64
C LEU B 175 11.62 47.32 -27.70
N ASP B 176 12.00 46.83 -26.53
CA ASP B 176 12.70 45.56 -26.37
C ASP B 176 11.93 44.80 -25.34
N LEU B 177 10.97 43.99 -25.79
CA LEU B 177 10.02 43.35 -24.87
C LEU B 177 10.12 41.84 -24.99
N GLU B 178 9.98 41.15 -23.85
CA GLU B 178 9.98 39.73 -23.81
C GLU B 178 8.76 39.35 -23.05
N VAL B 179 7.83 38.69 -23.75
CA VAL B 179 6.56 38.34 -23.18
C VAL B 179 6.54 36.85 -23.14
N ALA B 180 5.83 36.31 -22.17
CA ALA B 180 5.63 34.93 -22.09
C ALA B 180 4.34 34.57 -21.38
N GLY B 181 3.86 33.39 -21.69
CA GLY B 181 2.74 32.82 -21.00
C GLY B 181 2.29 31.52 -21.61
N HIS B 182 1.05 31.16 -21.31
CA HIS B 182 0.51 29.89 -21.69
C HIS B 182 -0.66 30.04 -22.68
N LYS B 183 -1.42 28.96 -22.85
CA LYS B 183 -2.58 28.92 -23.74
C LYS B 183 -3.51 30.14 -23.53
N ASP B 184 -4.08 30.24 -22.33
CA ASP B 184 -5.11 31.22 -21.99
C ASP B 184 -4.71 32.61 -21.43
N ALA B 185 -3.42 32.89 -21.19
CA ALA B 185 -3.00 34.15 -20.56
C ALA B 185 -1.50 34.38 -20.58
N VAL B 186 -1.15 35.65 -20.44
CA VAL B 186 0.21 36.09 -20.24
C VAL B 186 0.68 35.87 -18.80
N ASN B 187 1.97 35.50 -18.68
CA ASN B 187 2.60 35.09 -17.42
C ASN B 187 3.66 36.02 -16.89
N MET B 188 4.30 36.75 -17.80
CA MET B 188 5.50 37.41 -17.49
C MET B 188 5.72 38.44 -18.57
N VAL B 189 6.12 39.63 -18.17
CA VAL B 189 6.65 40.58 -19.12
C VAL B 189 7.88 41.19 -18.50
N GLU B 190 8.78 41.63 -19.36
CA GLU B 190 10.00 42.22 -18.94
C GLU B 190 10.41 43.04 -20.13
N ALA B 191 10.67 44.33 -19.93
CA ALA B 191 10.84 45.20 -21.07
C ALA B 191 11.70 46.39 -20.80
N GLY B 192 12.21 46.92 -21.88
CA GLY B 192 12.90 48.19 -21.90
C GLY B 192 12.31 48.94 -23.10
N ALA B 193 12.15 50.26 -22.99
CA ALA B 193 11.49 51.02 -24.04
C ALA B 193 11.92 52.46 -24.09
N SER B 194 11.87 53.03 -25.29
CA SER B 194 12.09 54.46 -25.50
C SER B 194 10.85 55.30 -25.13
N GLU B 195 10.40 55.22 -23.86
CA GLU B 195 9.38 56.13 -23.39
C GLU B 195 8.11 56.00 -24.23
N ILE B 196 7.47 54.85 -24.14
CA ILE B 196 6.30 54.56 -24.94
C ILE B 196 5.09 54.52 -24.04
N THR B 197 3.92 54.75 -24.63
CA THR B 197 2.72 54.97 -23.85
C THR B 197 2.27 53.63 -23.31
N GLU B 198 1.38 53.68 -22.36
CA GLU B 198 0.74 52.51 -21.82
C GLU B 198 -0.05 51.67 -22.84
N GLN B 199 -0.67 52.27 -23.83
CA GLN B 199 -1.50 51.50 -24.76
C GLN B 199 -0.60 50.84 -25.77
N GLU B 200 0.52 51.47 -25.96
CA GLU B 200 1.52 51.08 -26.96
C GLU B 200 2.23 49.81 -26.45
N MET B 201 2.32 49.71 -25.13
CA MET B 201 2.94 48.58 -24.45
C MET B 201 1.95 47.44 -24.37
N LEU B 202 0.72 47.76 -24.01
CA LEU B 202 -0.30 46.73 -23.77
C LEU B 202 -0.66 46.04 -25.08
N GLU B 203 -0.58 46.77 -26.18
CA GLU B 203 -0.79 46.21 -27.50
C GLU B 203 0.35 45.28 -27.84
N ALA B 204 1.59 45.73 -27.64
CA ALA B 204 2.78 44.90 -27.88
C ALA B 204 2.65 43.60 -27.09
N ILE B 205 2.29 43.73 -25.83
CA ILE B 205 2.10 42.54 -25.03
C ILE B 205 1.18 41.56 -25.73
N PHE B 206 0.02 42.01 -26.20
CA PHE B 206 -0.97 41.06 -26.71
C PHE B 206 -0.79 40.67 -28.17
N PHE B 207 -0.02 41.45 -28.92
CA PHE B 207 0.48 41.01 -30.19
C PHE B 207 1.40 39.80 -29.92
N GLY B 208 2.33 39.98 -28.97
CA GLY B 208 3.21 38.91 -28.55
C GLY B 208 2.46 37.68 -28.11
N HIS B 209 1.37 37.86 -27.38
CA HIS B 209 0.69 36.68 -26.85
C HIS B 209 -0.01 35.80 -27.92
N GLU B 210 -0.36 36.38 -29.07
CA GLU B 210 -1.03 35.59 -30.12
C GLU B 210 -0.01 34.56 -30.66
N GLU B 211 1.21 35.01 -30.94
CA GLU B 211 2.30 34.08 -31.30
C GLU B 211 2.59 33.09 -30.18
N ILE B 212 2.67 33.56 -28.95
CA ILE B 212 2.83 32.66 -27.82
C ILE B 212 1.83 31.52 -27.95
N GLN B 213 0.61 31.87 -28.34
CA GLN B 213 -0.49 30.88 -28.42
C GLN B 213 -0.27 29.82 -29.52
N ARG B 214 0.32 30.23 -30.63
CA ARG B 214 0.72 29.31 -31.69
C ARG B 214 1.76 28.34 -31.16
N LEU B 215 2.80 28.92 -30.54
CA LEU B 215 3.91 28.15 -29.99
C LEU B 215 3.44 27.13 -28.98
N VAL B 216 2.51 27.51 -28.13
CA VAL B 216 1.98 26.58 -27.12
C VAL B 216 1.22 25.46 -27.83
N ASP B 217 0.61 25.84 -28.95
CA ASP B 217 -0.25 24.94 -29.71
C ASP B 217 0.60 23.84 -30.29
N PHE B 218 1.66 24.26 -30.96
CA PHE B 218 2.66 23.38 -31.50
C PHE B 218 3.33 22.43 -30.49
N GLN B 219 3.44 22.84 -29.23
CA GLN B 219 4.04 22.02 -28.17
C GLN B 219 3.05 21.01 -27.65
N GLN B 220 1.80 21.38 -27.70
CA GLN B 220 0.73 20.50 -27.27
C GLN B 220 0.47 19.31 -28.21
N GLN B 221 0.75 19.49 -29.47
CA GLN B 221 0.60 18.41 -30.42
C GLN B 221 1.64 17.35 -30.17
N ILE B 222 2.82 17.82 -29.78
CA ILE B 222 4.00 17.05 -29.54
C ILE B 222 3.64 16.23 -28.33
N VAL B 223 3.20 16.90 -27.28
CA VAL B 223 2.80 16.19 -26.07
C VAL B 223 1.73 15.17 -26.43
N ASP B 224 0.81 15.55 -27.31
CA ASP B 224 -0.27 14.63 -27.72
C ASP B 224 0.27 13.41 -28.48
N HIS B 225 1.32 13.62 -29.27
CA HIS B 225 2.03 12.55 -29.94
C HIS B 225 2.87 11.67 -28.99
N ILE B 226 3.74 12.28 -28.17
CA ILE B 226 4.60 11.53 -27.25
C ILE B 226 3.82 10.89 -26.11
N GLN B 227 2.75 11.55 -25.68
CA GLN B 227 1.90 11.01 -24.61
C GLN B 227 2.71 10.60 -23.38
N PRO B 228 3.39 11.57 -22.74
CA PRO B 228 4.21 11.21 -21.58
C PRO B 228 3.34 10.85 -20.39
N VAL B 229 3.86 10.00 -19.51
CA VAL B 229 3.11 9.58 -18.32
C VAL B 229 3.59 10.41 -17.15
N LYS B 230 2.72 11.28 -16.64
CA LYS B 230 3.10 12.17 -15.56
C LYS B 230 3.09 11.43 -14.25
N GLN B 231 3.87 11.94 -13.30
CA GLN B 231 3.81 11.43 -11.95
C GLN B 231 2.61 12.06 -11.24
N GLU B 232 2.00 11.28 -10.37
CA GLU B 232 0.72 11.62 -9.78
C GLU B 232 0.92 12.40 -8.48
N PHE B 233 0.58 13.70 -8.51
CA PHE B 233 0.65 14.54 -7.31
C PHE B 233 -0.69 14.58 -6.57
N ILE B 234 -0.79 13.85 -5.46
CA ILE B 234 -2.01 13.87 -4.65
C ILE B 234 -1.94 14.98 -3.59
N PRO B 235 -2.67 16.09 -3.81
CA PRO B 235 -2.61 17.15 -2.81
C PRO B 235 -3.51 16.76 -1.65
N ALA B 236 -3.02 16.85 -0.43
CA ALA B 236 -3.84 16.49 0.70
C ALA B 236 -4.96 17.49 0.88
N GLU B 237 -6.03 17.05 1.50
CA GLU B 237 -7.14 17.95 1.79
C GLU B 237 -7.17 18.25 3.28
N ARG B 238 -7.30 19.53 3.58
CA ARG B 238 -7.28 20.00 4.95
C ARG B 238 -8.40 19.39 5.79
N ASP B 239 -8.02 19.02 7.01
CA ASP B 239 -8.96 18.57 8.01
C ASP B 239 -9.85 19.76 8.42
N GLU B 240 -11.07 19.79 7.89
CA GLU B 240 -12.05 20.85 8.19
C GLU B 240 -12.08 21.20 9.67
N ALA B 241 -12.05 20.17 10.51
CA ALA B 241 -12.15 20.32 11.96
C ALA B 241 -10.91 20.94 12.59
N LEU B 242 -9.73 20.47 12.19
CA LEU B 242 -8.49 21.01 12.73
C LEU B 242 -8.35 22.48 12.35
N VAL B 243 -8.58 22.79 11.07
CA VAL B 243 -8.64 24.18 10.64
C VAL B 243 -9.52 24.97 11.62
N GLU B 244 -10.70 24.42 11.91
CA GLU B 244 -11.67 25.12 12.75
C GLU B 244 -11.13 25.43 14.15
N ARG B 245 -10.54 24.42 14.81
CA ARG B 245 -9.86 24.64 16.09
C ARG B 245 -8.83 25.77 15.98
N VAL B 246 -7.90 25.62 15.04
CA VAL B 246 -6.82 26.60 14.86
C VAL B 246 -7.37 27.97 14.53
N LYS B 247 -8.39 28.02 13.69
CA LYS B 247 -9.05 29.28 13.32
C LYS B 247 -9.75 29.97 14.49
N SER B 248 -9.98 29.24 15.59
CA SER B 248 -10.58 29.85 16.79
C SER B 248 -9.50 30.43 17.68
N LEU B 249 -8.45 29.64 17.94
CA LEU B 249 -7.32 30.10 18.72
C LEU B 249 -6.64 31.31 18.07
N THR B 250 -6.92 31.50 16.79
CA THR B 250 -6.38 32.59 16.03
C THR B 250 -7.27 33.83 16.20
N GLU B 251 -8.58 33.61 16.24
CA GLU B 251 -9.56 34.68 16.42
C GLU B 251 -9.55 35.23 17.83
N GLU B 252 -9.31 34.35 18.81
CA GLU B 252 -9.29 34.77 20.21
C GLU B 252 -8.07 35.65 20.49
N LYS B 253 -6.94 35.34 19.85
CA LYS B 253 -5.70 36.08 20.10
C LYS B 253 -5.55 37.29 19.15
N GLY B 254 -6.65 37.73 18.56
CA GLY B 254 -6.69 38.96 17.76
C GLY B 254 -5.75 38.99 16.57
N LEU B 255 -5.85 37.97 15.71
CA LEU B 255 -5.00 37.91 14.52
C LEU B 255 -5.15 39.18 13.72
N LYS B 256 -6.40 39.57 13.47
CA LYS B 256 -6.69 40.75 12.67
C LYS B 256 -5.89 41.97 13.15
N GLU B 257 -5.94 42.23 14.45
CA GLU B 257 -5.28 43.39 15.03
C GLU B 257 -3.76 43.22 14.97
N THR B 258 -3.27 42.01 15.20
CA THR B 258 -1.85 41.67 15.03
C THR B 258 -1.34 42.04 13.64
N VAL B 259 -2.08 41.59 12.62
CA VAL B 259 -1.73 41.90 11.23
C VAL B 259 -1.58 43.40 11.01
N LEU B 260 -2.43 44.16 11.68
CA LEU B 260 -2.49 45.62 11.47
C LEU B 260 -1.44 46.44 12.22
N THR B 261 -0.61 45.80 13.03
CA THR B 261 0.64 46.39 13.50
C THR B 261 1.30 47.19 12.37
N PHE B 262 1.72 48.42 12.68
CA PHE B 262 2.24 49.32 11.65
C PHE B 262 3.68 49.01 11.26
N ASP B 263 4.51 48.72 12.25
CA ASP B 263 5.94 48.56 12.04
C ASP B 263 6.26 47.16 11.52
N LYS B 264 7.10 47.11 10.47
CA LYS B 264 7.38 45.84 9.78
C LYS B 264 7.95 44.76 10.68
N GLN B 265 9.06 45.08 11.34
CA GLN B 265 9.72 44.12 12.21
C GLN B 265 8.81 43.73 13.37
N GLN B 266 8.07 44.71 13.89
CA GLN B 266 7.17 44.44 14.99
C GLN B 266 5.97 43.58 14.54
N ARG B 267 5.48 43.81 13.33
CA ARG B 267 4.39 42.97 12.81
C ARG B 267 4.84 41.53 12.74
N ASP B 268 6.02 41.32 12.15
CA ASP B 268 6.56 39.96 11.98
C ASP B 268 6.85 39.29 13.32
N GLU B 269 7.31 40.09 14.29
CA GLU B 269 7.61 39.59 15.63
C GLU B 269 6.34 39.09 16.32
N ASN B 270 5.27 39.89 16.24
CA ASN B 270 4.01 39.54 16.87
C ASN B 270 3.36 38.32 16.21
N LEU B 271 3.43 38.26 14.89
CA LEU B 271 2.87 37.13 14.16
C LEU B 271 3.61 35.85 14.51
N ASP B 272 4.94 35.91 14.45
CA ASP B 272 5.75 34.80 14.88
C ASP B 272 5.29 34.35 16.27
N ASN B 273 5.25 35.29 17.21
CA ASN B 273 4.80 35.01 18.58
C ASN B 273 3.40 34.42 18.65
N LEU B 274 2.46 35.04 17.94
CA LEU B 274 1.10 34.53 17.90
C LEU B 274 1.09 33.06 17.47
N LYS B 275 1.72 32.77 16.33
CA LYS B 275 1.87 31.40 15.86
C LYS B 275 2.61 30.60 16.92
N GLU B 276 3.75 31.14 17.37
CA GLU B 276 4.58 30.53 18.41
C GLU B 276 3.77 30.03 19.60
N GLU B 277 2.65 30.68 19.90
CA GLU B 277 1.78 30.26 21.00
C GLU B 277 0.77 29.19 20.58
N ILE B 278 0.02 29.44 19.51
CA ILE B 278 -1.01 28.50 19.04
C ILE B 278 -0.39 27.11 18.87
N VAL B 279 0.77 27.06 18.26
CA VAL B 279 1.46 25.78 18.02
C VAL B 279 1.74 24.99 19.29
N ASN B 280 1.96 25.68 20.42
CA ASN B 280 2.32 25.03 21.70
C ASN B 280 1.15 24.31 22.37
N GLU B 281 -0.01 24.30 21.73
CA GLU B 281 -1.21 23.72 22.31
C GLU B 281 -1.20 22.20 22.60
N PHE B 282 -1.04 21.31 21.61
CA PHE B 282 -0.69 21.61 20.21
C PHE B 282 -1.86 21.31 19.28
N GLU B 291 7.35 16.92 15.22
CA GLU B 291 6.16 16.09 15.17
C GLU B 291 5.31 16.44 13.95
N LEU B 292 4.72 15.42 13.33
CA LEU B 292 4.00 15.58 12.08
C LEU B 292 2.74 16.47 12.22
N LEU B 293 2.11 16.45 13.39
CA LEU B 293 0.95 17.31 13.65
C LEU B 293 1.33 18.79 13.67
N ILE B 294 2.57 19.08 14.05
CA ILE B 294 3.06 20.45 14.15
C ILE B 294 3.17 21.05 12.76
N LYS B 295 3.80 20.32 11.85
CA LYS B 295 3.92 20.74 10.45
C LYS B 295 2.60 21.25 9.90
N GLU B 296 1.52 20.54 10.23
CA GLU B 296 0.18 20.91 9.78
C GLU B 296 -0.25 22.26 10.37
N VAL B 297 -0.16 22.39 11.70
CA VAL B 297 -0.61 23.60 12.39
C VAL B 297 0.11 24.83 11.84
N TYR B 298 1.42 24.73 11.64
CA TYR B 298 2.16 25.83 11.04
C TYR B 298 1.62 26.18 9.68
N ALA B 299 1.34 25.17 8.87
CA ALA B 299 0.84 25.40 7.52
C ALA B 299 -0.54 26.02 7.57
N ILE B 300 -1.39 25.54 8.48
CA ILE B 300 -2.74 26.08 8.62
C ILE B 300 -2.65 27.54 9.04
N LEU B 301 -1.75 27.83 9.98
CA LEU B 301 -1.54 29.19 10.46
C LEU B 301 -1.13 30.14 9.34
N ASN B 302 -0.23 29.70 8.47
CA ASN B 302 0.24 30.54 7.39
C ASN B 302 -0.86 30.92 6.41
N GLU B 303 -1.79 29.99 6.19
CA GLU B 303 -2.91 30.24 5.27
C GLU B 303 -3.94 31.16 5.92
N LEU B 304 -4.16 30.97 7.21
CA LEU B 304 -5.02 31.86 7.98
C LEU B 304 -4.47 33.28 8.01
N VAL B 305 -3.16 33.43 8.18
CA VAL B 305 -2.54 34.74 8.07
C VAL B 305 -2.78 35.25 6.67
N LYS B 306 -2.47 34.42 5.68
CA LYS B 306 -2.64 34.79 4.28
C LYS B 306 -4.06 35.29 4.01
N GLU B 307 -5.03 34.58 4.54
CA GLU B 307 -6.44 34.90 4.30
C GLU B 307 -6.80 36.22 4.94
N GLU B 308 -6.43 36.39 6.21
CA GLU B 308 -6.72 37.63 6.92
C GLU B 308 -6.23 38.84 6.14
N VAL B 309 -4.98 38.80 5.69
CA VAL B 309 -4.44 39.90 4.90
C VAL B 309 -5.25 40.14 3.64
N ARG B 310 -5.60 39.06 2.95
CA ARG B 310 -6.29 39.17 1.68
C ARG B 310 -7.72 39.69 1.91
N ARG B 311 -8.37 39.17 2.93
CA ARG B 311 -9.71 39.61 3.29
C ARG B 311 -9.74 41.10 3.60
N LEU B 312 -8.86 41.56 4.49
CA LEU B 312 -8.77 42.97 4.84
C LEU B 312 -8.74 43.89 3.64
N ILE B 313 -8.09 43.43 2.57
CA ILE B 313 -7.88 44.25 1.38
C ILE B 313 -9.12 44.27 0.49
N ALA B 314 -9.61 43.08 0.14
CA ALA B 314 -10.81 42.96 -0.70
C ALA B 314 -12.05 43.54 -0.01
N ASP B 315 -12.26 43.22 1.26
CA ASP B 315 -13.48 43.57 1.98
C ASP B 315 -13.41 44.92 2.70
N GLU B 316 -12.33 45.22 3.41
CA GLU B 316 -12.25 46.48 4.16
C GLU B 316 -11.42 47.55 3.45
N LYS B 317 -10.82 47.20 2.32
CA LYS B 317 -9.98 48.13 1.56
C LYS B 317 -8.86 48.78 2.38
N ILE B 318 -8.33 48.05 3.36
CA ILE B 318 -7.14 48.51 4.06
C ILE B 318 -6.02 47.45 4.13
N ARG B 319 -4.82 47.91 3.80
CA ARG B 319 -3.63 47.09 3.77
C ARG B 319 -3.05 47.00 5.18
N PRO B 320 -2.14 46.05 5.43
CA PRO B 320 -1.79 45.80 6.83
C PRO B 320 -0.95 46.90 7.52
N ASP B 321 -0.42 47.87 6.77
CA ASP B 321 0.11 49.09 7.38
C ASP B 321 -0.94 50.24 7.38
N GLY B 322 -2.21 49.87 7.25
CA GLY B 322 -3.31 50.85 7.26
C GLY B 322 -3.52 51.65 5.99
N ARG B 323 -2.74 51.44 4.95
CA ARG B 323 -2.98 52.14 3.68
C ARG B 323 -4.17 51.59 2.92
N LYS B 324 -4.57 52.38 1.93
CA LYS B 324 -5.60 52.04 0.97
C LYS B 324 -4.94 51.63 -0.35
N PRO B 325 -5.66 50.86 -1.17
CA PRO B 325 -5.07 50.21 -2.33
C PRO B 325 -4.29 51.16 -3.25
N ASP B 326 -4.66 52.43 -3.30
CA ASP B 326 -3.95 53.36 -4.18
C ASP B 326 -2.95 54.30 -3.50
N GLU B 327 -2.79 54.24 -2.18
CA GLU B 327 -1.83 55.17 -1.58
C GLU B 327 -0.41 54.60 -1.52
N ILE B 328 0.50 55.43 -2.00
CA ILE B 328 1.93 55.28 -1.90
C ILE B 328 2.41 55.61 -0.49
N ARG B 329 3.50 54.96 -0.08
CA ARG B 329 4.09 55.20 1.26
C ARG B 329 4.72 56.59 1.35
N PRO B 330 4.95 57.08 2.57
CA PRO B 330 5.52 58.41 2.76
C PRO B 330 6.92 58.49 2.15
N LEU B 331 7.25 59.63 1.57
CA LEU B 331 8.43 59.78 0.79
C LEU B 331 9.34 60.83 1.39
N ASP B 332 10.64 60.58 1.31
CA ASP B 332 11.65 61.55 1.68
C ASP B 332 12.84 61.39 0.75
N SER B 333 13.51 62.49 0.43
CA SER B 333 14.67 62.41 -0.40
C SER B 333 15.62 63.57 -0.14
N GLU B 334 16.84 63.40 -0.62
CA GLU B 334 17.95 64.28 -0.32
C GLU B 334 18.93 64.09 -1.41
N VAL B 335 19.69 65.12 -1.68
CA VAL B 335 20.72 65.06 -2.67
C VAL B 335 22.04 65.61 -2.09
N GLY B 336 23.17 65.20 -2.68
CA GLY B 336 24.48 65.74 -2.31
C GLY B 336 24.96 65.42 -0.91
N ILE B 337 24.59 64.25 -0.41
CA ILE B 337 24.91 63.92 0.96
C ILE B 337 26.35 63.40 1.18
N LEU B 338 27.10 63.20 0.10
CA LEU B 338 28.45 62.69 0.19
C LEU B 338 29.39 63.69 -0.42
N PRO B 339 30.42 64.10 0.35
CA PRO B 339 31.16 65.31 0.01
C PRO B 339 31.86 65.18 -1.34
N ARG B 340 32.64 64.13 -1.49
CA ARG B 340 33.62 64.05 -2.56
C ARG B 340 33.11 63.40 -3.85
N THR B 341 31.94 62.77 -3.81
CA THR B 341 31.43 62.03 -4.96
C THR B 341 30.78 63.00 -5.93
N HIS B 342 30.81 62.67 -7.22
CA HIS B 342 30.29 63.59 -8.25
C HIS B 342 28.79 63.82 -8.11
N GLY B 343 28.07 62.85 -7.59
CA GLY B 343 26.65 62.93 -7.43
C GLY B 343 26.17 61.90 -6.43
N SER B 344 25.08 62.21 -5.75
CA SER B 344 24.69 61.49 -4.58
C SER B 344 23.21 61.70 -4.31
N GLY B 345 22.45 60.62 -4.13
CA GLY B 345 21.03 60.75 -3.87
C GLY B 345 20.50 59.73 -2.88
N LEU B 346 19.63 60.18 -1.98
CA LEU B 346 19.08 59.31 -0.96
C LEU B 346 17.57 59.35 -1.13
N PHE B 347 16.95 58.18 -1.19
CA PHE B 347 15.52 58.12 -1.49
C PHE B 347 14.88 57.14 -0.56
N THR B 348 13.85 57.60 0.13
CA THR B 348 13.19 56.81 1.14
C THR B 348 11.68 56.81 0.86
N ARG B 349 11.13 55.61 0.81
CA ARG B 349 9.74 55.40 0.64
C ARG B 349 9.33 54.34 1.66
N GLY B 350 8.61 54.73 2.70
CA GLY B 350 8.28 53.85 3.83
C GLY B 350 9.53 53.31 4.51
N GLN B 351 9.50 52.04 4.92
CA GLN B 351 10.68 51.33 5.47
C GLN B 351 11.63 50.75 4.39
N THR B 352 11.58 51.32 3.18
CA THR B 352 12.54 50.98 2.13
C THR B 352 13.33 52.21 1.78
N GLN B 353 14.66 52.06 1.63
CA GLN B 353 15.56 53.18 1.55
C GLN B 353 16.79 52.84 0.75
N ALA B 354 17.20 53.75 -0.13
CA ALA B 354 18.29 53.51 -1.00
C ALA B 354 19.12 54.73 -1.18
N LEU B 355 20.43 54.51 -1.25
CA LEU B 355 21.41 55.55 -1.42
C LEU B 355 22.13 55.23 -2.70
N SER B 356 22.13 56.17 -3.64
CA SER B 356 22.74 55.97 -4.92
C SER B 356 23.84 56.98 -5.11
N VAL B 357 24.96 56.51 -5.68
CA VAL B 357 26.16 57.31 -5.78
C VAL B 357 26.69 57.21 -7.18
N LEU B 358 27.13 58.34 -7.71
CA LEU B 358 27.53 58.41 -9.08
C LEU B 358 28.97 58.89 -9.26
N THR B 359 29.72 58.20 -10.11
CA THR B 359 31.06 58.59 -10.46
C THR B 359 31.17 58.86 -11.95
N LEU B 360 31.84 59.95 -12.30
CA LEU B 360 32.10 60.27 -13.70
C LEU B 360 33.51 59.84 -14.05
N GLY B 361 33.78 59.64 -15.33
CA GLY B 361 35.10 59.20 -15.79
C GLY B 361 35.44 59.71 -17.17
N ALA B 362 36.66 59.45 -17.63
CA ALA B 362 37.17 60.02 -18.89
C ALA B 362 36.50 59.49 -20.16
N LEU B 363 36.73 58.22 -20.50
CA LEU B 363 36.13 57.54 -21.68
C LEU B 363 37.01 56.40 -22.20
N LYS B 378 29.10 49.64 -21.17
CA LYS B 378 30.40 50.17 -20.77
C LYS B 378 30.29 51.66 -20.38
N ARG B 379 29.84 52.51 -21.31
CA ARG B 379 29.76 53.97 -21.08
C ARG B 379 28.83 54.37 -19.90
N PHE B 380 27.81 53.57 -19.64
CA PHE B 380 26.91 53.80 -18.52
C PHE B 380 26.61 52.47 -17.86
N MET B 381 26.72 52.39 -16.54
CA MET B 381 26.24 51.20 -15.84
C MET B 381 25.73 51.53 -14.47
N HIS B 382 24.90 50.63 -13.95
CA HIS B 382 24.27 50.79 -12.67
C HIS B 382 24.40 49.48 -11.93
N HIS B 383 24.90 49.51 -10.70
CA HIS B 383 24.94 48.29 -9.88
C HIS B 383 24.06 48.43 -8.66
N TYR B 384 23.74 47.31 -8.04
CA TYR B 384 22.82 47.28 -6.91
C TYR B 384 23.39 46.33 -5.85
N ASN B 385 23.47 46.81 -4.62
CA ASN B 385 23.99 46.03 -3.48
C ASN B 385 22.94 45.97 -2.38
N PHE B 386 22.72 44.79 -1.82
CA PHE B 386 21.67 44.52 -0.82
C PHE B 386 22.26 43.88 0.45
N PRO B 387 22.72 44.67 1.42
CA PRO B 387 23.33 44.07 2.59
C PRO B 387 22.28 43.51 3.52
N ASN B 388 22.69 42.55 4.35
CA ASN B 388 21.77 41.87 5.26
C ASN B 388 21.17 42.77 6.34
N PHE B 389 21.89 43.82 6.71
CA PHE B 389 21.41 44.72 7.75
C PHE B 389 20.15 45.45 7.28
N SER B 390 20.04 45.68 5.96
CA SER B 390 18.87 46.30 5.35
C SER B 390 17.54 45.67 5.74
N VAL B 391 17.57 44.42 6.21
CA VAL B 391 16.37 43.75 6.66
C VAL B 391 16.53 43.27 8.10
N GLY B 392 17.47 43.89 8.82
CA GLY B 392 17.70 43.53 10.21
C GLY B 392 18.23 42.12 10.39
N GLU B 393 19.01 41.64 9.43
CA GLU B 393 19.52 40.27 9.44
C GLU B 393 21.02 40.21 9.60
N THR B 394 21.48 39.08 10.11
CA THR B 394 22.90 38.73 10.15
C THR B 394 23.17 37.63 9.13
N GLY B 395 24.40 37.58 8.65
CA GLY B 395 24.78 36.52 7.71
C GLY B 395 26.10 36.80 7.01
N PRO B 396 26.59 35.82 6.24
CA PRO B 396 27.88 35.99 5.60
C PRO B 396 27.79 36.92 4.38
N VAL B 397 28.82 37.70 4.15
CA VAL B 397 28.81 38.64 3.04
C VAL B 397 29.41 37.92 1.84
N ARG B 398 28.79 38.09 0.67
CA ARG B 398 29.17 37.33 -0.50
C ARG B 398 29.41 38.20 -1.71
N ALA B 399 29.81 37.55 -2.79
CA ALA B 399 29.86 38.20 -4.10
C ALA B 399 28.41 38.50 -4.52
N PRO B 400 28.23 39.45 -5.46
CA PRO B 400 26.86 39.76 -5.89
C PRO B 400 26.06 38.50 -6.25
N GLY B 401 24.94 38.28 -5.57
CA GLY B 401 24.03 37.18 -5.90
C GLY B 401 23.24 37.42 -7.19
N ARG B 402 22.35 36.47 -7.48
CA ARG B 402 21.51 36.48 -8.67
C ARG B 402 20.50 37.66 -8.65
N ARG B 403 19.78 37.76 -7.53
CA ARG B 403 18.83 38.85 -7.30
C ARG B 403 19.47 40.24 -7.43
N GLU B 404 20.65 40.41 -6.84
CA GLU B 404 21.35 41.68 -6.90
C GLU B 404 21.74 42.02 -8.32
N ILE B 405 22.14 41.00 -9.07
CA ILE B 405 22.48 41.17 -10.48
C ILE B 405 21.22 41.53 -11.32
N GLY B 406 20.10 40.87 -11.02
CA GLY B 406 18.81 41.21 -11.65
C GLY B 406 18.48 42.69 -11.42
N HIS B 407 18.30 43.07 -10.15
CA HIS B 407 17.90 44.44 -9.84
C HIS B 407 18.82 45.51 -10.38
N GLY B 408 20.11 45.21 -10.42
CA GLY B 408 21.06 46.15 -10.97
C GLY B 408 20.78 46.42 -12.44
N ALA B 409 20.61 45.36 -13.20
CA ALA B 409 20.32 45.47 -14.61
C ALA B 409 18.94 46.08 -14.92
N LEU B 410 17.94 45.75 -14.11
CA LEU B 410 16.62 46.40 -14.21
C LEU B 410 16.74 47.90 -14.06
N GLY B 411 17.51 48.31 -13.04
CA GLY B 411 17.83 49.71 -12.81
C GLY B 411 18.50 50.33 -14.00
N GLU B 412 19.54 49.69 -14.47
CA GLU B 412 20.30 50.20 -15.60
C GLU B 412 19.41 50.30 -16.84
N ARG B 413 18.47 49.37 -16.98
CA ARG B 413 17.59 49.35 -18.16
C ARG B 413 16.63 50.54 -18.11
N ALA B 414 15.98 50.72 -16.97
CA ALA B 414 15.09 51.89 -16.76
C ALA B 414 15.73 53.24 -17.06
N LEU B 415 17.04 53.35 -16.85
CA LEU B 415 17.76 54.63 -16.88
C LEU B 415 18.46 54.94 -18.16
N LYS B 416 18.91 53.91 -18.89
CA LYS B 416 19.80 54.16 -20.02
C LYS B 416 19.12 55.02 -21.07
N TYR B 417 17.79 54.88 -21.21
CA TYR B 417 17.05 55.64 -22.23
C TYR B 417 17.12 57.15 -22.05
N ILE B 418 17.28 57.62 -20.81
CA ILE B 418 17.35 59.08 -20.52
C ILE B 418 18.76 59.62 -20.37
N ILE B 419 19.78 58.79 -20.56
CA ILE B 419 21.16 59.24 -20.43
C ILE B 419 21.64 59.91 -21.70
N PRO B 420 22.38 61.02 -21.58
CA PRO B 420 22.70 61.79 -22.77
C PRO B 420 23.53 61.06 -23.77
N ASP B 421 23.55 61.61 -24.98
CA ASP B 421 24.38 61.10 -26.04
C ASP B 421 25.81 61.39 -25.65
N THR B 422 26.69 60.46 -25.95
CA THR B 422 28.11 60.63 -25.69
C THR B 422 28.67 61.87 -26.38
N ALA B 423 28.00 62.29 -27.44
CA ALA B 423 28.42 63.43 -28.25
C ALA B 423 28.38 64.75 -27.50
N ASP B 424 27.31 64.99 -26.75
CA ASP B 424 27.19 66.25 -25.99
C ASP B 424 27.52 66.09 -24.49
N PHE B 425 27.97 64.89 -24.09
CA PHE B 425 28.43 64.65 -22.70
C PHE B 425 29.45 63.51 -22.63
N PRO B 426 30.70 63.80 -23.00
CA PRO B 426 31.74 62.76 -23.10
C PRO B 426 32.34 62.31 -21.76
N TYR B 427 31.56 61.59 -20.98
CA TYR B 427 32.06 60.99 -19.77
C TYR B 427 31.41 59.63 -19.57
N THR B 428 32.12 58.76 -18.87
CA THR B 428 31.55 57.50 -18.45
C THR B 428 30.76 57.80 -17.18
N ILE B 429 29.71 57.01 -16.94
CA ILE B 429 28.85 57.19 -15.80
C ILE B 429 28.65 55.85 -15.14
N ARG B 430 29.05 55.74 -13.86
CA ARG B 430 28.81 54.56 -13.06
C ARG B 430 27.93 55.02 -11.94
N ILE B 431 26.94 54.23 -11.58
CA ILE B 431 26.13 54.50 -10.44
C ILE B 431 26.03 53.22 -9.65
N VAL B 432 26.13 53.34 -8.33
CA VAL B 432 26.02 52.20 -7.45
C VAL B 432 24.95 52.56 -6.47
N SER B 433 24.03 51.63 -6.19
CA SER B 433 22.92 51.89 -5.29
C SER B 433 22.99 50.92 -4.13
N GLU B 434 22.92 51.45 -2.91
CA GLU B 434 22.95 50.66 -1.72
C GLU B 434 21.61 50.70 -1.05
N VAL B 435 21.11 49.53 -0.74
CA VAL B 435 19.86 49.42 -0.07
C VAL B 435 20.15 49.39 1.42
N LEU B 436 19.80 50.48 2.11
CA LEU B 436 20.09 50.61 3.55
C LEU B 436 18.95 50.05 4.39
N GLU B 437 17.74 50.08 3.80
CA GLU B 437 16.59 49.41 4.42
C GLU B 437 15.69 48.90 3.34
N SER B 438 14.88 47.91 3.68
CA SER B 438 14.09 47.28 2.68
C SER B 438 12.83 46.65 3.21
N ASN B 439 11.71 47.05 2.60
CA ASN B 439 10.44 46.42 2.80
C ASN B 439 9.61 46.34 1.51
N GLY B 440 10.02 47.05 0.47
CA GLY B 440 9.18 47.27 -0.66
C GLY B 440 9.80 47.00 -1.98
N SER B 441 10.28 48.02 -2.63
CA SER B 441 10.95 47.79 -3.85
C SER B 441 12.16 48.65 -3.91
N SER B 442 13.19 48.04 -3.32
CA SER B 442 14.58 48.43 -3.42
C SER B 442 14.94 48.76 -4.81
N SER B 443 14.55 47.91 -5.77
CA SER B 443 14.96 48.10 -7.18
C SER B 443 14.36 49.38 -7.71
N GLN B 444 13.10 49.65 -7.35
CA GLN B 444 12.47 50.88 -7.80
C GLN B 444 13.06 52.09 -7.06
N ALA B 445 13.20 51.97 -5.74
CA ALA B 445 13.87 53.03 -4.94
C ALA B 445 15.24 53.40 -5.50
N SER B 446 15.98 52.41 -6.02
CA SER B 446 17.30 52.66 -6.58
C SER B 446 17.24 53.44 -7.86
N ILE B 447 16.19 53.20 -8.65
CA ILE B 447 15.96 54.02 -9.85
C ILE B 447 15.70 55.48 -9.45
N CYS B 448 14.86 55.67 -8.44
CA CYS B 448 14.60 57.04 -7.96
C CYS B 448 15.88 57.65 -7.40
N GLY B 449 16.59 56.90 -6.56
CA GLY B 449 17.88 57.34 -6.05
C GLY B 449 18.82 57.79 -7.16
N SER B 450 18.89 57.01 -8.23
CA SER B 450 19.88 57.23 -9.26
C SER B 450 19.54 58.44 -10.07
N THR B 451 18.24 58.66 -10.28
CA THR B 451 17.78 59.87 -10.97
C THR B 451 18.20 61.11 -10.17
N LEU B 452 18.02 61.04 -8.85
CA LEU B 452 18.52 62.11 -7.96
C LEU B 452 20.01 62.34 -8.11
N ALA B 453 20.78 61.26 -8.11
CA ALA B 453 22.24 61.37 -8.22
C ALA B 453 22.69 61.96 -9.54
N LEU B 454 22.00 61.59 -10.61
CA LEU B 454 22.28 62.12 -11.96
C LEU B 454 22.05 63.64 -12.04
N MET B 455 20.96 64.09 -11.46
CA MET B 455 20.68 65.52 -11.41
C MET B 455 21.70 66.24 -10.49
N ASP B 456 21.86 65.71 -9.27
CA ASP B 456 22.93 66.18 -8.37
C ASP B 456 24.25 66.38 -9.12
N ALA B 457 24.61 65.42 -9.95
CA ALA B 457 25.91 65.41 -10.58
C ALA B 457 25.98 66.37 -11.75
N GLY B 458 24.84 66.90 -12.16
CA GLY B 458 24.80 67.81 -13.31
C GLY B 458 24.86 67.10 -14.65
N VAL B 459 24.32 65.90 -14.72
CA VAL B 459 24.27 65.17 -15.99
C VAL B 459 23.07 65.65 -16.78
N PRO B 460 23.30 66.17 -18.00
CA PRO B 460 22.16 66.68 -18.76
C PRO B 460 21.29 65.56 -19.33
N ILE B 461 20.47 64.97 -18.46
CA ILE B 461 19.62 63.86 -18.83
C ILE B 461 18.34 64.30 -19.55
N LYS B 462 17.79 63.37 -20.34
CA LYS B 462 16.57 63.61 -21.10
C LYS B 462 15.41 63.97 -20.18
N ALA B 463 15.22 63.22 -19.11
CA ALA B 463 14.12 63.47 -18.18
C ALA B 463 14.24 62.58 -16.96
N PRO B 464 13.77 63.05 -15.80
CA PRO B 464 13.86 62.20 -14.62
C PRO B 464 13.10 60.92 -14.83
N VAL B 465 13.40 59.90 -14.07
CA VAL B 465 12.73 58.64 -14.15
C VAL B 465 12.42 58.14 -12.76
N ALA B 466 11.25 57.59 -12.57
CA ALA B 466 10.90 56.99 -11.30
C ALA B 466 10.19 55.69 -11.58
N GLY B 467 9.94 54.92 -10.54
CA GLY B 467 9.40 53.61 -10.71
C GLY B 467 8.66 53.17 -9.47
N ILE B 468 7.89 52.11 -9.61
CA ILE B 468 7.08 51.65 -8.51
C ILE B 468 6.73 50.22 -8.81
N ALA B 469 6.22 49.52 -7.81
CA ALA B 469 5.81 48.18 -7.95
C ALA B 469 4.34 48.00 -7.56
N MET B 470 3.58 47.37 -8.47
CA MET B 470 2.14 47.12 -8.28
C MET B 470 1.85 45.71 -7.80
N GLY B 471 0.79 45.57 -7.02
CA GLY B 471 0.40 44.29 -6.48
C GLY B 471 -1.05 43.96 -6.78
N LEU B 472 -1.53 42.84 -6.25
CA LEU B 472 -2.79 42.29 -6.69
C LEU B 472 -3.30 41.29 -5.67
N VAL B 473 -4.56 41.43 -5.29
CA VAL B 473 -5.27 40.40 -4.58
C VAL B 473 -6.50 40.07 -5.39
N THR B 474 -6.67 38.78 -5.72
CA THR B 474 -7.83 38.31 -6.43
C THR B 474 -8.66 37.53 -5.46
N ARG B 475 -9.93 37.89 -5.41
CA ARG B 475 -10.93 37.02 -4.85
C ARG B 475 -11.76 36.63 -6.06
N GLU B 476 -12.46 35.51 -5.96
CA GLU B 476 -13.26 35.04 -7.10
C GLU B 476 -14.41 36.00 -7.44
N ASP B 477 -14.89 36.74 -6.44
CA ASP B 477 -15.83 37.84 -6.70
C ASP B 477 -15.14 38.93 -7.53
N SER B 478 -13.99 39.43 -7.05
CA SER B 478 -13.28 40.46 -7.78
C SER B 478 -11.84 40.64 -7.31
N TYR B 479 -11.14 41.55 -7.95
CA TYR B 479 -9.76 41.83 -7.62
C TYR B 479 -9.54 43.27 -7.15
N THR B 480 -8.50 43.46 -6.34
CA THR B 480 -8.00 44.79 -6.00
C THR B 480 -6.54 44.92 -6.43
N ILE B 481 -6.23 45.96 -7.18
CA ILE B 481 -4.87 46.34 -7.47
C ILE B 481 -4.25 47.25 -6.38
N LEU B 482 -3.04 46.88 -5.95
CA LEU B 482 -2.33 47.59 -4.86
C LEU B 482 -1.19 48.39 -5.41
N THR B 483 -1.03 49.62 -4.92
CA THR B 483 0.03 50.51 -5.37
C THR B 483 1.19 50.48 -4.37
N ASP B 484 2.42 50.51 -4.90
CA ASP B 484 3.62 50.56 -4.05
C ASP B 484 3.61 49.49 -2.97
N ILE B 485 3.76 48.22 -3.34
CA ILE B 485 3.54 47.16 -2.35
C ILE B 485 4.71 46.94 -1.40
N GLN B 486 4.39 46.48 -0.19
CA GLN B 486 5.39 46.09 0.76
C GLN B 486 5.63 44.57 0.69
N GLY B 487 6.69 44.11 1.36
CA GLY B 487 7.17 42.74 1.20
C GLY B 487 6.07 41.72 1.39
N MET B 488 5.34 41.87 2.47
CA MET B 488 4.24 40.97 2.80
C MET B 488 3.16 40.89 1.70
N GLU B 489 3.01 41.96 0.93
CA GLU B 489 1.96 42.02 -0.09
C GLU B 489 2.42 41.31 -1.35
N ASP B 490 3.71 41.37 -1.63
CA ASP B 490 4.32 40.54 -2.66
C ASP B 490 4.20 39.08 -2.25
N ALA B 491 4.57 38.81 -1.01
CA ALA B 491 4.67 37.42 -0.54
C ALA B 491 3.32 36.74 -0.47
N LEU B 492 2.30 37.47 -0.02
CA LEU B 492 0.95 36.91 0.12
C LEU B 492 -0.01 37.34 -1.00
N GLY B 493 0.50 38.17 -1.92
CA GLY B 493 -0.26 38.63 -3.04
C GLY B 493 -0.10 37.77 -4.27
N ASP B 494 -0.58 38.28 -5.40
CA ASP B 494 -0.69 37.49 -6.63
C ASP B 494 0.29 37.95 -7.68
N MET B 495 0.85 39.13 -7.52
CA MET B 495 1.84 39.60 -8.47
C MET B 495 2.79 40.63 -7.88
N ASP B 496 3.83 40.91 -8.65
CA ASP B 496 4.82 41.88 -8.32
C ASP B 496 5.19 42.49 -9.64
N PHE B 497 4.63 43.67 -9.93
CA PHE B 497 4.66 44.21 -11.27
C PHE B 497 5.32 45.56 -11.22
N LYS B 498 6.54 45.64 -11.71
CA LYS B 498 7.36 46.80 -11.54
C LYS B 498 7.37 47.56 -12.81
N VAL B 499 7.08 48.85 -12.70
CA VAL B 499 7.10 49.74 -13.85
C VAL B 499 7.87 50.98 -13.52
N ALA B 500 8.71 51.40 -14.45
CA ALA B 500 9.45 52.60 -14.32
C ALA B 500 9.43 53.35 -15.65
N GLY B 501 9.45 54.68 -15.55
CA GLY B 501 9.68 55.52 -16.71
C GLY B 501 9.59 57.00 -16.39
N THR B 502 9.46 57.79 -17.45
CA THR B 502 9.34 59.23 -17.35
C THR B 502 7.90 59.68 -17.30
N LYS B 503 7.70 60.99 -17.33
CA LYS B 503 6.36 61.58 -17.37
C LYS B 503 5.71 61.32 -18.74
N GLU B 504 6.53 61.41 -19.79
CA GLU B 504 6.17 61.05 -21.16
C GLU B 504 5.84 59.56 -21.41
N GLY B 505 6.49 58.62 -20.71
CA GLY B 505 6.18 57.19 -20.87
C GLY B 505 7.11 56.17 -20.22
N ILE B 506 6.88 54.88 -20.52
CA ILE B 506 7.55 53.77 -19.86
C ILE B 506 8.94 53.49 -20.41
N THR B 507 9.91 53.26 -19.51
CA THR B 507 11.28 52.87 -19.91
C THR B 507 11.64 51.44 -19.54
N ALA B 508 10.95 50.83 -18.57
CA ALA B 508 11.25 49.48 -18.21
C ALA B 508 10.16 48.82 -17.39
N ILE B 509 9.97 47.52 -17.59
CA ILE B 509 9.06 46.70 -16.80
C ILE B 509 9.71 45.37 -16.41
N GLN B 510 9.24 44.80 -15.31
CA GLN B 510 9.55 43.45 -14.93
C GLN B 510 8.44 42.96 -14.03
N MET B 511 7.81 41.85 -14.43
CA MET B 511 6.64 41.33 -13.78
C MET B 511 6.67 39.82 -13.64
N ASP B 512 6.36 39.34 -12.45
CA ASP B 512 6.08 37.94 -12.26
C ASP B 512 4.85 37.78 -11.39
N ILE B 513 4.29 36.56 -11.35
CA ILE B 513 3.02 36.34 -10.70
C ILE B 513 3.03 35.04 -9.94
N LYS B 514 2.02 34.83 -9.13
CA LYS B 514 1.92 33.65 -8.32
C LYS B 514 0.58 32.96 -8.51
N ILE B 515 -0.13 33.39 -9.53
CA ILE B 515 -1.39 32.77 -9.94
C ILE B 515 -1.22 32.31 -11.39
N ASP B 516 -2.19 31.57 -11.93
CA ASP B 516 -2.02 30.98 -13.27
C ASP B 516 -1.84 32.03 -14.36
N GLY B 517 -2.53 33.15 -14.29
CA GLY B 517 -2.40 34.16 -15.33
C GLY B 517 -3.01 35.50 -14.99
N LEU B 518 -2.66 36.52 -15.79
CA LEU B 518 -3.22 37.86 -15.67
C LEU B 518 -4.06 38.19 -16.88
N THR B 519 -5.27 38.67 -16.65
CA THR B 519 -6.16 39.10 -17.74
C THR B 519 -5.69 40.43 -18.31
N ARG B 520 -6.24 40.83 -19.45
CA ARG B 520 -5.85 42.07 -20.13
C ARG B 520 -6.30 43.34 -19.39
N GLU B 521 -7.41 43.24 -18.71
CA GLU B 521 -7.88 44.37 -17.98
C GLU B 521 -7.08 44.65 -16.74
N ILE B 522 -6.70 43.61 -16.03
CA ILE B 522 -5.82 43.77 -14.89
C ILE B 522 -4.48 44.39 -15.25
N ILE B 523 -3.98 44.10 -16.41
CA ILE B 523 -2.68 44.51 -16.90
C ILE B 523 -2.69 45.88 -17.47
N GLU B 524 -3.86 46.32 -17.84
CA GLU B 524 -4.09 47.66 -18.37
C GLU B 524 -4.30 48.59 -17.16
N GLU B 525 -5.02 48.09 -16.17
CA GLU B 525 -5.36 48.87 -15.01
C GLU B 525 -4.11 49.15 -14.19
N ALA B 526 -3.34 48.07 -13.97
CA ALA B 526 -2.01 48.16 -13.34
C ALA B 526 -1.08 49.17 -14.00
N LEU B 527 -1.02 49.17 -15.33
CA LEU B 527 -0.15 50.12 -16.03
C LEU B 527 -0.60 51.54 -15.71
N GLU B 528 -1.91 51.76 -15.68
CA GLU B 528 -2.46 53.11 -15.52
C GLU B 528 -2.16 53.62 -14.12
N GLN B 529 -2.52 52.79 -13.15
CA GLN B 529 -2.31 53.05 -11.76
C GLN B 529 -0.81 53.15 -11.42
N ALA B 530 0.03 52.51 -12.22
CA ALA B 530 1.46 52.67 -12.07
C ALA B 530 1.95 53.96 -12.72
N ARG B 531 1.25 54.40 -13.76
CA ARG B 531 1.52 55.73 -14.36
C ARG B 531 1.23 56.87 -13.33
N ARG B 532 0.15 56.70 -12.58
CA ARG B 532 -0.23 57.68 -11.59
C ARG B 532 0.84 57.71 -10.49
N GLY B 533 1.03 56.54 -9.86
CA GLY B 533 2.06 56.32 -8.87
C GLY B 533 3.38 56.96 -9.22
N ARG B 534 3.88 56.71 -10.41
CA ARG B 534 5.22 57.22 -10.74
C ARG B 534 5.19 58.74 -10.78
N LEU B 535 4.09 59.28 -11.27
CA LEU B 535 3.92 60.72 -11.44
C LEU B 535 3.95 61.46 -10.09
N GLU B 536 3.23 60.93 -9.12
CA GLU B 536 3.35 61.37 -7.74
C GLU B 536 4.81 61.43 -7.30
N ILE B 537 5.55 60.36 -7.57
CA ILE B 537 6.93 60.21 -7.11
C ILE B 537 7.84 61.21 -7.79
N MET B 538 7.71 61.37 -9.09
CA MET B 538 8.54 62.37 -9.76
C MET B 538 8.23 63.75 -9.20
N ASN B 539 7.00 63.94 -8.73
CA ASN B 539 6.58 65.26 -8.27
C ASN B 539 7.36 65.63 -6.99
N HIS B 540 7.28 64.75 -5.99
CA HIS B 540 8.14 64.78 -4.82
C HIS B 540 9.63 64.95 -5.14
N MET B 541 10.14 64.14 -6.05
CA MET B 541 11.57 64.20 -6.39
C MET B 541 11.97 65.58 -6.86
N LEU B 542 11.08 66.28 -7.57
CA LEU B 542 11.44 67.59 -8.11
C LEU B 542 11.43 68.71 -7.07
N GLN B 543 10.76 68.49 -5.94
CA GLN B 543 10.91 69.37 -4.77
C GLN B 543 12.36 69.37 -4.31
N THR B 544 13.01 68.20 -4.36
CA THR B 544 14.38 68.03 -3.88
C THR B 544 15.38 68.63 -4.84
N ILE B 545 15.20 68.34 -6.12
CA ILE B 545 16.05 68.91 -7.14
C ILE B 545 15.21 68.93 -8.41
N ASP B 546 15.11 70.10 -9.02
CA ASP B 546 14.12 70.33 -10.08
C ASP B 546 14.76 70.34 -11.48
N GLN B 547 16.09 70.23 -11.54
CA GLN B 547 16.82 70.15 -12.81
C GLN B 547 18.29 69.82 -12.55
N PRO B 548 19.03 69.40 -13.59
CA PRO B 548 20.45 69.09 -13.45
C PRO B 548 21.29 70.28 -12.99
N ARG B 549 22.02 70.09 -11.89
CA ARG B 549 22.97 71.07 -11.32
C ARG B 549 23.87 71.74 -12.36
N THR B 550 24.22 73.00 -12.07
CA THR B 550 24.87 73.95 -12.98
C THR B 550 25.90 74.83 -12.25
N GLU C 4 66.09 14.71 17.16
CA GLU C 4 65.59 13.40 16.80
C GLU C 4 65.60 13.20 15.30
N LYS C 5 66.48 13.90 14.60
CA LYS C 5 66.51 13.81 13.16
C LYS C 5 67.26 12.61 12.64
N LYS C 6 66.62 11.86 11.75
CA LYS C 6 67.19 10.64 11.18
C LYS C 6 67.18 10.72 9.68
N VAL C 7 68.33 10.50 9.08
CA VAL C 7 68.52 10.63 7.64
C VAL C 7 68.88 9.26 7.04
N PHE C 8 68.12 8.85 6.02
CA PHE C 8 68.33 7.58 5.33
C PHE C 8 68.58 7.87 3.87
N LYS C 9 69.54 7.20 3.29
CA LYS C 9 70.05 7.62 1.98
C LYS C 9 70.21 6.46 1.03
N THR C 10 70.05 6.72 -0.27
CA THR C 10 70.23 5.72 -1.31
C THR C 10 70.40 6.35 -2.66
N GLU C 11 70.44 5.50 -3.70
CA GLU C 11 70.52 6.01 -5.07
C GLU C 11 69.24 5.63 -5.80
N TRP C 12 68.83 6.53 -6.67
CA TRP C 12 67.64 6.34 -7.48
C TRP C 12 67.94 6.82 -8.87
N ALA C 13 68.16 5.89 -9.79
CA ALA C 13 68.40 6.20 -11.18
C ALA C 13 69.50 7.24 -11.38
N GLY C 14 70.64 7.04 -10.74
CA GLY C 14 71.81 7.89 -10.99
C GLY C 14 71.84 9.22 -10.26
N ARG C 15 70.98 9.39 -9.25
CA ARG C 15 71.04 10.57 -8.39
C ARG C 15 70.56 10.20 -7.00
N SER C 16 70.93 11.00 -5.99
CA SER C 16 70.73 10.56 -4.62
C SER C 16 69.30 10.77 -4.16
N LEU C 17 68.86 9.89 -3.28
CA LEU C 17 67.57 10.03 -2.71
C LEU C 17 67.75 9.95 -1.21
N THR C 18 67.32 11.00 -0.53
CA THR C 18 67.42 11.08 0.92
C THR C 18 66.04 11.26 1.51
N ILE C 19 65.78 10.56 2.60
CA ILE C 19 64.54 10.68 3.33
C ILE C 19 64.85 11.02 4.79
N GLU C 20 64.34 12.17 5.26
CA GLU C 20 64.55 12.64 6.64
C GLU C 20 63.25 12.62 7.43
N THR C 21 63.30 12.10 8.64
CA THR C 21 62.17 12.24 9.52
C THR C 21 62.63 12.64 10.91
N GLY C 22 61.65 12.90 11.77
CA GLY C 22 61.86 13.25 13.17
C GLY C 22 62.09 14.73 13.46
N GLN C 23 62.47 15.52 12.47
CA GLN C 23 62.70 16.93 12.66
C GLN C 23 61.45 17.79 12.36
N LEU C 24 60.86 17.61 11.17
CA LEU C 24 59.77 18.45 10.68
C LEU C 24 58.34 17.94 10.86
N ALA C 25 57.43 18.86 11.16
CA ALA C 25 56.00 18.64 11.07
C ALA C 25 55.54 17.52 11.95
N LYS C 26 55.97 17.58 13.20
CA LYS C 26 55.85 16.47 14.13
C LYS C 26 54.50 16.32 14.79
N GLN C 27 53.62 17.30 14.61
CA GLN C 27 52.25 17.12 15.05
C GLN C 27 51.39 16.31 14.06
N ALA C 28 51.79 16.26 12.80
CA ALA C 28 51.25 15.25 11.85
C ALA C 28 51.43 13.82 12.37
N ASN C 29 50.51 12.92 12.05
CA ASN C 29 50.66 11.53 12.50
C ASN C 29 51.96 10.95 12.00
N GLY C 30 52.37 11.39 10.82
CA GLY C 30 53.67 11.06 10.29
C GLY C 30 54.07 12.08 9.27
N ALA C 31 55.36 12.24 9.06
CA ALA C 31 55.87 13.27 8.19
C ALA C 31 57.32 12.98 7.85
N VAL C 32 57.72 13.35 6.64
CA VAL C 32 58.99 12.98 6.12
C VAL C 32 59.35 14.06 5.14
N LEU C 33 60.65 14.28 4.93
CA LEU C 33 61.16 15.23 3.95
C LEU C 33 61.95 14.42 2.93
N VAL C 34 61.77 14.72 1.64
CA VAL C 34 62.37 13.92 0.56
C VAL C 34 63.28 14.81 -0.25
N ARG C 35 64.52 14.40 -0.38
CA ARG C 35 65.45 15.11 -1.22
C ARG C 35 65.81 14.09 -2.30
N TYR C 36 65.59 14.48 -3.54
CA TYR C 36 65.89 13.65 -4.69
C TYR C 36 66.56 14.58 -5.66
N GLY C 37 67.86 14.43 -5.86
CA GLY C 37 68.65 15.43 -6.57
C GLY C 37 68.39 16.77 -5.90
N ASP C 38 68.24 17.82 -6.69
CA ASP C 38 67.86 19.14 -6.16
C ASP C 38 66.33 19.34 -5.89
N THR C 39 65.54 18.27 -5.95
CA THR C 39 64.11 18.36 -5.66
C THR C 39 63.88 18.04 -4.20
N VAL C 40 63.03 18.84 -3.55
CA VAL C 40 62.71 18.64 -2.15
C VAL C 40 61.20 18.72 -1.99
N VAL C 41 60.65 17.81 -1.19
CA VAL C 41 59.25 17.73 -0.99
C VAL C 41 59.02 17.32 0.44
N LEU C 42 58.08 18.00 1.10
CA LEU C 42 57.68 17.64 2.43
C LEU C 42 56.33 17.01 2.30
N SER C 43 56.17 15.82 2.91
CA SER C 43 54.96 15.07 2.79
C SER C 43 54.44 14.78 4.18
N THR C 44 53.13 14.85 4.40
CA THR C 44 52.58 14.58 5.69
C THR C 44 51.31 13.77 5.61
N ALA C 45 50.99 13.10 6.70
CA ALA C 45 49.84 12.27 6.76
C ALA C 45 49.23 12.43 8.14
N THR C 46 47.94 12.75 8.15
CA THR C 46 47.23 13.09 9.35
C THR C 46 45.89 12.38 9.30
N ALA C 47 45.46 11.86 10.42
CA ALA C 47 44.19 11.17 10.51
C ALA C 47 43.29 11.80 11.57
N SER C 48 41.98 11.82 11.33
CA SER C 48 41.04 12.28 12.35
C SER C 48 41.23 11.41 13.59
N LYS C 49 40.79 11.93 14.72
CA LYS C 49 40.99 11.27 16.00
C LYS C 49 40.13 10.02 16.10
N GLU C 50 38.81 10.19 15.87
CA GLU C 50 37.86 9.06 15.83
C GLU C 50 37.39 8.83 14.38
N PRO C 51 36.76 7.67 14.09
CA PRO C 51 36.38 7.43 12.70
C PRO C 51 35.05 8.09 12.34
N ARG C 52 34.92 8.51 11.10
CA ARG C 52 33.70 9.13 10.63
C ARG C 52 32.57 8.10 10.57
N ASP C 53 31.34 8.58 10.66
CA ASP C 53 30.15 7.74 10.51
C ASP C 53 29.85 7.43 9.06
N GLY C 54 29.02 6.42 8.84
CA GLY C 54 28.60 6.02 7.50
C GLY C 54 29.62 5.10 6.86
N ASP C 55 29.29 4.60 5.67
CA ASP C 55 30.14 3.64 4.95
C ASP C 55 30.81 4.36 3.79
N PHE C 56 31.83 5.14 4.13
CA PHE C 56 32.58 5.90 3.15
C PHE C 56 33.91 6.32 3.78
N PHE C 57 35.01 6.05 3.07
CA PHE C 57 36.35 6.29 3.58
C PHE C 57 36.86 7.63 3.04
N PRO C 58 36.89 8.66 3.90
CA PRO C 58 37.37 9.94 3.39
C PRO C 58 38.88 9.93 3.37
N LEU C 59 39.45 10.02 2.18
CA LEU C 59 40.87 10.02 1.98
C LEU C 59 41.07 11.13 1.01
N THR C 60 42.00 12.03 1.30
CA THR C 60 42.29 13.14 0.44
C THR C 60 43.80 13.27 0.32
N VAL C 61 44.24 13.68 -0.85
CA VAL C 61 45.62 13.85 -1.15
C VAL C 61 45.74 15.20 -1.80
N ASN C 62 46.66 16.02 -1.33
CA ASN C 62 46.92 17.28 -1.97
C ASN C 62 48.32 17.36 -2.39
N TYR C 63 48.56 18.23 -3.33
CA TYR C 63 49.88 18.43 -3.82
C TYR C 63 49.93 19.87 -4.24
N GLU C 64 51.04 20.52 -3.96
CA GLU C 64 51.16 21.91 -4.29
C GLU C 64 52.60 22.23 -4.43
N GLU C 65 52.92 22.99 -5.46
CA GLU C 65 54.27 23.39 -5.75
C GLU C 65 54.38 24.86 -5.45
N LYS C 66 55.15 25.20 -4.44
CA LYS C 66 55.35 26.58 -4.03
C LYS C 66 55.89 27.45 -5.15
N MET C 67 55.60 28.75 -5.05
CA MET C 67 56.04 29.76 -6.01
C MET C 67 57.55 29.84 -6.05
N TYR C 68 58.16 29.70 -4.88
CA TYR C 68 59.60 29.81 -4.79
C TYR C 68 60.32 28.52 -5.19
N ALA C 69 59.58 27.42 -5.26
CA ALA C 69 60.14 26.10 -5.64
C ALA C 69 60.95 26.08 -6.94
N ALA C 70 60.68 27.04 -7.82
CA ALA C 70 61.42 27.16 -9.08
C ALA C 70 62.32 28.39 -9.06
N GLY C 85 46.56 25.82 -14.19
CA GLY C 85 47.20 25.25 -12.98
C GLY C 85 46.60 23.91 -12.55
N ASP C 86 46.36 23.04 -13.53
CA ASP C 86 45.66 21.77 -13.31
C ASP C 86 46.64 20.66 -12.92
N ASP C 87 47.92 20.85 -13.24
CA ASP C 87 48.95 19.83 -12.98
C ASP C 87 48.98 19.33 -11.55
N ALA C 88 48.82 20.26 -10.60
CA ALA C 88 48.79 19.90 -9.19
C ALA C 88 47.65 18.97 -8.88
N THR C 89 46.50 19.21 -9.54
CA THR C 89 45.33 18.37 -9.32
C THR C 89 45.59 16.99 -9.95
N LEU C 90 46.15 16.98 -11.14
CA LEU C 90 46.50 15.72 -11.80
C LEU C 90 47.51 14.94 -10.92
N THR C 91 48.53 15.65 -10.43
CA THR C 91 49.52 14.98 -9.60
C THR C 91 48.89 14.40 -8.32
N ALA C 92 48.02 15.14 -7.70
CA ALA C 92 47.40 14.67 -6.47
C ALA C 92 46.53 13.45 -6.73
N ARG C 93 45.84 13.44 -7.88
CA ARG C 93 45.04 12.27 -8.30
C ARG C 93 45.97 11.08 -8.56
N LEU C 94 47.09 11.35 -9.22
CA LEU C 94 48.11 10.32 -9.42
C LEU C 94 48.52 9.61 -8.12
N ILE C 95 48.77 10.38 -7.06
CA ILE C 95 49.27 9.84 -5.80
C ILE C 95 48.20 9.10 -5.02
N ASP C 96 46.96 9.60 -5.06
CA ASP C 96 45.81 8.90 -4.46
C ASP C 96 45.67 7.42 -4.92
N ARG C 97 45.85 7.19 -6.21
CA ARG C 97 45.53 5.89 -6.84
C ARG C 97 46.18 4.66 -6.21
N PRO C 98 47.50 4.63 -6.14
CA PRO C 98 48.10 3.42 -5.50
C PRO C 98 47.98 3.38 -4.00
N ILE C 99 47.58 4.50 -3.39
CA ILE C 99 47.51 4.56 -1.94
C ILE C 99 46.15 4.13 -1.45
N ARG C 100 45.09 4.52 -2.18
CA ARG C 100 43.72 4.29 -1.72
C ARG C 100 43.34 2.83 -1.42
N PRO C 101 43.70 1.88 -2.31
CA PRO C 101 43.20 0.53 -2.01
C PRO C 101 43.88 -0.20 -0.84
N LEU C 102 44.90 0.41 -0.24
CA LEU C 102 45.74 -0.30 0.73
C LEU C 102 45.43 0.04 2.18
N PHE C 103 44.15 0.16 2.50
CA PHE C 103 43.74 0.41 3.88
C PHE C 103 42.85 -0.74 4.29
N PRO C 104 42.89 -1.14 5.57
CA PRO C 104 42.04 -2.26 5.97
C PRO C 104 40.56 -2.00 5.65
N LYS C 105 39.87 -3.04 5.18
CA LYS C 105 38.48 -2.90 4.77
C LYS C 105 37.62 -2.49 5.97
N GLY C 106 36.80 -1.46 5.79
CA GLY C 106 35.98 -0.93 6.87
C GLY C 106 36.64 0.18 7.67
N TYR C 107 37.84 0.59 7.28
CA TYR C 107 38.55 1.69 7.94
C TYR C 107 38.08 3.00 7.34
N LYS C 108 37.42 3.82 8.16
CA LYS C 108 36.73 5.02 7.70
C LYS C 108 37.10 6.26 8.53
N HIS C 109 38.37 6.36 8.88
CA HIS C 109 38.95 7.55 9.48
C HIS C 109 39.19 8.56 8.38
N ASP C 110 39.05 9.85 8.69
CA ASP C 110 39.53 10.86 7.76
C ASP C 110 41.04 10.71 7.72
N VAL C 111 41.60 10.65 6.52
CA VAL C 111 43.02 10.69 6.35
C VAL C 111 43.28 11.72 5.29
N GLN C 112 44.18 12.63 5.60
CA GLN C 112 44.56 13.63 4.65
C GLN C 112 46.05 13.56 4.50
N ILE C 113 46.51 13.75 3.26
CA ILE C 113 47.89 13.63 2.92
C ILE C 113 48.23 14.85 2.13
N MET C 114 49.27 15.57 2.57
CA MET C 114 49.68 16.79 1.91
C MET C 114 51.09 16.63 1.42
N ASN C 115 51.40 17.28 0.30
CA ASN C 115 52.70 17.28 -0.28
C ASN C 115 53.03 18.68 -0.71
N MET C 116 54.18 19.17 -0.29
CA MET C 116 54.59 20.50 -0.61
C MET C 116 55.93 20.39 -1.28
N VAL C 117 55.99 20.83 -2.52
CA VAL C 117 57.20 20.85 -3.26
C VAL C 117 57.90 22.17 -2.90
N LEU C 118 58.91 22.06 -2.04
CA LEU C 118 59.68 23.21 -1.58
C LEU C 118 60.76 23.57 -2.57
N SER C 119 61.23 22.58 -3.31
CA SER C 119 62.22 22.81 -4.35
C SER C 119 62.00 21.79 -5.46
N ALA C 120 62.09 22.24 -6.71
CA ALA C 120 61.69 21.42 -7.85
C ALA C 120 62.68 21.50 -9.00
N ASP C 121 63.40 20.39 -9.19
CA ASP C 121 64.30 20.19 -10.31
C ASP C 121 63.51 19.34 -11.29
N PRO C 122 63.18 19.89 -12.47
CA PRO C 122 62.31 19.09 -13.33
C PRO C 122 62.96 17.77 -13.83
N ASP C 123 64.29 17.67 -13.77
CA ASP C 123 64.99 16.41 -14.10
C ASP C 123 64.87 15.34 -13.02
N CYS C 124 64.49 15.73 -11.81
CA CYS C 124 64.26 14.80 -10.72
C CYS C 124 62.81 14.95 -10.24
N SER C 125 61.96 14.03 -10.70
CA SER C 125 60.51 14.20 -10.66
C SER C 125 59.95 14.52 -9.28
N PRO C 126 59.38 15.73 -9.13
CA PRO C 126 58.70 16.04 -7.86
C PRO C 126 57.47 15.18 -7.65
N GLN C 127 56.84 14.78 -8.74
CA GLN C 127 55.66 13.93 -8.66
C GLN C 127 56.03 12.60 -8.03
N MET C 128 57.12 12.00 -8.51
CA MET C 128 57.59 10.74 -7.93
C MET C 128 58.19 10.90 -6.52
N ALA C 129 58.94 11.97 -6.29
CA ALA C 129 59.41 12.28 -4.91
C ALA C 129 58.26 12.35 -3.91
N ALA C 130 57.13 12.89 -4.35
CA ALA C 130 55.99 13.14 -3.47
C ALA C 130 55.23 11.88 -3.22
N MET C 131 55.20 11.05 -4.25
CA MET C 131 54.57 9.76 -4.14
C MET C 131 55.27 8.91 -3.13
N ILE C 132 56.60 8.90 -3.17
CA ILE C 132 57.35 8.13 -2.16
C ILE C 132 57.26 8.84 -0.81
N GLY C 133 57.39 10.17 -0.83
CA GLY C 133 57.11 10.98 0.39
C GLY C 133 55.83 10.57 1.11
N SER C 134 54.73 10.46 0.35
CA SER C 134 53.42 10.14 0.89
C SER C 134 53.37 8.75 1.47
N SER C 135 53.94 7.79 0.75
CA SER C 135 54.10 6.42 1.28
C SER C 135 54.89 6.41 2.60
N MET C 136 56.03 7.08 2.60
CA MET C 136 56.85 7.15 3.83
C MET C 136 56.11 7.77 4.99
N ALA C 137 55.42 8.89 4.76
CA ALA C 137 54.74 9.58 5.83
C ALA C 137 53.71 8.69 6.46
N LEU C 138 52.93 7.97 5.65
CA LEU C 138 52.01 6.96 6.18
C LEU C 138 52.72 5.80 6.87
N SER C 139 53.88 5.40 6.35
CA SER C 139 54.57 4.22 6.88
C SER C 139 55.16 4.47 8.27
N VAL C 140 55.70 5.67 8.49
CA VAL C 140 56.19 6.05 9.82
C VAL C 140 55.07 6.42 10.79
N SER C 141 53.88 6.74 10.26
CA SER C 141 52.76 7.16 11.08
C SER C 141 52.21 5.98 11.86
N ASP C 142 51.23 6.23 12.70
CA ASP C 142 50.49 5.15 13.36
C ASP C 142 49.25 4.76 12.54
N ILE C 143 49.13 5.28 11.32
CA ILE C 143 47.97 4.96 10.49
C ILE C 143 48.18 3.60 9.81
N PRO C 144 47.23 2.67 9.99
CA PRO C 144 47.43 1.31 9.46
C PRO C 144 47.37 1.18 7.93
N PHE C 145 48.32 1.78 7.25
CA PHE C 145 48.50 1.66 5.80
C PHE C 145 49.23 0.34 5.51
N GLN C 146 48.85 -0.33 4.42
CA GLN C 146 49.42 -1.65 4.08
C GLN C 146 50.42 -1.59 2.95
N GLY C 147 51.29 -0.58 2.97
CA GLY C 147 52.36 -0.43 2.01
C GLY C 147 53.64 -1.04 2.56
N PRO C 148 54.79 -0.47 2.21
CA PRO C 148 54.94 0.71 1.42
C PRO C 148 54.56 0.56 -0.04
N ILE C 149 54.53 1.70 -0.73
CA ILE C 149 54.29 1.72 -2.13
C ILE C 149 55.30 2.67 -2.67
N ALA C 150 55.52 2.60 -3.96
CA ALA C 150 56.41 3.54 -4.57
C ALA C 150 56.03 3.67 -6.00
N GLY C 151 56.55 4.69 -6.65
CA GLY C 151 56.19 4.94 -8.03
C GLY C 151 57.38 5.43 -8.80
N VAL C 152 57.33 5.25 -10.12
CA VAL C 152 58.45 5.51 -10.94
C VAL C 152 58.00 5.94 -12.32
N ASN C 153 58.82 6.74 -12.98
CA ASN C 153 58.57 7.14 -14.34
C ASN C 153 59.42 6.34 -15.33
N VAL C 154 58.81 5.82 -16.40
CA VAL C 154 59.55 5.12 -17.46
C VAL C 154 59.43 5.77 -18.83
N GLY C 155 60.58 6.02 -19.45
CA GLY C 155 60.66 6.46 -20.83
C GLY C 155 61.09 5.30 -21.71
N TYR C 156 61.29 5.58 -23.00
CA TYR C 156 61.54 4.51 -23.98
C TYR C 156 62.19 5.14 -25.18
N ILE C 157 63.51 5.02 -25.25
CA ILE C 157 64.33 5.70 -26.25
C ILE C 157 65.22 4.65 -26.96
N ASP C 158 65.26 4.71 -28.29
CA ASP C 158 65.98 3.71 -29.10
C ASP C 158 65.90 2.31 -28.49
N GLY C 159 64.69 1.87 -28.22
CA GLY C 159 64.44 0.52 -27.73
C GLY C 159 64.83 0.23 -26.29
N LYS C 160 65.35 1.22 -25.57
CA LYS C 160 65.75 1.03 -24.18
C LYS C 160 64.83 1.76 -23.23
N TYR C 161 64.33 1.05 -22.23
CA TYR C 161 63.60 1.66 -21.15
C TYR C 161 64.55 2.43 -20.26
N ILE C 162 64.08 3.54 -19.71
CA ILE C 162 64.88 4.35 -18.80
C ILE C 162 64.00 4.84 -17.64
N ILE C 163 64.55 4.76 -16.44
CA ILE C 163 63.83 5.24 -15.27
C ILE C 163 63.98 6.74 -15.09
N ASN C 164 62.87 7.40 -14.73
CA ASN C 164 62.87 8.84 -14.43
C ASN C 164 63.71 9.59 -15.43
N PRO C 165 63.34 9.50 -16.72
CA PRO C 165 64.09 10.26 -17.69
C PRO C 165 64.05 11.73 -17.41
N THR C 166 65.06 12.42 -17.89
CA THR C 166 65.21 13.85 -17.67
C THR C 166 64.31 14.55 -18.66
N VAL C 167 64.20 15.86 -18.52
CA VAL C 167 63.37 16.68 -19.39
C VAL C 167 63.77 16.41 -20.84
N GLU C 168 65.07 16.42 -21.12
CA GLU C 168 65.53 16.35 -22.49
C GLU C 168 65.40 14.96 -23.10
N GLU C 169 65.38 13.93 -22.25
CA GLU C 169 65.19 12.55 -22.72
C GLU C 169 63.71 12.31 -23.04
N LYS C 170 62.84 12.98 -22.29
CA LYS C 170 61.40 12.90 -22.52
C LYS C 170 61.02 13.54 -23.83
N GLU C 171 61.73 14.59 -24.22
CA GLU C 171 61.56 15.21 -25.55
C GLU C 171 61.66 14.20 -26.69
N VAL C 172 62.21 13.03 -26.39
CA VAL C 172 62.63 12.08 -27.39
C VAL C 172 62.15 10.66 -27.07
N SER C 173 61.52 10.46 -25.92
CA SER C 173 60.98 9.16 -25.58
C SER C 173 59.71 8.89 -26.37
N ARG C 174 59.40 7.63 -26.58
CA ARG C 174 58.17 7.24 -27.24
C ARG C 174 57.11 6.92 -26.20
N LEU C 175 57.46 7.04 -24.92
CA LEU C 175 56.58 6.64 -23.84
C LEU C 175 56.76 7.54 -22.63
N ASP C 176 55.65 7.90 -22.00
CA ASP C 176 55.63 8.68 -20.79
C ASP C 176 54.77 7.89 -19.84
N LEU C 177 55.38 7.02 -19.05
CA LEU C 177 54.64 6.11 -18.20
C LEU C 177 54.96 6.38 -16.73
N GLU C 178 53.95 6.24 -15.88
CA GLU C 178 54.11 6.34 -14.46
C GLU C 178 53.50 5.11 -13.89
N VAL C 179 54.34 4.28 -13.27
CA VAL C 179 53.91 3.01 -12.72
C VAL C 179 54.08 3.12 -11.25
N ALA C 180 53.26 2.39 -10.53
CA ALA C 180 53.39 2.31 -9.14
C ALA C 180 52.81 1.04 -8.59
N GLY C 181 53.34 0.66 -7.42
CA GLY C 181 52.80 -0.44 -6.67
C GLY C 181 53.63 -0.76 -5.46
N HIS C 182 53.46 -1.97 -4.97
CA HIS C 182 54.04 -2.38 -3.72
C HIS C 182 55.05 -3.52 -3.93
N LYS C 183 55.40 -4.18 -2.84
CA LYS C 183 56.37 -5.29 -2.85
C LYS C 183 56.06 -6.30 -3.97
N ASP C 184 54.90 -6.96 -3.85
CA ASP C 184 54.48 -8.08 -4.66
C ASP C 184 53.71 -7.81 -5.98
N ALA C 185 53.36 -6.58 -6.31
CA ALA C 185 52.53 -6.29 -7.50
C ALA C 185 52.41 -4.81 -7.84
N VAL C 186 52.08 -4.57 -9.10
CA VAL C 186 51.73 -3.26 -9.60
C VAL C 186 50.32 -2.85 -9.20
N ASN C 187 50.16 -1.55 -8.93
CA ASN C 187 48.92 -0.97 -8.39
C ASN C 187 48.20 -0.02 -9.32
N MET C 188 48.96 0.60 -10.22
CA MET C 188 48.48 1.75 -10.90
C MET C 188 49.38 1.93 -12.08
N VAL C 189 48.80 2.21 -13.23
CA VAL C 189 49.57 2.70 -14.36
C VAL C 189 48.79 3.85 -14.94
N GLU C 190 49.53 4.76 -15.55
CA GLU C 190 48.95 5.90 -16.18
C GLU C 190 49.97 6.30 -17.19
N ALA C 191 49.57 6.42 -18.44
CA ALA C 191 50.57 6.57 -19.49
C ALA C 191 50.08 7.32 -20.70
N GLY C 192 51.05 7.84 -21.43
CA GLY C 192 50.84 8.42 -22.73
C GLY C 192 51.95 7.82 -23.59
N ALA C 193 51.67 7.55 -24.86
CA ALA C 193 52.63 6.90 -25.72
C ALA C 193 52.46 7.21 -27.19
N SER C 194 53.56 7.16 -27.92
CA SER C 194 53.57 7.28 -29.38
C SER C 194 53.14 5.96 -30.07
N GLU C 195 51.94 5.46 -29.76
CA GLU C 195 51.41 4.34 -30.52
C GLU C 195 52.33 3.13 -30.42
N ILE C 196 52.45 2.58 -29.22
CA ILE C 196 53.37 1.49 -28.96
C ILE C 196 52.56 0.24 -28.71
N THR C 197 53.18 -0.89 -28.95
CA THR C 197 52.54 -2.17 -28.83
C THR C 197 52.19 -2.55 -27.43
N GLU C 198 51.26 -3.46 -27.29
CA GLU C 198 50.87 -3.97 -26.02
C GLU C 198 52.04 -4.58 -25.29
N GLN C 199 52.93 -5.18 -26.02
CA GLN C 199 54.00 -5.90 -25.35
C GLN C 199 55.11 -4.96 -24.97
N GLU C 200 55.29 -3.92 -25.74
CA GLU C 200 56.19 -2.86 -25.38
C GLU C 200 55.77 -2.17 -24.10
N MET C 201 54.48 -2.06 -23.89
CA MET C 201 53.93 -1.38 -22.75
C MET C 201 54.09 -2.27 -21.53
N LEU C 202 53.75 -3.55 -21.70
CA LEU C 202 53.74 -4.48 -20.57
C LEU C 202 55.17 -4.72 -20.06
N GLU C 203 56.15 -4.64 -20.94
CA GLU C 203 57.53 -4.73 -20.57
C GLU C 203 57.95 -3.50 -19.79
N ALA C 204 57.59 -2.33 -20.30
CA ALA C 204 57.86 -1.07 -19.61
C ALA C 204 57.28 -1.13 -18.21
N ILE C 205 56.05 -1.56 -18.10
CA ILE C 205 55.44 -1.68 -16.80
C ILE C 205 56.32 -2.48 -15.85
N PHE C 206 56.80 -3.64 -16.29
CA PHE C 206 57.51 -4.52 -15.35
C PHE C 206 58.99 -4.22 -15.19
N PHE C 207 59.56 -3.49 -16.13
CA PHE C 207 60.86 -2.89 -15.94
C PHE C 207 60.72 -1.87 -14.79
N GLY C 208 59.71 -1.01 -14.90
CA GLY C 208 59.36 -0.08 -13.84
C GLY C 208 59.17 -0.76 -12.51
N HIS C 209 58.48 -1.89 -12.49
CA HIS C 209 58.17 -2.48 -11.19
C HIS C 209 59.40 -3.03 -10.43
N GLU C 210 60.47 -3.38 -11.15
CA GLU C 210 61.66 -3.95 -10.48
C GLU C 210 62.26 -2.82 -9.62
N GLU C 211 62.40 -1.62 -10.19
CA GLU C 211 62.81 -0.44 -9.41
C GLU C 211 61.84 -0.10 -8.29
N ILE C 212 60.54 -0.14 -8.58
CA ILE C 212 59.56 0.03 -7.53
C ILE C 212 59.91 -0.87 -6.36
N GLN C 213 60.33 -2.09 -6.67
CA GLN C 213 60.62 -3.10 -5.62
C GLN C 213 61.83 -2.75 -4.76
N ARG C 214 62.84 -2.15 -5.38
CA ARG C 214 63.99 -1.62 -4.67
C ARG C 214 63.54 -0.51 -3.70
N LEU C 215 62.77 0.44 -4.25
CA LEU C 215 62.27 1.59 -3.49
C LEU C 215 61.44 1.16 -2.30
N VAL C 216 60.61 0.17 -2.49
CA VAL C 216 59.80 -0.34 -1.37
C VAL C 216 60.71 -0.97 -0.33
N ASP C 217 61.80 -1.55 -0.81
CA ASP C 217 62.71 -2.30 0.01
C ASP C 217 63.39 -1.34 0.95
N PHE C 218 63.93 -0.27 0.36
CA PHE C 218 64.52 0.82 1.07
C PHE C 218 63.62 1.49 2.11
N GLN C 219 62.30 1.51 1.89
CA GLN C 219 61.35 2.13 2.81
C GLN C 219 61.05 1.21 3.95
N GLN C 220 61.10 -0.07 3.68
CA GLN C 220 60.90 -1.05 4.73
C GLN C 220 62.05 -1.13 5.75
N GLN C 221 63.25 -0.81 5.34
CA GLN C 221 64.38 -0.82 6.24
C GLN C 221 64.22 0.28 7.25
N ILE C 222 63.63 1.36 6.78
CA ILE C 222 63.41 2.59 7.50
C ILE C 222 62.35 2.22 8.51
N VAL C 223 61.25 1.66 8.03
CA VAL C 223 60.21 1.26 8.94
C VAL C 223 60.77 0.30 9.98
N ASP C 224 61.64 -0.60 9.55
CA ASP C 224 62.24 -1.57 10.47
C ASP C 224 63.14 -0.90 11.51
N HIS C 225 63.82 0.16 11.12
CA HIS C 225 64.57 1.00 12.03
C HIS C 225 63.70 1.87 12.96
N ILE C 226 62.77 2.64 12.43
CA ILE C 226 61.90 3.51 13.24
C ILE C 226 60.92 2.72 14.10
N GLN C 227 60.47 1.58 13.60
CA GLN C 227 59.54 0.72 14.33
C GLN C 227 58.32 1.50 14.86
N PRO C 228 57.50 2.05 13.96
CA PRO C 228 56.37 2.83 14.42
C PRO C 228 55.31 1.95 15.02
N VAL C 229 54.53 2.48 15.94
CA VAL C 229 53.47 1.71 16.59
C VAL C 229 52.15 2.06 15.90
N LYS C 230 51.59 1.10 15.19
CA LYS C 230 50.36 1.33 14.45
C LYS C 230 49.17 1.32 15.36
N GLN C 231 48.12 2.00 14.95
CA GLN C 231 46.86 1.90 15.66
C GLN C 231 46.16 0.62 15.23
N GLU C 232 45.44 0.03 16.17
CA GLU C 232 44.89 -1.30 16.02
C GLU C 232 43.49 -1.23 15.42
N PHE C 233 43.35 -1.66 14.16
CA PHE C 233 42.04 -1.73 13.51
C PHE C 233 41.40 -3.10 13.68
N ILE C 234 40.41 -3.21 14.57
CA ILE C 234 39.68 -4.48 14.76
C ILE C 234 38.47 -4.55 13.82
N PRO C 235 38.58 -5.36 12.75
CA PRO C 235 37.43 -5.43 11.85
C PRO C 235 36.39 -6.36 12.46
N ALA C 236 35.14 -5.95 12.48
CA ALA C 236 34.05 -6.74 13.04
C ALA C 236 33.74 -7.96 12.19
N GLU C 237 33.39 -9.07 12.83
CA GLU C 237 33.04 -10.27 12.07
C GLU C 237 31.53 -10.38 12.00
N ARG C 238 31.06 -10.64 10.79
CA ARG C 238 29.64 -10.72 10.54
C ARG C 238 28.97 -11.83 11.33
N ASP C 239 27.79 -11.49 11.85
CA ASP C 239 26.91 -12.43 12.51
C ASP C 239 26.40 -13.43 11.47
N GLU C 240 26.99 -14.62 11.46
CA GLU C 240 26.60 -15.70 10.53
C GLU C 240 25.10 -15.83 10.41
N ALA C 241 24.41 -15.77 11.55
CA ALA C 241 22.96 -15.96 11.62
C ALA C 241 22.17 -14.79 11.01
N LEU C 242 22.57 -13.55 11.33
CA LEU C 242 21.88 -12.39 10.79
C LEU C 242 22.04 -12.34 9.27
N VAL C 243 23.26 -12.54 8.78
CA VAL C 243 23.49 -12.70 7.35
C VAL C 243 22.48 -13.69 6.80
N GLU C 244 22.34 -14.83 7.46
CA GLU C 244 21.47 -15.90 6.97
C GLU C 244 20.01 -15.45 6.83
N ARG C 245 19.46 -14.82 7.87
CA ARG C 245 18.12 -14.22 7.79
C ARG C 245 17.99 -13.27 6.61
N VAL C 246 18.89 -12.29 6.54
CA VAL C 246 18.87 -11.29 5.47
C VAL C 246 19.02 -11.94 4.10
N LYS C 247 19.92 -12.92 4.01
CA LYS C 247 20.14 -13.65 2.75
C LYS C 247 18.92 -14.46 2.30
N SER C 248 17.96 -14.68 3.19
CA SER C 248 16.73 -15.40 2.83
C SER C 248 15.69 -14.41 2.30
N LEU C 249 15.50 -13.32 3.04
CA LEU C 249 14.58 -12.27 2.61
C LEU C 249 15.01 -11.66 1.28
N THR C 250 16.28 -11.90 0.92
CA THR C 250 16.83 -11.41 -0.32
C THR C 250 16.54 -12.41 -1.45
N GLU C 251 16.62 -13.70 -1.12
CA GLU C 251 16.34 -14.77 -2.08
C GLU C 251 14.86 -14.88 -2.42
N GLU C 252 14.00 -14.62 -1.42
CA GLU C 252 12.56 -14.70 -1.63
C GLU C 252 12.09 -13.57 -2.54
N LYS C 253 12.69 -12.39 -2.41
CA LYS C 253 12.28 -11.23 -3.20
C LYS C 253 13.03 -11.13 -4.54
N GLY C 254 13.62 -12.23 -4.99
CA GLY C 254 14.22 -12.32 -6.32
C GLY C 254 15.34 -11.34 -6.59
N LEU C 255 16.34 -11.31 -5.71
CA LEU C 255 17.48 -10.40 -5.88
C LEU C 255 18.10 -10.61 -7.24
N LYS C 256 18.36 -11.87 -7.56
CA LYS C 256 19.00 -12.23 -8.83
C LYS C 256 18.31 -11.55 -10.02
N GLU C 257 16.98 -11.68 -10.08
CA GLU C 257 16.20 -11.15 -11.19
C GLU C 257 16.20 -9.62 -11.15
N THR C 258 16.11 -9.06 -9.95
CA THR C 258 16.23 -7.60 -9.74
C THR C 258 17.52 -7.06 -10.35
N VAL C 259 18.64 -7.71 -10.03
CA VAL C 259 19.94 -7.31 -10.55
C VAL C 259 19.94 -7.28 -12.06
N LEU C 260 19.21 -8.22 -12.67
CA LEU C 260 19.22 -8.39 -14.11
C LEU C 260 18.31 -7.44 -14.91
N THR C 261 17.54 -6.60 -14.20
CA THR C 261 16.92 -5.42 -14.81
C THR C 261 17.87 -4.76 -15.82
N PHE C 262 17.36 -4.46 -17.02
CA PHE C 262 18.22 -3.99 -18.10
C PHE C 262 18.56 -2.52 -17.99
N ASP C 263 17.57 -1.72 -17.60
CA ASP C 263 17.72 -0.27 -17.56
C ASP C 263 18.43 0.18 -16.28
N LYS C 264 19.42 1.07 -16.45
CA LYS C 264 20.26 1.50 -15.33
C LYS C 264 19.47 2.11 -14.16
N GLN C 265 18.72 3.16 -14.46
CA GLN C 265 17.96 3.86 -13.43
C GLN C 265 16.94 2.92 -12.81
N GLN C 266 16.31 2.08 -13.63
CA GLN C 266 15.33 1.14 -13.14
C GLN C 266 15.96 0.06 -12.27
N ARG C 267 17.16 -0.41 -12.64
CA ARG C 267 17.86 -1.39 -11.82
C ARG C 267 18.12 -0.82 -10.45
N ASP C 268 18.65 0.40 -10.42
CA ASP C 268 18.99 1.06 -9.14
C ASP C 268 17.74 1.33 -8.31
N GLU C 269 16.65 1.67 -8.98
CA GLU C 269 15.38 1.96 -8.30
C GLU C 269 14.85 0.70 -7.62
N ASN C 270 14.87 -0.43 -8.33
CA ASN C 270 14.36 -1.68 -7.80
C ASN C 270 15.22 -2.19 -6.65
N LEU C 271 16.54 -2.06 -6.79
CA LEU C 271 17.46 -2.50 -5.75
C LEU C 271 17.26 -1.67 -4.49
N ASP C 272 17.23 -0.35 -4.65
CA ASP C 272 16.91 0.53 -3.55
C ASP C 272 15.64 0.06 -2.87
N ASN C 273 14.57 -0.11 -3.66
CA ASN C 273 13.27 -0.59 -3.14
C ASN C 273 13.37 -1.95 -2.45
N LEU C 274 14.05 -2.90 -3.09
CA LEU C 274 14.25 -4.22 -2.50
C LEU C 274 14.89 -4.08 -1.12
N LYS C 275 16.01 -3.37 -1.05
CA LYS C 275 16.67 -3.10 0.23
C LYS C 275 15.69 -2.35 1.13
N GLU C 276 15.10 -1.28 0.56
CA GLU C 276 14.11 -0.45 1.26
C GLU C 276 13.05 -1.28 1.98
N GLU C 277 12.74 -2.47 1.47
CA GLU C 277 11.75 -3.35 2.11
C GLU C 277 12.38 -4.24 3.18
N ILE C 278 13.45 -4.95 2.83
CA ILE C 278 14.12 -5.87 3.76
C ILE C 278 14.45 -5.15 5.07
N VAL C 279 14.99 -3.94 4.95
CA VAL C 279 15.37 -3.14 6.12
C VAL C 279 14.20 -2.86 7.07
N ASN C 280 12.98 -2.76 6.53
CA ASN C 280 11.78 -2.41 7.34
C ASN C 280 11.30 -3.53 8.24
N GLU C 281 12.00 -4.66 8.24
CA GLU C 281 11.59 -5.84 8.99
C GLU C 281 11.53 -5.72 10.52
N PHE C 282 12.62 -5.43 11.25
CA PHE C 282 13.94 -5.05 10.73
C PHE C 282 14.96 -6.16 10.96
N GLU C 291 19.03 3.58 14.00
CA GLU C 291 19.28 2.47 14.91
C GLU C 291 20.49 1.65 14.45
N LEU C 292 21.28 1.19 15.40
CA LEU C 292 22.54 0.51 15.11
C LEU C 292 22.35 -0.81 14.35
N LEU C 293 21.24 -1.51 14.59
CA LEU C 293 20.94 -2.75 13.86
C LEU C 293 20.68 -2.48 12.37
N ILE C 294 20.19 -1.30 12.06
CA ILE C 294 19.86 -0.93 10.68
C ILE C 294 21.13 -0.80 9.86
N LYS C 295 22.10 -0.07 10.40
CA LYS C 295 23.41 0.09 9.79
C LYS C 295 23.96 -1.24 9.30
N GLU C 296 23.81 -2.27 10.13
CA GLU C 296 24.28 -3.62 9.79
C GLU C 296 23.53 -4.19 8.59
N VAL C 297 22.19 -4.18 8.66
CA VAL C 297 21.38 -4.75 7.59
C VAL C 297 21.69 -4.10 6.24
N TYR C 298 21.82 -2.79 6.21
CA TYR C 298 22.21 -2.11 4.99
C TYR C 298 23.54 -2.61 4.48
N ALA C 299 24.51 -2.76 5.38
CA ALA C 299 25.83 -3.21 4.99
C ALA C 299 25.78 -4.65 4.49
N ILE C 300 25.02 -5.50 5.16
CA ILE C 300 24.87 -6.89 4.75
C ILE C 300 24.23 -6.95 3.36
N LEU C 301 23.21 -6.11 3.16
CA LEU C 301 22.54 -6.03 1.87
C LEU C 301 23.48 -5.65 0.74
N ASN C 302 24.34 -4.68 0.98
CA ASN C 302 25.26 -4.22 -0.05
C ASN C 302 26.23 -5.30 -0.49
N GLU C 303 26.65 -6.15 0.45
CA GLU C 303 27.57 -7.23 0.16
C GLU C 303 26.87 -8.36 -0.57
N LEU C 304 25.63 -8.62 -0.18
CA LEU C 304 24.79 -9.60 -0.88
C LEU C 304 24.53 -9.16 -2.32
N VAL C 305 24.25 -7.88 -2.53
CA VAL C 305 24.14 -7.36 -3.90
C VAL C 305 25.47 -7.58 -4.59
N LYS C 306 26.54 -7.15 -3.94
CA LYS C 306 27.89 -7.28 -4.50
C LYS C 306 28.17 -8.71 -4.92
N GLU C 307 27.82 -9.67 -4.06
CA GLU C 307 28.09 -11.08 -4.31
C GLU C 307 27.28 -11.58 -5.50
N GLU C 308 25.98 -11.29 -5.51
CA GLU C 308 25.13 -11.71 -6.61
C GLU C 308 25.70 -11.27 -7.95
N VAL C 309 26.09 -10.01 -8.07
CA VAL C 309 26.65 -9.52 -9.31
C VAL C 309 27.91 -10.29 -9.66
N ARG C 310 28.77 -10.51 -8.68
CA ARG C 310 30.06 -11.14 -8.93
C ARG C 310 29.85 -12.61 -9.31
N ARG C 311 28.94 -13.28 -8.60
CA ARG C 311 28.61 -14.66 -8.87
C ARG C 311 28.09 -14.84 -10.30
N LEU C 312 27.10 -14.04 -10.69
CA LEU C 312 26.53 -14.08 -12.05
C LEU C 312 27.59 -14.06 -13.12
N ILE C 313 28.67 -13.33 -12.88
CA ILE C 313 29.73 -13.14 -13.88
C ILE C 313 30.68 -14.31 -13.93
N ALA C 314 31.23 -14.69 -12.77
CA ALA C 314 32.15 -15.83 -12.69
C ALA C 314 31.46 -17.14 -13.07
N ASP C 315 30.26 -17.38 -12.55
CA ASP C 315 29.57 -18.67 -12.71
C ASP C 315 28.68 -18.75 -13.94
N GLU C 316 27.85 -17.73 -14.19
CA GLU C 316 26.93 -17.80 -15.33
C GLU C 316 27.42 -17.01 -16.55
N LYS C 317 28.55 -16.33 -16.42
CA LYS C 317 29.13 -15.53 -17.51
C LYS C 317 28.16 -14.50 -18.11
N ILE C 318 27.26 -13.97 -17.28
CA ILE C 318 26.41 -12.87 -17.73
C ILE C 318 26.41 -11.68 -16.76
N ARG C 319 26.60 -10.51 -17.35
CA ARG C 319 26.69 -9.26 -16.63
C ARG C 319 25.28 -8.73 -16.38
N PRO C 320 25.12 -7.76 -15.47
CA PRO C 320 23.74 -7.46 -15.04
C PRO C 320 22.85 -6.77 -16.09
N ASP C 321 23.42 -6.28 -17.19
CA ASP C 321 22.61 -5.89 -18.34
C ASP C 321 22.51 -7.02 -19.41
N GLY C 322 22.76 -8.26 -18.98
CA GLY C 322 22.68 -9.42 -19.85
C GLY C 322 23.85 -9.64 -20.81
N ARG C 323 24.86 -8.79 -20.81
CA ARG C 323 26.03 -9.03 -21.68
C ARG C 323 26.91 -10.13 -21.15
N LYS C 324 27.81 -10.55 -22.04
CA LYS C 324 28.88 -11.48 -21.77
C LYS C 324 30.20 -10.72 -21.62
N PRO C 325 31.19 -11.33 -20.93
CA PRO C 325 32.38 -10.63 -20.50
C PRO C 325 33.10 -9.89 -21.61
N ASP C 326 33.00 -10.37 -22.85
CA ASP C 326 33.69 -9.70 -23.95
C ASP C 326 32.81 -8.81 -24.86
N GLU C 327 31.50 -8.70 -24.61
CA GLU C 327 30.73 -7.86 -25.51
C GLU C 327 30.66 -6.41 -25.04
N ILE C 328 30.94 -5.54 -26.00
CA ILE C 328 30.78 -4.11 -25.95
C ILE C 328 29.30 -3.72 -26.10
N ARG C 329 28.92 -2.62 -25.46
CA ARG C 329 27.53 -2.12 -25.56
C ARG C 329 27.21 -1.62 -26.97
N PRO C 330 25.91 -1.52 -27.30
CA PRO C 330 25.51 -1.06 -28.65
C PRO C 330 26.02 0.35 -28.91
N LEU C 331 26.42 0.61 -30.13
CA LEU C 331 27.10 1.82 -30.49
C LEU C 331 26.30 2.62 -31.50
N ASP C 332 26.33 3.94 -31.35
CA ASP C 332 25.75 4.85 -32.33
C ASP C 332 26.60 6.10 -32.41
N SER C 333 26.73 6.67 -33.60
CA SER C 333 27.49 7.88 -33.72
C SER C 333 27.00 8.72 -34.89
N GLU C 334 27.40 9.98 -34.88
CA GLU C 334 26.92 11.00 -35.79
C GLU C 334 27.96 12.06 -35.84
N VAL C 335 28.05 12.73 -36.96
CA VAL C 335 28.99 13.80 -37.12
C VAL C 335 28.25 15.04 -37.69
N GLY C 336 28.82 16.23 -37.47
CA GLY C 336 28.30 17.48 -38.06
C GLY C 336 26.93 17.90 -37.56
N ILE C 337 26.62 17.61 -36.31
CA ILE C 337 25.29 17.89 -35.81
C ILE C 337 25.07 19.36 -35.38
N LEU C 338 26.13 20.18 -35.39
CA LEU C 338 26.02 21.56 -34.98
C LEU C 338 26.42 22.43 -36.14
N PRO C 339 25.52 23.38 -36.52
CA PRO C 339 25.65 24.04 -37.81
C PRO C 339 26.96 24.80 -37.93
N ARG C 340 27.21 25.69 -36.96
CA ARG C 340 28.23 26.73 -37.12
C ARG C 340 29.62 26.35 -36.62
N THR C 341 29.74 25.24 -35.91
CA THR C 341 31.02 24.85 -35.32
C THR C 341 31.88 24.17 -36.37
N HIS C 342 33.20 24.29 -36.23
CA HIS C 342 34.12 23.74 -37.23
C HIS C 342 34.05 22.22 -37.34
N GLY C 343 33.70 21.57 -36.24
CA GLY C 343 33.63 20.12 -36.19
C GLY C 343 32.82 19.68 -34.99
N SER C 344 32.17 18.53 -35.11
CA SER C 344 31.14 18.15 -34.19
C SER C 344 30.94 16.65 -34.25
N GLY C 345 30.95 15.98 -33.09
CA GLY C 345 30.74 14.54 -33.07
C GLY C 345 29.93 14.06 -31.89
N LEU C 346 29.03 13.12 -32.13
CA LEU C 346 28.19 12.57 -31.08
C LEU C 346 28.46 11.08 -31.03
N PHE C 347 28.75 10.57 -29.85
CA PHE C 347 29.12 9.16 -29.72
C PHE C 347 28.38 8.54 -28.57
N THR C 348 27.69 7.45 -28.85
CA THR C 348 26.83 6.81 -27.86
C THR C 348 27.19 5.31 -27.78
N ARG C 349 27.43 4.87 -26.57
CA ARG C 349 27.75 3.51 -26.28
C ARG C 349 26.93 3.15 -25.06
N GLY C 350 25.90 2.34 -25.23
CA GLY C 350 24.93 2.04 -24.17
C GLY C 350 24.28 3.30 -23.62
N GLN C 351 24.06 3.35 -22.31
CA GLN C 351 23.51 4.55 -21.61
C GLN C 351 24.59 5.62 -21.29
N THR C 352 25.71 5.59 -22.02
CA THR C 352 26.72 6.62 -21.91
C THR C 352 26.84 7.31 -23.24
N GLN C 353 26.92 8.64 -23.20
CA GLN C 353 26.81 9.45 -24.40
C GLN C 353 27.59 10.74 -24.25
N ALA C 354 28.31 11.10 -25.32
CA ALA C 354 29.12 12.28 -25.30
C ALA C 354 29.05 13.01 -26.60
N LEU C 355 29.08 14.33 -26.50
CA LEU C 355 29.04 15.22 -27.62
C LEU C 355 30.31 16.04 -27.54
N SER C 356 31.11 16.00 -28.61
CA SER C 356 32.37 16.69 -28.63
C SER C 356 32.35 17.71 -29.74
N VAL C 357 32.89 18.89 -29.46
CA VAL C 357 32.81 20.03 -30.36
C VAL C 357 34.16 20.64 -30.52
N LEU C 358 34.50 21.01 -31.74
CA LEU C 358 35.84 21.46 -32.04
C LEU C 358 35.85 22.86 -32.64
N THR C 359 36.73 23.71 -32.13
CA THR C 359 36.94 25.04 -32.67
C THR C 359 38.38 25.20 -33.16
N LEU C 360 38.54 25.81 -34.33
CA LEU C 360 39.86 26.12 -34.88
C LEU C 360 40.18 27.57 -34.63
N GLY C 361 41.46 27.92 -34.64
CA GLY C 361 41.89 29.29 -34.34
C GLY C 361 43.17 29.63 -35.05
N ALA C 362 43.60 30.89 -34.93
CA ALA C 362 44.72 31.41 -35.71
C ALA C 362 46.09 30.84 -35.32
N LEU C 363 46.58 31.18 -34.13
CA LEU C 363 47.89 30.71 -33.60
C LEU C 363 48.49 31.71 -32.60
N LYS C 378 48.87 24.40 -25.18
CA LYS C 378 48.36 25.62 -25.81
C LYS C 378 47.78 25.36 -27.21
N ARG C 379 48.61 24.89 -28.14
CA ARG C 379 48.18 24.66 -29.52
C ARG C 379 47.02 23.67 -29.68
N PHE C 380 46.93 22.70 -28.78
CA PHE C 380 45.84 21.74 -28.78
C PHE C 380 45.39 21.51 -27.36
N MET C 381 44.09 21.57 -27.09
CA MET C 381 43.60 21.17 -25.78
C MET C 381 42.22 20.57 -25.86
N HIS C 382 41.88 19.81 -24.83
CA HIS C 382 40.64 19.07 -24.77
C HIS C 382 40.08 19.27 -23.37
N HIS C 383 38.83 19.72 -23.26
CA HIS C 383 38.19 19.81 -21.96
C HIS C 383 37.03 18.85 -21.85
N TYR C 384 36.62 18.58 -20.63
CA TYR C 384 35.57 17.62 -20.37
C TYR C 384 34.61 18.21 -19.34
N ASN C 385 33.31 18.19 -19.63
CA ASN C 385 32.28 18.70 -18.73
C ASN C 385 31.27 17.60 -18.43
N PHE C 386 30.88 17.47 -17.16
CA PHE C 386 30.00 16.38 -16.67
C PHE C 386 28.80 16.96 -15.89
N PRO C 387 27.70 17.29 -16.58
CA PRO C 387 26.59 17.88 -15.84
C PRO C 387 25.81 16.84 -15.07
N ASN C 388 25.11 17.28 -14.05
CA ASN C 388 24.36 16.39 -13.18
C ASN C 388 23.20 15.66 -13.87
N PHE C 389 22.64 16.28 -14.92
CA PHE C 389 21.51 15.67 -15.61
C PHE C 389 21.95 14.38 -16.32
N SER C 390 23.23 14.33 -16.71
CA SER C 390 23.81 13.13 -17.33
C SER C 390 23.57 11.84 -16.54
N VAL C 391 23.28 11.94 -15.25
CA VAL C 391 23.01 10.78 -14.43
C VAL C 391 21.66 10.90 -13.78
N GLY C 392 20.82 11.76 -14.33
CA GLY C 392 19.47 11.97 -13.80
C GLY C 392 19.45 12.61 -12.43
N GLU C 393 20.44 13.46 -12.15
CA GLU C 393 20.58 14.08 -10.82
C GLU C 393 20.34 15.58 -10.85
N THR C 394 19.95 16.10 -9.69
CA THR C 394 19.87 17.53 -9.45
C THR C 394 21.01 17.93 -8.53
N GLY C 395 21.44 19.18 -8.64
CA GLY C 395 22.49 19.69 -7.76
C GLY C 395 23.07 21.01 -8.24
N PRO C 396 23.95 21.62 -7.43
CA PRO C 396 24.48 22.92 -7.78
C PRO C 396 25.54 22.81 -8.88
N VAL C 397 25.60 23.79 -9.76
CA VAL C 397 26.56 23.77 -10.83
C VAL C 397 27.82 24.48 -10.35
N ARG C 398 28.98 23.90 -10.64
CA ARG C 398 30.23 24.41 -10.10
C ARG C 398 31.27 24.65 -11.16
N ALA C 399 32.41 25.16 -10.71
CA ALA C 399 33.59 25.22 -11.56
C ALA C 399 34.07 23.78 -11.80
N PRO C 400 34.88 23.56 -12.85
CA PRO C 400 35.36 22.20 -13.12
C PRO C 400 35.94 21.53 -11.86
N GLY C 401 35.38 20.41 -11.46
CA GLY C 401 35.91 19.62 -10.35
C GLY C 401 37.19 18.87 -10.71
N ARG C 402 37.66 18.08 -9.74
CA ARG C 402 38.90 17.30 -9.88
C ARG C 402 38.78 16.20 -10.97
N ARG C 403 37.71 15.41 -10.85
CA ARG C 403 37.38 14.38 -11.82
C ARG C 403 37.28 14.90 -13.25
N GLU C 404 36.58 16.01 -13.43
CA GLU C 404 36.42 16.61 -14.73
C GLU C 404 37.73 17.06 -15.30
N ILE C 405 38.60 17.59 -14.45
CA ILE C 405 39.97 17.97 -14.84
C ILE C 405 40.82 16.72 -15.22
N GLY C 406 40.66 15.64 -14.46
CA GLY C 406 41.33 14.37 -14.78
C GLY C 406 40.93 13.91 -16.16
N HIS C 407 39.64 13.65 -16.35
CA HIS C 407 39.16 13.09 -17.63
C HIS C 407 39.47 13.95 -18.83
N GLY C 408 39.47 15.27 -18.64
CA GLY C 408 39.83 16.17 -19.72
C GLY C 408 41.25 15.94 -20.17
N ALA C 409 42.15 15.86 -19.21
CA ALA C 409 43.56 15.66 -19.52
C ALA C 409 43.86 14.26 -20.08
N LEU C 410 43.18 13.24 -19.56
CA LEU C 410 43.26 11.89 -20.11
C LEU C 410 42.89 11.88 -21.59
N GLY C 411 41.78 12.55 -21.89
CA GLY C 411 41.35 12.74 -23.25
C GLY C 411 42.40 13.42 -24.08
N GLU C 412 42.88 14.55 -23.58
CA GLU C 412 43.90 15.32 -24.30
C GLU C 412 45.15 14.49 -24.53
N ARG C 413 45.47 13.63 -23.56
CA ARG C 413 46.68 12.81 -23.66
C ARG C 413 46.52 11.77 -24.76
N ALA C 414 45.41 11.04 -24.72
CA ALA C 414 45.10 10.04 -25.77
C ALA C 414 45.16 10.58 -27.20
N LEU C 415 44.85 11.87 -27.37
CA LEU C 415 44.66 12.48 -28.68
C LEU C 415 45.85 13.23 -29.23
N LYS C 416 46.67 13.81 -28.35
CA LYS C 416 47.72 14.71 -28.83
C LYS C 416 48.69 14.01 -29.76
N TYR C 417 48.91 12.72 -29.55
CA TYR C 417 49.87 11.96 -30.40
C TYR C 417 49.47 11.90 -31.87
N ILE C 418 48.16 11.95 -32.16
CA ILE C 418 47.67 11.87 -33.56
C ILE C 418 47.36 13.22 -34.19
N ILE C 419 47.62 14.31 -33.47
CA ILE C 419 47.33 15.64 -34.00
C ILE C 419 48.46 16.12 -34.88
N PRO C 420 48.13 16.74 -36.03
CA PRO C 420 49.18 17.06 -36.98
C PRO C 420 50.24 18.00 -36.48
N ASP C 421 51.34 18.03 -37.20
CA ASP C 421 52.41 18.94 -36.91
C ASP C 421 51.90 20.33 -37.24
N THR C 422 52.29 21.30 -36.43
CA THR C 422 51.92 22.69 -36.66
C THR C 422 52.39 23.18 -38.03
N ALA C 423 53.43 22.52 -38.55
CA ALA C 423 54.04 22.88 -39.82
C ALA C 423 53.10 22.70 -41.01
N ASP C 424 52.39 21.57 -41.07
CA ASP C 424 51.47 21.32 -42.18
C ASP C 424 50.00 21.60 -41.84
N PHE C 425 49.74 22.11 -40.63
CA PHE C 425 48.38 22.51 -40.22
C PHE C 425 48.41 23.62 -39.16
N PRO C 426 48.67 24.88 -39.58
CA PRO C 426 48.83 26.01 -38.67
C PRO C 426 47.53 26.57 -38.08
N TYR C 427 46.91 25.81 -37.19
CA TYR C 427 45.75 26.29 -36.46
C TYR C 427 45.79 25.76 -35.04
N THR C 428 45.19 26.50 -34.13
CA THR C 428 44.97 26.01 -32.79
C THR C 428 43.73 25.14 -32.84
N ILE C 429 43.66 24.16 -31.93
CA ILE C 429 42.56 23.24 -31.88
C ILE C 429 42.10 23.11 -30.45
N ARG C 430 40.84 23.45 -30.20
CA ARG C 430 40.22 23.27 -28.90
C ARG C 430 39.11 22.31 -29.12
N ILE C 431 38.93 21.36 -28.23
CA ILE C 431 37.82 20.47 -28.26
C ILE C 431 37.22 20.44 -26.87
N VAL C 432 35.89 20.46 -26.81
CA VAL C 432 35.19 20.42 -25.55
C VAL C 432 34.24 19.26 -25.68
N SER C 433 34.15 18.42 -24.65
CA SER C 433 33.30 17.25 -24.69
C SER C 433 32.29 17.35 -23.57
N GLU C 434 31.01 17.18 -23.92
CA GLU C 434 29.95 17.21 -22.96
C GLU C 434 29.36 15.83 -22.79
N VAL C 435 29.25 15.42 -21.56
CA VAL C 435 28.67 14.14 -21.26
C VAL C 435 27.17 14.34 -21.02
N LEU C 436 26.36 13.85 -21.96
CA LEU C 436 24.92 14.06 -21.90
C LEU C 436 24.26 12.94 -21.14
N GLU C 437 24.89 11.78 -21.17
CA GLU C 437 24.45 10.65 -20.34
C GLU C 437 25.66 9.86 -19.92
N SER C 438 25.51 9.13 -18.84
CA SER C 438 26.63 8.43 -18.30
C SER C 438 26.27 7.20 -17.52
N ASN C 439 26.88 6.09 -17.91
CA ASN C 439 26.86 4.86 -17.16
C ASN C 439 28.19 4.10 -17.21
N GLY C 440 29.08 4.52 -18.09
CA GLY C 440 30.23 3.70 -18.40
C GLY C 440 31.53 4.42 -18.37
N SER C 441 32.01 4.83 -19.52
CA SER C 441 33.21 5.59 -19.52
C SER C 441 33.06 6.74 -20.47
N SER C 442 32.50 7.78 -19.86
CA SER C 442 32.45 9.12 -20.36
C SER C 442 33.76 9.52 -20.93
N SER C 443 34.84 9.26 -20.19
CA SER C 443 36.17 9.73 -20.63
C SER C 443 36.52 9.07 -21.94
N GLN C 444 36.21 7.79 -22.05
CA GLN C 444 36.56 7.05 -23.28
C GLN C 444 35.62 7.50 -24.41
N ALA C 445 34.33 7.57 -24.10
CA ALA C 445 33.35 8.13 -25.06
C ALA C 445 33.75 9.48 -25.61
N SER C 446 34.36 10.33 -24.77
CA SER C 446 34.80 11.65 -25.20
C SER C 446 35.95 11.58 -26.15
N ILE C 447 36.84 10.62 -25.95
CA ILE C 447 37.92 10.39 -26.91
C ILE C 447 37.33 9.96 -28.27
N CYS C 448 36.35 9.08 -28.26
CA CYS C 448 35.70 8.67 -29.51
C CYS C 448 34.99 9.85 -30.14
N GLY C 449 34.22 10.59 -29.33
CA GLY C 449 33.59 11.81 -29.79
C GLY C 449 34.55 12.77 -30.46
N SER C 450 35.72 12.94 -29.86
CA SER C 450 36.64 13.98 -30.30
C SER C 450 37.28 13.58 -31.58
N THR C 451 37.52 12.28 -31.73
CA THR C 451 38.08 11.76 -32.97
C THR C 451 37.09 12.04 -34.12
N LEU C 452 35.81 11.78 -33.84
CA LEU C 452 34.76 12.13 -34.82
C LEU C 452 34.79 13.60 -35.18
N ALA C 453 34.87 14.47 -34.18
CA ALA C 453 34.89 15.90 -34.41
C ALA C 453 36.09 16.36 -35.24
N LEU C 454 37.24 15.76 -34.98
CA LEU C 454 38.47 16.08 -35.70
C LEU C 454 38.36 15.73 -37.19
N MET C 455 37.77 14.58 -37.47
CA MET C 455 37.54 14.17 -38.85
C MET C 455 36.49 15.06 -39.52
N ASP C 456 35.35 15.22 -38.85
CA ASP C 456 34.33 16.20 -39.24
C ASP C 456 34.96 17.52 -39.65
N ALA C 457 35.89 18.01 -38.84
CA ALA C 457 36.43 19.34 -39.03
C ALA C 457 37.45 19.38 -40.15
N GLY C 458 37.85 18.23 -40.65
CA GLY C 458 38.87 18.16 -41.71
C GLY C 458 40.30 18.33 -41.21
N VAL C 459 40.56 17.91 -39.98
CA VAL C 459 41.92 18.00 -39.45
C VAL C 459 42.71 16.80 -39.93
N PRO C 460 43.84 17.03 -40.62
CA PRO C 460 44.58 15.90 -41.18
C PRO C 460 45.34 15.16 -40.09
N ILE C 461 44.62 14.34 -39.34
CA ILE C 461 45.19 13.63 -38.21
C ILE C 461 45.91 12.34 -38.64
N LYS C 462 46.85 11.92 -37.80
CA LYS C 462 47.65 10.73 -38.06
C LYS C 462 46.77 9.50 -38.20
N ALA C 463 45.81 9.33 -37.30
CA ALA C 463 44.93 8.17 -37.34
C ALA C 463 43.84 8.31 -36.29
N PRO C 464 42.65 7.77 -36.56
CA PRO C 464 41.61 7.85 -35.54
C PRO C 464 42.05 7.21 -34.24
N VAL C 465 41.44 7.58 -33.13
CA VAL C 465 41.74 7.04 -31.83
C VAL C 465 40.45 6.67 -31.13
N ALA C 466 40.41 5.54 -30.45
CA ALA C 466 39.26 5.17 -29.67
C ALA C 466 39.77 4.59 -28.37
N GLY C 467 38.86 4.33 -27.45
CA GLY C 467 39.25 3.90 -26.14
C GLY C 467 38.13 3.15 -25.47
N ILE C 468 38.47 2.47 -24.39
CA ILE C 468 37.51 1.65 -23.72
C ILE C 468 38.01 1.44 -22.33
N ALA C 469 37.15 0.95 -21.46
CA ALA C 469 37.50 0.66 -20.11
C ALA C 469 37.25 -0.80 -19.74
N MET C 470 38.27 -1.46 -19.21
CA MET C 470 38.23 -2.89 -18.84
C MET C 470 37.97 -3.08 -17.36
N GLY C 471 37.30 -4.17 -17.03
CA GLY C 471 36.96 -4.48 -15.67
C GLY C 471 37.40 -5.88 -15.28
N LEU C 472 37.07 -6.29 -14.06
CA LEU C 472 37.66 -7.48 -13.50
C LEU C 472 36.83 -7.95 -12.31
N VAL C 473 36.51 -9.24 -12.31
CA VAL C 473 35.99 -9.90 -11.14
C VAL C 473 36.94 -11.06 -10.84
N THR C 474 37.45 -11.09 -9.60
CA THR C 474 38.30 -12.18 -9.14
C THR C 474 37.49 -13.00 -8.17
N ARG C 475 37.47 -14.29 -8.42
CA ARG C 475 37.10 -15.24 -7.40
C ARG C 475 38.38 -15.99 -7.14
N GLU C 476 38.47 -16.60 -5.97
CA GLU C 476 39.71 -17.31 -5.61
C GLU C 476 39.98 -18.51 -6.51
N ASP C 477 38.93 -19.09 -7.08
CA ASP C 477 39.09 -20.09 -8.13
C ASP C 477 39.71 -19.46 -9.37
N SER C 478 39.11 -18.38 -9.88
CA SER C 478 39.66 -17.71 -11.05
C SER C 478 39.08 -16.33 -11.26
N TYR C 479 39.55 -15.66 -12.32
CA TYR C 479 39.09 -14.33 -12.64
C TYR C 479 38.41 -14.26 -14.02
N THR C 480 37.51 -13.28 -14.17
CA THR C 480 36.96 -12.91 -15.46
C THR C 480 37.28 -11.45 -15.76
N ILE C 481 37.86 -11.20 -16.93
CA ILE C 481 37.99 -9.86 -17.43
C ILE C 481 36.74 -9.38 -18.21
N LEU C 482 36.28 -8.17 -17.87
CA LEU C 482 35.07 -7.57 -18.48
C LEU C 482 35.43 -6.46 -19.45
N THR C 483 34.79 -6.45 -20.60
CA THR C 483 35.01 -5.43 -21.62
C THR C 483 33.96 -4.32 -21.50
N ASP C 484 34.39 -3.08 -21.70
CA ASP C 484 33.47 -1.93 -21.73
C ASP C 484 32.55 -1.93 -20.51
N ILE C 485 33.09 -1.64 -19.33
CA ILE C 485 32.28 -1.81 -18.12
C ILE C 485 31.28 -0.68 -17.88
N GLN C 486 30.19 -1.02 -17.21
CA GLN C 486 29.24 -0.04 -16.75
C GLN C 486 29.51 0.32 -15.29
N GLY C 487 28.86 1.38 -14.82
CA GLY C 487 29.19 1.97 -13.52
C GLY C 487 29.21 0.98 -12.39
N MET C 488 28.17 0.18 -12.33
CA MET C 488 28.03 -0.86 -11.31
C MET C 488 29.21 -1.86 -11.31
N GLU C 489 29.83 -2.06 -12.47
CA GLU C 489 30.88 -3.06 -12.61
C GLU C 489 32.19 -2.49 -12.10
N ASP C 490 32.39 -1.19 -12.32
CA ASP C 490 33.49 -0.46 -11.70
C ASP C 490 33.30 -0.47 -10.19
N ALA C 491 32.09 -0.15 -9.76
CA ALA C 491 31.81 0.03 -8.34
C ALA C 491 31.91 -1.26 -7.56
N LEU C 492 31.45 -2.36 -8.15
CA LEU C 492 31.47 -3.67 -7.47
C LEU C 492 32.56 -4.59 -8.00
N GLY C 493 33.31 -4.11 -8.98
CA GLY C 493 34.42 -4.86 -9.54
C GLY C 493 35.74 -4.56 -8.87
N ASP C 494 36.81 -5.00 -9.51
CA ASP C 494 38.14 -4.98 -8.90
C ASP C 494 39.05 -3.99 -9.58
N MET C 495 38.70 -3.54 -10.78
CA MET C 495 39.51 -2.55 -11.46
C MET C 495 38.71 -1.74 -12.45
N ASP C 496 39.37 -0.69 -12.93
CA ASP C 496 38.86 0.21 -13.90
C ASP C 496 40.05 0.61 -14.74
N PHE C 497 40.19 -0.03 -15.90
CA PHE C 497 41.44 0.01 -16.63
C PHE C 497 41.19 0.55 -18.01
N LYS C 498 41.57 1.79 -18.24
CA LYS C 498 41.18 2.49 -19.42
C LYS C 498 42.32 2.49 -20.35
N VAL C 499 42.04 2.08 -21.60
CA VAL C 499 43.05 2.10 -22.63
C VAL C 499 42.49 2.74 -23.87
N ALA C 500 43.31 3.58 -24.50
CA ALA C 500 42.96 4.24 -25.70
C ALA C 500 44.16 4.24 -26.62
N GLY C 501 43.88 4.13 -27.93
CA GLY C 501 44.88 4.33 -28.94
C GLY C 501 44.36 4.10 -30.34
N THR C 502 45.30 3.96 -31.27
CA THR C 502 45.00 3.74 -32.66
C THR C 502 44.99 2.25 -33.00
N LYS C 503 44.85 1.94 -34.29
CA LYS C 503 44.90 0.56 -34.78
C LYS C 503 46.32 0.02 -34.70
N GLU C 504 47.30 0.89 -34.99
CA GLU C 504 48.73 0.64 -34.81
C GLU C 504 49.20 0.45 -33.34
N GLY C 505 48.60 1.14 -32.37
CA GLY C 505 48.98 0.93 -30.95
C GLY C 505 48.42 1.92 -29.91
N ILE C 506 48.91 1.81 -28.67
CA ILE C 506 48.38 2.53 -27.53
C ILE C 506 48.87 3.97 -27.46
N THR C 507 47.95 4.90 -27.17
CA THR C 507 48.33 6.31 -26.93
C THR C 507 48.13 6.77 -25.48
N ALA C 508 47.32 6.08 -24.69
CA ALA C 508 47.12 6.48 -23.32
C ALA C 508 46.46 5.41 -22.47
N ILE C 509 46.85 5.35 -21.20
CA ILE C 509 46.27 4.45 -20.22
C ILE C 509 46.04 5.20 -18.88
N GLN C 510 45.04 4.74 -18.14
CA GLN C 510 44.84 5.16 -16.76
C GLN C 510 44.11 4.03 -16.05
N MET C 511 44.70 3.53 -14.98
CA MET C 511 44.20 2.37 -14.29
C MET C 511 44.28 2.53 -12.79
N ASP C 512 43.18 2.18 -12.11
CA ASP C 512 43.20 2.02 -10.67
C ASP C 512 42.42 0.78 -10.30
N ILE C 513 42.59 0.32 -9.05
CA ILE C 513 42.06 -0.98 -8.65
C ILE C 513 41.50 -0.90 -7.25
N LYS C 514 40.79 -1.92 -6.85
CA LYS C 514 40.20 -1.97 -5.56
C LYS C 514 40.55 -3.24 -4.84
N ILE C 515 41.54 -3.93 -5.33
CA ILE C 515 42.12 -5.13 -4.68
C ILE C 515 43.61 -4.84 -4.46
N ASP C 516 44.31 -5.72 -3.74
CA ASP C 516 45.72 -5.43 -3.36
C ASP C 516 46.62 -5.26 -4.57
N GLY C 517 46.43 -6.04 -5.62
CA GLY C 517 47.31 -5.95 -6.77
C GLY C 517 46.85 -6.71 -8.00
N LEU C 518 47.46 -6.38 -9.14
CA LEU C 518 47.19 -7.05 -10.40
C LEU C 518 48.39 -7.86 -10.85
N THR C 519 48.17 -9.12 -11.21
CA THR C 519 49.25 -9.98 -11.72
C THR C 519 49.60 -9.60 -13.15
N ARG C 520 50.70 -10.11 -13.66
CA ARG C 520 51.17 -9.81 -15.01
C ARG C 520 50.29 -10.39 -16.12
N GLU C 521 49.72 -11.55 -15.85
CA GLU C 521 48.88 -12.15 -16.84
C GLU C 521 47.52 -11.50 -16.99
N ILE C 522 47.00 -10.96 -15.90
CA ILE C 522 45.77 -10.21 -15.92
C ILE C 522 45.92 -8.86 -16.65
N ILE C 523 47.06 -8.23 -16.57
CA ILE C 523 47.38 -6.98 -17.20
C ILE C 523 47.55 -7.20 -18.67
N GLU C 524 48.29 -8.23 -19.03
CA GLU C 524 48.53 -8.62 -20.42
C GLU C 524 47.24 -8.99 -21.14
N GLU C 525 46.37 -9.72 -20.44
CA GLU C 525 45.13 -10.16 -21.01
C GLU C 525 44.21 -8.96 -21.25
N ALA C 526 44.09 -8.12 -20.22
CA ALA C 526 43.35 -6.84 -20.30
C ALA C 526 43.80 -5.97 -21.47
N LEU C 527 45.11 -5.83 -21.65
CA LEU C 527 45.62 -5.01 -22.76
C LEU C 527 45.14 -5.60 -24.10
N GLU C 528 45.16 -6.92 -24.21
CA GLU C 528 44.85 -7.59 -25.47
C GLU C 528 43.36 -7.40 -25.78
N GLN C 529 42.55 -7.75 -24.80
CA GLN C 529 41.11 -7.65 -24.88
C GLN C 529 40.66 -6.18 -25.04
N ALA C 530 41.49 -5.24 -24.60
CA ALA C 530 41.22 -3.85 -24.84
C ALA C 530 41.63 -3.46 -26.24
N ARG C 531 42.65 -4.12 -26.78
CA ARG C 531 43.05 -3.92 -28.19
C ARG C 531 41.90 -4.35 -29.14
N ARG C 532 41.24 -5.45 -28.80
CA ARG C 532 40.15 -5.95 -29.58
C ARG C 532 38.99 -4.96 -29.52
N GLY C 533 38.53 -4.71 -28.29
CA GLY C 533 37.51 -3.72 -28.00
C GLY C 533 37.68 -2.43 -28.77
N ARG C 534 38.86 -1.83 -28.73
CA ARG C 534 39.02 -0.55 -29.39
C ARG C 534 38.85 -0.71 -30.89
N LEU C 535 39.33 -1.83 -31.41
CA LEU C 535 39.30 -2.10 -32.85
C LEU C 535 37.87 -2.20 -33.39
N GLU C 536 37.03 -2.92 -32.67
CA GLU C 536 35.60 -2.91 -32.91
C GLU C 536 35.06 -1.49 -33.02
N ILE C 537 35.43 -0.64 -32.04
CA ILE C 537 34.90 0.71 -31.95
C ILE C 537 35.38 1.57 -33.10
N MET C 538 36.67 1.51 -33.43
CA MET C 538 37.13 2.28 -34.58
C MET C 538 36.39 1.82 -35.83
N ASN C 539 36.00 0.56 -35.87
CA ASN C 539 35.37 0.01 -37.06
C ASN C 539 34.01 0.69 -37.29
N HIS C 540 33.15 0.63 -36.27
CA HIS C 540 31.93 1.43 -36.21
C HIS C 540 32.12 2.91 -36.54
N MET C 541 33.12 3.54 -35.90
CA MET C 541 33.36 4.97 -36.12
C MET C 541 33.61 5.29 -37.59
N LEU C 542 34.26 4.37 -38.30
CA LEU C 542 34.59 4.64 -39.70
C LEU C 542 33.39 4.48 -40.67
N GLN C 543 32.35 3.76 -40.24
CA GLN C 543 31.07 3.80 -40.95
C GLN C 543 30.51 5.20 -40.98
N THR C 544 30.66 5.94 -39.87
CA THR C 544 30.14 7.30 -39.75
C THR C 544 30.95 8.30 -40.57
N ILE C 545 32.27 8.21 -40.45
CA ILE C 545 33.15 9.05 -41.24
C ILE C 545 34.45 8.28 -41.37
N ASP C 546 34.90 8.10 -42.60
CA ASP C 546 35.98 7.16 -42.90
C ASP C 546 37.33 7.86 -43.13
N GLN C 547 37.32 9.19 -43.13
CA GLN C 547 38.55 9.98 -43.29
C GLN C 547 38.25 11.47 -43.03
N PRO C 548 39.29 12.28 -42.80
CA PRO C 548 39.10 13.73 -42.63
C PRO C 548 38.43 14.44 -43.82
N ARG C 549 37.33 15.13 -43.54
CA ARG C 549 36.59 15.97 -44.50
C ARG C 549 37.51 16.85 -45.38
N THR C 550 37.15 17.04 -46.66
CA THR C 550 37.84 17.98 -47.55
C THR C 550 36.98 19.13 -48.14
N GLU D 4 -37.69 6.62 22.75
CA GLU D 4 -37.95 6.93 21.36
C GLU D 4 -39.27 6.30 20.95
N LYS D 5 -40.05 5.93 21.94
CA LYS D 5 -41.21 5.05 21.85
C LYS D 5 -42.47 5.85 21.64
N LYS D 6 -43.25 5.48 20.64
CA LYS D 6 -44.46 6.22 20.29
C LYS D 6 -45.63 5.26 20.13
N VAL D 7 -46.72 5.55 20.83
CA VAL D 7 -47.89 4.70 20.88
C VAL D 7 -49.08 5.43 20.28
N PHE D 8 -49.74 4.80 19.32
CA PHE D 8 -50.90 5.36 18.63
C PHE D 8 -52.07 4.40 18.82
N LYS D 9 -53.23 4.94 19.12
CA LYS D 9 -54.32 4.09 19.61
C LYS D 9 -55.63 4.39 18.92
N THR D 10 -56.48 3.37 18.79
CA THR D 10 -57.81 3.55 18.21
C THR D 10 -58.72 2.37 18.55
N GLU D 11 -59.92 2.36 17.96
CA GLU D 11 -60.83 1.25 18.15
C GLU D 11 -61.02 0.54 16.83
N TRP D 12 -61.18 -0.78 16.92
CA TRP D 12 -61.36 -1.63 15.76
C TRP D 12 -62.40 -2.65 16.12
N ALA D 13 -63.62 -2.45 15.62
CA ALA D 13 -64.71 -3.37 15.83
C ALA D 13 -64.91 -3.75 17.28
N GLY D 14 -64.98 -2.75 18.14
CA GLY D 14 -65.34 -3.00 19.54
C GLY D 14 -64.21 -3.47 20.46
N ARG D 15 -62.97 -3.35 20.01
CA ARG D 15 -61.81 -3.64 20.86
C ARG D 15 -60.64 -2.77 20.43
N SER D 16 -59.67 -2.58 21.32
CA SER D 16 -58.67 -1.54 21.09
C SER D 16 -57.58 -2.02 20.15
N LEU D 17 -57.04 -1.08 19.39
CA LEU D 17 -55.98 -1.39 18.51
C LEU D 17 -54.89 -0.37 18.79
N THR D 18 -53.72 -0.88 19.19
CA THR D 18 -52.58 -0.04 19.47
C THR D 18 -51.44 -0.40 18.55
N ILE D 19 -50.76 0.62 18.05
CA ILE D 19 -49.58 0.43 17.24
C ILE D 19 -48.40 1.17 17.85
N GLU D 20 -47.33 0.44 18.20
CA GLU D 20 -46.12 1.03 18.81
C GLU D 20 -44.94 0.96 17.89
N THR D 21 -44.21 2.05 17.76
CA THR D 21 -42.96 2.00 17.05
C THR D 21 -41.87 2.75 17.83
N GLY D 22 -40.65 2.64 17.32
CA GLY D 22 -39.48 3.32 17.87
C GLY D 22 -38.74 2.58 18.99
N GLN D 23 -39.38 1.61 19.63
CA GLN D 23 -38.72 0.84 20.68
C GLN D 23 -38.07 -0.47 20.16
N LEU D 24 -38.84 -1.29 19.44
CA LEU D 24 -38.39 -2.64 19.01
C LEU D 24 -37.86 -2.78 17.60
N ALA D 25 -36.84 -3.64 17.45
CA ALA D 25 -36.37 -4.13 16.17
C ALA D 25 -35.93 -3.03 15.25
N LYS D 26 -35.10 -2.16 15.79
CA LYS D 26 -34.76 -0.89 15.14
C LYS D 26 -33.71 -0.97 14.07
N GLN D 27 -33.07 -2.13 13.92
CA GLN D 27 -32.18 -2.31 12.78
C GLN D 27 -32.93 -2.69 11.50
N ALA D 28 -34.12 -3.25 11.63
CA ALA D 28 -35.06 -3.35 10.49
C ALA D 28 -35.33 -1.98 9.85
N ASN D 29 -35.57 -1.93 8.54
CA ASN D 29 -35.83 -0.64 7.88
C ASN D 29 -37.04 0.02 8.50
N GLY D 30 -37.98 -0.80 8.95
CA GLY D 30 -39.10 -0.33 9.71
C GLY D 30 -39.68 -1.46 10.51
N ALA D 31 -40.32 -1.15 11.62
CA ALA D 31 -40.82 -2.17 12.52
C ALA D 31 -41.83 -1.57 13.45
N VAL D 32 -42.81 -2.37 13.83
CA VAL D 32 -43.96 -1.87 14.54
C VAL D 32 -44.46 -3.03 15.36
N LEU D 33 -45.11 -2.75 16.48
CA LEU D 33 -45.72 -3.77 17.34
C LEU D 33 -47.22 -3.47 17.36
N VAL D 34 -48.05 -4.51 17.25
CA VAL D 34 -49.49 -4.35 17.10
C VAL D 34 -50.16 -5.05 18.26
N ARG D 35 -50.98 -4.31 18.98
CA ARG D 35 -51.78 -4.90 20.02
C ARG D 35 -53.20 -4.68 19.57
N TYR D 36 -53.94 -5.78 19.47
CA TYR D 36 -55.32 -5.76 19.08
C TYR D 36 -56.00 -6.70 20.06
N GLY D 37 -56.79 -6.14 20.97
CA GLY D 37 -57.30 -6.92 22.10
C GLY D 37 -56.11 -7.55 22.79
N ASP D 38 -56.24 -8.81 23.18
CA ASP D 38 -55.10 -9.57 23.71
C ASP D 38 -54.15 -10.21 22.67
N THR D 39 -54.28 -9.83 21.40
CA THR D 39 -53.39 -10.32 20.36
C THR D 39 -52.26 -9.35 20.17
N VAL D 40 -51.03 -9.88 20.03
CA VAL D 40 -49.85 -9.07 19.84
C VAL D 40 -49.01 -9.66 18.73
N VAL D 41 -48.51 -8.80 17.85
CA VAL D 41 -47.80 -9.21 16.72
C VAL D 41 -46.72 -8.19 16.48
N LEU D 42 -45.49 -8.66 16.23
CA LEU D 42 -44.40 -7.81 15.85
C LEU D 42 -44.18 -8.02 14.37
N SER D 43 -44.11 -6.92 13.62
CA SER D 43 -44.00 -6.98 12.17
C SER D 43 -42.81 -6.16 11.76
N THR D 44 -42.04 -6.64 10.78
CA THR D 44 -40.85 -5.92 10.37
C THR D 44 -40.70 -5.95 8.87
N ALA D 45 -39.98 -4.99 8.35
CA ALA D 45 -39.76 -4.87 6.95
C ALA D 45 -38.33 -4.41 6.72
N THR D 46 -37.63 -5.16 5.88
CA THR D 46 -36.21 -5.00 5.69
C THR D 46 -35.96 -5.10 4.21
N ALA D 47 -35.07 -4.28 3.70
CA ALA D 47 -34.74 -4.30 2.29
C ALA D 47 -33.23 -4.48 2.09
N SER D 48 -32.85 -5.19 1.04
CA SER D 48 -31.44 -5.31 0.70
C SER D 48 -30.88 -3.92 0.49
N LYS D 49 -29.58 -3.81 0.60
CA LYS D 49 -28.91 -2.51 0.53
C LYS D 49 -28.98 -1.96 -0.90
N GLU D 50 -28.52 -2.76 -1.88
CA GLU D 50 -28.60 -2.42 -3.31
C GLU D 50 -29.65 -3.30 -4.00
N PRO D 51 -30.08 -2.95 -5.22
CA PRO D 51 -31.11 -3.77 -5.86
C PRO D 51 -30.54 -5.00 -6.56
N ARG D 52 -31.30 -6.08 -6.56
CA ARG D 52 -30.88 -7.31 -7.22
C ARG D 52 -30.87 -7.12 -8.73
N ASP D 53 -30.06 -7.92 -9.41
CA ASP D 53 -29.99 -7.92 -10.87
C ASP D 53 -31.15 -8.70 -11.48
N GLY D 54 -31.37 -8.50 -12.77
CA GLY D 54 -32.42 -9.21 -13.49
C GLY D 54 -33.75 -8.52 -13.32
N ASP D 55 -34.76 -9.04 -14.03
CA ASP D 55 -36.09 -8.44 -14.03
C ASP D 55 -37.03 -9.31 -13.22
N PHE D 56 -36.90 -9.20 -11.90
CA PHE D 56 -37.71 -9.97 -10.96
C PHE D 56 -37.61 -9.30 -9.60
N PHE D 57 -38.76 -9.07 -8.97
CA PHE D 57 -38.85 -8.37 -7.70
C PHE D 57 -38.94 -9.39 -6.57
N PRO D 58 -37.85 -9.58 -5.80
CA PRO D 58 -37.95 -10.55 -4.72
C PRO D 58 -38.61 -9.91 -3.53
N LEU D 59 -39.78 -10.43 -3.18
CA LEU D 59 -40.55 -9.94 -2.08
C LEU D 59 -40.94 -11.20 -1.39
N THR D 60 -40.74 -11.24 -0.08
CA THR D 60 -41.10 -12.39 0.71
C THR D 60 -41.81 -11.92 1.97
N VAL D 61 -42.78 -12.70 2.40
CA VAL D 61 -43.55 -12.41 3.57
C VAL D 61 -43.54 -13.68 4.38
N ASN D 62 -43.24 -13.56 5.67
CA ASN D 62 -43.34 -14.71 6.55
C ASN D 62 -44.26 -14.41 7.66
N TYR D 63 -44.77 -15.47 8.24
CA TYR D 63 -45.66 -15.33 9.34
C TYR D 63 -45.44 -16.55 10.16
N GLU D 64 -45.43 -16.36 11.47
CA GLU D 64 -45.17 -17.46 12.35
C GLU D 64 -45.80 -17.15 13.67
N GLU D 65 -46.47 -18.14 14.23
CA GLU D 65 -47.09 -18.03 15.51
C GLU D 65 -46.28 -18.83 16.51
N LYS D 66 -45.67 -18.14 17.46
CA LYS D 66 -44.86 -18.77 18.49
C LYS D 66 -45.64 -19.81 19.29
N MET D 67 -44.89 -20.76 19.83
CA MET D 67 -45.44 -21.83 20.67
C MET D 67 -46.10 -21.26 21.91
N TYR D 68 -45.49 -20.23 22.47
CA TYR D 68 -45.99 -19.64 23.69
C TYR D 68 -47.14 -18.67 23.45
N ALA D 69 -47.34 -18.27 22.19
CA ALA D 69 -48.42 -17.33 21.82
C ALA D 69 -49.83 -17.75 22.29
N ALA D 70 -50.02 -19.05 22.53
CA ALA D 70 -51.30 -19.55 23.03
C ALA D 70 -51.16 -20.00 24.48
N GLY D 85 -49.48 -27.97 9.76
CA GLY D 85 -49.01 -26.60 10.09
C GLY D 85 -48.95 -25.67 8.87
N ASP D 86 -49.98 -25.74 8.04
CA ASP D 86 -50.03 -25.01 6.76
C ASP D 86 -50.58 -23.60 6.93
N ASP D 87 -51.32 -23.38 8.03
CA ASP D 87 -52.00 -22.08 8.27
C ASP D 87 -51.07 -20.89 8.18
N ALA D 88 -49.86 -21.05 8.71
CA ALA D 88 -48.86 -19.98 8.66
C ALA D 88 -48.49 -19.65 7.24
N THR D 89 -48.43 -20.67 6.39
CA THR D 89 -48.09 -20.47 4.99
C THR D 89 -49.26 -19.79 4.27
N LEU D 90 -50.47 -20.24 4.58
CA LEU D 90 -51.67 -19.61 4.03
C LEU D 90 -51.72 -18.13 4.47
N THR D 91 -51.48 -17.88 5.76
CA THR D 91 -51.53 -16.51 6.27
C THR D 91 -50.49 -15.63 5.57
N ALA D 92 -49.29 -16.15 5.41
CA ALA D 92 -48.25 -15.36 4.79
C ALA D 92 -48.59 -15.05 3.34
N ARG D 93 -49.19 -16.02 2.63
CA ARG D 93 -49.66 -15.80 1.25
C ARG D 93 -50.77 -14.74 1.25
N LEU D 94 -51.68 -14.84 2.20
CA LEU D 94 -52.71 -13.82 2.38
C LEU D 94 -52.14 -12.41 2.45
N ILE D 95 -51.08 -12.20 3.24
CA ILE D 95 -50.53 -10.85 3.49
C ILE D 95 -49.74 -10.34 2.29
N ASP D 96 -49.02 -11.23 1.61
CA ASP D 96 -48.33 -10.89 0.35
C ASP D 96 -49.25 -10.19 -0.71
N ARG D 97 -50.46 -10.72 -0.87
CA ARG D 97 -51.36 -10.34 -1.97
C ARG D 97 -51.63 -8.84 -2.11
N PRO D 98 -52.14 -8.20 -1.06
CA PRO D 98 -52.41 -6.76 -1.23
C PRO D 98 -51.19 -5.90 -1.18
N ILE D 99 -50.06 -6.48 -0.75
CA ILE D 99 -48.85 -5.70 -0.58
C ILE D 99 -48.05 -5.70 -1.86
N ARG D 100 -48.02 -6.82 -2.55
CA ARG D 100 -47.14 -6.99 -3.71
C ARG D 100 -47.34 -5.96 -4.85
N PRO D 101 -48.59 -5.68 -5.24
CA PRO D 101 -48.69 -4.80 -6.42
C PRO D 101 -48.36 -3.33 -6.17
N LEU D 102 -48.09 -2.95 -4.92
CA LEU D 102 -47.95 -1.55 -4.56
C LEU D 102 -46.53 -1.05 -4.42
N PHE D 103 -45.65 -1.48 -5.32
CA PHE D 103 -44.28 -1.01 -5.33
C PHE D 103 -44.03 -0.36 -6.67
N PRO D 104 -43.19 0.67 -6.72
CA PRO D 104 -42.96 1.31 -8.01
C PRO D 104 -42.47 0.32 -9.07
N LYS D 105 -42.97 0.43 -10.29
CA LYS D 105 -42.63 -0.50 -11.36
C LYS D 105 -41.14 -0.42 -11.64
N GLY D 106 -40.49 -1.59 -11.70
CA GLY D 106 -39.04 -1.67 -11.88
C GLY D 106 -38.22 -1.66 -10.59
N TYR D 107 -38.89 -1.65 -9.45
CA TYR D 107 -38.23 -1.71 -8.15
C TYR D 107 -37.96 -3.17 -7.83
N LYS D 108 -36.68 -3.53 -7.75
CA LYS D 108 -36.25 -4.92 -7.64
C LYS D 108 -35.22 -5.11 -6.51
N HIS D 109 -35.47 -4.42 -5.39
CA HIS D 109 -34.75 -4.65 -4.14
C HIS D 109 -35.31 -5.88 -3.48
N ASP D 110 -34.48 -6.65 -2.78
CA ASP D 110 -35.01 -7.69 -1.92
C ASP D 110 -35.76 -6.98 -0.81
N VAL D 111 -36.98 -7.42 -0.56
CA VAL D 111 -37.74 -6.93 0.55
C VAL D 111 -38.27 -8.13 1.26
N GLN D 112 -38.05 -8.20 2.56
CA GLN D 112 -38.56 -9.28 3.33
C GLN D 112 -39.37 -8.69 4.44
N ILE D 113 -40.46 -9.36 4.76
CA ILE D 113 -41.39 -8.90 5.74
C ILE D 113 -41.67 -10.06 6.64
N MET D 114 -41.50 -9.85 7.95
CA MET D 114 -41.69 -10.91 8.91
C MET D 114 -42.78 -10.49 9.87
N ASN D 115 -43.53 -11.46 10.35
CA ASN D 115 -44.55 -11.26 11.32
C ASN D 115 -44.47 -12.33 12.37
N MET D 116 -44.43 -11.94 13.63
CA MET D 116 -44.32 -12.87 14.71
C MET D 116 -45.47 -12.64 15.63
N VAL D 117 -46.29 -13.65 15.78
CA VAL D 117 -47.41 -13.57 16.66
C VAL D 117 -46.87 -13.98 18.03
N LEU D 118 -46.67 -12.96 18.87
CA LEU D 118 -46.19 -13.17 20.23
C LEU D 118 -47.30 -13.54 21.17
N SER D 119 -48.51 -13.09 20.86
CA SER D 119 -49.67 -13.44 21.65
C SER D 119 -50.86 -13.48 20.75
N ALA D 120 -51.73 -14.47 20.94
CA ALA D 120 -52.81 -14.74 19.98
C ALA D 120 -54.13 -15.05 20.68
N ASP D 121 -55.05 -14.09 20.56
CA ASP D 121 -56.43 -14.23 21.00
C ASP D 121 -57.21 -14.56 19.75
N PRO D 122 -57.78 -15.76 19.67
CA PRO D 122 -58.41 -16.10 18.40
C PRO D 122 -59.64 -15.22 18.06
N ASP D 123 -60.21 -14.54 19.06
CA ASP D 123 -61.31 -13.58 18.83
C ASP D 123 -60.83 -12.25 18.24
N CYS D 124 -59.54 -11.97 18.32
CA CYS D 124 -58.95 -10.78 17.72
C CYS D 124 -57.89 -11.21 16.71
N SER D 125 -58.26 -11.21 15.44
CA SER D 125 -57.53 -11.93 14.38
C SER D 125 -56.04 -11.56 14.31
N PRO D 126 -55.17 -12.55 14.59
CA PRO D 126 -53.74 -12.32 14.40
C PRO D 126 -53.39 -12.11 12.94
N GLN D 127 -54.14 -12.77 12.05
CA GLN D 127 -53.91 -12.64 10.62
C GLN D 127 -54.13 -11.19 10.19
N MET D 128 -55.22 -10.59 10.67
CA MET D 128 -55.49 -9.17 10.36
C MET D 128 -54.55 -8.20 11.10
N ALA D 129 -54.26 -8.52 12.36
CA ALA D 129 -53.23 -7.70 13.09
C ALA D 129 -51.92 -7.64 12.34
N ALA D 130 -51.54 -8.76 11.74
CA ALA D 130 -50.26 -8.89 11.10
C ALA D 130 -50.24 -8.17 9.79
N MET D 131 -51.39 -8.23 9.14
CA MET D 131 -51.56 -7.57 7.87
C MET D 131 -51.41 -6.08 8.03
N ILE D 132 -52.04 -5.53 9.07
CA ILE D 132 -51.87 -4.09 9.33
C ILE D 132 -50.46 -3.83 9.85
N GLY D 133 -49.98 -4.71 10.74
CA GLY D 133 -48.56 -4.66 11.15
C GLY D 133 -47.60 -4.48 9.99
N SER D 134 -47.77 -5.32 8.96
CA SER D 134 -46.89 -5.35 7.80
C SER D 134 -46.97 -4.08 7.01
N SER D 135 -48.19 -3.59 6.79
CA SER D 135 -48.40 -2.26 6.16
C SER D 135 -47.71 -1.13 6.95
N MET D 136 -47.94 -1.11 8.26
CA MET D 136 -47.28 -0.10 9.11
C MET D 136 -45.75 -0.15 9.04
N ALA D 137 -45.18 -1.37 9.14
CA ALA D 137 -43.75 -1.50 9.14
C ALA D 137 -43.16 -0.93 7.85
N LEU D 138 -43.77 -1.25 6.72
CA LEU D 138 -43.35 -0.64 5.44
C LEU D 138 -43.60 0.88 5.40
N SER D 139 -44.68 1.34 6.02
CA SER D 139 -45.05 2.74 5.93
C SER D 139 -44.10 3.64 6.73
N VAL D 140 -43.67 3.18 7.90
CA VAL D 140 -42.65 3.91 8.67
C VAL D 140 -41.24 3.74 8.12
N SER D 141 -41.02 2.71 7.30
CA SER D 141 -39.69 2.43 6.76
C SER D 141 -39.32 3.47 5.72
N ASP D 142 -38.11 3.37 5.19
CA ASP D 142 -37.71 4.20 4.05
C ASP D 142 -37.99 3.46 2.73
N ILE D 143 -38.70 2.34 2.79
CA ILE D 143 -38.99 1.55 1.58
C ILE D 143 -40.18 2.18 0.85
N PRO D 144 -40.03 2.51 -0.45
CA PRO D 144 -41.09 3.25 -1.17
C PRO D 144 -42.33 2.42 -1.49
N PHE D 145 -43.02 1.99 -0.45
CA PHE D 145 -44.30 1.31 -0.56
C PHE D 145 -45.40 2.34 -0.81
N GLN D 146 -46.37 2.01 -1.65
CA GLN D 146 -47.45 2.94 -2.02
C GLN D 146 -48.76 2.66 -1.33
N GLY D 147 -48.69 2.34 -0.04
CA GLY D 147 -49.89 2.12 0.77
C GLY D 147 -50.27 3.40 1.48
N PRO D 148 -50.82 3.31 2.69
CA PRO D 148 -51.01 2.08 3.42
C PRO D 148 -52.06 1.18 2.84
N ILE D 149 -52.14 -0.01 3.42
CA ILE D 149 -53.15 -0.96 3.08
C ILE D 149 -53.65 -1.49 4.38
N ALA D 150 -54.79 -2.13 4.36
CA ALA D 150 -55.28 -2.76 5.55
C ALA D 150 -56.22 -3.85 5.13
N GLY D 151 -56.55 -4.72 6.07
CA GLY D 151 -57.36 -5.85 5.76
C GLY D 151 -58.28 -6.16 6.90
N VAL D 152 -59.37 -6.84 6.58
CA VAL D 152 -60.42 -7.01 7.52
C VAL D 152 -61.13 -8.30 7.25
N ASN D 153 -61.71 -8.87 8.30
CA ASN D 153 -62.52 -10.06 8.17
C ASN D 153 -64.00 -9.74 8.25
N VAL D 154 -64.82 -10.29 7.33
CA VAL D 154 -66.28 -10.10 7.37
C VAL D 154 -67.06 -11.38 7.48
N GLY D 155 -67.96 -11.43 8.45
CA GLY D 155 -68.90 -12.53 8.62
C GLY D 155 -70.28 -12.06 8.16
N TYR D 156 -71.27 -12.93 8.32
CA TYR D 156 -72.60 -12.67 7.76
C TYR D 156 -73.58 -13.52 8.50
N ILE D 157 -74.28 -12.91 9.46
CA ILE D 157 -75.17 -13.62 10.39
C ILE D 157 -76.54 -12.92 10.38
N ASP D 158 -77.62 -13.72 10.28
CA ASP D 158 -78.99 -13.21 10.16
C ASP D 158 -79.04 -11.94 9.33
N GLY D 159 -78.48 -11.99 8.13
CA GLY D 159 -78.54 -10.88 7.20
C GLY D 159 -77.68 -9.67 7.50
N LYS D 160 -76.91 -9.71 8.59
CA LYS D 160 -76.05 -8.59 8.96
C LYS D 160 -74.58 -8.95 8.78
N TYR D 161 -73.85 -8.07 8.10
CA TYR D 161 -72.42 -8.18 8.03
C TYR D 161 -71.80 -7.76 9.36
N ILE D 162 -70.70 -8.41 9.71
CA ILE D 162 -69.98 -8.08 10.94
C ILE D 162 -68.48 -8.11 10.70
N ILE D 163 -67.79 -7.12 11.23
CA ILE D 163 -66.35 -7.07 11.09
C ILE D 163 -65.65 -7.92 12.14
N ASN D 164 -64.60 -8.63 11.70
CA ASN D 164 -63.78 -9.45 12.59
C ASN D 164 -64.63 -10.21 13.58
N PRO D 165 -65.50 -11.09 13.07
CA PRO D 165 -66.32 -11.84 14.01
C PRO D 165 -65.47 -12.72 14.88
N THR D 166 -66.03 -13.06 16.02
CA THR D 166 -65.32 -13.83 17.02
C THR D 166 -65.44 -15.27 16.60
N VAL D 167 -64.73 -16.14 17.32
CA VAL D 167 -64.73 -17.57 17.04
C VAL D 167 -66.17 -18.05 17.01
N GLU D 168 -66.95 -17.67 18.01
CA GLU D 168 -68.28 -18.23 18.18
C GLU D 168 -69.29 -17.69 17.18
N GLU D 169 -69.04 -16.49 16.66
CA GLU D 169 -69.89 -15.90 15.63
C GLU D 169 -69.60 -16.54 14.27
N LYS D 170 -68.34 -16.95 14.07
CA LYS D 170 -67.93 -17.64 12.84
C LYS D 170 -68.56 -19.01 12.76
N GLU D 171 -68.73 -19.67 13.91
CA GLU D 171 -69.47 -20.94 13.98
C GLU D 171 -70.84 -20.87 13.31
N VAL D 172 -71.31 -19.65 13.10
CA VAL D 172 -72.69 -19.39 12.75
C VAL D 172 -72.81 -18.42 11.55
N SER D 173 -71.70 -17.88 11.07
CA SER D 173 -71.71 -17.02 9.91
C SER D 173 -71.90 -17.85 8.65
N ARG D 174 -72.45 -17.24 7.61
CA ARG D 174 -72.60 -17.89 6.32
C ARG D 174 -71.43 -17.52 5.42
N LEU D 175 -70.53 -16.70 5.94
CA LEU D 175 -69.45 -16.15 5.11
C LEU D 175 -68.18 -15.96 5.95
N ASP D 176 -67.05 -16.32 5.36
CA ASP D 176 -65.73 -16.16 5.98
C ASP D 176 -64.91 -15.45 4.95
N LEU D 177 -64.91 -14.12 5.01
CA LEU D 177 -64.29 -13.32 3.99
C LEU D 177 -63.15 -12.50 4.59
N GLU D 178 -62.08 -12.33 3.80
CA GLU D 178 -60.98 -11.50 4.17
C GLU D 178 -60.77 -10.57 3.00
N VAL D 179 -60.99 -9.27 3.23
CA VAL D 179 -60.90 -8.26 2.19
C VAL D 179 -59.75 -7.39 2.58
N ALA D 180 -59.11 -6.83 1.60
CA ALA D 180 -58.09 -5.89 1.84
C ALA D 180 -57.94 -4.92 0.70
N GLY D 181 -57.37 -3.77 1.02
CA GLY D 181 -57.00 -2.80 0.04
C GLY D 181 -56.51 -1.52 0.64
N HIS D 182 -56.54 -0.47 -0.17
CA HIS D 182 -55.99 0.81 0.21
C HIS D 182 -57.09 1.90 0.31
N LYS D 183 -56.64 3.14 0.33
CA LYS D 183 -57.52 4.32 0.45
C LYS D 183 -58.69 4.25 -0.55
N ASP D 184 -58.34 4.26 -1.83
CA ASP D 184 -59.29 4.37 -2.94
C ASP D 184 -59.89 3.08 -3.57
N ALA D 185 -59.49 1.88 -3.14
CA ALA D 185 -59.96 0.63 -3.79
C ALA D 185 -59.56 -0.64 -3.03
N VAL D 186 -60.33 -1.69 -3.31
CA VAL D 186 -60.05 -3.03 -2.86
C VAL D 186 -58.94 -3.68 -3.70
N ASN D 187 -58.12 -4.49 -3.01
CA ASN D 187 -56.90 -5.09 -3.57
C ASN D 187 -56.93 -6.60 -3.69
N MET D 188 -57.72 -7.23 -2.82
CA MET D 188 -57.59 -8.63 -2.60
C MET D 188 -58.86 -9.07 -1.93
N VAL D 189 -59.40 -10.19 -2.37
CA VAL D 189 -60.43 -10.86 -1.61
C VAL D 189 -60.09 -12.33 -1.61
N GLU D 190 -60.53 -13.00 -0.56
CA GLU D 190 -60.31 -14.40 -0.42
C GLU D 190 -61.40 -14.82 0.50
N ALA D 191 -62.17 -15.83 0.12
CA ALA D 191 -63.37 -16.13 0.88
C ALA D 191 -63.81 -17.56 0.78
N GLY D 192 -64.59 -17.93 1.75
CA GLY D 192 -65.31 -19.18 1.78
C GLY D 192 -66.73 -18.82 2.20
N ALA D 193 -67.73 -19.51 1.66
CA ALA D 193 -69.11 -19.15 1.93
C ALA D 193 -70.07 -20.31 1.80
N SER D 194 -71.16 -20.22 2.56
CA SER D 194 -72.27 -21.16 2.44
C SER D 194 -73.18 -20.84 1.23
N GLU D 195 -72.63 -20.84 0.02
CA GLU D 195 -73.47 -20.74 -1.18
C GLU D 195 -74.30 -19.46 -1.16
N ILE D 196 -73.62 -18.32 -1.25
CA ILE D 196 -74.26 -17.03 -1.14
C ILE D 196 -74.22 -16.37 -2.50
N THR D 197 -75.14 -15.43 -2.71
CA THR D 197 -75.33 -14.89 -4.04
C THR D 197 -74.20 -13.95 -4.33
N GLU D 198 -74.09 -13.57 -5.57
CA GLU D 198 -73.09 -12.64 -6.01
C GLU D 198 -73.21 -11.26 -5.41
N GLN D 199 -74.40 -10.89 -5.07
CA GLN D 199 -74.70 -9.55 -4.68
C GLN D 199 -74.47 -9.46 -3.20
N GLU D 200 -74.73 -10.55 -2.53
CA GLU D 200 -74.46 -10.73 -1.13
C GLU D 200 -72.97 -10.66 -0.82
N MET D 201 -72.17 -11.13 -1.75
CA MET D 201 -70.73 -11.16 -1.63
C MET D 201 -70.17 -9.76 -1.90
N LEU D 202 -70.70 -9.14 -2.94
CA LEU D 202 -70.19 -7.83 -3.37
C LEU D 202 -70.49 -6.76 -2.30
N GLU D 203 -71.60 -6.93 -1.60
CA GLU D 203 -71.96 -6.03 -0.52
C GLU D 203 -70.99 -6.24 0.64
N ALA D 204 -70.77 -7.50 1.01
CA ALA D 204 -69.81 -7.85 2.05
C ALA D 204 -68.46 -7.23 1.73
N ILE D 205 -68.03 -7.41 0.50
CA ILE D 205 -66.77 -6.81 0.11
C ILE D 205 -66.74 -5.32 0.46
N PHE D 206 -67.77 -4.57 0.09
CA PHE D 206 -67.69 -3.11 0.23
C PHE D 206 -68.09 -2.60 1.61
N PHE D 207 -68.78 -3.41 2.38
CA PHE D 207 -68.93 -3.16 3.79
C PHE D 207 -67.53 -3.23 4.44
N GLY D 208 -66.82 -4.31 4.12
CA GLY D 208 -65.45 -4.48 4.55
C GLY D 208 -64.58 -3.31 4.15
N HIS D 209 -64.73 -2.82 2.92
CA HIS D 209 -63.81 -1.77 2.49
C HIS D 209 -63.97 -0.42 3.21
N GLU D 210 -65.16 -0.15 3.78
CA GLU D 210 -65.37 1.14 4.47
C GLU D 210 -64.49 1.13 5.73
N GLU D 211 -64.52 0.02 6.48
CA GLU D 211 -63.58 -0.16 7.61
C GLU D 211 -62.12 -0.13 7.17
N ILE D 212 -61.80 -0.83 6.10
CA ILE D 212 -60.46 -0.74 5.54
C ILE D 212 -60.04 0.71 5.44
N GLN D 213 -60.97 1.55 5.01
CA GLN D 213 -60.68 2.98 4.76
C GLN D 213 -60.37 3.75 6.05
N ARG D 214 -61.07 3.41 7.13
CA ARG D 214 -60.79 3.96 8.44
C ARG D 214 -59.37 3.58 8.87
N LEU D 215 -59.09 2.27 8.77
CA LEU D 215 -57.79 1.71 9.15
C LEU D 215 -56.65 2.36 8.38
N VAL D 216 -56.84 2.57 7.09
CA VAL D 216 -55.81 3.23 6.29
C VAL D 216 -55.63 4.67 6.76
N ASP D 217 -56.73 5.24 7.23
CA ASP D 217 -56.78 6.63 7.61
C ASP D 217 -55.92 6.83 8.84
N PHE D 218 -56.20 5.99 9.83
CA PHE D 218 -55.44 5.89 11.05
C PHE D 218 -53.94 5.64 10.87
N GLN D 219 -53.54 4.95 9.80
CA GLN D 219 -52.12 4.65 9.52
C GLN D 219 -51.45 5.84 8.88
N GLN D 220 -52.22 6.61 8.14
CA GLN D 220 -51.74 7.87 7.53
C GLN D 220 -51.40 8.93 8.56
N GLN D 221 -52.17 8.99 9.61
CA GLN D 221 -51.95 9.98 10.62
C GLN D 221 -50.59 9.77 11.22
N ILE D 222 -50.26 8.50 11.36
CA ILE D 222 -49.09 7.99 12.02
C ILE D 222 -47.97 8.38 11.10
N VAL D 223 -48.09 8.01 9.83
CA VAL D 223 -47.07 8.37 8.87
C VAL D 223 -46.87 9.88 8.87
N ASP D 224 -47.99 10.63 8.97
CA ASP D 224 -47.91 12.09 8.99
C ASP D 224 -47.19 12.62 10.24
N HIS D 225 -47.35 11.93 11.36
CA HIS D 225 -46.62 12.23 12.59
C HIS D 225 -45.13 11.82 12.53
N ILE D 226 -44.84 10.57 12.17
CA ILE D 226 -43.45 10.09 12.12
C ILE D 226 -42.66 10.71 10.96
N GLN D 227 -43.35 11.01 9.87
CA GLN D 227 -42.70 11.64 8.72
C GLN D 227 -41.43 10.91 8.29
N PRO D 228 -41.57 9.66 7.86
CA PRO D 228 -40.37 8.92 7.47
C PRO D 228 -39.81 9.43 6.17
N VAL D 229 -38.50 9.28 5.98
CA VAL D 229 -37.84 9.73 4.75
C VAL D 229 -37.68 8.53 3.83
N LYS D 230 -38.39 8.53 2.71
CA LYS D 230 -38.36 7.40 1.80
C LYS D 230 -37.11 7.45 0.97
N GLN D 231 -36.72 6.28 0.47
CA GLN D 231 -35.64 6.22 -0.49
C GLN D 231 -36.21 6.56 -1.86
N GLU D 232 -35.37 7.21 -2.66
CA GLU D 232 -35.80 7.80 -3.91
C GLU D 232 -35.63 6.78 -5.04
N PHE D 233 -36.75 6.28 -5.58
CA PHE D 233 -36.72 5.38 -6.74
C PHE D 233 -36.84 6.14 -8.06
N ILE D 234 -35.72 6.29 -8.78
CA ILE D 234 -35.75 6.95 -10.10
C ILE D 234 -35.99 5.92 -11.20
N PRO D 235 -37.21 5.89 -11.75
CA PRO D 235 -37.45 4.92 -12.81
C PRO D 235 -36.86 5.45 -14.10
N ALA D 236 -36.05 4.63 -14.78
CA ALA D 236 -35.42 5.04 -16.04
C ALA D 236 -36.43 5.15 -17.19
N GLU D 237 -36.30 6.17 -18.03
CA GLU D 237 -37.24 6.42 -19.11
C GLU D 237 -36.71 5.80 -20.39
N ARG D 238 -37.60 5.07 -21.06
CA ARG D 238 -37.23 4.39 -22.27
C ARG D 238 -36.75 5.33 -23.36
N ASP D 239 -35.68 4.90 -24.03
CA ASP D 239 -35.17 5.57 -25.20
C ASP D 239 -36.20 5.45 -26.33
N GLU D 240 -36.97 6.52 -26.54
CA GLU D 240 -38.00 6.56 -27.59
C GLU D 240 -37.51 5.94 -28.90
N ALA D 241 -36.26 6.27 -29.27
CA ALA D 241 -35.67 5.84 -30.53
C ALA D 241 -35.34 4.35 -30.57
N LEU D 242 -34.75 3.84 -29.48
CA LEU D 242 -34.41 2.42 -29.42
C LEU D 242 -35.67 1.58 -29.46
N VAL D 243 -36.66 1.94 -28.65
CA VAL D 243 -37.99 1.33 -28.74
C VAL D 243 -38.40 1.26 -30.20
N GLU D 244 -38.27 2.38 -30.91
CA GLU D 244 -38.74 2.47 -32.29
C GLU D 244 -38.05 1.46 -33.20
N ARG D 245 -36.71 1.40 -33.14
CA ARG D 245 -35.95 0.38 -33.87
C ARG D 245 -36.47 -1.02 -33.57
N VAL D 246 -36.49 -1.37 -32.28
CA VAL D 246 -36.94 -2.70 -31.85
C VAL D 246 -38.37 -2.97 -32.28
N LYS D 247 -39.23 -1.97 -32.15
CA LYS D 247 -40.64 -2.09 -32.55
C LYS D 247 -40.82 -2.30 -34.06
N SER D 248 -39.78 -2.03 -34.85
CA SER D 248 -39.84 -2.27 -36.29
C SER D 248 -39.42 -3.70 -36.61
N LEU D 249 -38.29 -4.12 -36.04
CA LEU D 249 -37.80 -5.49 -36.21
C LEU D 249 -38.82 -6.50 -35.67
N THR D 250 -39.74 -6.01 -34.84
CA THR D 250 -40.77 -6.83 -34.25
C THR D 250 -41.97 -6.91 -35.21
N GLU D 251 -42.26 -5.79 -35.87
CA GLU D 251 -43.37 -5.73 -36.84
C GLU D 251 -43.05 -6.47 -38.14
N GLU D 252 -41.78 -6.43 -38.55
CA GLU D 252 -41.35 -7.11 -39.77
C GLU D 252 -41.44 -8.62 -39.60
N LYS D 253 -41.09 -9.12 -38.41
CA LYS D 253 -41.07 -10.56 -38.16
C LYS D 253 -42.42 -11.11 -37.67
N GLY D 254 -43.49 -10.34 -37.88
CA GLY D 254 -44.86 -10.79 -37.63
C GLY D 254 -45.16 -11.17 -36.18
N LEU D 255 -44.87 -10.26 -35.26
CA LEU D 255 -45.10 -10.51 -33.84
C LEU D 255 -46.56 -10.90 -33.63
N LYS D 256 -47.45 -10.10 -34.20
CA LYS D 256 -48.87 -10.33 -34.06
C LYS D 256 -49.25 -11.79 -34.37
N GLU D 257 -48.78 -12.29 -35.51
CA GLU D 257 -49.12 -13.63 -35.96
C GLU D 257 -48.45 -14.68 -35.05
N THR D 258 -47.22 -14.40 -34.63
CA THR D 258 -46.51 -15.24 -33.67
C THR D 258 -47.33 -15.43 -32.39
N VAL D 259 -47.81 -14.32 -31.83
CA VAL D 259 -48.62 -14.34 -30.61
C VAL D 259 -49.81 -15.26 -30.79
N LEU D 260 -50.37 -15.27 -32.00
CA LEU D 260 -51.62 -16.00 -32.27
C LEU D 260 -51.47 -17.50 -32.53
N THR D 261 -50.23 -18.00 -32.56
CA THR D 261 -49.98 -19.43 -32.44
C THR D 261 -50.92 -20.07 -31.40
N PHE D 262 -51.53 -21.20 -31.77
CA PHE D 262 -52.56 -21.79 -30.93
C PHE D 262 -52.01 -22.60 -29.77
N ASP D 263 -50.95 -23.35 -30.04
CA ASP D 263 -50.38 -24.28 -29.07
C ASP D 263 -49.47 -23.54 -28.09
N LYS D 264 -49.66 -23.83 -26.80
CA LYS D 264 -48.94 -23.11 -25.74
C LYS D 264 -47.43 -23.18 -25.87
N GLN D 265 -46.90 -24.41 -25.89
CA GLN D 265 -45.47 -24.60 -25.97
C GLN D 265 -44.92 -24.04 -27.26
N GLN D 266 -45.66 -24.21 -28.35
CA GLN D 266 -45.24 -23.68 -29.64
C GLN D 266 -45.27 -22.14 -29.68
N ARG D 267 -46.27 -21.53 -29.04
CA ARG D 267 -46.30 -20.07 -28.94
C ARG D 267 -45.06 -19.57 -28.25
N ASP D 268 -44.76 -20.16 -27.09
CA ASP D 268 -43.61 -19.73 -26.28
C ASP D 268 -42.30 -19.97 -27.03
N GLU D 269 -42.23 -21.06 -27.78
CA GLU D 269 -41.04 -21.41 -28.55
C GLU D 269 -40.77 -20.36 -29.64
N ASN D 270 -41.83 -19.99 -30.36
CA ASN D 270 -41.71 -19.01 -31.44
C ASN D 270 -41.37 -17.62 -30.92
N LEU D 271 -41.99 -17.24 -29.80
CA LEU D 271 -41.72 -15.95 -29.20
C LEU D 271 -40.28 -15.88 -28.73
N ASP D 272 -39.85 -16.91 -28.00
CA ASP D 272 -38.46 -17.02 -27.59
C ASP D 272 -37.57 -16.82 -28.81
N ASN D 273 -37.82 -17.60 -29.86
CA ASN D 273 -37.05 -17.51 -31.12
C ASN D 273 -37.11 -16.13 -31.76
N LEU D 274 -38.30 -15.55 -31.87
CA LEU D 274 -38.44 -14.20 -32.39
C LEU D 274 -37.56 -13.23 -31.63
N LYS D 275 -37.69 -13.20 -30.30
CA LYS D 275 -36.83 -12.38 -29.46
C LYS D 275 -35.39 -12.80 -29.69
N GLU D 276 -35.14 -14.11 -29.61
CA GLU D 276 -33.81 -14.70 -29.82
C GLU D 276 -33.12 -14.15 -31.07
N GLU D 277 -33.89 -13.76 -32.08
CA GLU D 277 -33.31 -13.18 -33.30
C GLU D 277 -33.09 -11.68 -33.19
N ILE D 278 -34.13 -10.93 -32.80
CA ILE D 278 -34.04 -9.47 -32.68
C ILE D 278 -32.82 -9.07 -31.83
N VAL D 279 -32.66 -9.75 -30.70
CA VAL D 279 -31.55 -9.47 -29.79
C VAL D 279 -30.18 -9.60 -30.44
N ASN D 280 -30.04 -10.51 -31.42
CA ASN D 280 -28.74 -10.78 -32.06
C ASN D 280 -28.26 -9.68 -33.01
N GLU D 281 -29.03 -8.60 -33.11
CA GLU D 281 -28.75 -7.51 -34.04
C GLU D 281 -27.43 -6.74 -33.83
N PHE D 282 -27.19 -6.06 -32.70
CA PHE D 282 -28.03 -6.07 -31.49
C PHE D 282 -28.73 -4.73 -31.31
N GLU D 291 -24.03 -8.02 -21.92
CA GLU D 291 -23.86 -6.62 -22.25
C GLU D 291 -25.09 -5.81 -21.83
N LEU D 292 -24.85 -4.60 -21.33
CA LEU D 292 -25.90 -3.76 -20.76
C LEU D 292 -26.97 -3.36 -21.80
N LEU D 293 -26.58 -3.21 -23.07
CA LEU D 293 -27.55 -2.91 -24.13
C LEU D 293 -28.52 -4.06 -24.37
N ILE D 294 -28.07 -5.28 -24.10
CA ILE D 294 -28.90 -6.47 -24.32
C ILE D 294 -30.05 -6.50 -23.32
N LYS D 295 -29.72 -6.29 -22.05
CA LYS D 295 -30.72 -6.22 -20.98
C LYS D 295 -31.89 -5.34 -21.40
N GLU D 296 -31.60 -4.20 -22.03
CA GLU D 296 -32.61 -3.25 -22.48
C GLU D 296 -33.50 -3.87 -23.56
N VAL D 297 -32.87 -4.41 -24.61
CA VAL D 297 -33.61 -4.98 -25.75
C VAL D 297 -34.57 -6.08 -25.28
N TYR D 298 -34.09 -6.95 -24.40
CA TYR D 298 -34.96 -7.98 -23.84
C TYR D 298 -36.15 -7.36 -23.14
N ALA D 299 -35.91 -6.33 -22.34
CA ALA D 299 -36.98 -5.69 -21.59
C ALA D 299 -37.96 -5.00 -22.54
N ILE D 300 -37.43 -4.34 -23.57
CA ILE D 300 -38.27 -3.67 -24.56
C ILE D 300 -39.14 -4.70 -25.27
N LEU D 301 -38.53 -5.83 -25.62
CA LEU D 301 -39.24 -6.91 -26.28
C LEU D 301 -40.40 -7.45 -25.45
N ASN D 302 -40.17 -7.62 -24.16
CA ASN D 302 -41.21 -8.15 -23.28
C ASN D 302 -42.43 -7.23 -23.19
N GLU D 303 -42.19 -5.92 -23.24
CA GLU D 303 -43.27 -4.95 -23.16
C GLU D 303 -44.02 -4.89 -24.48
N LEU D 304 -43.28 -4.99 -25.58
CA LEU D 304 -43.89 -5.07 -26.91
C LEU D 304 -44.76 -6.33 -27.04
N VAL D 305 -44.27 -7.46 -26.53
CA VAL D 305 -45.11 -8.66 -26.48
C VAL D 305 -46.33 -8.36 -25.62
N LYS D 306 -46.09 -7.83 -24.43
CA LYS D 306 -47.17 -7.48 -23.52
C LYS D 306 -48.23 -6.61 -24.20
N GLU D 307 -47.76 -5.60 -24.93
CA GLU D 307 -48.67 -4.65 -25.58
C GLU D 307 -49.49 -5.33 -26.66
N GLU D 308 -48.82 -6.09 -27.52
CA GLU D 308 -49.50 -6.80 -28.59
C GLU D 308 -50.65 -7.64 -28.05
N VAL D 309 -50.39 -8.41 -27.01
CA VAL D 309 -51.43 -9.25 -26.41
C VAL D 309 -52.58 -8.39 -25.92
N ARG D 310 -52.25 -7.30 -25.25
CA ARG D 310 -53.26 -6.46 -24.63
C ARG D 310 -54.08 -5.74 -25.70
N ARG D 311 -53.39 -5.25 -26.73
CA ARG D 311 -54.04 -4.60 -27.86
C ARG D 311 -55.03 -5.54 -28.55
N LEU D 312 -54.58 -6.73 -28.91
CA LEU D 312 -55.45 -7.73 -29.54
C LEU D 312 -56.77 -7.93 -28.83
N ILE D 313 -56.74 -7.83 -27.51
CA ILE D 313 -57.91 -8.11 -26.69
C ILE D 313 -58.86 -6.93 -26.63
N ALA D 314 -58.32 -5.76 -26.28
CA ALA D 314 -59.12 -4.53 -26.22
C ALA D 314 -59.67 -4.12 -27.58
N ASP D 315 -58.83 -4.16 -28.61
CA ASP D 315 -59.18 -3.66 -29.95
C ASP D 315 -59.81 -4.70 -30.87
N GLU D 316 -59.24 -5.91 -30.95
CA GLU D 316 -59.80 -6.93 -31.84
C GLU D 316 -60.67 -7.96 -31.15
N LYS D 317 -60.77 -7.87 -29.82
CA LYS D 317 -61.57 -8.83 -29.04
C LYS D 317 -61.21 -10.30 -29.27
N ILE D 318 -59.93 -10.56 -29.58
CA ILE D 318 -59.47 -11.95 -29.64
C ILE D 318 -58.21 -12.21 -28.80
N ARG D 319 -58.28 -13.28 -28.03
CA ARG D 319 -57.20 -13.70 -27.14
C ARG D 319 -56.18 -14.51 -27.92
N PRO D 320 -54.98 -14.75 -27.36
CA PRO D 320 -53.92 -15.26 -28.23
C PRO D 320 -54.09 -16.74 -28.66
N ASP D 321 -55.02 -17.46 -28.05
CA ASP D 321 -55.44 -18.76 -28.60
C ASP D 321 -56.71 -18.63 -29.47
N GLY D 322 -56.97 -17.43 -29.96
CA GLY D 322 -58.12 -17.17 -30.83
C GLY D 322 -59.48 -17.09 -30.16
N ARG D 323 -59.56 -17.25 -28.84
CA ARG D 323 -60.86 -17.10 -28.18
C ARG D 323 -61.29 -15.66 -28.05
N LYS D 324 -62.55 -15.51 -27.70
CA LYS D 324 -63.19 -14.25 -27.38
C LYS D 324 -63.34 -14.13 -25.86
N PRO D 325 -63.48 -12.89 -25.36
CA PRO D 325 -63.36 -12.62 -23.93
C PRO D 325 -64.26 -13.48 -23.06
N ASP D 326 -65.39 -13.91 -23.58
CA ASP D 326 -66.29 -14.74 -22.77
C ASP D 326 -66.26 -16.24 -23.05
N GLU D 327 -65.45 -16.72 -23.99
CA GLU D 327 -65.50 -18.17 -24.22
C GLU D 327 -64.49 -18.94 -23.36
N ILE D 328 -65.03 -19.98 -22.74
CA ILE D 328 -64.33 -21.00 -22.00
C ILE D 328 -63.63 -21.96 -22.97
N ARG D 329 -62.51 -22.53 -22.53
CA ARG D 329 -61.78 -23.51 -23.33
C ARG D 329 -62.56 -24.81 -23.48
N PRO D 330 -62.23 -25.62 -24.50
CA PRO D 330 -62.91 -26.91 -24.70
C PRO D 330 -62.75 -27.84 -23.49
N LEU D 331 -63.79 -28.60 -23.18
CA LEU D 331 -63.87 -29.36 -21.95
C LEU D 331 -64.01 -30.83 -22.23
N ASP D 332 -63.36 -31.63 -21.40
CA ASP D 332 -63.52 -33.08 -21.42
C ASP D 332 -63.44 -33.61 -20.01
N SER D 333 -64.18 -34.66 -19.72
CA SER D 333 -64.12 -35.24 -18.42
C SER D 333 -64.49 -36.72 -18.44
N GLU D 334 -64.13 -37.40 -17.38
CA GLU D 334 -64.23 -38.84 -17.26
C GLU D 334 -64.29 -39.14 -15.81
N VAL D 335 -64.95 -40.23 -15.48
CA VAL D 335 -65.04 -40.67 -14.11
C VAL D 335 -64.64 -42.17 -14.03
N GLY D 336 -64.22 -42.61 -12.84
CA GLY D 336 -63.96 -44.03 -12.58
C GLY D 336 -62.79 -44.63 -13.36
N ILE D 337 -61.77 -43.83 -13.61
CA ILE D 337 -60.67 -44.29 -14.44
C ILE D 337 -59.63 -45.14 -13.69
N LEU D 338 -59.75 -45.26 -12.36
CA LEU D 338 -58.81 -46.01 -11.57
C LEU D 338 -59.55 -47.12 -10.88
N PRO D 339 -59.07 -48.37 -11.06
CA PRO D 339 -59.88 -49.53 -10.72
C PRO D 339 -60.22 -49.57 -9.24
N ARG D 340 -59.20 -49.50 -8.39
CA ARG D 340 -59.34 -49.87 -6.99
C ARG D 340 -59.70 -48.73 -6.05
N THR D 341 -59.65 -47.48 -6.53
CA THR D 341 -59.89 -46.32 -5.69
C THR D 341 -61.39 -46.11 -5.54
N HIS D 342 -61.81 -45.56 -4.41
CA HIS D 342 -63.24 -45.37 -4.13
C HIS D 342 -63.92 -44.42 -5.10
N GLY D 343 -63.16 -43.47 -5.63
CA GLY D 343 -63.69 -42.50 -6.56
C GLY D 343 -62.56 -41.85 -7.31
N SER D 344 -62.85 -41.40 -8.51
CA SER D 344 -61.82 -41.03 -9.45
C SER D 344 -62.38 -40.12 -10.52
N GLY D 345 -61.76 -38.98 -10.77
CA GLY D 345 -62.25 -38.06 -11.78
C GLY D 345 -61.16 -37.38 -12.57
N LEU D 346 -61.35 -37.24 -13.88
CA LEU D 346 -60.37 -36.61 -14.75
C LEU D 346 -61.05 -35.45 -15.44
N PHE D 347 -60.45 -34.28 -15.37
CA PHE D 347 -61.09 -33.07 -15.87
C PHE D 347 -60.10 -32.28 -16.68
N THR D 348 -60.49 -31.97 -17.91
CA THR D 348 -59.60 -31.32 -18.84
C THR D 348 -60.32 -30.10 -19.43
N ARG D 349 -59.65 -28.96 -19.35
CA ARG D 349 -60.11 -27.72 -19.89
C ARG D 349 -58.93 -27.11 -20.61
N GLY D 350 -58.96 -27.10 -21.94
CA GLY D 350 -57.81 -26.67 -22.77
C GLY D 350 -56.57 -27.51 -22.49
N GLN D 351 -55.40 -26.86 -22.48
CA GLN D 351 -54.12 -27.50 -22.09
C GLN D 351 -53.89 -27.57 -20.55
N THR D 352 -54.97 -27.49 -19.77
CA THR D 352 -54.90 -27.71 -18.33
C THR D 352 -55.72 -28.93 -17.97
N GLN D 353 -55.16 -29.79 -17.11
CA GLN D 353 -55.72 -31.11 -16.87
C GLN D 353 -55.41 -31.59 -15.47
N ALA D 354 -56.40 -32.18 -14.82
CA ALA D 354 -56.27 -32.61 -13.46
C ALA D 354 -56.98 -33.91 -13.23
N LEU D 355 -56.37 -34.75 -12.41
CA LEU D 355 -56.87 -36.04 -12.05
C LEU D 355 -57.03 -36.02 -10.56
N SER D 356 -58.24 -36.31 -10.08
CA SER D 356 -58.52 -36.25 -8.67
C SER D 356 -58.98 -37.61 -8.21
N VAL D 357 -58.51 -38.02 -7.03
CA VAL D 357 -58.71 -39.36 -6.54
C VAL D 357 -59.18 -39.28 -5.11
N LEU D 358 -60.14 -40.12 -4.76
CA LEU D 358 -60.78 -40.04 -3.49
C LEU D 358 -60.69 -41.34 -2.73
N THR D 359 -60.33 -41.26 -1.45
CA THR D 359 -60.31 -42.41 -0.55
C THR D 359 -61.25 -42.19 0.62
N LEU D 360 -62.01 -43.22 0.96
CA LEU D 360 -62.90 -43.18 2.13
C LEU D 360 -62.23 -43.92 3.27
N GLY D 361 -62.65 -43.62 4.49
CA GLY D 361 -62.07 -44.23 5.66
C GLY D 361 -63.05 -44.40 6.79
N ALA D 362 -62.63 -45.12 7.83
CA ALA D 362 -63.45 -45.38 8.99
C ALA D 362 -63.47 -44.08 9.79
N LEU D 363 -64.59 -43.79 10.45
CA LEU D 363 -64.65 -42.69 11.38
C LEU D 363 -64.54 -43.27 12.76
N GLY D 364 -63.62 -42.76 13.58
CA GLY D 364 -63.59 -43.13 14.99
C GLY D 364 -64.34 -42.10 15.81
N ASP D 365 -64.87 -42.53 16.95
CA ASP D 365 -65.50 -41.62 17.91
C ASP D 365 -64.65 -40.44 18.38
N TYR D 366 -63.33 -40.52 18.26
CA TYR D 366 -62.43 -39.48 18.79
C TYR D 366 -61.57 -38.88 17.67
N GLN D 367 -62.22 -38.09 16.83
CA GLN D 367 -61.59 -37.24 15.84
C GLN D 367 -60.26 -37.80 15.41
N LYS D 378 -59.76 -32.48 9.39
CA LYS D 378 -59.54 -33.89 9.66
C LYS D 378 -60.51 -34.78 8.88
N ARG D 379 -61.81 -34.65 9.15
CA ARG D 379 -62.83 -35.51 8.52
C ARG D 379 -62.87 -35.41 6.98
N PHE D 380 -62.52 -34.25 6.44
CA PHE D 380 -62.44 -34.05 5.00
C PHE D 380 -61.21 -33.25 4.69
N MET D 381 -60.40 -33.68 3.73
CA MET D 381 -59.30 -32.85 3.25
C MET D 381 -59.00 -33.08 1.80
N HIS D 382 -58.35 -32.10 1.19
CA HIS D 382 -58.07 -32.08 -0.22
C HIS D 382 -56.63 -31.62 -0.38
N HIS D 383 -55.80 -32.38 -1.10
CA HIS D 383 -54.44 -31.95 -1.38
C HIS D 383 -54.25 -31.73 -2.85
N TYR D 384 -53.21 -31.00 -3.20
CA TYR D 384 -52.95 -30.63 -4.57
C TYR D 384 -51.46 -30.81 -4.85
N ASN D 385 -51.14 -31.54 -5.92
CA ASN D 385 -49.74 -31.79 -6.32
C ASN D 385 -49.52 -31.29 -7.76
N PHE D 386 -48.41 -30.60 -7.98
CA PHE D 386 -48.08 -29.95 -9.25
C PHE D 386 -46.70 -30.39 -9.76
N PRO D 387 -46.63 -31.49 -10.52
CA PRO D 387 -45.32 -31.92 -10.97
C PRO D 387 -44.79 -31.08 -12.10
N ASN D 388 -43.48 -31.08 -12.27
CA ASN D 388 -42.83 -30.27 -13.31
C ASN D 388 -43.19 -30.66 -14.74
N PHE D 389 -43.52 -31.93 -14.95
CA PHE D 389 -43.81 -32.42 -16.29
C PHE D 389 -45.11 -31.74 -16.80
N SER D 390 -46.00 -31.39 -15.86
CA SER D 390 -47.25 -30.71 -16.19
C SER D 390 -47.08 -29.46 -17.04
N VAL D 391 -45.88 -28.89 -17.05
CA VAL D 391 -45.59 -27.72 -17.87
C VAL D 391 -44.43 -28.00 -18.80
N GLY D 392 -44.14 -29.27 -19.03
CA GLY D 392 -43.04 -29.66 -19.90
C GLY D 392 -41.68 -29.26 -19.37
N GLU D 393 -41.52 -29.28 -18.04
CA GLU D 393 -40.26 -28.88 -17.40
C GLU D 393 -39.56 -30.04 -16.70
N THR D 394 -38.25 -29.88 -16.55
CA THR D 394 -37.42 -30.76 -15.73
C THR D 394 -37.02 -30.01 -14.46
N GLY D 395 -36.77 -30.76 -13.40
CA GLY D 395 -36.31 -30.15 -12.14
C GLY D 395 -36.40 -31.10 -10.97
N PRO D 396 -35.88 -30.67 -9.81
CA PRO D 396 -35.86 -31.55 -8.65
C PRO D 396 -37.23 -31.66 -8.01
N VAL D 397 -37.56 -32.84 -7.48
CA VAL D 397 -38.85 -33.03 -6.86
C VAL D 397 -38.72 -32.70 -5.39
N ARG D 398 -39.69 -31.98 -4.85
CA ARG D 398 -39.59 -31.48 -3.49
C ARG D 398 -40.80 -31.79 -2.65
N ALA D 399 -40.72 -31.40 -1.38
CA ALA D 399 -41.88 -31.44 -0.49
C ALA D 399 -42.87 -30.39 -1.00
N PRO D 400 -44.16 -30.52 -0.62
CA PRO D 400 -45.16 -29.55 -1.10
C PRO D 400 -44.70 -28.12 -0.88
N GLY D 401 -44.61 -27.33 -1.96
CA GLY D 401 -44.28 -25.91 -1.87
C GLY D 401 -45.45 -25.06 -1.37
N ARG D 402 -45.20 -23.75 -1.34
CA ARG D 402 -46.16 -22.77 -0.83
C ARG D 402 -47.43 -22.71 -1.71
N ARG D 403 -47.21 -22.55 -3.01
CA ARG D 403 -48.26 -22.56 -4.02
C ARG D 403 -49.15 -23.83 -3.97
N GLU D 404 -48.51 -24.99 -3.87
CA GLU D 404 -49.25 -26.24 -3.81
C GLU D 404 -50.07 -26.32 -2.56
N ILE D 405 -49.55 -25.80 -1.46
CA ILE D 405 -50.31 -25.74 -0.20
C ILE D 405 -51.51 -24.75 -0.32
N GLY D 406 -51.28 -23.61 -0.98
CA GLY D 406 -52.35 -22.65 -1.24
C GLY D 406 -53.48 -23.33 -2.01
N HIS D 407 -53.17 -23.81 -3.21
CA HIS D 407 -54.21 -24.40 -4.08
C HIS D 407 -54.94 -25.56 -3.47
N GLY D 408 -54.24 -26.35 -2.66
CA GLY D 408 -54.88 -27.45 -1.97
C GLY D 408 -55.97 -26.96 -1.03
N ALA D 409 -55.63 -25.96 -0.23
CA ALA D 409 -56.58 -25.39 0.71
C ALA D 409 -57.73 -24.63 0.05
N LEU D 410 -57.42 -23.92 -1.03
CA LEU D 410 -58.47 -23.25 -1.84
C LEU D 410 -59.50 -24.27 -2.35
N GLY D 411 -58.98 -25.39 -2.83
CA GLY D 411 -59.80 -26.51 -3.24
C GLY D 411 -60.63 -27.02 -2.11
N GLU D 412 -59.99 -27.29 -0.98
CA GLU D 412 -60.68 -27.82 0.18
C GLU D 412 -61.76 -26.84 0.66
N ARG D 413 -61.47 -25.54 0.54
CA ARG D 413 -62.42 -24.53 0.99
C ARG D 413 -63.66 -24.53 0.10
N ALA D 414 -63.45 -24.47 -1.21
CA ALA D 414 -64.57 -24.54 -2.17
C ALA D 414 -65.52 -25.72 -1.97
N LEU D 415 -64.98 -26.84 -1.47
CA LEU D 415 -65.69 -28.11 -1.43
C LEU D 415 -66.35 -28.44 -0.12
N LYS D 416 -65.77 -27.98 0.99
CA LYS D 416 -66.22 -28.44 2.30
C LYS D 416 -67.68 -28.10 2.55
N TYR D 417 -68.15 -27.00 1.96
CA TYR D 417 -69.55 -26.56 2.16
C TYR D 417 -70.59 -27.55 1.61
N ILE D 418 -70.23 -28.32 0.58
CA ILE D 418 -71.15 -29.30 -0.01
C ILE D 418 -70.95 -30.73 0.47
N ILE D 419 -70.05 -30.95 1.42
CA ILE D 419 -69.79 -32.29 1.92
C ILE D 419 -70.80 -32.67 2.99
N PRO D 420 -71.31 -33.90 2.95
CA PRO D 420 -72.39 -34.24 3.85
C PRO D 420 -72.05 -34.13 5.31
N ASP D 421 -73.10 -34.11 6.11
CA ASP D 421 -72.95 -34.12 7.54
C ASP D 421 -72.42 -35.49 7.92
N THR D 422 -71.54 -35.51 8.91
CA THR D 422 -70.98 -36.75 9.43
C THR D 422 -72.09 -37.69 9.92
N ALA D 423 -73.24 -37.11 10.29
CA ALA D 423 -74.36 -37.85 10.83
C ALA D 423 -74.98 -38.82 9.83
N ASP D 424 -75.18 -38.38 8.59
CA ASP D 424 -75.78 -39.27 7.57
C ASP D 424 -74.73 -39.88 6.61
N PHE D 425 -73.44 -39.63 6.87
CA PHE D 425 -72.35 -40.25 6.09
C PHE D 425 -71.06 -40.37 6.91
N PRO D 426 -71.00 -41.36 7.80
CA PRO D 426 -69.87 -41.52 8.72
C PRO D 426 -68.60 -42.09 8.12
N TYR D 427 -67.93 -41.32 7.27
CA TYR D 427 -66.65 -41.72 6.74
C TYR D 427 -65.76 -40.52 6.62
N THR D 428 -64.45 -40.76 6.69
CA THR D 428 -63.49 -39.73 6.40
C THR D 428 -63.35 -39.68 4.88
N ILE D 429 -63.00 -38.51 4.35
CA ILE D 429 -62.86 -38.31 2.92
C ILE D 429 -61.57 -37.58 2.68
N ARG D 430 -60.68 -38.20 1.91
CA ARG D 430 -59.46 -37.56 1.46
C ARG D 430 -59.55 -37.51 -0.02
N ILE D 431 -59.13 -36.39 -0.61
CA ILE D 431 -59.04 -36.29 -2.04
C ILE D 431 -57.69 -35.69 -2.37
N VAL D 432 -57.05 -36.23 -3.40
CA VAL D 432 -55.77 -35.76 -3.83
C VAL D 432 -55.94 -35.45 -5.29
N SER D 433 -55.41 -34.32 -5.75
CA SER D 433 -55.55 -33.90 -7.12
C SER D 433 -54.18 -33.73 -7.73
N GLU D 434 -53.96 -34.36 -8.87
CA GLU D 434 -52.71 -34.26 -9.58
C GLU D 434 -52.90 -33.46 -10.85
N VAL D 435 -52.04 -32.48 -11.03
CA VAL D 435 -52.09 -31.67 -12.21
C VAL D 435 -51.16 -32.31 -13.24
N LEU D 436 -51.76 -32.89 -14.29
CA LEU D 436 -51.00 -33.61 -15.33
C LEU D 436 -50.57 -32.67 -16.43
N GLU D 437 -51.35 -31.62 -16.62
CA GLU D 437 -50.97 -30.55 -17.54
C GLU D 437 -51.50 -29.25 -17.00
N SER D 438 -50.86 -28.16 -17.43
CA SER D 438 -51.22 -26.87 -16.89
C SER D 438 -50.95 -25.73 -17.81
N ASN D 439 -51.99 -24.94 -18.03
CA ASN D 439 -51.89 -23.67 -18.69
C ASN D 439 -52.82 -22.61 -18.09
N GLY D 440 -53.76 -23.04 -17.24
CA GLY D 440 -54.82 -22.18 -16.86
C GLY D 440 -55.07 -22.08 -15.39
N SER D 441 -56.02 -22.86 -14.90
CA SER D 441 -56.23 -22.86 -13.50
C SER D 441 -56.45 -24.27 -13.05
N SER D 442 -55.29 -24.87 -12.80
CA SER D 442 -55.10 -26.11 -12.09
C SER D 442 -55.96 -26.16 -10.89
N SER D 443 -55.94 -25.09 -10.08
CA SER D 443 -56.68 -25.10 -8.81
C SER D 443 -58.15 -25.25 -9.08
N GLN D 444 -58.64 -24.57 -10.11
CA GLN D 444 -60.08 -24.65 -10.43
C GLN D 444 -60.38 -26.02 -11.05
N ALA D 445 -59.53 -26.45 -11.99
CA ALA D 445 -59.66 -27.82 -12.56
C ALA D 445 -59.72 -28.90 -11.49
N SER D 446 -58.96 -28.73 -10.40
CA SER D 446 -58.95 -29.70 -9.31
C SER D 446 -60.23 -29.73 -8.57
N ILE D 447 -60.87 -28.56 -8.42
CA ILE D 447 -62.20 -28.51 -7.81
C ILE D 447 -63.20 -29.28 -8.70
N CYS D 448 -63.14 -29.06 -10.00
CA CYS D 448 -64.01 -29.80 -10.91
C CYS D 448 -63.71 -31.30 -10.84
N GLY D 449 -62.42 -31.65 -10.95
CA GLY D 449 -62.00 -33.04 -10.76
C GLY D 449 -62.57 -33.67 -9.50
N SER D 450 -62.53 -32.94 -8.40
CA SER D 450 -62.84 -33.52 -7.09
C SER D 450 -64.32 -33.72 -6.99
N THR D 451 -65.09 -32.81 -7.59
CA THR D 451 -66.55 -32.96 -7.62
C THR D 451 -66.90 -34.25 -8.38
N LEU D 452 -66.24 -34.46 -9.51
CA LEU D 452 -66.40 -35.71 -10.26
C LEU D 452 -66.09 -36.92 -9.39
N ALA D 453 -64.96 -36.89 -8.69
CA ALA D 453 -64.57 -38.03 -7.85
C ALA D 453 -65.56 -38.30 -6.72
N LEU D 454 -66.10 -37.25 -6.12
CA LEU D 454 -67.08 -37.37 -5.06
C LEU D 454 -68.36 -38.05 -5.54
N MET D 455 -68.81 -37.67 -6.73
CA MET D 455 -70.00 -38.30 -7.32
C MET D 455 -69.68 -39.75 -7.71
N ASP D 456 -68.58 -39.93 -8.43
CA ASP D 456 -68.05 -41.29 -8.70
C ASP D 456 -68.11 -42.17 -7.47
N ALA D 457 -67.67 -41.64 -6.33
CA ALA D 457 -67.51 -42.43 -5.14
C ALA D 457 -68.82 -42.69 -4.44
N GLY D 458 -69.88 -42.01 -4.87
CA GLY D 458 -71.20 -42.17 -4.24
C GLY D 458 -71.36 -41.39 -2.95
N VAL D 459 -70.67 -40.27 -2.85
CA VAL D 459 -70.79 -39.43 -1.64
C VAL D 459 -72.03 -38.55 -1.80
N PRO D 460 -72.97 -38.65 -0.85
CA PRO D 460 -74.21 -37.89 -0.99
C PRO D 460 -73.96 -36.41 -0.70
N ILE D 461 -73.38 -35.71 -1.66
CA ILE D 461 -73.04 -34.32 -1.50
C ILE D 461 -74.23 -33.39 -1.73
N LYS D 462 -74.15 -32.19 -1.15
CA LYS D 462 -75.20 -31.18 -1.27
C LYS D 462 -75.43 -30.80 -2.72
N ALA D 463 -74.36 -30.54 -3.47
CA ALA D 463 -74.50 -30.14 -4.86
C ALA D 463 -73.13 -30.08 -5.52
N PRO D 464 -73.05 -30.35 -6.82
CA PRO D 464 -71.74 -30.28 -7.47
C PRO D 464 -71.17 -28.88 -7.35
N VAL D 465 -69.85 -28.75 -7.41
CA VAL D 465 -69.28 -27.43 -7.50
C VAL D 465 -68.22 -27.37 -8.55
N ALA D 466 -68.13 -26.22 -9.18
CA ALA D 466 -67.17 -25.97 -10.20
C ALA D 466 -66.58 -24.60 -9.99
N GLY D 467 -65.54 -24.27 -10.74
CA GLY D 467 -64.86 -23.03 -10.53
C GLY D 467 -64.15 -22.60 -11.78
N ILE D 468 -63.71 -21.35 -11.79
CA ILE D 468 -63.09 -20.80 -12.96
C ILE D 468 -62.28 -19.62 -12.50
N ALA D 469 -61.41 -19.14 -13.36
CA ALA D 469 -60.61 -18.00 -13.09
C ALA D 469 -60.83 -16.88 -14.12
N MET D 470 -61.13 -15.66 -13.63
CA MET D 470 -61.39 -14.49 -14.46
C MET D 470 -60.18 -13.59 -14.61
N GLY D 471 -60.07 -12.93 -15.74
CA GLY D 471 -58.93 -12.07 -16.03
C GLY D 471 -59.40 -10.69 -16.46
N LEU D 472 -58.45 -9.84 -16.83
CA LEU D 472 -58.74 -8.44 -17.01
C LEU D 472 -57.62 -7.77 -17.79
N VAL D 473 -58.01 -7.02 -18.82
CA VAL D 473 -57.12 -6.09 -19.46
C VAL D 473 -57.76 -4.70 -19.37
N THR D 474 -57.01 -3.74 -18.83
CA THR D 474 -57.46 -2.36 -18.74
C THR D 474 -56.68 -1.57 -19.74
N ARG D 475 -57.40 -0.83 -20.56
CA ARG D 475 -56.82 0.26 -21.29
C ARG D 475 -57.48 1.49 -20.69
N GLU D 476 -56.85 2.64 -20.83
CA GLU D 476 -57.38 3.86 -20.24
C GLU D 476 -58.72 4.26 -20.85
N ASP D 477 -58.96 3.88 -22.09
CA ASP D 477 -60.28 4.03 -22.70
C ASP D 477 -61.28 3.12 -21.98
N SER D 478 -60.96 1.83 -21.87
CA SER D 478 -61.87 0.90 -21.20
C SER D 478 -61.22 -0.42 -20.85
N TYR D 479 -61.99 -1.30 -20.22
CA TYR D 479 -61.50 -2.60 -19.84
C TYR D 479 -62.27 -3.75 -20.50
N THR D 480 -61.59 -4.88 -20.65
CA THR D 480 -62.24 -6.14 -21.02
C THR D 480 -62.02 -7.19 -19.94
N ILE D 481 -63.10 -7.81 -19.49
CA ILE D 481 -63.01 -8.98 -18.66
C ILE D 481 -62.90 -10.29 -19.45
N LEU D 482 -61.93 -11.13 -19.05
CA LEU D 482 -61.64 -12.40 -19.72
C LEU D 482 -62.12 -13.57 -18.90
N THR D 483 -62.76 -14.54 -19.55
CA THR D 483 -63.25 -15.74 -18.89
C THR D 483 -62.24 -16.88 -19.05
N ASP D 484 -62.08 -17.68 -17.99
CA ASP D 484 -61.23 -18.88 -18.04
C ASP D 484 -59.85 -18.56 -18.62
N ILE D 485 -59.03 -17.81 -17.88
CA ILE D 485 -57.75 -17.34 -18.46
C ILE D 485 -56.65 -18.39 -18.54
N GLN D 486 -55.78 -18.23 -19.53
CA GLN D 486 -54.60 -19.07 -19.66
C GLN D 486 -53.41 -18.32 -19.03
N GLY D 487 -52.31 -19.05 -18.87
CA GLY D 487 -51.17 -18.57 -18.09
C GLY D 487 -50.69 -17.21 -18.55
N MET D 488 -50.52 -17.06 -19.85
CA MET D 488 -50.08 -15.81 -20.43
C MET D 488 -51.00 -14.62 -20.10
N GLU D 489 -52.28 -14.89 -19.88
CA GLU D 489 -53.26 -13.84 -19.64
C GLU D 489 -53.20 -13.39 -18.20
N ASP D 490 -52.91 -14.33 -17.29
CA ASP D 490 -52.59 -13.99 -15.91
C ASP D 490 -51.30 -13.18 -15.89
N ALA D 491 -50.30 -13.67 -16.58
CA ALA D 491 -48.98 -13.08 -16.51
C ALA D 491 -48.94 -11.69 -17.09
N LEU D 492 -49.66 -11.48 -18.20
CA LEU D 492 -49.64 -10.18 -18.90
C LEU D 492 -50.91 -9.37 -18.64
N GLY D 493 -51.83 -9.96 -17.87
CA GLY D 493 -53.07 -9.30 -17.52
C GLY D 493 -52.99 -8.54 -16.20
N ASP D 494 -54.15 -8.15 -15.71
CA ASP D 494 -54.24 -7.26 -14.57
C ASP D 494 -54.79 -7.94 -13.33
N MET D 495 -55.39 -9.10 -13.49
CA MET D 495 -55.90 -9.83 -12.35
C MET D 495 -56.03 -11.32 -12.62
N ASP D 496 -56.26 -12.04 -11.53
CA ASP D 496 -56.42 -13.45 -11.53
C ASP D 496 -57.45 -13.69 -10.44
N PHE D 497 -58.69 -13.88 -10.84
CA PHE D 497 -59.81 -13.82 -9.93
C PHE D 497 -60.57 -15.12 -10.00
N LYS D 498 -60.41 -15.94 -8.98
CA LYS D 498 -60.90 -17.29 -9.01
C LYS D 498 -62.14 -17.36 -8.22
N VAL D 499 -63.18 -17.93 -8.83
CA VAL D 499 -64.45 -18.12 -8.16
C VAL D 499 -64.92 -19.53 -8.36
N ALA D 500 -65.43 -20.12 -7.30
CA ALA D 500 -65.97 -21.43 -7.33
C ALA D 500 -67.25 -21.46 -6.50
N GLY D 501 -68.20 -22.28 -6.95
CA GLY D 501 -69.37 -22.59 -6.14
C GLY D 501 -70.35 -23.49 -6.87
N THR D 502 -71.56 -23.53 -6.33
CA THR D 502 -72.63 -24.32 -6.88
C THR D 502 -73.50 -23.50 -7.82
N LYS D 503 -74.60 -24.11 -8.27
CA LYS D 503 -75.60 -23.44 -9.11
C LYS D 503 -76.38 -22.42 -8.29
N GLU D 504 -76.68 -22.77 -7.04
CA GLU D 504 -77.26 -21.88 -6.04
C GLU D 504 -76.37 -20.68 -5.60
N GLY D 505 -75.04 -20.83 -5.55
CA GLY D 505 -74.16 -19.69 -5.18
C GLY D 505 -72.69 -20.00 -4.89
N ILE D 506 -71.96 -18.97 -4.43
CA ILE D 506 -70.51 -19.03 -4.29
C ILE D 506 -70.08 -19.76 -3.03
N THR D 507 -69.06 -20.62 -3.16
CA THR D 507 -68.44 -21.29 -1.99
C THR D 507 -67.01 -20.82 -1.69
N ALA D 508 -66.31 -20.22 -2.65
CA ALA D 508 -64.96 -19.79 -2.39
C ALA D 508 -64.44 -18.84 -3.44
N ILE D 509 -63.61 -17.90 -3.03
CA ILE D 509 -62.93 -16.95 -3.90
C ILE D 509 -61.48 -16.77 -3.47
N GLN D 510 -60.63 -16.42 -4.44
CA GLN D 510 -59.29 -15.98 -4.18
C GLN D 510 -58.87 -15.10 -5.36
N MET D 511 -58.48 -13.87 -5.06
CA MET D 511 -58.18 -12.89 -6.06
C MET D 511 -56.94 -12.06 -5.72
N ASP D 512 -56.07 -11.89 -6.70
CA ASP D 512 -55.00 -10.93 -6.59
C ASP D 512 -54.88 -10.17 -7.91
N ILE D 513 -54.16 -9.06 -7.90
CA ILE D 513 -54.13 -8.16 -9.03
C ILE D 513 -52.75 -7.63 -9.24
N LYS D 514 -52.51 -7.00 -10.37
CA LYS D 514 -51.22 -6.44 -10.67
C LYS D 514 -51.32 -5.00 -11.08
N ILE D 515 -52.44 -4.41 -10.78
CA ILE D 515 -52.67 -2.97 -10.95
C ILE D 515 -53.02 -2.40 -9.58
N ASP D 516 -53.12 -1.07 -9.46
CA ASP D 516 -53.31 -0.44 -8.14
C ASP D 516 -54.62 -0.87 -7.47
N GLY D 517 -55.70 -1.04 -8.23
CA GLY D 517 -56.97 -1.42 -7.60
C GLY D 517 -58.04 -1.83 -8.57
N LEU D 518 -59.09 -2.45 -8.04
CA LEU D 518 -60.25 -2.84 -8.82
C LEU D 518 -61.46 -2.02 -8.39
N THR D 519 -62.17 -1.45 -9.37
CA THR D 519 -63.42 -0.72 -9.10
C THR D 519 -64.56 -1.70 -8.77
N ARG D 520 -65.66 -1.16 -8.27
CA ARG D 520 -66.83 -1.98 -7.88
C ARG D 520 -67.56 -2.59 -9.07
N GLU D 521 -67.55 -1.90 -10.19
CA GLU D 521 -68.20 -2.42 -11.36
C GLU D 521 -67.44 -3.55 -12.02
N ILE D 522 -66.13 -3.49 -11.95
CA ILE D 522 -65.30 -4.53 -12.52
C ILE D 522 -65.62 -5.83 -11.78
N ILE D 523 -65.88 -5.74 -10.51
CA ILE D 523 -65.76 -6.80 -9.53
C ILE D 523 -67.08 -7.47 -9.71
N GLU D 524 -68.11 -6.65 -9.75
CA GLU D 524 -69.49 -7.09 -9.95
C GLU D 524 -69.66 -7.82 -11.28
N GLU D 525 -69.03 -7.27 -12.32
CA GLU D 525 -69.13 -7.84 -13.64
C GLU D 525 -68.44 -9.19 -13.67
N ALA D 526 -67.21 -9.22 -13.13
CA ALA D 526 -66.43 -10.47 -12.97
C ALA D 526 -67.20 -11.55 -12.24
N LEU D 527 -67.87 -11.19 -11.14
CA LEU D 527 -68.63 -12.19 -10.39
C LEU D 527 -69.72 -12.79 -11.28
N GLU D 528 -70.37 -11.93 -12.07
CA GLU D 528 -71.52 -12.34 -12.88
C GLU D 528 -71.05 -13.28 -13.98
N GLN D 529 -70.05 -12.81 -14.72
CA GLN D 529 -69.44 -13.54 -15.79
C GLN D 529 -68.78 -14.84 -15.29
N ALA D 530 -68.39 -14.87 -14.02
CA ALA D 530 -67.88 -16.09 -13.42
C ALA D 530 -69.02 -17.02 -13.04
N ARG D 531 -70.16 -16.44 -12.70
CA ARG D 531 -71.39 -17.25 -12.44
C ARG D 531 -71.82 -17.99 -13.72
N ARG D 532 -71.69 -17.31 -14.85
CA ARG D 532 -72.06 -17.90 -16.12
C ARG D 532 -71.11 -19.04 -16.44
N GLY D 533 -69.81 -18.67 -16.52
CA GLY D 533 -68.73 -19.61 -16.69
C GLY D 533 -68.91 -20.89 -15.88
N ARG D 534 -69.14 -20.78 -14.58
CA ARG D 534 -69.20 -21.98 -13.77
C ARG D 534 -70.38 -22.83 -14.19
N LEU D 535 -71.47 -22.17 -14.53
CA LEU D 535 -72.73 -22.84 -14.89
C LEU D 535 -72.59 -23.69 -16.17
N GLU D 536 -71.94 -23.13 -17.18
CA GLU D 536 -71.50 -23.87 -18.33
C GLU D 536 -70.76 -25.15 -17.92
N ILE D 537 -69.79 -25.00 -17.00
CA ILE D 537 -68.91 -26.10 -16.60
C ILE D 537 -69.69 -27.16 -15.85
N MET D 538 -70.54 -26.77 -14.92
CA MET D 538 -71.34 -27.79 -14.23
C MET D 538 -72.20 -28.53 -15.24
N ASN D 539 -72.58 -27.85 -16.32
CA ASN D 539 -73.49 -28.44 -17.28
C ASN D 539 -72.80 -29.62 -17.98
N HIS D 540 -71.64 -29.35 -18.58
CA HIS D 540 -70.72 -30.37 -19.07
C HIS D 540 -70.46 -31.50 -18.06
N MET D 541 -70.13 -31.15 -16.83
CA MET D 541 -69.80 -32.15 -15.82
C MET D 541 -70.95 -33.13 -15.61
N LEU D 542 -72.18 -32.64 -15.72
CA LEU D 542 -73.32 -33.52 -15.47
C LEU D 542 -73.64 -34.48 -16.63
N GLN D 543 -73.15 -34.17 -17.82
CA GLN D 543 -73.14 -35.15 -18.91
C GLN D 543 -72.33 -36.39 -18.52
N THR D 544 -71.22 -36.17 -17.82
CA THR D 544 -70.33 -37.26 -17.41
C THR D 544 -70.93 -38.07 -16.27
N ILE D 545 -71.44 -37.39 -15.27
CA ILE D 545 -72.10 -38.06 -14.16
C ILE D 545 -73.08 -37.06 -13.60
N ASP D 546 -74.35 -37.48 -13.51
CA ASP D 546 -75.44 -36.54 -13.25
C ASP D 546 -75.92 -36.59 -11.79
N GLN D 547 -75.38 -37.50 -10.99
CA GLN D 547 -75.71 -37.61 -9.58
C GLN D 547 -74.76 -38.61 -8.90
N PRO D 548 -74.71 -38.59 -7.56
CA PRO D 548 -73.87 -39.56 -6.83
C PRO D 548 -74.24 -41.03 -7.08
N ARG D 549 -73.24 -41.80 -7.52
CA ARG D 549 -73.36 -43.25 -7.72
C ARG D 549 -74.17 -43.94 -6.59
N THR D 550 -75.09 -44.84 -6.99
CA THR D 550 -76.08 -45.47 -6.09
C THR D 550 -76.38 -44.82 -4.75
N GLU E 4 -58.32 -38.19 -28.87
CA GLU E 4 -56.93 -38.21 -29.30
C GLU E 4 -56.22 -39.43 -28.75
N LYS E 5 -56.95 -40.22 -27.98
CA LYS E 5 -56.44 -41.33 -27.22
C LYS E 5 -56.29 -42.65 -27.98
N LYS E 6 -55.16 -43.33 -27.82
CA LYS E 6 -54.85 -44.57 -28.51
C LYS E 6 -54.47 -45.64 -27.50
N VAL E 7 -55.13 -46.79 -27.59
CA VAL E 7 -54.97 -47.87 -26.66
C VAL E 7 -54.41 -49.09 -27.37
N PHE E 8 -53.31 -49.62 -26.84
CA PHE E 8 -52.65 -50.79 -27.41
C PHE E 8 -52.61 -51.89 -26.35
N LYS E 9 -52.91 -53.11 -26.74
CA LYS E 9 -53.19 -54.14 -25.75
C LYS E 9 -52.46 -55.44 -26.05
N THR E 10 -52.13 -56.20 -25.00
CA THR E 10 -51.48 -57.51 -25.14
C THR E 10 -51.59 -58.32 -23.88
N GLU E 11 -50.93 -59.47 -23.88
CA GLU E 11 -50.88 -60.29 -22.67
C GLU E 11 -49.44 -60.32 -22.15
N TRP E 12 -49.32 -60.38 -20.83
CA TRP E 12 -48.03 -60.43 -20.15
C TRP E 12 -48.15 -61.38 -19.00
N ALA E 13 -47.60 -62.58 -19.18
CA ALA E 13 -47.59 -63.59 -18.15
C ALA E 13 -48.96 -63.84 -17.55
N GLY E 14 -49.96 -64.06 -18.39
CA GLY E 14 -51.29 -64.47 -17.91
C GLY E 14 -52.20 -63.37 -17.38
N ARG E 15 -51.86 -62.12 -17.67
CA ARG E 15 -52.74 -60.99 -17.34
C ARG E 15 -52.54 -59.89 -18.36
N SER E 16 -53.51 -58.98 -18.48
CA SER E 16 -53.50 -58.06 -19.62
C SER E 16 -52.58 -56.88 -19.39
N LEU E 17 -52.00 -56.38 -20.47
CA LEU E 17 -51.15 -55.23 -20.39
C LEU E 17 -51.65 -54.27 -21.44
N THR E 18 -52.04 -53.09 -20.97
CA THR E 18 -52.53 -52.05 -21.84
C THR E 18 -51.66 -50.83 -21.71
N ILE E 19 -51.37 -50.20 -22.84
CA ILE E 19 -50.63 -48.97 -22.87
C ILE E 19 -51.44 -47.91 -23.61
N GLU E 20 -51.74 -46.80 -22.91
CA GLU E 20 -52.51 -45.68 -23.49
C GLU E 20 -51.67 -44.44 -23.66
N THR E 21 -51.77 -43.80 -24.81
CA THR E 21 -51.14 -42.51 -24.97
C THR E 21 -52.09 -41.55 -25.67
N GLY E 22 -51.65 -40.30 -25.76
CA GLY E 22 -52.38 -39.23 -26.42
C GLY E 22 -53.39 -38.48 -25.57
N GLN E 23 -53.85 -39.06 -24.46
CA GLN E 23 -54.81 -38.40 -23.61
C GLN E 23 -54.16 -37.61 -22.46
N LEU E 24 -53.27 -38.27 -21.69
CA LEU E 24 -52.69 -37.67 -20.47
C LEU E 24 -51.31 -37.04 -20.61
N ALA E 25 -51.11 -35.95 -19.85
CA ALA E 25 -49.79 -35.37 -19.59
C ALA E 25 -49.08 -34.98 -20.84
N LYS E 26 -49.79 -34.28 -21.69
CA LYS E 26 -49.36 -34.02 -23.07
C LYS E 26 -48.37 -32.90 -23.25
N GLN E 27 -48.09 -32.15 -22.19
CA GLN E 27 -47.01 -31.19 -22.25
C GLN E 27 -45.63 -31.81 -22.02
N ALA E 28 -45.59 -32.97 -21.34
CA ALA E 28 -44.39 -33.83 -21.34
C ALA E 28 -43.95 -34.18 -22.77
N ASN E 29 -42.65 -34.34 -23.00
CA ASN E 29 -42.16 -34.69 -24.35
C ASN E 29 -42.79 -35.98 -24.82
N GLY E 30 -43.05 -36.87 -23.86
CA GLY E 30 -43.81 -38.06 -24.11
C GLY E 30 -44.39 -38.59 -22.83
N ALA E 31 -45.48 -39.32 -22.92
CA ALA E 31 -46.19 -39.78 -21.75
C ALA E 31 -47.12 -40.89 -22.11
N VAL E 32 -47.30 -41.83 -21.19
CA VAL E 32 -48.01 -43.04 -21.47
C VAL E 32 -48.60 -43.48 -20.15
N LEU E 33 -49.72 -44.20 -20.20
CA LEU E 33 -50.35 -44.77 -19.02
C LEU E 33 -50.30 -46.29 -19.19
N VAL E 34 -49.98 -47.02 -18.12
CA VAL E 34 -49.78 -48.47 -18.20
C VAL E 34 -50.79 -49.12 -17.27
N ARG E 35 -51.56 -50.04 -17.81
CA ARG E 35 -52.44 -50.85 -17.01
C ARG E 35 -51.94 -52.26 -17.18
N TYR E 36 -51.62 -52.89 -16.06
CA TYR E 36 -51.12 -54.25 -16.04
C TYR E 36 -51.89 -54.90 -14.92
N GLY E 37 -52.81 -55.79 -15.25
CA GLY E 37 -53.78 -56.28 -14.27
C GLY E 37 -54.43 -55.07 -13.64
N ASP E 38 -54.63 -55.12 -12.33
CA ASP E 38 -55.13 -53.94 -11.58
C ASP E 38 -54.08 -52.88 -11.19
N THR E 39 -52.87 -52.98 -11.75
CA THR E 39 -51.82 -51.99 -11.49
C THR E 39 -51.89 -50.94 -12.57
N VAL E 40 -51.78 -49.67 -12.16
CA VAL E 40 -51.78 -48.55 -13.10
C VAL E 40 -50.63 -47.63 -12.75
N VAL E 41 -49.92 -47.17 -13.77
CA VAL E 41 -48.78 -46.34 -13.59
C VAL E 41 -48.78 -45.34 -14.72
N LEU E 42 -48.55 -44.08 -14.40
CA LEU E 42 -48.37 -43.05 -15.38
C LEU E 42 -46.89 -42.75 -15.42
N SER E 43 -46.32 -42.71 -16.63
CA SER E 43 -44.92 -42.49 -16.80
C SER E 43 -44.71 -41.35 -17.75
N THR E 44 -43.73 -40.49 -17.50
CA THR E 44 -43.50 -39.36 -18.36
C THR E 44 -42.03 -39.11 -18.58
N ALA E 45 -41.71 -38.44 -19.67
CA ALA E 45 -40.38 -38.16 -20.02
C ALA E 45 -40.31 -36.77 -20.62
N THR E 46 -39.41 -35.96 -20.05
CA THR E 46 -39.34 -34.55 -20.36
C THR E 46 -37.88 -34.21 -20.50
N ALA E 47 -37.56 -33.36 -21.46
CA ALA E 47 -36.19 -32.95 -21.68
C ALA E 47 -36.07 -31.44 -21.66
N SER E 48 -34.94 -30.93 -21.15
CA SER E 48 -34.69 -29.50 -21.19
C SER E 48 -34.72 -29.06 -22.63
N LYS E 49 -34.94 -27.76 -22.83
CA LYS E 49 -35.10 -27.19 -24.17
C LYS E 49 -33.78 -27.23 -24.93
N GLU E 50 -32.73 -26.66 -24.33
CA GLU E 50 -31.37 -26.69 -24.88
C GLU E 50 -30.48 -27.62 -24.03
N PRO E 51 -29.30 -28.01 -24.53
CA PRO E 51 -28.48 -28.94 -23.74
C PRO E 51 -27.65 -28.22 -22.69
N ARG E 52 -27.43 -28.89 -21.57
CA ARG E 52 -26.63 -28.33 -20.49
C ARG E 52 -25.16 -28.24 -20.91
N ASP E 53 -24.43 -27.33 -20.29
CA ASP E 53 -22.99 -27.19 -20.52
C ASP E 53 -22.20 -28.24 -19.76
N GLY E 54 -20.94 -28.40 -20.15
CA GLY E 54 -20.05 -29.35 -19.49
C GLY E 54 -20.23 -30.75 -20.04
N ASP E 55 -19.39 -31.66 -19.57
CA ASP E 55 -19.38 -33.04 -20.06
C ASP E 55 -19.98 -33.94 -19.01
N PHE E 56 -21.31 -33.89 -18.91
CA PHE E 56 -22.06 -34.69 -17.95
C PHE E 56 -23.53 -34.72 -18.40
N PHE E 57 -24.09 -35.92 -18.45
CA PHE E 57 -25.44 -36.14 -18.93
C PHE E 57 -26.40 -36.20 -17.74
N PRO E 58 -27.18 -35.17 -17.52
CA PRO E 58 -28.13 -35.18 -16.42
C PRO E 58 -29.37 -35.98 -16.77
N LEU E 59 -29.52 -37.14 -16.14
CA LEU E 59 -30.62 -38.02 -16.37
C LEU E 59 -31.10 -38.34 -14.98
N THR E 60 -32.39 -38.20 -14.76
CA THR E 60 -32.98 -38.50 -13.47
C THR E 60 -34.24 -39.32 -13.69
N VAL E 61 -34.49 -40.23 -12.77
CA VAL E 61 -35.63 -41.09 -12.81
C VAL E 61 -36.22 -41.01 -11.43
N ASN E 62 -37.53 -40.80 -11.36
CA ASN E 62 -38.22 -40.84 -10.10
C ASN E 62 -39.30 -41.84 -10.15
N TYR E 63 -39.69 -42.29 -8.98
CA TYR E 63 -40.73 -43.26 -8.87
C TYR E 63 -41.38 -42.97 -7.57
N GLU E 64 -42.70 -43.04 -7.54
CA GLU E 64 -43.43 -42.74 -6.35
C GLU E 64 -44.74 -43.46 -6.41
N GLU E 65 -45.11 -44.05 -5.29
CA GLU E 65 -46.33 -44.76 -5.16
C GLU E 65 -47.27 -43.95 -4.29
N LYS E 66 -48.34 -43.46 -4.88
CA LYS E 66 -49.33 -42.66 -4.16
C LYS E 66 -49.92 -43.38 -2.96
N MET E 67 -50.37 -42.58 -2.00
CA MET E 67 -51.00 -43.07 -0.76
C MET E 67 -52.27 -43.85 -1.08
N TYR E 68 -53.00 -43.37 -2.06
CA TYR E 68 -54.26 -43.99 -2.42
C TYR E 68 -54.08 -45.22 -3.30
N ALA E 69 -52.87 -45.40 -3.88
CA ALA E 69 -52.56 -46.53 -4.76
C ALA E 69 -52.87 -47.91 -4.17
N ALA E 70 -52.91 -48.00 -2.84
CA ALA E 70 -53.22 -49.26 -2.16
C ALA E 70 -54.59 -49.22 -1.50
N GLY E 71 -55.41 -48.24 -1.89
CA GLY E 71 -56.71 -47.99 -1.25
C GLY E 71 -56.63 -47.74 0.25
N LYS E 72 -55.58 -47.04 0.68
CA LYS E 72 -55.32 -46.81 2.12
C LYS E 72 -54.59 -45.49 2.37
N GLY E 85 -39.75 -44.49 2.51
CA GLY E 85 -39.73 -44.53 1.05
C GLY E 85 -38.40 -44.97 0.47
N ASP E 86 -37.80 -46.01 1.05
CA ASP E 86 -36.53 -46.50 0.52
C ASP E 86 -36.78 -47.28 -0.76
N ASP E 87 -37.82 -48.11 -0.73
CA ASP E 87 -38.21 -48.93 -1.90
C ASP E 87 -38.37 -48.11 -3.18
N ALA E 88 -38.97 -46.92 -3.04
CA ALA E 88 -39.14 -46.02 -4.16
C ALA E 88 -37.81 -45.58 -4.75
N THR E 89 -36.82 -45.40 -3.87
CA THR E 89 -35.49 -45.00 -4.32
C THR E 89 -34.82 -46.18 -5.02
N LEU E 90 -34.96 -47.36 -4.42
CA LEU E 90 -34.42 -48.58 -5.03
C LEU E 90 -35.08 -48.78 -6.41
N THR E 91 -36.41 -48.63 -6.48
CA THR E 91 -37.11 -48.83 -7.74
C THR E 91 -36.65 -47.83 -8.80
N ALA E 92 -36.48 -46.59 -8.40
CA ALA E 92 -36.06 -45.59 -9.36
C ALA E 92 -34.67 -45.89 -9.87
N ARG E 93 -33.80 -46.37 -8.99
CA ARG E 93 -32.42 -46.76 -9.37
C ARG E 93 -32.49 -47.94 -10.33
N LEU E 94 -33.36 -48.89 -10.01
CA LEU E 94 -33.61 -50.02 -10.92
C LEU E 94 -33.92 -49.56 -12.35
N ILE E 95 -34.80 -48.57 -12.50
CA ILE E 95 -35.28 -48.15 -13.82
C ILE E 95 -34.24 -47.36 -14.59
N ASP E 96 -33.49 -46.53 -13.88
CA ASP E 96 -32.35 -45.80 -14.47
C ASP E 96 -31.36 -46.71 -15.25
N ARG E 97 -31.04 -47.87 -14.66
CA ARG E 97 -29.93 -48.73 -15.13
C ARG E 97 -30.00 -49.12 -16.61
N PRO E 98 -31.10 -49.75 -17.04
CA PRO E 98 -31.14 -50.13 -18.46
C PRO E 98 -31.40 -48.98 -19.39
N ILE E 99 -31.80 -47.84 -18.85
CA ILE E 99 -32.17 -46.71 -19.67
C ILE E 99 -30.98 -45.84 -19.95
N ARG E 100 -30.13 -45.66 -18.94
CA ARG E 100 -29.02 -44.72 -19.04
C ARG E 100 -28.05 -44.94 -20.20
N PRO E 101 -27.60 -46.20 -20.43
CA PRO E 101 -26.58 -46.30 -21.49
C PRO E 101 -27.07 -46.12 -22.92
N LEU E 102 -28.38 -45.96 -23.12
CA LEU E 102 -28.95 -45.96 -24.46
C LEU E 102 -29.27 -44.58 -25.05
N PHE E 103 -28.37 -43.63 -24.83
CA PHE E 103 -28.53 -42.30 -25.40
C PHE E 103 -27.31 -42.04 -26.25
N PRO E 104 -27.48 -41.29 -27.35
CA PRO E 104 -26.32 -41.04 -28.19
C PRO E 104 -25.16 -40.41 -27.42
N LYS E 105 -23.94 -40.85 -27.69
CA LYS E 105 -22.77 -40.37 -26.97
C LYS E 105 -22.60 -38.87 -27.19
N GLY E 106 -22.41 -38.12 -26.11
CA GLY E 106 -22.32 -36.67 -26.17
C GLY E 106 -23.64 -35.93 -26.03
N TYR E 107 -24.73 -36.66 -25.81
CA TYR E 107 -26.04 -36.07 -25.60
C TYR E 107 -26.16 -35.69 -24.15
N LYS E 108 -26.26 -34.39 -23.87
CA LYS E 108 -26.20 -33.86 -22.51
C LYS E 108 -27.36 -32.88 -22.22
N HIS E 109 -28.55 -33.25 -22.70
CA HIS E 109 -29.79 -32.58 -22.34
C HIS E 109 -30.21 -33.07 -20.97
N ASP E 110 -30.84 -32.21 -20.18
CA ASP E 110 -31.50 -32.70 -18.98
C ASP E 110 -32.65 -33.57 -19.45
N VAL E 111 -32.75 -34.76 -18.89
CA VAL E 111 -33.87 -35.61 -19.14
C VAL E 111 -34.35 -36.09 -17.80
N GLN E 112 -35.64 -35.93 -17.55
CA GLN E 112 -36.21 -36.38 -16.32
C GLN E 112 -37.34 -37.29 -16.66
N ILE E 113 -37.48 -38.34 -15.87
CA ILE E 113 -38.45 -39.36 -16.11
C ILE E 113 -39.14 -39.60 -14.80
N MET E 114 -40.48 -39.51 -14.81
CA MET E 114 -41.25 -39.67 -13.62
C MET E 114 -42.20 -40.83 -13.79
N ASN E 115 -42.48 -41.51 -12.69
CA ASN E 115 -43.38 -42.61 -12.67
C ASN E 115 -44.26 -42.48 -11.46
N MET E 116 -45.57 -42.55 -11.66
CA MET E 116 -46.50 -42.43 -10.58
C MET E 116 -47.37 -43.66 -10.58
N VAL E 117 -47.31 -44.39 -9.50
CA VAL E 117 -48.11 -45.56 -9.34
C VAL E 117 -49.43 -45.07 -8.78
N LEU E 118 -50.43 -45.01 -9.66
CA LEU E 118 -51.77 -44.57 -9.29
C LEU E 118 -52.57 -45.69 -8.69
N SER E 119 -52.23 -46.92 -9.08
CA SER E 119 -52.90 -48.09 -8.52
C SER E 119 -51.91 -49.24 -8.55
N ALA E 120 -51.89 -50.03 -7.46
CA ALA E 120 -50.83 -51.02 -7.25
C ALA E 120 -51.38 -52.33 -6.75
N ASP E 121 -51.33 -53.32 -7.63
CA ASP E 121 -51.67 -54.70 -7.31
C ASP E 121 -50.32 -55.39 -7.12
N PRO E 122 -50.01 -55.86 -5.90
CA PRO E 122 -48.67 -56.38 -5.73
C PRO E 122 -48.39 -57.66 -6.55
N ASP E 123 -49.44 -58.36 -7.01
CA ASP E 123 -49.28 -59.51 -7.91
C ASP E 123 -48.95 -59.12 -9.35
N CYS E 124 -49.17 -57.86 -9.71
CA CYS E 124 -48.78 -57.34 -11.03
C CYS E 124 -47.79 -56.19 -10.84
N SER E 125 -46.50 -56.49 -11.02
CA SER E 125 -45.41 -55.64 -10.52
C SER E 125 -45.51 -54.19 -11.01
N PRO E 126 -45.73 -53.26 -10.07
CA PRO E 126 -45.63 -51.84 -10.43
C PRO E 126 -44.23 -51.42 -10.89
N GLN E 127 -43.22 -52.08 -10.33
CA GLN E 127 -41.84 -51.78 -10.70
C GLN E 127 -41.63 -52.08 -12.18
N MET E 128 -42.10 -53.23 -12.64
CA MET E 128 -41.99 -53.62 -14.06
C MET E 128 -42.94 -52.82 -14.98
N ALA E 129 -44.17 -52.57 -14.48
CA ALA E 129 -45.08 -51.65 -15.23
C ALA E 129 -44.44 -50.30 -15.49
N ALA E 130 -43.68 -49.80 -14.52
CA ALA E 130 -43.12 -48.48 -14.60
C ALA E 130 -41.92 -48.46 -15.51
N MET E 131 -41.20 -49.55 -15.47
CA MET E 131 -40.03 -49.71 -16.30
C MET E 131 -40.44 -49.69 -17.76
N ILE E 132 -41.49 -50.44 -18.10
CA ILE E 132 -42.00 -50.41 -19.47
C ILE E 132 -42.66 -49.04 -19.77
N GLY E 133 -43.43 -48.54 -18.80
CA GLY E 133 -43.93 -47.16 -18.89
C GLY E 133 -42.87 -46.15 -19.31
N SER E 134 -41.71 -46.18 -18.63
CA SER E 134 -40.63 -45.26 -18.86
C SER E 134 -40.03 -45.41 -20.24
N SER E 135 -39.80 -46.66 -20.64
CA SER E 135 -39.37 -46.96 -22.02
C SER E 135 -40.36 -46.42 -23.09
N MET E 136 -41.64 -46.72 -22.89
CA MET E 136 -42.69 -46.19 -23.80
C MET E 136 -42.72 -44.66 -23.86
N ALA E 137 -42.65 -43.99 -22.71
CA ALA E 137 -42.74 -42.55 -22.70
C ALA E 137 -41.61 -41.95 -23.50
N LEU E 138 -40.38 -42.45 -23.31
CA LEU E 138 -39.26 -42.02 -24.14
C LEU E 138 -39.44 -42.38 -25.63
N SER E 139 -40.03 -43.54 -25.90
CA SER E 139 -40.12 -44.01 -27.27
C SER E 139 -41.10 -43.20 -28.10
N VAL E 140 -42.22 -42.80 -27.50
CA VAL E 140 -43.18 -41.90 -28.18
C VAL E 140 -42.70 -40.44 -28.20
N SER E 141 -41.76 -40.08 -27.33
CA SER E 141 -41.27 -38.71 -27.25
C SER E 141 -40.44 -38.37 -28.46
N ASP E 142 -39.98 -37.14 -28.53
CA ASP E 142 -39.01 -36.76 -29.56
C ASP E 142 -37.57 -36.90 -29.02
N ILE E 143 -37.41 -37.50 -27.84
CA ILE E 143 -36.08 -37.65 -27.24
C ILE E 143 -35.37 -38.85 -27.88
N PRO E 144 -34.14 -38.66 -28.41
CA PRO E 144 -33.47 -39.73 -29.16
C PRO E 144 -32.95 -40.86 -28.30
N PHE E 145 -33.87 -41.59 -27.68
CA PHE E 145 -33.56 -42.80 -26.92
C PHE E 145 -33.40 -43.96 -27.89
N GLN E 146 -32.46 -44.86 -27.61
CA GLN E 146 -32.16 -45.98 -28.51
C GLN E 146 -32.70 -47.31 -28.00
N GLY E 147 -33.93 -47.29 -27.49
CA GLY E 147 -34.63 -48.49 -27.07
C GLY E 147 -35.50 -49.02 -28.20
N PRO E 148 -36.64 -49.63 -27.87
CA PRO E 148 -37.16 -49.76 -26.54
C PRO E 148 -36.37 -50.68 -25.66
N ILE E 149 -36.74 -50.69 -24.39
CA ILE E 149 -36.20 -51.60 -23.44
C ILE E 149 -37.37 -52.13 -22.68
N ALA E 150 -37.18 -53.22 -21.98
CA ALA E 150 -38.22 -53.71 -21.12
C ALA E 150 -37.58 -54.52 -20.03
N GLY E 151 -38.35 -54.83 -19.00
CA GLY E 151 -37.83 -55.52 -17.86
C GLY E 151 -38.84 -56.46 -17.30
N VAL E 152 -38.34 -57.48 -16.60
CA VAL E 152 -39.18 -58.56 -16.22
C VAL E 152 -38.67 -59.14 -14.93
N ASN E 153 -39.56 -59.71 -14.15
CA ASN E 153 -39.20 -60.42 -12.94
C ASN E 153 -39.22 -61.94 -13.14
N VAL E 154 -38.16 -62.64 -12.71
CA VAL E 154 -38.14 -64.11 -12.76
C VAL E 154 -38.01 -64.77 -11.40
N GLY E 155 -38.90 -65.69 -11.12
CA GLY E 155 -38.81 -66.56 -9.95
C GLY E 155 -38.33 -67.94 -10.37
N TYR E 156 -38.29 -68.86 -9.42
CA TYR E 156 -37.69 -70.19 -9.66
C TYR E 156 -38.23 -71.13 -8.62
N ILE E 157 -39.23 -71.92 -9.02
CA ILE E 157 -39.97 -72.80 -8.11
C ILE E 157 -39.94 -74.22 -8.69
N ASP E 158 -39.65 -75.21 -7.83
CA ASP E 158 -39.51 -76.62 -8.24
C ASP E 158 -38.89 -76.73 -9.62
N GLY E 159 -37.75 -76.09 -9.81
CA GLY E 159 -36.99 -76.20 -11.05
C GLY E 159 -37.55 -75.48 -12.26
N LYS E 160 -38.66 -74.78 -12.11
CA LYS E 160 -39.26 -74.04 -13.22
C LYS E 160 -39.14 -72.54 -13.01
N TYR E 161 -38.65 -71.86 -14.04
CA TYR E 161 -38.66 -70.42 -14.06
C TYR E 161 -40.08 -69.93 -14.30
N ILE E 162 -40.40 -68.79 -13.71
CA ILE E 162 -41.71 -68.17 -13.89
C ILE E 162 -41.57 -66.66 -14.01
N ILE E 163 -42.30 -66.08 -14.95
CA ILE E 163 -42.27 -64.65 -15.14
C ILE E 163 -43.21 -63.93 -14.20
N ASN E 164 -42.74 -62.81 -13.64
CA ASN E 164 -43.56 -61.96 -12.76
C ASN E 164 -44.36 -62.79 -11.80
N PRO E 165 -43.67 -63.58 -10.95
CA PRO E 165 -44.42 -64.37 -10.00
C PRO E 165 -45.22 -63.50 -9.08
N THR E 166 -46.27 -64.09 -8.53
CA THR E 166 -47.16 -63.37 -7.65
C THR E 166 -46.53 -63.32 -6.29
N VAL E 167 -47.17 -62.59 -5.38
CA VAL E 167 -46.67 -62.46 -4.01
C VAL E 167 -46.47 -63.85 -3.41
N GLU E 168 -47.47 -64.71 -3.57
CA GLU E 168 -47.44 -65.99 -2.90
C GLU E 168 -46.46 -67.00 -3.52
N GLU E 169 -46.14 -66.81 -4.80
CA GLU E 169 -45.15 -67.65 -5.47
C GLU E 169 -43.74 -67.22 -5.08
N LYS E 170 -43.57 -65.93 -4.80
CA LYS E 170 -42.29 -65.39 -4.34
C LYS E 170 -41.97 -65.90 -2.95
N GLU E 171 -42.99 -66.07 -2.11
CA GLU E 171 -42.80 -66.70 -0.79
C GLU E 171 -42.07 -68.04 -0.86
N VAL E 172 -42.00 -68.60 -2.06
CA VAL E 172 -41.59 -69.98 -2.26
C VAL E 172 -40.54 -70.11 -3.37
N SER E 173 -40.21 -69.02 -4.07
CA SER E 173 -39.20 -69.05 -5.10
C SER E 173 -37.82 -69.08 -4.47
N ARG E 174 -36.85 -69.62 -5.20
CA ARG E 174 -35.46 -69.65 -4.74
C ARG E 174 -34.71 -68.48 -5.35
N LEU E 175 -35.41 -67.68 -6.15
CA LEU E 175 -34.76 -66.61 -6.90
C LEU E 175 -35.71 -65.41 -7.03
N ASP E 176 -35.16 -64.21 -6.87
CA ASP E 176 -35.87 -62.96 -7.03
C ASP E 176 -35.04 -62.14 -7.96
N LEU E 177 -35.30 -62.26 -9.26
CA LEU E 177 -34.44 -61.66 -10.27
C LEU E 177 -35.23 -60.64 -11.07
N GLU E 178 -34.56 -59.54 -11.44
CA GLU E 178 -35.13 -58.55 -12.28
C GLU E 178 -34.15 -58.35 -13.40
N VAL E 179 -34.58 -58.69 -14.62
CA VAL E 179 -33.72 -58.63 -15.79
C VAL E 179 -34.30 -57.60 -16.68
N ALA E 180 -33.45 -56.95 -17.44
CA ALA E 180 -33.90 -56.02 -18.40
C ALA E 180 -32.92 -55.87 -19.53
N GLY E 181 -33.47 -55.44 -20.67
CA GLY E 181 -32.66 -55.11 -21.81
C GLY E 181 -33.50 -54.78 -23.01
N HIS E 182 -32.86 -54.86 -24.18
CA HIS E 182 -33.46 -54.43 -25.40
C HIS E 182 -33.65 -55.62 -26.38
N LYS E 183 -33.89 -55.29 -27.64
CA LYS E 183 -34.12 -56.28 -28.71
C LYS E 183 -33.04 -57.38 -28.69
N ASP E 184 -31.80 -56.96 -28.94
CA ASP E 184 -30.65 -57.86 -29.14
C ASP E 184 -29.81 -58.31 -27.93
N ALA E 185 -30.07 -57.82 -26.72
CA ALA E 185 -29.22 -58.14 -25.55
C ALA E 185 -29.80 -57.68 -24.22
N VAL E 186 -29.32 -58.34 -23.17
CA VAL E 186 -29.57 -57.97 -21.79
C VAL E 186 -28.72 -56.76 -21.37
N ASN E 187 -29.34 -55.90 -20.54
CA ASN E 187 -28.78 -54.60 -20.11
C ASN E 187 -28.43 -54.50 -18.65
N MET E 188 -29.13 -55.28 -17.84
CA MET E 188 -29.14 -55.03 -16.43
C MET E 188 -29.65 -56.29 -15.80
N VAL E 189 -29.01 -56.70 -14.71
CA VAL E 189 -29.58 -57.72 -13.86
C VAL E 189 -29.38 -57.26 -12.42
N GLU E 190 -30.27 -57.70 -11.56
CA GLU E 190 -30.22 -57.36 -10.19
C GLU E 190 -30.99 -58.45 -9.54
N ALA E 191 -30.40 -59.11 -8.55
CA ALA E 191 -31.01 -60.32 -8.05
C ALA E 191 -30.66 -60.64 -6.63
N GLY E 192 -31.52 -61.45 -6.04
CA GLY E 192 -31.31 -62.05 -4.76
C GLY E 192 -31.70 -63.51 -4.92
N ALA E 193 -30.99 -64.41 -4.26
CA ALA E 193 -31.20 -65.84 -4.48
C ALA E 193 -30.81 -66.68 -3.28
N SER E 194 -31.50 -67.81 -3.15
CA SER E 194 -31.16 -68.82 -2.17
C SER E 194 -29.97 -69.70 -2.63
N GLU E 195 -28.81 -69.08 -2.86
CA GLU E 195 -27.59 -69.85 -3.09
C GLU E 195 -27.76 -70.78 -4.29
N ILE E 196 -27.90 -70.20 -5.48
CA ILE E 196 -28.13 -70.96 -6.67
C ILE E 196 -26.92 -70.89 -7.55
N THR E 197 -26.78 -71.88 -8.43
CA THR E 197 -25.54 -72.05 -9.15
C THR E 197 -25.47 -70.99 -10.22
N GLU E 198 -24.32 -70.84 -10.84
CA GLU E 198 -24.14 -69.98 -11.96
C GLU E 198 -24.93 -70.34 -13.23
N GLN E 199 -25.23 -71.59 -13.48
CA GLN E 199 -25.87 -71.83 -14.74
C GLN E 199 -27.36 -71.85 -14.49
N GLU E 200 -27.71 -71.80 -13.23
CA GLU E 200 -29.12 -71.73 -12.80
C GLU E 200 -29.55 -70.26 -12.92
N MET E 201 -28.58 -69.37 -12.75
CA MET E 201 -28.80 -67.94 -12.81
C MET E 201 -28.79 -67.50 -14.26
N LEU E 202 -27.82 -68.02 -15.01
CA LEU E 202 -27.62 -67.59 -16.39
C LEU E 202 -28.80 -68.04 -17.26
N GLU E 203 -29.39 -69.18 -16.89
CA GLU E 203 -30.59 -69.67 -17.56
C GLU E 203 -31.78 -68.77 -17.25
N ALA E 204 -31.95 -68.45 -15.97
CA ALA E 204 -33.01 -67.51 -15.53
C ALA E 204 -32.87 -66.21 -16.28
N ILE E 205 -31.67 -65.68 -16.33
CA ILE E 205 -31.46 -64.46 -17.10
C ILE E 205 -32.04 -64.59 -18.50
N PHE E 206 -31.70 -65.66 -19.22
CA PHE E 206 -32.07 -65.71 -20.64
C PHE E 206 -33.47 -66.23 -20.90
N PHE E 207 -34.06 -66.90 -19.91
CA PHE E 207 -35.49 -67.16 -19.94
C PHE E 207 -36.21 -65.79 -19.88
N GLY E 208 -35.79 -64.97 -18.92
CA GLY E 208 -36.28 -63.61 -18.80
C GLY E 208 -36.12 -62.82 -20.08
N HIS E 209 -34.98 -62.96 -20.75
CA HIS E 209 -34.78 -62.12 -21.91
C HIS E 209 -35.68 -62.43 -23.12
N GLU E 210 -36.20 -63.66 -23.20
CA GLU E 210 -37.05 -64.03 -24.34
C GLU E 210 -38.36 -63.21 -24.20
N GLU E 211 -38.93 -63.18 -22.98
CA GLU E 211 -40.09 -62.31 -22.70
C GLU E 211 -39.77 -60.84 -22.92
N ILE E 212 -38.62 -60.39 -22.41
CA ILE E 212 -38.18 -59.05 -22.69
C ILE E 212 -38.34 -58.76 -24.17
N GLN E 213 -37.97 -59.73 -25.00
CA GLN E 213 -37.96 -59.55 -26.46
C GLN E 213 -39.36 -59.38 -27.06
N ARG E 214 -40.33 -60.10 -26.49
CA ARG E 214 -41.72 -59.94 -26.84
C ARG E 214 -42.18 -58.52 -26.50
N LEU E 215 -41.92 -58.10 -25.26
CA LEU E 215 -42.29 -56.78 -24.75
C LEU E 215 -41.70 -55.67 -25.60
N VAL E 216 -40.45 -55.81 -26.00
CA VAL E 216 -39.82 -54.80 -26.86
C VAL E 216 -40.52 -54.77 -28.22
N ASP E 217 -40.98 -55.96 -28.62
CA ASP E 217 -41.59 -56.15 -29.92
C ASP E 217 -42.88 -55.39 -29.98
N PHE E 218 -43.71 -55.63 -28.97
CA PHE E 218 -44.95 -54.93 -28.74
C PHE E 218 -44.84 -53.40 -28.64
N GLN E 219 -43.70 -52.88 -28.15
CA GLN E 219 -43.48 -51.45 -28.03
C GLN E 219 -43.06 -50.85 -29.35
N GLN E 220 -42.39 -51.65 -30.14
CA GLN E 220 -41.96 -51.27 -31.47
C GLN E 220 -43.11 -51.13 -32.43
N GLN E 221 -44.18 -51.85 -32.22
CA GLN E 221 -45.32 -51.78 -33.09
C GLN E 221 -46.02 -50.45 -32.91
N ILE E 222 -46.00 -50.03 -31.67
CA ILE E 222 -46.66 -48.86 -31.16
C ILE E 222 -45.87 -47.72 -31.78
N VAL E 223 -44.56 -47.74 -31.60
CA VAL E 223 -43.73 -46.71 -32.19
C VAL E 223 -43.99 -46.66 -33.70
N ASP E 224 -44.13 -47.82 -34.32
CA ASP E 224 -44.36 -47.89 -35.77
C ASP E 224 -45.72 -47.29 -36.16
N HIS E 225 -46.71 -47.46 -35.30
CA HIS E 225 -48.01 -46.82 -35.45
C HIS E 225 -47.98 -45.30 -35.18
N ILE E 226 -47.47 -44.87 -34.02
CA ILE E 226 -47.44 -43.45 -33.66
C ILE E 226 -46.44 -42.65 -34.51
N GLN E 227 -45.36 -43.29 -34.93
CA GLN E 227 -44.37 -42.64 -35.78
C GLN E 227 -43.92 -41.29 -35.24
N PRO E 228 -43.30 -41.28 -34.04
CA PRO E 228 -42.90 -40.01 -33.47
C PRO E 228 -41.74 -39.43 -34.22
N VAL E 229 -41.62 -38.10 -34.20
CA VAL E 229 -40.52 -37.42 -34.88
C VAL E 229 -39.45 -37.08 -33.86
N LYS E 230 -38.30 -37.74 -33.98
CA LYS E 230 -37.22 -37.56 -33.01
C LYS E 230 -36.48 -36.28 -33.29
N GLN E 231 -35.85 -35.75 -32.26
CA GLN E 231 -34.97 -34.61 -32.42
C GLN E 231 -33.62 -35.12 -32.92
N GLU E 232 -33.00 -34.32 -33.75
CA GLU E 232 -31.83 -34.73 -34.49
C GLU E 232 -30.57 -34.41 -33.70
N PHE E 233 -29.89 -35.45 -33.20
CA PHE E 233 -28.62 -35.28 -32.49
C PHE E 233 -27.42 -35.39 -33.44
N ILE E 234 -26.81 -34.25 -33.78
CA ILE E 234 -25.62 -34.25 -34.63
C ILE E 234 -24.35 -34.35 -33.77
N PRO E 235 -23.72 -35.53 -33.74
CA PRO E 235 -22.51 -35.62 -32.93
C PRO E 235 -21.36 -35.00 -33.70
N ALA E 236 -20.62 -34.09 -33.07
CA ALA E 236 -19.50 -33.45 -33.77
C ALA E 236 -18.38 -34.46 -33.99
N GLU E 237 -17.63 -34.28 -35.08
CA GLU E 237 -16.54 -35.18 -35.41
C GLU E 237 -15.23 -34.51 -35.04
N ARG E 238 -14.39 -35.28 -34.37
CA ARG E 238 -13.11 -34.79 -33.91
C ARG E 238 -12.23 -34.33 -35.05
N ASP E 239 -11.58 -33.20 -34.81
CA ASP E 239 -10.56 -32.66 -35.69
C ASP E 239 -9.36 -33.61 -35.67
N GLU E 240 -9.25 -34.46 -36.70
CA GLU E 240 -8.14 -35.43 -36.83
C GLU E 240 -6.79 -34.80 -36.46
N ALA E 241 -6.57 -33.57 -36.94
CA ALA E 241 -5.30 -32.86 -36.75
C ALA E 241 -5.08 -32.41 -35.31
N LEU E 242 -6.10 -31.84 -34.69
CA LEU E 242 -5.98 -31.39 -33.31
C LEU E 242 -5.72 -32.57 -32.39
N VAL E 243 -6.51 -33.64 -32.55
CA VAL E 243 -6.23 -34.88 -31.85
C VAL E 243 -4.75 -35.21 -31.98
N GLU E 244 -4.23 -35.13 -33.20
CA GLU E 244 -2.85 -35.53 -33.48
C GLU E 244 -1.85 -34.70 -32.68
N ARG E 245 -2.00 -33.37 -32.71
CA ARG E 245 -1.17 -32.48 -31.86
C ARG E 245 -1.23 -32.89 -30.40
N VAL E 246 -2.44 -32.97 -29.85
CA VAL E 246 -2.64 -33.32 -28.45
C VAL E 246 -2.06 -34.69 -28.13
N LYS E 247 -2.29 -35.65 -29.04
CA LYS E 247 -1.77 -37.02 -28.88
C LYS E 247 -0.23 -37.08 -28.89
N SER E 248 0.43 -36.03 -29.35
CA SER E 248 1.89 -35.99 -29.33
C SER E 248 2.38 -35.42 -28.01
N LEU E 249 1.81 -34.30 -27.60
CA LEU E 249 2.15 -33.69 -26.31
C LEU E 249 1.85 -34.64 -25.16
N THR E 250 1.02 -35.64 -25.44
CA THR E 250 0.63 -36.63 -24.46
C THR E 250 1.68 -37.76 -24.44
N GLU E 251 2.19 -38.11 -25.62
CA GLU E 251 3.20 -39.16 -25.75
C GLU E 251 4.56 -38.70 -25.24
N GLU E 252 4.88 -37.42 -25.45
CA GLU E 252 6.16 -36.87 -25.01
C GLU E 252 6.22 -36.83 -23.48
N LYS E 253 5.10 -36.52 -22.83
CA LYS E 253 5.07 -36.39 -21.37
C LYS E 253 4.75 -37.70 -20.66
N GLY E 254 4.92 -38.83 -21.37
CA GLY E 254 4.83 -40.16 -20.78
C GLY E 254 3.49 -40.50 -20.15
N LEU E 255 2.42 -40.33 -20.93
CA LEU E 255 1.08 -40.64 -20.43
C LEU E 255 1.03 -42.07 -19.92
N LYS E 256 1.53 -42.99 -20.72
CA LYS E 256 1.53 -44.40 -20.36
C LYS E 256 2.07 -44.63 -18.94
N GLU E 257 3.24 -44.05 -18.66
CA GLU E 257 3.91 -44.25 -17.39
C GLU E 257 3.13 -43.55 -16.27
N THR E 258 2.59 -42.36 -16.58
CA THR E 258 1.72 -41.66 -15.65
C THR E 258 0.55 -42.53 -15.20
N VAL E 259 -0.14 -43.13 -16.17
CA VAL E 259 -1.28 -44.00 -15.90
C VAL E 259 -0.88 -45.10 -14.92
N LEU E 260 0.34 -45.59 -15.06
CA LEU E 260 0.80 -46.75 -14.29
C LEU E 260 1.28 -46.46 -12.87
N THR E 261 1.30 -45.18 -12.48
CA THR E 261 1.38 -44.81 -11.07
C THR E 261 0.53 -45.76 -10.20
N PHE E 262 1.11 -46.24 -9.11
CA PHE E 262 0.45 -47.26 -8.31
C PHE E 262 -0.61 -46.70 -7.37
N ASP E 263 -0.31 -45.56 -6.76
CA ASP E 263 -1.17 -44.98 -5.74
C ASP E 263 -2.32 -44.18 -6.37
N LYS E 264 -3.53 -44.43 -5.88
CA LYS E 264 -4.74 -43.84 -6.48
C LYS E 264 -4.71 -42.32 -6.54
N GLN E 265 -4.53 -41.70 -5.38
CA GLN E 265 -4.54 -40.23 -5.29
C GLN E 265 -3.38 -39.67 -6.10
N GLN E 266 -2.23 -40.34 -6.06
CA GLN E 266 -1.07 -39.89 -6.80
C GLN E 266 -1.26 -40.05 -8.32
N ARG E 267 -1.92 -41.13 -8.74
CA ARG E 267 -2.23 -41.30 -10.17
C ARG E 267 -3.09 -40.15 -10.65
N ASP E 268 -4.14 -39.86 -9.90
CA ASP E 268 -5.08 -38.80 -10.29
C ASP E 268 -4.40 -37.43 -10.27
N GLU E 269 -3.50 -37.22 -9.32
CA GLU E 269 -2.77 -35.96 -9.20
C GLU E 269 -1.88 -35.73 -10.41
N ASN E 270 -1.15 -36.77 -10.81
CA ASN E 270 -0.25 -36.68 -11.96
C ASN E 270 -0.98 -36.49 -13.28
N LEU E 271 -2.10 -37.20 -13.43
CA LEU E 271 -2.93 -37.08 -14.63
C LEU E 271 -3.49 -35.68 -14.72
N ASP E 272 -4.10 -35.21 -13.63
CA ASP E 272 -4.57 -33.83 -13.56
C ASP E 272 -3.45 -32.90 -14.02
N ASN E 273 -2.28 -33.02 -13.39
CA ASN E 273 -1.11 -32.19 -13.75
C ASN E 273 -0.68 -32.33 -15.20
N LEU E 274 -0.59 -33.55 -15.68
CA LEU E 274 -0.26 -33.79 -17.08
C LEU E 274 -1.22 -33.04 -17.99
N LYS E 275 -2.52 -33.24 -17.80
CA LYS E 275 -3.54 -32.51 -18.54
C LYS E 275 -3.34 -31.01 -18.29
N GLU E 276 -3.25 -30.67 -17.00
CA GLU E 276 -3.04 -29.28 -16.55
C GLU E 276 -1.94 -28.57 -17.34
N GLU E 277 -0.95 -29.31 -17.82
CA GLU E 277 0.12 -28.72 -18.62
C GLU E 277 -0.23 -28.64 -20.11
N ILE E 278 -0.66 -29.75 -20.70
CA ILE E 278 -0.99 -29.80 -22.14
C ILE E 278 -1.97 -28.68 -22.48
N VAL E 279 -3.00 -28.52 -21.65
CA VAL E 279 -4.03 -27.49 -21.87
C VAL E 279 -3.46 -26.08 -21.95
N ASN E 280 -2.36 -25.80 -21.23
CA ASN E 280 -1.78 -24.45 -21.15
C ASN E 280 -1.05 -24.02 -22.43
N GLU E 281 -1.06 -24.88 -23.45
CA GLU E 281 -0.33 -24.62 -24.68
C GLU E 281 -0.75 -23.39 -25.52
N PHE E 282 -1.99 -23.29 -26.02
CA PHE E 282 -3.11 -24.18 -25.76
C PHE E 282 -3.43 -25.01 -27.00
N GLU E 291 -12.54 -20.60 -22.64
CA GLU E 291 -12.43 -20.53 -24.10
C GLU E 291 -12.90 -21.85 -24.73
N LEU E 292 -13.58 -21.74 -25.86
CA LEU E 292 -14.19 -22.89 -26.51
C LEU E 292 -13.16 -23.94 -26.98
N LEU E 293 -11.96 -23.49 -27.36
CA LEU E 293 -10.89 -24.41 -27.76
C LEU E 293 -10.40 -25.27 -26.58
N ILE E 294 -10.51 -24.73 -25.37
CA ILE E 294 -10.06 -25.43 -24.17
C ILE E 294 -10.96 -26.64 -23.90
N LYS E 295 -12.26 -26.40 -23.92
CA LYS E 295 -13.26 -27.47 -23.76
C LYS E 295 -12.89 -28.69 -24.61
N GLU E 296 -12.47 -28.44 -25.85
CA GLU E 296 -12.10 -29.51 -26.77
C GLU E 296 -10.88 -30.26 -26.27
N VAL E 297 -9.81 -29.54 -25.95
CA VAL E 297 -8.55 -30.16 -25.51
C VAL E 297 -8.77 -31.04 -24.29
N TYR E 298 -9.53 -30.55 -23.31
CA TYR E 298 -9.86 -31.36 -22.15
C TYR E 298 -10.58 -32.64 -22.56
N ALA E 299 -11.54 -32.53 -23.47
CA ALA E 299 -12.30 -33.69 -23.91
C ALA E 299 -11.40 -34.67 -24.65
N ILE E 300 -10.50 -34.14 -25.50
CA ILE E 300 -9.58 -34.98 -26.24
C ILE E 300 -8.67 -35.72 -25.28
N LEU E 301 -8.20 -34.99 -24.27
CA LEU E 301 -7.33 -35.56 -23.24
C LEU E 301 -7.98 -36.72 -22.49
N ASN E 302 -9.25 -36.56 -22.15
CA ASN E 302 -9.96 -37.59 -21.42
C ASN E 302 -10.10 -38.88 -22.22
N GLU E 303 -10.26 -38.75 -23.53
CA GLU E 303 -10.41 -39.93 -24.39
C GLU E 303 -9.08 -40.59 -24.60
N LEU E 304 -8.03 -39.79 -24.73
CA LEU E 304 -6.67 -40.31 -24.81
C LEU E 304 -6.29 -41.05 -23.52
N VAL E 305 -6.66 -40.51 -22.37
CA VAL E 305 -6.46 -41.24 -21.11
C VAL E 305 -7.26 -42.52 -21.17
N LYS E 306 -8.53 -42.40 -21.54
CA LYS E 306 -9.41 -43.55 -21.65
C LYS E 306 -8.81 -44.64 -22.53
N GLU E 307 -8.26 -44.23 -23.67
CA GLU E 307 -7.72 -45.17 -24.65
C GLU E 307 -6.49 -45.87 -24.08
N GLU E 308 -5.57 -45.09 -23.52
CA GLU E 308 -4.36 -45.65 -22.94
C GLU E 308 -4.68 -46.75 -21.94
N VAL E 309 -5.61 -46.48 -21.03
CA VAL E 309 -5.99 -47.47 -20.03
C VAL E 309 -6.55 -48.71 -20.71
N ARG E 310 -7.39 -48.51 -21.71
CA ARG E 310 -8.06 -49.63 -22.37
C ARG E 310 -7.05 -50.45 -23.17
N ARG E 311 -6.17 -49.75 -23.88
CA ARG E 311 -5.11 -50.38 -24.65
C ARG E 311 -4.22 -51.27 -23.75
N LEU E 312 -3.70 -50.69 -22.66
CA LEU E 312 -2.86 -51.42 -21.72
C LEU E 312 -3.44 -52.76 -21.32
N ILE E 313 -4.76 -52.81 -21.22
CA ILE E 313 -5.45 -53.99 -20.72
C ILE E 313 -5.62 -55.04 -21.81
N ALA E 314 -6.18 -54.62 -22.95
CA ALA E 314 -6.38 -55.53 -24.08
C ALA E 314 -5.05 -56.05 -24.66
N ASP E 315 -4.09 -55.14 -24.85
CA ASP E 315 -2.83 -55.46 -25.52
C ASP E 315 -1.71 -55.95 -24.59
N GLU E 316 -1.48 -55.27 -23.47
CA GLU E 316 -0.40 -55.68 -22.56
C GLU E 316 -0.87 -56.50 -21.36
N LYS E 317 -2.19 -56.68 -21.23
CA LYS E 317 -2.77 -57.43 -20.11
C LYS E 317 -2.35 -56.93 -18.71
N ILE E 318 -2.11 -55.63 -18.60
CA ILE E 318 -1.86 -55.04 -17.28
C ILE E 318 -2.73 -53.82 -17.00
N ARG E 319 -3.32 -53.84 -15.81
CA ARG E 319 -4.20 -52.79 -15.34
C ARG E 319 -3.37 -51.66 -14.75
N PRO E 320 -3.97 -50.47 -14.54
CA PRO E 320 -3.12 -49.32 -14.21
C PRO E 320 -2.47 -49.33 -12.82
N ASP E 321 -2.89 -50.23 -11.93
CA ASP E 321 -2.11 -50.50 -10.71
C ASP E 321 -1.18 -51.73 -10.88
N GLY E 322 -0.87 -52.07 -12.13
CA GLY E 322 0.03 -53.20 -12.43
C GLY E 322 -0.54 -54.60 -12.29
N ARG E 323 -1.82 -54.75 -11.93
CA ARG E 323 -2.41 -56.08 -11.88
C ARG E 323 -2.73 -56.63 -13.25
N LYS E 324 -3.01 -57.92 -13.24
CA LYS E 324 -3.47 -58.68 -14.39
C LYS E 324 -4.98 -58.92 -14.26
N PRO E 325 -5.65 -59.20 -15.40
CA PRO E 325 -7.10 -59.18 -15.45
C PRO E 325 -7.76 -60.05 -14.39
N ASP E 326 -7.10 -61.13 -13.95
CA ASP E 326 -7.71 -62.00 -12.95
C ASP E 326 -7.21 -61.82 -11.52
N GLU E 327 -6.28 -60.91 -11.25
CA GLU E 327 -5.84 -60.82 -9.86
C GLU E 327 -6.65 -59.81 -9.06
N ILE E 328 -7.07 -60.28 -7.90
CA ILE E 328 -7.66 -59.53 -6.83
C ILE E 328 -6.61 -58.71 -6.09
N ARG E 329 -7.01 -57.57 -5.55
CA ARG E 329 -6.13 -56.72 -4.75
C ARG E 329 -5.72 -57.38 -3.43
N PRO E 330 -4.62 -56.91 -2.80
CA PRO E 330 -4.17 -57.47 -1.53
C PRO E 330 -5.23 -57.31 -0.43
N LEU E 331 -5.35 -58.31 0.42
CA LEU E 331 -6.44 -58.39 1.36
C LEU E 331 -5.92 -58.39 2.78
N ASP E 332 -6.66 -57.72 3.66
CA ASP E 332 -6.39 -57.75 5.08
C ASP E 332 -7.71 -57.70 5.83
N SER E 333 -7.79 -58.37 6.96
CA SER E 333 -8.99 -58.34 7.73
C SER E 333 -8.71 -58.59 9.21
N GLU E 334 -9.68 -58.22 10.03
CA GLU E 334 -9.55 -58.22 11.47
C GLU E 334 -10.93 -58.34 12.01
N VAL E 335 -11.03 -58.93 13.18
CA VAL E 335 -12.31 -59.06 13.84
C VAL E 335 -12.18 -58.55 15.30
N GLY E 336 -13.31 -58.17 15.90
CA GLY E 336 -13.37 -57.80 17.32
C GLY E 336 -12.60 -56.54 17.68
N ILE E 337 -12.55 -55.58 16.77
CA ILE E 337 -11.74 -54.40 17.01
C ILE E 337 -12.43 -53.32 17.88
N LEU E 338 -13.70 -53.52 18.21
CA LEU E 338 -14.43 -52.56 19.03
C LEU E 338 -14.88 -53.23 20.30
N PRO E 339 -14.51 -52.65 21.46
CA PRO E 339 -14.62 -53.38 22.72
C PRO E 339 -16.05 -53.81 23.03
N ARG E 340 -16.97 -52.85 23.02
CA ARG E 340 -18.27 -53.04 23.62
C ARG E 340 -19.36 -53.56 22.67
N THR E 341 -19.08 -53.58 21.37
CA THR E 341 -20.08 -53.98 20.39
C THR E 341 -20.15 -55.50 20.31
N HIS E 342 -21.32 -56.03 19.98
CA HIS E 342 -21.52 -57.50 19.94
C HIS E 342 -20.67 -58.18 18.90
N GLY E 343 -20.36 -57.47 17.82
CA GLY E 343 -19.56 -58.02 16.75
C GLY E 343 -19.01 -56.92 15.90
N SER E 344 -17.86 -57.17 15.29
CA SER E 344 -17.07 -56.12 14.70
C SER E 344 -16.13 -56.71 13.67
N GLY E 345 -16.11 -56.15 12.46
CA GLY E 345 -15.22 -56.65 11.43
C GLY E 345 -14.64 -55.57 10.55
N LEU E 346 -13.35 -55.70 10.22
CA LEU E 346 -12.67 -54.72 9.39
C LEU E 346 -12.12 -55.46 8.19
N PHE E 347 -12.42 -54.96 7.00
CA PHE E 347 -12.05 -55.67 5.79
C PHE E 347 -11.44 -54.69 4.82
N THR E 348 -10.25 -55.03 4.35
CA THR E 348 -9.49 -54.15 3.49
C THR E 348 -9.03 -54.93 2.23
N ARG E 349 -9.33 -54.36 1.09
CA ARG E 349 -8.97 -54.90 -0.18
C ARG E 349 -8.45 -53.74 -0.99
N GLY E 350 -7.14 -53.69 -1.22
CA GLY E 350 -6.48 -52.53 -1.84
C GLY E 350 -6.73 -51.23 -1.07
N GLN E 351 -6.91 -50.12 -1.78
CA GLN E 351 -7.28 -48.83 -1.18
C GLN E 351 -8.80 -48.67 -0.89
N THR E 352 -9.51 -49.79 -0.75
CA THR E 352 -10.91 -49.79 -0.31
C THR E 352 -11.01 -50.52 0.99
N GLN E 353 -11.76 -49.95 1.93
CA GLN E 353 -11.76 -50.43 3.30
C GLN E 353 -13.09 -50.18 3.98
N ALA E 354 -13.57 -51.15 4.72
CA ALA E 354 -14.84 -51.06 5.35
C ALA E 354 -14.81 -51.67 6.73
N LEU E 355 -15.54 -51.03 7.63
CA LEU E 355 -15.65 -51.45 9.00
C LEU E 355 -17.12 -51.70 9.22
N SER E 356 -17.45 -52.91 9.65
CA SER E 356 -18.83 -53.27 9.86
C SER E 356 -19.03 -53.63 11.32
N VAL E 357 -20.15 -53.20 11.88
CA VAL E 357 -20.42 -53.33 13.29
C VAL E 357 -21.82 -53.89 13.48
N LEU E 358 -21.95 -54.80 14.42
CA LEU E 358 -23.18 -55.52 14.60
C LEU E 358 -23.73 -55.37 16.00
N THR E 359 -25.02 -55.07 16.11
CA THR E 359 -25.72 -55.01 17.39
C THR E 359 -26.83 -56.05 17.42
N LEU E 360 -26.95 -56.74 18.55
CA LEU E 360 -28.05 -57.68 18.79
C LEU E 360 -29.10 -57.02 19.64
N GLY E 361 -30.33 -57.53 19.58
CA GLY E 361 -31.45 -56.94 20.32
C GLY E 361 -32.48 -57.98 20.70
N ALA E 362 -33.49 -57.56 21.47
CA ALA E 362 -34.47 -58.50 22.04
C ALA E 362 -35.42 -59.16 21.03
N LEU E 363 -36.32 -58.37 20.43
CA LEU E 363 -37.28 -58.84 19.41
C LEU E 363 -38.54 -57.96 19.45
N ARG E 379 -36.38 -57.70 11.48
CA ARG E 379 -35.55 -58.61 12.28
C ARG E 379 -34.06 -58.57 11.92
N PHE E 380 -33.73 -58.28 10.66
CA PHE E 380 -32.36 -58.14 10.23
C PHE E 380 -32.28 -56.96 9.30
N MET E 381 -31.31 -56.07 9.51
CA MET E 381 -31.05 -55.03 8.52
C MET E 381 -29.60 -54.63 8.48
N HIS E 382 -29.21 -54.03 7.37
CA HIS E 382 -27.85 -53.66 7.09
C HIS E 382 -27.87 -52.26 6.52
N HIS E 383 -27.11 -51.34 7.10
CA HIS E 383 -26.99 -49.99 6.53
C HIS E 383 -25.59 -49.73 6.07
N TYR E 384 -25.44 -48.74 5.22
CA TYR E 384 -24.17 -48.44 4.60
C TYR E 384 -23.97 -46.93 4.62
N ASN E 385 -22.81 -46.48 5.13
CA ASN E 385 -22.49 -45.06 5.20
C ASN E 385 -21.17 -44.80 4.46
N PHE E 386 -21.12 -43.72 3.68
CA PHE E 386 -19.99 -43.37 2.81
C PHE E 386 -19.52 -41.93 3.05
N PRO E 387 -18.60 -41.72 4.02
CA PRO E 387 -18.20 -40.34 4.30
C PRO E 387 -17.25 -39.83 3.24
N ASN E 388 -17.17 -38.53 3.11
CA ASN E 388 -16.34 -37.89 2.10
C ASN E 388 -14.83 -38.12 2.30
N PHE E 389 -14.42 -38.33 3.55
CA PHE E 389 -13.01 -38.50 3.83
C PHE E 389 -12.51 -39.81 3.19
N SER E 390 -13.41 -40.78 3.06
CA SER E 390 -13.10 -42.06 2.41
C SER E 390 -12.47 -41.93 1.04
N VAL E 391 -12.65 -40.79 0.39
CA VAL E 391 -12.03 -40.55 -0.91
C VAL E 391 -11.16 -39.32 -0.87
N GLY E 392 -10.75 -38.92 0.33
CA GLY E 392 -9.90 -37.75 0.50
C GLY E 392 -10.58 -36.46 0.11
N GLU E 393 -11.91 -36.37 0.33
CA GLU E 393 -12.69 -35.20 -0.07
C GLU E 393 -13.25 -34.43 1.12
N THR E 394 -13.50 -33.15 0.90
CA THR E 394 -14.25 -32.30 1.82
C THR E 394 -15.63 -32.04 1.25
N GLY E 395 -16.60 -31.80 2.12
CA GLY E 395 -17.96 -31.49 1.68
C GLY E 395 -18.97 -31.57 2.80
N PRO E 396 -20.21 -31.16 2.51
CA PRO E 396 -21.22 -31.13 3.56
C PRO E 396 -21.74 -32.53 3.87
N VAL E 397 -22.04 -32.78 5.14
CA VAL E 397 -22.54 -34.09 5.53
C VAL E 397 -24.07 -34.05 5.43
N ARG E 398 -24.64 -35.12 4.88
CA ARG E 398 -26.08 -35.13 4.59
C ARG E 398 -26.78 -36.34 5.14
N ALA E 399 -28.08 -36.39 4.94
CA ALA E 399 -28.87 -37.59 5.20
C ALA E 399 -28.44 -38.64 4.16
N PRO E 400 -28.72 -39.93 4.44
CA PRO E 400 -28.31 -40.98 3.50
C PRO E 400 -28.78 -40.64 2.08
N GLY E 401 -27.84 -40.56 1.14
CA GLY E 401 -28.16 -40.35 -0.27
C GLY E 401 -28.72 -41.61 -0.95
N ARG E 402 -28.96 -41.49 -2.25
CA ARG E 402 -29.55 -42.56 -3.07
C ARG E 402 -28.60 -43.78 -3.17
N ARG E 403 -27.35 -43.48 -3.54
CA ARG E 403 -26.29 -44.48 -3.61
C ARG E 403 -26.10 -45.25 -2.29
N GLU E 404 -26.06 -44.53 -1.19
CA GLU E 404 -25.87 -45.15 0.12
C GLU E 404 -27.04 -46.04 0.48
N ILE E 405 -28.23 -45.62 0.08
CA ILE E 405 -29.43 -46.46 0.25
C ILE E 405 -29.39 -47.72 -0.65
N GLY E 406 -28.92 -47.55 -1.89
CA GLY E 406 -28.72 -48.69 -2.80
C GLY E 406 -27.78 -49.72 -2.17
N HIS E 407 -26.54 -49.30 -1.91
CA HIS E 407 -25.53 -50.23 -1.40
C HIS E 407 -25.92 -50.90 -0.10
N GLY E 408 -26.64 -50.19 0.74
CA GLY E 408 -27.09 -50.77 2.00
C GLY E 408 -28.02 -51.93 1.76
N ALA E 409 -28.99 -51.72 0.88
CA ALA E 409 -29.93 -52.78 0.54
C ALA E 409 -29.30 -53.94 -0.23
N LEU E 410 -28.36 -53.66 -1.12
CA LEU E 410 -27.59 -54.69 -1.83
C LEU E 410 -26.87 -55.61 -0.83
N GLY E 411 -26.24 -54.96 0.15
CA GLY E 411 -25.62 -55.67 1.25
C GLY E 411 -26.61 -56.52 1.99
N GLU E 412 -27.71 -55.91 2.39
CA GLU E 412 -28.72 -56.63 3.16
C GLU E 412 -29.29 -57.80 2.35
N ARG E 413 -29.38 -57.63 1.05
CA ARG E 413 -29.91 -58.68 0.18
C ARG E 413 -28.94 -59.86 0.13
N ALA E 414 -27.68 -59.58 -0.17
CA ALA E 414 -26.64 -60.64 -0.18
C ALA E 414 -26.58 -61.49 1.09
N LEU E 415 -26.93 -60.90 2.24
CA LEU E 415 -26.71 -61.50 3.56
C LEU E 415 -27.93 -62.20 4.14
N LYS E 416 -29.11 -61.73 3.82
CA LYS E 416 -30.30 -62.22 4.52
C LYS E 416 -30.49 -63.71 4.34
N TYR E 417 -30.07 -64.23 3.19
CA TYR E 417 -30.23 -65.67 2.91
C TYR E 417 -29.48 -66.59 3.88
N ILE E 418 -28.35 -66.11 4.42
CA ILE E 418 -27.55 -66.92 5.36
C ILE E 418 -27.81 -66.63 6.83
N ILE E 419 -28.78 -65.76 7.12
CA ILE E 419 -29.07 -65.42 8.51
C ILE E 419 -30.00 -66.44 9.12
N PRO E 420 -29.75 -66.84 10.37
CA PRO E 420 -30.51 -67.94 10.93
C PRO E 420 -31.99 -67.69 11.04
N ASP E 421 -32.72 -68.77 11.21
CA ASP E 421 -34.14 -68.70 11.45
C ASP E 421 -34.33 -68.08 12.83
N THR E 422 -35.35 -67.25 12.95
CA THR E 422 -35.69 -66.63 14.23
C THR E 422 -35.96 -67.68 15.31
N ALA E 423 -36.34 -68.88 14.88
CA ALA E 423 -36.68 -69.98 15.76
C ALA E 423 -35.51 -70.46 16.60
N ASP E 424 -34.34 -70.63 15.98
CA ASP E 424 -33.15 -71.10 16.72
C ASP E 424 -32.18 -69.96 17.09
N PHE E 425 -32.56 -68.71 16.79
CA PHE E 425 -31.76 -67.55 17.20
C PHE E 425 -32.63 -66.30 17.37
N PRO E 426 -33.36 -66.21 18.49
CA PRO E 426 -34.31 -65.11 18.72
C PRO E 426 -33.70 -63.77 19.12
N TYR E 427 -33.05 -63.12 18.16
CA TYR E 427 -32.54 -61.77 18.38
C TYR E 427 -32.68 -60.99 17.10
N THR E 428 -32.79 -59.68 17.25
CA THR E 428 -32.74 -58.79 16.11
C THR E 428 -31.27 -58.57 15.81
N ILE E 429 -30.96 -58.29 14.54
CA ILE E 429 -29.61 -58.10 14.10
C ILE E 429 -29.55 -56.85 13.24
N ARG E 430 -28.76 -55.88 13.67
CA ARG E 430 -28.51 -54.69 12.88
C ARG E 430 -27.07 -54.71 12.59
N ILE E 431 -26.69 -54.35 11.37
CA ILE E 431 -25.30 -54.17 11.02
C ILE E 431 -25.18 -52.86 10.29
N VAL E 432 -24.13 -52.13 10.60
CA VAL E 432 -23.87 -50.85 9.96
C VAL E 432 -22.47 -50.96 9.43
N SER E 433 -22.24 -50.50 8.21
CA SER E 433 -20.95 -50.60 7.58
C SER E 433 -20.48 -49.21 7.22
N GLU E 434 -19.26 -48.87 7.63
CA GLU E 434 -18.66 -47.61 7.33
C GLU E 434 -17.51 -47.77 6.37
N VAL E 435 -17.54 -46.98 5.32
CA VAL E 435 -16.51 -47.04 4.33
C VAL E 435 -15.46 -46.00 4.72
N LEU E 436 -14.31 -46.48 5.17
CA LEU E 436 -13.23 -45.61 5.66
C LEU E 436 -12.33 -45.18 4.53
N GLU E 437 -12.25 -46.04 3.52
CA GLU E 437 -11.53 -45.70 2.30
C GLU E 437 -12.21 -46.36 1.14
N SER E 438 -12.01 -45.80 -0.03
CA SER E 438 -12.71 -46.29 -1.19
C SER E 438 -11.99 -46.06 -2.48
N ASN E 439 -11.82 -47.16 -3.21
CA ASN E 439 -11.37 -47.12 -4.59
C ASN E 439 -12.07 -48.17 -5.46
N GLY E 440 -12.77 -49.12 -4.84
CA GLY E 440 -13.21 -50.28 -5.54
C GLY E 440 -14.66 -50.61 -5.37
N SER E 441 -14.95 -51.52 -4.47
CA SER E 441 -16.32 -51.82 -4.23
C SER E 441 -16.53 -51.95 -2.77
N SER E 442 -16.75 -50.76 -2.22
CA SER E 442 -17.28 -50.51 -0.90
C SER E 442 -18.40 -51.43 -0.58
N SER E 443 -19.37 -51.56 -1.52
CA SER E 443 -20.57 -52.36 -1.25
C SER E 443 -20.16 -53.79 -1.03
N GLN E 444 -19.21 -54.27 -1.84
CA GLN E 444 -18.78 -55.68 -1.70
C GLN E 444 -17.94 -55.84 -0.43
N ALA E 445 -17.02 -54.90 -0.23
CA ALA E 445 -16.23 -54.87 1.04
C ALA E 445 -17.11 -54.89 2.28
N SER E 446 -18.27 -54.22 2.23
CA SER E 446 -19.19 -54.19 3.35
C SER E 446 -19.85 -55.51 3.59
N ILE E 447 -20.13 -56.26 2.53
CA ILE E 447 -20.64 -57.61 2.67
C ILE E 447 -19.57 -58.50 3.36
N CYS E 448 -18.31 -58.38 2.92
CA CYS E 448 -17.23 -59.13 3.56
C CYS E 448 -17.09 -58.72 5.03
N GLY E 449 -17.05 -57.40 5.28
CA GLY E 449 -17.03 -56.88 6.64
C GLY E 449 -18.14 -57.45 7.52
N SER E 450 -19.34 -57.54 6.97
CA SER E 450 -20.49 -57.89 7.77
C SER E 450 -20.46 -59.35 8.09
N THR E 451 -19.97 -60.15 7.15
CA THR E 451 -19.81 -61.59 7.39
C THR E 451 -18.84 -61.79 8.56
N LEU E 452 -17.73 -61.05 8.53
CA LEU E 452 -16.80 -61.06 9.67
C LEU E 452 -17.49 -60.73 10.97
N ALA E 453 -18.27 -59.64 10.97
CA ALA E 453 -18.93 -59.20 12.19
C ALA E 453 -19.92 -60.22 12.72
N LEU E 454 -20.62 -60.90 11.82
CA LEU E 454 -21.60 -61.92 12.19
C LEU E 454 -20.93 -63.11 12.87
N MET E 455 -19.78 -63.52 12.34
CA MET E 455 -19.02 -64.60 12.95
C MET E 455 -18.43 -64.15 14.30
N ASP E 456 -17.76 -63.00 14.28
CA ASP E 456 -17.33 -62.33 15.53
C ASP E 456 -18.40 -62.39 16.60
N ALA E 457 -19.63 -62.06 16.23
CA ALA E 457 -20.70 -61.91 17.19
C ALA E 457 -21.25 -63.24 17.65
N GLY E 458 -20.86 -64.32 17.00
CA GLY E 458 -21.36 -65.65 17.34
C GLY E 458 -22.75 -65.94 16.79
N VAL E 459 -23.08 -65.36 15.65
CA VAL E 459 -24.38 -65.62 15.03
C VAL E 459 -24.27 -66.93 14.24
N PRO E 460 -25.14 -67.91 14.55
CA PRO E 460 -25.03 -69.19 13.86
C PRO E 460 -25.57 -69.10 12.44
N ILE E 461 -24.76 -68.52 11.56
CA ILE E 461 -25.16 -68.29 10.18
C ILE E 461 -24.99 -69.54 9.31
N LYS E 462 -25.77 -69.60 8.23
CA LYS E 462 -25.74 -70.71 7.30
C LYS E 462 -24.35 -70.88 6.71
N ALA E 463 -23.74 -69.80 6.27
CA ALA E 463 -22.41 -69.88 5.65
C ALA E 463 -21.87 -68.48 5.37
N PRO E 464 -20.55 -68.30 5.44
CA PRO E 464 -20.01 -66.97 5.16
C PRO E 464 -20.39 -66.53 3.77
N VAL E 465 -20.35 -65.24 3.53
CA VAL E 465 -20.66 -64.67 2.24
C VAL E 465 -19.64 -63.64 1.86
N ALA E 466 -19.22 -63.63 0.62
CA ALA E 466 -18.30 -62.62 0.16
C ALA E 466 -18.76 -62.17 -1.19
N GLY E 467 -18.14 -61.13 -1.72
CA GLY E 467 -18.59 -60.56 -2.96
C GLY E 467 -17.50 -59.81 -3.63
N ILE E 468 -17.72 -59.49 -4.90
CA ILE E 468 -16.69 -58.86 -5.67
C ILE E 468 -17.36 -58.20 -6.84
N ALA E 469 -16.65 -57.33 -7.52
CA ALA E 469 -17.14 -56.62 -8.65
C ALA E 469 -16.29 -56.85 -9.89
N MET E 470 -16.94 -57.29 -10.99
CA MET E 470 -16.27 -57.61 -12.25
C MET E 470 -16.36 -56.47 -13.26
N GLY E 471 -15.35 -56.37 -14.10
CA GLY E 471 -15.27 -55.30 -15.06
C GLY E 471 -15.04 -55.85 -16.46
N LEU E 472 -14.87 -54.96 -17.43
CA LEU E 472 -14.90 -55.36 -18.81
C LEU E 472 -14.31 -54.27 -19.68
N VAL E 473 -13.39 -54.65 -20.55
CA VAL E 473 -12.95 -53.80 -21.63
C VAL E 473 -13.21 -54.57 -22.92
N THR E 474 -13.94 -53.92 -23.83
CA THR E 474 -14.19 -54.50 -25.14
C THR E 474 -13.39 -53.72 -26.15
N ARG E 475 -12.65 -54.46 -26.95
CA ARG E 475 -12.13 -53.93 -28.19
C ARG E 475 -12.87 -54.72 -29.25
N GLU E 476 -12.94 -54.18 -30.45
CA GLU E 476 -13.68 -54.84 -31.51
C GLU E 476 -13.05 -56.18 -31.92
N ASP E 477 -11.74 -56.31 -31.73
CA ASP E 477 -11.08 -57.60 -31.87
C ASP E 477 -11.57 -58.57 -30.79
N SER E 478 -11.51 -58.15 -29.52
CA SER E 478 -11.96 -59.02 -28.43
C SER E 478 -12.15 -58.28 -27.12
N TYR E 479 -12.56 -59.01 -26.09
CA TYR E 479 -12.78 -58.43 -24.79
C TYR E 479 -11.91 -59.06 -23.70
N THR E 480 -11.64 -58.29 -22.65
CA THR E 480 -11.03 -58.80 -21.43
C THR E 480 -11.94 -58.55 -20.25
N ILE E 481 -12.22 -59.60 -19.49
CA ILE E 481 -12.88 -59.46 -18.21
C ILE E 481 -11.90 -59.18 -17.05
N LEU E 482 -12.24 -58.17 -16.24
CA LEU E 482 -11.40 -57.74 -15.12
C LEU E 482 -11.99 -58.16 -13.81
N THR E 483 -11.16 -58.68 -12.91
CA THR E 483 -11.61 -59.10 -11.59
C THR E 483 -11.34 -57.98 -10.56
N ASP E 484 -12.26 -57.82 -9.62
CA ASP E 484 -12.09 -56.86 -8.51
C ASP E 484 -11.65 -55.49 -9.04
N ILE E 485 -12.56 -54.78 -9.71
CA ILE E 485 -12.15 -53.52 -10.35
C ILE E 485 -11.98 -52.34 -9.40
N GLN E 486 -11.09 -51.43 -9.78
CA GLN E 486 -10.94 -50.17 -9.07
C GLN E 486 -11.74 -49.08 -9.80
N GLY E 487 -11.87 -47.93 -9.14
CA GLY E 487 -12.79 -46.89 -9.57
C GLY E 487 -12.60 -46.50 -11.02
N MET E 488 -11.34 -46.27 -11.37
CA MET E 488 -10.98 -45.89 -12.74
C MET E 488 -11.42 -46.93 -13.79
N GLU E 489 -11.52 -48.19 -13.39
CA GLU E 489 -11.85 -49.27 -14.32
C GLU E 489 -13.34 -49.34 -14.54
N ASP E 490 -14.11 -49.04 -13.50
CA ASP E 490 -15.55 -48.81 -13.63
C ASP E 490 -15.79 -47.60 -14.53
N ALA E 491 -15.08 -46.52 -14.24
CA ALA E 491 -15.34 -45.25 -14.90
C ALA E 491 -14.97 -45.29 -16.37
N LEU E 492 -13.88 -45.95 -16.70
CA LEU E 492 -13.40 -46.04 -18.09
C LEU E 492 -13.69 -47.39 -18.74
N GLY E 493 -14.28 -48.30 -17.97
CA GLY E 493 -14.64 -49.61 -18.47
C GLY E 493 -16.05 -49.67 -19.02
N ASP E 494 -16.53 -50.89 -19.24
CA ASP E 494 -17.79 -51.13 -19.93
C ASP E 494 -18.86 -51.67 -19.00
N MET E 495 -18.48 -52.16 -17.84
CA MET E 495 -19.47 -52.66 -16.90
C MET E 495 -18.97 -52.63 -15.47
N ASP E 496 -19.92 -52.88 -14.58
CA ASP E 496 -19.68 -52.93 -13.17
C ASP E 496 -20.64 -53.99 -12.68
N PHE E 497 -20.13 -55.19 -12.47
CA PHE E 497 -20.96 -56.35 -12.30
C PHE E 497 -20.64 -56.98 -10.97
N LYS E 498 -21.53 -56.81 -10.02
CA LYS E 498 -21.27 -57.18 -8.66
C LYS E 498 -21.95 -58.47 -8.39
N VAL E 499 -21.18 -59.43 -7.85
CA VAL E 499 -21.74 -60.72 -7.46
C VAL E 499 -21.27 -61.07 -6.08
N ALA E 500 -22.19 -61.61 -5.29
CA ALA E 500 -21.92 -62.01 -3.96
C ALA E 500 -22.64 -63.31 -3.70
N GLY E 501 -22.00 -64.16 -2.89
CA GLY E 501 -22.68 -65.34 -2.38
C GLY E 501 -21.75 -66.20 -1.54
N THR E 502 -22.19 -67.44 -1.32
CA THR E 502 -21.46 -68.41 -0.55
C THR E 502 -20.60 -69.28 -1.44
N LYS E 503 -19.99 -70.30 -0.83
CA LYS E 503 -19.19 -71.29 -1.56
C LYS E 503 -20.10 -72.18 -2.40
N GLU E 504 -21.25 -72.53 -1.83
CA GLU E 504 -22.33 -73.25 -2.50
C GLU E 504 -23.02 -72.48 -3.67
N GLY E 505 -23.14 -71.16 -3.60
CA GLY E 505 -23.74 -70.40 -4.72
C GLY E 505 -24.08 -68.93 -4.48
N ILE E 506 -24.77 -68.33 -5.46
CA ILE E 506 -24.99 -66.89 -5.48
C ILE E 506 -26.15 -66.44 -4.60
N THR E 507 -25.96 -65.35 -3.86
CA THR E 507 -27.05 -64.76 -3.06
C THR E 507 -27.51 -63.40 -3.56
N ALA E 508 -26.70 -62.70 -4.36
CA ALA E 508 -27.12 -61.41 -4.85
C ALA E 508 -26.26 -60.90 -6.00
N ILE E 509 -26.88 -60.19 -6.92
CA ILE E 509 -26.20 -59.55 -8.04
C ILE E 509 -26.75 -58.14 -8.24
N GLN E 510 -25.91 -57.28 -8.81
CA GLN E 510 -26.32 -56.00 -9.31
C GLN E 510 -25.34 -55.60 -10.39
N MET E 511 -25.86 -55.34 -11.59
CA MET E 511 -25.04 -55.05 -12.73
C MET E 511 -25.59 -53.91 -13.59
N ASP E 512 -24.71 -53.00 -13.96
CA ASP E 512 -25.03 -52.01 -14.98
C ASP E 512 -23.85 -51.87 -15.93
N ILE E 513 -24.09 -51.25 -17.08
CA ILE E 513 -23.11 -51.25 -18.15
C ILE E 513 -23.08 -49.90 -18.82
N LYS E 514 -22.07 -49.66 -19.61
CA LYS E 514 -21.94 -48.42 -20.31
C LYS E 514 -21.78 -48.61 -21.79
N ILE E 515 -22.09 -49.79 -22.25
CA ILE E 515 -22.12 -50.13 -23.69
C ILE E 515 -23.53 -50.62 -24.01
N ASP E 516 -23.85 -50.84 -25.29
CA ASP E 516 -25.22 -51.17 -25.67
C ASP E 516 -25.72 -52.45 -25.03
N GLY E 517 -24.88 -53.47 -24.91
CA GLY E 517 -25.35 -54.75 -24.36
C GLY E 517 -24.24 -55.71 -24.02
N LEU E 518 -24.61 -56.73 -23.25
CA LEU E 518 -23.70 -57.83 -22.90
C LEU E 518 -24.15 -59.13 -23.52
N THR E 519 -23.23 -59.82 -24.19
CA THR E 519 -23.53 -61.13 -24.79
C THR E 519 -23.63 -62.21 -23.70
N ARG E 520 -24.12 -63.38 -24.06
CA ARG E 520 -24.30 -64.48 -23.12
C ARG E 520 -22.99 -65.09 -22.64
N GLU E 521 -21.99 -65.05 -23.51
CA GLU E 521 -20.73 -65.60 -23.14
C GLU E 521 -19.93 -64.68 -22.21
N ILE E 522 -20.16 -63.39 -22.29
CA ILE E 522 -19.45 -62.47 -21.45
C ILE E 522 -19.96 -62.78 -20.04
N ILE E 523 -21.22 -63.06 -19.91
CA ILE E 523 -21.99 -62.91 -18.70
C ILE E 523 -21.63 -64.15 -17.97
N GLU E 524 -21.67 -65.26 -18.71
CA GLU E 524 -21.30 -66.58 -18.20
C GLU E 524 -19.85 -66.60 -17.68
N GLU E 525 -18.96 -65.95 -18.42
CA GLU E 525 -17.57 -65.92 -18.08
C GLU E 525 -17.36 -65.11 -16.82
N ALA E 526 -17.97 -63.92 -16.80
CA ALA E 526 -18.01 -63.05 -15.60
C ALA E 526 -18.52 -63.77 -14.36
N LEU E 527 -19.61 -64.52 -14.48
CA LEU E 527 -20.14 -65.24 -13.32
C LEU E 527 -19.09 -66.22 -12.79
N GLU E 528 -18.39 -66.90 -13.71
CA GLU E 528 -17.45 -67.97 -13.34
C GLU E 528 -16.25 -67.35 -12.62
N GLN E 529 -15.67 -66.37 -13.29
CA GLN E 529 -14.55 -65.63 -12.79
C GLN E 529 -14.90 -64.89 -11.48
N ALA E 530 -16.16 -64.57 -11.28
CA ALA E 530 -16.60 -63.99 -10.03
C ALA E 530 -16.76 -65.07 -8.97
N ARG E 531 -17.09 -66.28 -9.41
CA ARG E 531 -17.14 -67.43 -8.47
C ARG E 531 -15.73 -67.71 -7.91
N ARG E 532 -14.72 -67.60 -8.76
CA ARG E 532 -13.35 -67.84 -8.36
C ARG E 532 -12.93 -66.78 -7.37
N GLY E 533 -13.00 -65.51 -7.82
CA GLY E 533 -12.78 -64.35 -7.01
C GLY E 533 -13.37 -64.45 -5.61
N ARG E 534 -14.65 -64.77 -5.50
CA ARG E 534 -15.27 -64.78 -4.18
C ARG E 534 -14.64 -65.86 -3.33
N LEU E 535 -14.33 -66.98 -3.96
CA LEU E 535 -13.78 -68.16 -3.27
C LEU E 535 -12.41 -67.87 -2.63
N GLU E 536 -11.53 -67.23 -3.39
CA GLU E 536 -10.32 -66.65 -2.87
C GLU E 536 -10.59 -65.83 -1.61
N ILE E 537 -11.57 -64.93 -1.69
CA ILE E 537 -11.85 -63.98 -0.60
C ILE E 537 -12.38 -64.71 0.62
N MET E 538 -13.29 -65.65 0.44
CA MET E 538 -13.77 -66.40 1.61
C MET E 538 -12.60 -67.14 2.23
N ASN E 539 -11.62 -67.51 1.41
CA ASN E 539 -10.50 -68.31 1.90
C ASN E 539 -9.68 -67.48 2.91
N HIS E 540 -9.22 -66.31 2.45
CA HIS E 540 -8.64 -65.29 3.32
C HIS E 540 -9.47 -65.00 4.57
N MET E 541 -10.78 -64.78 4.40
CA MET E 541 -11.65 -64.42 5.53
C MET E 541 -11.63 -65.49 6.62
N LEU E 542 -11.50 -66.75 6.20
CA LEU E 542 -11.52 -67.83 7.18
C LEU E 542 -10.21 -68.00 7.97
N GLN E 543 -9.11 -67.46 7.45
CA GLN E 543 -7.87 -67.31 8.23
C GLN E 543 -8.13 -66.44 9.45
N THR E 544 -8.94 -65.38 9.27
CA THR E 544 -9.22 -64.43 10.34
C THR E 544 -10.17 -65.02 11.37
N ILE E 545 -11.23 -65.64 10.89
CA ILE E 545 -12.17 -66.31 11.77
C ILE E 545 -12.80 -67.41 10.94
N ASP E 546 -12.75 -68.64 11.45
CA ASP E 546 -13.08 -69.82 10.66
C ASP E 546 -14.47 -70.39 10.98
N GLN E 547 -15.15 -69.80 11.97
CA GLN E 547 -16.50 -70.21 12.33
C GLN E 547 -17.07 -69.22 13.36
N PRO E 548 -18.41 -69.24 13.55
CA PRO E 548 -19.05 -68.38 14.56
C PRO E 548 -18.55 -68.60 16.00
N ARG E 549 -18.09 -67.51 16.63
CA ARG E 549 -17.68 -67.46 18.05
C ARG E 549 -18.72 -68.05 19.01
N GLU F 4 0.66 -50.00 6.99
CA GLU F 4 1.49 -49.82 8.23
C GLU F 4 0.62 -49.49 9.45
N LYS F 5 0.98 -49.94 10.63
CA LYS F 5 0.18 -49.62 11.81
C LYS F 5 1.08 -49.30 12.98
N LYS F 6 0.82 -48.16 13.63
CA LYS F 6 1.66 -47.71 14.74
C LYS F 6 0.80 -47.32 15.92
N VAL F 7 1.11 -47.87 17.08
CA VAL F 7 0.33 -47.68 18.29
C VAL F 7 1.17 -46.99 19.35
N PHE F 8 0.64 -45.89 19.89
CA PHE F 8 1.32 -45.10 20.91
C PHE F 8 0.43 -45.04 22.13
N LYS F 9 1.01 -45.22 23.30
CA LYS F 9 0.20 -45.47 24.49
C LYS F 9 0.63 -44.62 25.68
N THR F 10 -0.32 -44.29 26.55
CA THR F 10 -0.02 -43.54 27.77
C THR F 10 -1.16 -43.66 28.78
N GLU F 11 -1.05 -42.92 29.87
CA GLU F 11 -2.13 -42.88 30.86
C GLU F 11 -2.73 -41.48 30.87
N TRP F 12 -4.04 -41.44 31.12
CA TRP F 12 -4.79 -40.19 31.19
C TRP F 12 -5.78 -40.32 32.31
N ALA F 13 -5.47 -39.67 33.42
CA ALA F 13 -6.35 -39.64 34.58
C ALA F 13 -6.80 -41.02 35.02
N GLY F 14 -5.87 -41.94 35.17
CA GLY F 14 -6.18 -43.26 35.74
C GLY F 14 -6.79 -44.28 34.78
N ARG F 15 -6.71 -44.04 33.48
CA ARG F 15 -7.13 -44.99 32.48
C ARG F 15 -6.30 -44.84 31.22
N SER F 16 -6.24 -45.86 30.38
CA SER F 16 -5.25 -45.85 29.30
C SER F 16 -5.72 -45.04 28.11
N LEU F 17 -4.77 -44.43 27.42
CA LEU F 17 -5.07 -43.69 26.25
C LEU F 17 -4.14 -44.20 25.15
N THR F 18 -4.75 -44.71 24.08
CA THR F 18 -4.00 -45.23 22.95
C THR F 18 -4.37 -44.47 21.71
N ILE F 19 -3.37 -44.15 20.91
CA ILE F 19 -3.57 -43.50 19.64
C ILE F 19 -2.94 -44.35 18.53
N GLU F 20 -3.76 -44.79 17.57
CA GLU F 20 -3.30 -45.61 16.44
C GLU F 20 -3.37 -44.86 15.13
N THR F 21 -2.32 -44.94 14.32
CA THR F 21 -2.40 -44.40 12.98
C THR F 21 -1.77 -45.38 11.99
N GLY F 22 -1.90 -45.03 10.71
CA GLY F 22 -1.34 -45.81 9.60
C GLY F 22 -2.21 -46.94 9.07
N GLN F 23 -3.19 -47.41 9.83
CA GLN F 23 -4.06 -48.47 9.37
C GLN F 23 -5.36 -47.94 8.72
N LEU F 24 -6.09 -47.05 9.42
CA LEU F 24 -7.42 -46.60 8.99
C LEU F 24 -7.48 -45.26 8.26
N ALA F 25 -8.39 -45.19 7.28
CA ALA F 25 -8.83 -43.94 6.66
C ALA F 25 -7.69 -43.19 6.03
N LYS F 26 -6.92 -43.91 5.24
CA LYS F 26 -5.63 -43.43 4.74
C LYS F 26 -5.70 -42.51 3.55
N GLN F 27 -6.88 -42.36 2.96
CA GLN F 27 -7.05 -41.36 1.93
C GLN F 27 -7.29 -39.95 2.50
N ALA F 28 -7.76 -39.86 3.74
CA ALA F 28 -7.71 -38.59 4.49
C ALA F 28 -6.28 -38.03 4.58
N ASN F 29 -6.13 -36.71 4.62
CA ASN F 29 -4.79 -36.13 4.74
C ASN F 29 -4.10 -36.63 5.99
N GLY F 30 -4.89 -36.86 7.03
CA GLY F 30 -4.42 -37.51 8.21
C GLY F 30 -5.57 -38.13 8.95
N ALA F 31 -5.29 -39.14 9.74
CA ALA F 31 -6.34 -39.88 10.42
C ALA F 31 -5.74 -40.69 11.54
N VAL F 32 -6.50 -40.87 12.62
CA VAL F 32 -6.00 -41.46 13.81
C VAL F 32 -7.19 -42.10 14.48
N LEU F 33 -6.95 -43.14 15.27
CA LEU F 33 -7.98 -43.80 16.05
C LEU F 33 -7.60 -43.62 17.51
N VAL F 34 -8.58 -43.31 18.37
CA VAL F 34 -8.32 -43.00 19.78
C VAL F 34 -9.06 -44.00 20.63
N ARG F 35 -8.32 -44.68 21.50
CA ARG F 35 -8.92 -45.52 22.49
C ARG F 35 -8.59 -44.89 23.83
N TYR F 36 -9.63 -44.59 24.59
CA TYR F 36 -9.50 -44.00 25.90
C TYR F 36 -10.46 -44.79 26.76
N GLY F 37 -9.93 -45.62 27.66
CA GLY F 37 -10.76 -46.59 28.37
C GLY F 37 -11.51 -47.38 27.31
N ASP F 38 -12.78 -47.65 27.55
CA ASP F 38 -13.63 -48.29 26.55
C ASP F 38 -14.23 -47.35 25.47
N THR F 39 -13.76 -46.11 25.40
CA THR F 39 -14.24 -45.16 24.41
C THR F 39 -13.33 -45.23 23.21
N VAL F 40 -13.92 -45.23 22.02
CA VAL F 40 -13.16 -45.25 20.77
C VAL F 40 -13.73 -44.22 19.83
N VAL F 41 -12.83 -43.49 19.17
CA VAL F 41 -13.23 -42.45 18.30
C VAL F 41 -12.25 -42.45 17.16
N LEU F 42 -12.78 -42.33 15.94
CA LEU F 42 -11.98 -42.18 14.76
C LEU F 42 -12.09 -40.74 14.34
N SER F 43 -10.95 -40.10 14.09
CA SER F 43 -10.91 -38.70 13.76
C SER F 43 -10.15 -38.54 12.47
N THR F 44 -10.59 -37.63 11.58
CA THR F 44 -9.92 -37.44 10.33
C THR F 44 -9.86 -35.99 9.97
N ALA F 45 -8.90 -35.66 9.12
CA ALA F 45 -8.70 -34.31 8.70
C ALA F 45 -8.31 -34.33 7.22
N THR F 46 -9.06 -33.55 6.45
CA THR F 46 -8.96 -33.57 5.01
C THR F 46 -8.97 -32.13 4.56
N ALA F 47 -8.15 -31.81 3.56
CA ALA F 47 -8.10 -30.46 3.03
C ALA F 47 -8.35 -30.46 1.52
N SER F 48 -9.00 -29.42 1.02
CA SER F 48 -9.17 -29.26 -0.41
C SER F 48 -7.80 -29.25 -1.06
N LYS F 49 -7.76 -29.56 -2.35
CA LYS F 49 -6.50 -29.69 -3.07
C LYS F 49 -5.84 -28.32 -3.25
N GLU F 50 -6.60 -27.36 -3.81
CA GLU F 50 -6.16 -25.97 -3.95
C GLU F 50 -6.93 -25.06 -2.98
N PRO F 51 -6.46 -23.81 -2.75
CA PRO F 51 -7.18 -22.98 -1.77
C PRO F 51 -8.37 -22.28 -2.38
N ARG F 52 -9.40 -22.07 -1.57
CA ARG F 52 -10.60 -21.38 -2.03
C ARG F 52 -10.30 -19.91 -2.27
N ASP F 53 -11.09 -19.29 -3.14
CA ASP F 53 -10.98 -17.85 -3.41
C ASP F 53 -11.65 -17.03 -2.31
N GLY F 54 -11.34 -15.74 -2.30
CA GLY F 54 -11.93 -14.82 -1.33
C GLY F 54 -11.18 -14.85 -0.02
N ASP F 55 -11.58 -13.97 0.91
CA ASP F 55 -10.91 -13.83 2.19
C ASP F 55 -11.78 -14.43 3.28
N PHE F 56 -11.78 -15.76 3.34
CA PHE F 56 -12.57 -16.50 4.30
C PHE F 56 -12.03 -17.93 4.37
N PHE F 57 -11.77 -18.40 5.60
CA PHE F 57 -11.16 -19.70 5.84
C PHE F 57 -12.25 -20.71 6.14
N PRO F 58 -12.57 -21.61 5.17
CA PRO F 58 -13.60 -22.57 5.47
C PRO F 58 -13.00 -23.71 6.29
N LEU F 59 -13.48 -23.85 7.51
CA LEU F 59 -13.04 -24.87 8.42
C LEU F 59 -14.32 -25.40 8.98
N THR F 60 -14.47 -26.71 8.97
CA THR F 60 -15.64 -27.35 9.50
C THR F 60 -15.21 -28.53 10.35
N VAL F 61 -15.97 -28.76 11.42
CA VAL F 61 -15.73 -29.83 12.33
C VAL F 61 -17.05 -30.51 12.52
N ASN F 62 -17.04 -31.84 12.40
CA ASN F 62 -18.23 -32.61 12.68
C ASN F 62 -17.97 -33.60 13.74
N TYR F 63 -19.02 -34.02 14.38
CA TYR F 63 -18.92 -34.99 15.43
C TYR F 63 -20.20 -35.75 15.40
N GLU F 64 -20.12 -37.05 15.56
CA GLU F 64 -21.29 -37.87 15.48
C GLU F 64 -21.04 -39.12 16.27
N GLU F 65 -22.04 -39.51 17.04
CA GLU F 65 -21.96 -40.69 17.85
C GLU F 65 -22.87 -41.74 17.24
N LYS F 66 -22.28 -42.80 16.73
CA LYS F 66 -23.03 -43.90 16.13
C LYS F 66 -24.07 -44.51 17.05
N MET F 67 -25.09 -45.10 16.44
CA MET F 67 -26.20 -45.75 17.16
C MET F 67 -25.69 -46.92 17.96
N TYR F 68 -24.72 -47.63 17.39
CA TYR F 68 -24.18 -48.80 18.03
C TYR F 68 -23.14 -48.46 19.10
N ALA F 69 -22.64 -47.22 19.10
CA ALA F 69 -21.63 -46.76 20.06
C ALA F 69 -21.99 -46.99 21.53
N ALA F 70 -23.28 -47.10 21.84
CA ALA F 70 -23.75 -47.36 23.20
C ALA F 70 -24.31 -48.78 23.35
N GLY F 71 -24.00 -49.64 22.38
CA GLY F 71 -24.55 -51.00 22.32
C GLY F 71 -26.07 -51.03 22.30
N LYS F 72 -26.70 -50.07 21.60
CA LYS F 72 -28.15 -49.93 21.57
C LYS F 72 -28.62 -49.31 20.26
N GLY F 85 -31.28 -33.82 19.85
CA GLY F 85 -29.98 -34.33 19.37
C GLY F 85 -28.97 -33.21 19.10
N ASP F 86 -28.91 -32.24 20.00
CA ASP F 86 -28.10 -31.03 19.81
C ASP F 86 -26.67 -31.23 20.32
N ASP F 87 -26.49 -32.22 21.19
CA ASP F 87 -25.18 -32.47 21.84
C ASP F 87 -24.04 -32.60 20.86
N ALA F 88 -24.29 -33.29 19.74
CA ALA F 88 -23.30 -33.48 18.71
C ALA F 88 -22.88 -32.15 18.10
N THR F 89 -23.84 -31.24 17.99
CA THR F 89 -23.56 -29.93 17.43
C THR F 89 -22.75 -29.11 18.45
N LEU F 90 -23.16 -29.19 19.71
CA LEU F 90 -22.42 -28.53 20.78
C LEU F 90 -20.98 -29.09 20.83
N THR F 91 -20.85 -30.42 20.76
CA THR F 91 -19.51 -31.03 20.82
C THR F 91 -18.65 -30.57 19.65
N ALA F 92 -19.21 -30.52 18.46
CA ALA F 92 -18.44 -30.12 17.31
C ALA F 92 -18.01 -28.68 17.41
N ARG F 93 -18.89 -27.81 17.94
CA ARG F 93 -18.55 -26.41 18.20
C ARG F 93 -17.42 -26.33 19.26
N LEU F 94 -17.53 -27.14 20.30
CA LEU F 94 -16.46 -27.25 21.30
C LEU F 94 -15.09 -27.51 20.67
N ILE F 95 -15.02 -28.45 19.72
CA ILE F 95 -13.75 -28.87 19.14
C ILE F 95 -13.19 -27.83 18.17
N ASP F 96 -14.07 -27.20 17.39
CA ASP F 96 -13.67 -26.09 16.50
C ASP F 96 -12.85 -24.97 17.22
N ARG F 97 -13.29 -24.62 18.43
CA ARG F 97 -12.77 -23.42 19.15
C ARG F 97 -11.26 -23.36 19.33
N PRO F 98 -10.66 -24.36 19.99
CA PRO F 98 -9.20 -24.28 20.12
C PRO F 98 -8.42 -24.59 18.87
N ILE F 99 -9.10 -25.14 17.85
CA ILE F 99 -8.41 -25.54 16.63
C ILE F 99 -8.36 -24.38 15.64
N ARG F 100 -9.45 -23.60 15.56
CA ARG F 100 -9.56 -22.57 14.53
C ARG F 100 -8.46 -21.51 14.52
N PRO F 101 -8.09 -20.96 15.69
CA PRO F 101 -7.09 -19.86 15.57
C PRO F 101 -5.66 -20.28 15.21
N LEU F 102 -5.39 -21.59 15.11
CA LEU F 102 -4.03 -22.07 14.96
C LEU F 102 -3.63 -22.46 13.54
N PHE F 103 -4.06 -21.66 12.57
CA PHE F 103 -3.67 -21.89 11.19
C PHE F 103 -2.94 -20.64 10.71
N PRO F 104 -1.96 -20.81 9.83
CA PRO F 104 -1.25 -19.62 9.38
C PRO F 104 -2.19 -18.56 8.79
N LYS F 105 -1.94 -17.28 9.10
CA LYS F 105 -2.80 -16.21 8.65
C LYS F 105 -2.81 -16.14 7.12
N GLY F 106 -4.00 -16.07 6.53
CA GLY F 106 -4.15 -16.08 5.09
C GLY F 106 -4.30 -17.47 4.47
N TYR F 107 -4.33 -18.50 5.30
CA TYR F 107 -4.53 -19.88 4.84
C TYR F 107 -6.02 -20.11 4.68
N LYS F 108 -6.46 -20.33 3.44
CA LYS F 108 -7.88 -20.40 3.10
C LYS F 108 -8.21 -21.65 2.26
N HIS F 109 -7.61 -22.77 2.64
CA HIS F 109 -7.96 -24.09 2.12
C HIS F 109 -9.21 -24.55 2.83
N ASP F 110 -10.07 -25.29 2.15
CA ASP F 110 -11.14 -25.99 2.86
C ASP F 110 -10.46 -27.04 3.72
N VAL F 111 -10.84 -27.07 4.99
CA VAL F 111 -10.39 -28.11 5.87
C VAL F 111 -11.62 -28.63 6.58
N GLN F 112 -11.80 -29.94 6.55
CA GLN F 112 -12.90 -30.55 7.21
C GLN F 112 -12.36 -31.59 8.13
N ILE F 113 -12.98 -31.71 9.29
CA ILE F 113 -12.52 -32.58 10.33
C ILE F 113 -13.73 -33.32 10.81
N MET F 114 -13.64 -34.65 10.81
CA MET F 114 -14.73 -35.48 11.20
C MET F 114 -14.31 -36.31 12.40
N ASN F 115 -15.28 -36.62 13.25
CA ASN F 115 -15.08 -37.43 14.39
C ASN F 115 -16.22 -38.38 14.52
N MET F 116 -15.92 -39.66 14.65
CA MET F 116 -16.94 -40.66 14.75
C MET F 116 -16.69 -41.42 16.01
N VAL F 117 -17.65 -41.38 16.90
CA VAL F 117 -17.58 -42.11 18.13
C VAL F 117 -18.10 -43.50 17.81
N LEU F 118 -17.17 -44.44 17.69
CA LEU F 118 -17.49 -45.83 17.41
C LEU F 118 -17.86 -46.58 18.66
N SER F 119 -17.31 -46.13 19.79
CA SER F 119 -17.66 -46.73 21.08
C SER F 119 -17.56 -45.66 22.13
N ALA F 120 -18.51 -45.63 23.06
CA ALA F 120 -18.65 -44.53 23.99
C ALA F 120 -18.93 -45.01 25.40
N ASP F 121 -17.92 -44.84 26.25
CA ASP F 121 -18.01 -45.06 27.69
C ASP F 121 -18.20 -43.69 28.30
N PRO F 122 -19.36 -43.43 28.92
CA PRO F 122 -19.57 -42.05 29.37
C PRO F 122 -18.60 -41.63 30.49
N ASP F 123 -17.97 -42.58 31.18
CA ASP F 123 -16.93 -42.27 32.18
C ASP F 123 -15.59 -41.88 31.55
N CYS F 124 -15.40 -42.17 30.27
CA CYS F 124 -14.20 -41.75 29.54
C CYS F 124 -14.61 -40.87 28.37
N SER F 125 -14.50 -39.56 28.54
CA SER F 125 -15.18 -38.57 27.70
C SER F 125 -14.91 -38.73 26.21
N PRO F 126 -15.96 -39.07 25.44
CA PRO F 126 -15.81 -39.09 23.97
C PRO F 126 -15.52 -37.72 23.40
N GLN F 127 -16.05 -36.69 24.06
CA GLN F 127 -15.82 -35.33 23.63
C GLN F 127 -14.35 -35.00 23.68
N MET F 128 -13.73 -35.34 24.80
CA MET F 128 -12.28 -35.11 24.95
C MET F 128 -11.42 -36.05 24.08
N ALA F 129 -11.82 -37.32 24.00
CA ALA F 129 -11.12 -38.24 23.06
C ALA F 129 -11.11 -37.70 21.64
N ALA F 130 -12.21 -37.06 21.24
CA ALA F 130 -12.36 -36.59 19.87
C ALA F 130 -11.56 -35.35 19.63
N MET F 131 -11.50 -34.53 20.67
CA MET F 131 -10.73 -33.32 20.63
C MET F 131 -9.27 -33.63 20.43
N ILE F 132 -8.76 -34.61 21.18
CA ILE F 132 -7.36 -35.02 20.99
C ILE F 132 -7.21 -35.77 19.66
N GLY F 133 -8.17 -36.65 19.36
CA GLY F 133 -8.25 -37.24 18.00
C GLY F 133 -8.06 -36.24 16.86
N SER F 134 -8.84 -35.15 16.90
CA SER F 134 -8.81 -34.10 15.89
C SER F 134 -7.47 -33.39 15.79
N SER F 135 -6.91 -33.04 16.94
CA SER F 135 -5.53 -32.51 17.00
C SER F 135 -4.50 -33.49 16.38
N MET F 136 -4.55 -34.75 16.79
CA MET F 136 -3.65 -35.76 16.20
C MET F 136 -3.80 -35.90 14.70
N ALA F 137 -5.04 -35.98 14.21
CA ALA F 137 -5.25 -36.17 12.79
C ALA F 137 -4.64 -35.04 11.99
N LEU F 138 -4.83 -33.81 12.44
CA LEU F 138 -4.15 -32.67 11.81
C LEU F 138 -2.63 -32.70 11.98
N SER F 139 -2.17 -33.21 13.11
CA SER F 139 -0.71 -33.18 13.39
C SER F 139 0.08 -34.17 12.54
N VAL F 140 -0.51 -35.35 12.29
CA VAL F 140 0.10 -36.32 11.37
C VAL F 140 -0.12 -35.96 9.90
N SER F 141 -1.09 -35.10 9.61
CA SER F 141 -1.41 -34.75 8.23
C SER F 141 -0.31 -33.87 7.65
N ASP F 142 -0.45 -33.52 6.38
CA ASP F 142 0.41 -32.50 5.79
C ASP F 142 -0.22 -31.10 5.88
N ILE F 143 -1.29 -30.95 6.66
CA ILE F 143 -1.95 -29.65 6.82
C ILE F 143 -1.20 -28.81 7.87
N PRO F 144 -0.80 -27.57 7.52
CA PRO F 144 0.04 -26.79 8.42
C PRO F 144 -0.68 -26.22 9.64
N PHE F 145 -1.14 -27.11 10.51
CA PHE F 145 -1.73 -26.77 11.79
C PHE F 145 -0.61 -26.44 12.79
N GLN F 146 -0.83 -25.45 13.64
CA GLN F 146 0.20 -25.01 14.60
C GLN F 146 -0.06 -25.48 16.02
N GLY F 147 -0.47 -26.74 16.16
CA GLY F 147 -0.68 -27.35 17.46
C GLY F 147 0.57 -28.11 17.88
N PRO F 148 0.41 -29.20 18.62
CA PRO F 148 -0.85 -29.81 18.97
C PRO F 148 -1.64 -29.00 19.95
N ILE F 149 -2.87 -29.46 20.17
CA ILE F 149 -3.71 -28.90 21.17
C ILE F 149 -4.32 -30.07 21.87
N ALA F 150 -4.87 -29.85 23.03
CA ALA F 150 -5.55 -30.91 23.73
C ALA F 150 -6.54 -30.27 24.65
N GLY F 151 -7.46 -31.08 25.15
CA GLY F 151 -8.52 -30.56 25.98
C GLY F 151 -8.87 -31.55 27.06
N VAL F 152 -9.45 -31.03 28.13
CA VAL F 152 -9.61 -31.79 29.31
C VAL F 152 -10.83 -31.30 30.06
N ASN F 153 -11.46 -32.21 30.78
CA ASN F 153 -12.58 -31.87 31.63
C ASN F 153 -12.17 -31.76 33.10
N VAL F 154 -12.58 -30.68 33.79
CA VAL F 154 -12.31 -30.53 35.24
C VAL F 154 -13.58 -30.43 36.09
N GLY F 155 -13.65 -31.25 37.11
CA GLY F 155 -14.69 -31.20 38.12
C GLY F 155 -14.11 -30.60 39.40
N TYR F 156 -14.92 -30.54 40.46
CA TYR F 156 -14.54 -29.82 41.67
C TYR F 156 -15.39 -30.34 42.79
N ILE F 157 -14.82 -31.24 43.58
CA ILE F 157 -15.53 -31.96 44.63
C ILE F 157 -14.76 -31.82 45.95
N ASP F 158 -15.49 -31.51 47.02
CA ASP F 158 -14.89 -31.23 48.34
C ASP F 158 -13.54 -30.51 48.21
N GLY F 159 -13.54 -29.41 47.48
CA GLY F 159 -12.36 -28.57 47.35
C GLY F 159 -11.23 -29.09 46.49
N LYS F 160 -11.40 -30.28 45.90
CA LYS F 160 -10.37 -30.87 45.05
C LYS F 160 -10.79 -30.87 43.59
N TYR F 161 -9.91 -30.37 42.73
CA TYR F 161 -10.10 -30.48 41.30
C TYR F 161 -9.82 -31.91 40.87
N ILE F 162 -10.55 -32.35 39.85
CA ILE F 162 -10.36 -33.69 39.31
C ILE F 162 -10.46 -33.66 37.79
N ILE F 163 -9.56 -34.37 37.14
CA ILE F 163 -9.60 -34.45 35.71
C ILE F 163 -10.57 -35.50 35.21
N ASN F 164 -11.30 -35.17 34.14
CA ASN F 164 -12.22 -36.10 33.49
C ASN F 164 -13.01 -36.89 34.50
N PRO F 165 -13.78 -36.20 35.35
CA PRO F 165 -14.55 -36.94 36.32
C PRO F 165 -15.52 -37.86 35.66
N THR F 166 -15.90 -38.89 36.39
CA THR F 166 -16.80 -39.89 35.87
C THR F 166 -18.20 -39.35 36.00
N VAL F 167 -19.16 -40.09 35.45
CA VAL F 167 -20.56 -39.69 35.48
C VAL F 167 -20.96 -39.41 36.92
N GLU F 168 -20.60 -40.32 37.82
CA GLU F 168 -21.11 -40.26 39.19
C GLU F 168 -20.42 -39.18 40.02
N GLU F 169 -19.21 -38.79 39.63
CA GLU F 169 -18.50 -37.70 40.30
C GLU F 169 -19.06 -36.35 39.83
N LYS F 170 -19.53 -36.30 38.58
CA LYS F 170 -20.14 -35.09 38.03
C LYS F 170 -21.47 -34.81 38.70
N GLU F 171 -22.20 -35.85 39.07
CA GLU F 171 -23.43 -35.71 39.87
C GLU F 171 -23.22 -34.87 41.14
N VAL F 172 -21.95 -34.69 41.52
CA VAL F 172 -21.59 -34.16 42.82
C VAL F 172 -20.54 -33.04 42.72
N SER F 173 -20.03 -32.78 41.52
CA SER F 173 -19.09 -31.70 41.32
C SER F 173 -19.82 -30.36 41.37
N ARG F 174 -19.09 -29.30 41.73
CA ARG F 174 -19.64 -27.96 41.71
C ARG F 174 -19.26 -27.26 40.41
N LEU F 175 -18.53 -27.96 39.56
CA LEU F 175 -18.00 -27.36 38.34
C LEU F 175 -17.97 -28.38 37.21
N ASP F 176 -18.35 -27.93 36.01
CA ASP F 176 -18.31 -28.73 34.80
C ASP F 176 -17.56 -27.90 33.80
N LEU F 177 -16.25 -28.07 33.74
CA LEU F 177 -15.39 -27.21 32.93
C LEU F 177 -14.69 -28.01 31.87
N GLU F 178 -14.52 -27.40 30.69
CA GLU F 178 -13.79 -28.00 29.62
C GLU F 178 -12.79 -26.97 29.20
N VAL F 179 -11.50 -27.29 29.39
CA VAL F 179 -10.43 -26.37 29.10
C VAL F 179 -9.65 -26.98 27.98
N ALA F 180 -9.03 -26.14 27.18
CA ALA F 180 -8.20 -26.59 26.15
C ALA F 180 -7.16 -25.56 25.78
N GLY F 181 -6.07 -26.06 25.22
CA GLY F 181 -5.06 -25.22 24.65
C GLY F 181 -3.86 -26.01 24.21
N HIS F 182 -2.75 -25.28 24.06
CA HIS F 182 -1.55 -25.84 23.50
C HIS F 182 -0.42 -25.88 24.53
N LYS F 183 0.80 -26.06 24.04
CA LYS F 183 2.00 -26.15 24.87
C LYS F 183 2.07 -24.99 25.88
N ASP F 184 2.18 -23.77 25.36
CA ASP F 184 2.41 -22.55 26.13
C ASP F 184 1.21 -21.75 26.70
N ALA F 185 -0.04 -22.13 26.44
CA ALA F 185 -1.20 -21.33 26.86
C ALA F 185 -2.54 -22.02 26.64
N VAL F 186 -3.51 -21.55 27.41
CA VAL F 186 -4.91 -21.92 27.26
C VAL F 186 -5.57 -21.19 26.07
N ASN F 187 -6.46 -21.93 25.39
CA ASN F 187 -7.10 -21.50 24.13
C ASN F 187 -8.58 -21.25 24.22
N MET F 188 -9.23 -21.94 25.16
CA MET F 188 -10.64 -22.05 25.13
C MET F 188 -11.05 -22.51 26.49
N VAL F 189 -12.11 -21.91 27.02
CA VAL F 189 -12.76 -22.45 28.19
C VAL F 189 -14.25 -22.36 27.93
N GLU F 190 -14.97 -23.28 28.55
CA GLU F 190 -16.39 -23.35 28.41
C GLU F 190 -16.81 -24.07 29.64
N ALA F 191 -17.75 -23.49 30.40
CA ALA F 191 -18.02 -24.03 31.70
C ALA F 191 -19.40 -23.76 32.19
N GLY F 192 -19.80 -24.59 33.13
CA GLY F 192 -21.01 -24.41 33.90
C GLY F 192 -20.60 -24.66 35.34
N ALA F 193 -21.19 -23.92 36.27
CA ALA F 193 -20.76 -24.01 37.68
C ALA F 193 -21.83 -23.64 38.67
N SER F 194 -21.76 -24.24 39.85
CA SER F 194 -22.62 -23.90 40.98
C SER F 194 -22.15 -22.61 41.68
N GLU F 195 -22.09 -21.49 40.95
CA GLU F 195 -21.86 -20.21 41.60
C GLU F 195 -20.52 -20.21 42.36
N ILE F 196 -19.43 -20.31 41.62
CA ILE F 196 -18.11 -20.42 42.21
C ILE F 196 -17.36 -19.15 41.95
N THR F 197 -16.37 -18.88 42.78
CA THR F 197 -15.70 -17.58 42.75
C THR F 197 -14.79 -17.55 41.54
N GLU F 198 -14.37 -16.36 41.18
CA GLU F 198 -13.44 -16.16 40.10
C GLU F 198 -12.14 -16.91 40.32
N GLN F 199 -11.64 -16.90 41.52
CA GLN F 199 -10.34 -17.48 41.80
C GLN F 199 -10.40 -19.01 41.72
N GLU F 200 -11.54 -19.54 42.05
CA GLU F 200 -11.88 -20.95 42.14
C GLU F 200 -11.94 -21.50 40.71
N MET F 201 -12.30 -20.62 39.78
CA MET F 201 -12.42 -20.94 38.37
C MET F 201 -11.06 -20.87 37.74
N LEU F 202 -10.32 -19.81 38.07
CA LEU F 202 -9.03 -19.58 37.42
C LEU F 202 -8.02 -20.67 37.81
N GLU F 203 -8.17 -21.19 39.03
CA GLU F 203 -7.35 -22.29 39.50
C GLU F 203 -7.70 -23.55 38.73
N ALA F 204 -9.00 -23.83 38.61
CA ALA F 204 -9.47 -24.98 37.84
C ALA F 204 -8.91 -24.89 36.43
N ILE F 205 -9.02 -23.73 35.83
CA ILE F 205 -8.47 -23.58 34.50
C ILE F 205 -7.03 -24.05 34.46
N PHE F 206 -6.19 -23.60 35.38
CA PHE F 206 -4.75 -23.87 35.25
C PHE F 206 -4.31 -25.20 35.82
N PHE F 207 -5.14 -25.80 36.68
CA PHE F 207 -4.99 -27.20 37.01
C PHE F 207 -5.19 -28.02 35.71
N GLY F 208 -6.29 -27.73 35.02
CA GLY F 208 -6.57 -28.33 33.73
C GLY F 208 -5.43 -28.16 32.75
N HIS F 209 -4.84 -26.97 32.71
CA HIS F 209 -3.82 -26.76 31.69
C HIS F 209 -2.51 -27.58 31.88
N GLU F 210 -2.21 -27.99 33.11
CA GLU F 210 -0.97 -28.74 33.37
C GLU F 210 -1.14 -30.11 32.67
N GLU F 211 -2.30 -30.75 32.86
CA GLU F 211 -2.61 -31.98 32.12
C GLU F 211 -2.66 -31.78 30.62
N ILE F 212 -3.29 -30.70 30.17
CA ILE F 212 -3.23 -30.35 28.77
C ILE F 212 -1.79 -30.42 28.28
N GLN F 213 -0.87 -29.93 29.08
CA GLN F 213 0.56 -29.85 28.70
C GLN F 213 1.22 -31.22 28.54
N ARG F 214 0.82 -32.17 29.38
CA ARG F 214 1.26 -33.55 29.27
C ARG F 214 0.75 -34.13 27.95
N LEU F 215 -0.56 -33.97 27.72
CA LEU F 215 -1.21 -34.47 26.51
C LEU F 215 -0.58 -33.92 25.26
N VAL F 216 -0.24 -32.65 25.25
CA VAL F 216 0.40 -32.04 24.07
C VAL F 216 1.79 -32.65 23.89
N ASP F 217 2.38 -33.01 25.02
CA ASP F 217 3.74 -33.50 25.06
C ASP F 217 3.78 -34.86 24.38
N PHE F 218 2.90 -35.72 24.84
CA PHE F 218 2.68 -37.02 24.27
C PHE F 218 2.34 -37.03 22.76
N GLN F 219 1.71 -35.97 22.25
CA GLN F 219 1.35 -35.87 20.83
C GLN F 219 2.55 -35.43 20.02
N GLN F 220 3.40 -34.67 20.64
CA GLN F 220 4.58 -34.20 19.95
C GLN F 220 5.61 -35.29 19.74
N GLN F 221 5.63 -36.28 20.60
CA GLN F 221 6.58 -37.34 20.48
C GLN F 221 6.22 -38.17 19.27
N ILE F 222 4.93 -38.26 19.06
CA ILE F 222 4.31 -39.04 18.03
C ILE F 222 4.69 -38.31 16.75
N VAL F 223 4.43 -37.02 16.71
CA VAL F 223 4.79 -36.25 15.54
C VAL F 223 6.29 -36.40 15.29
N ASP F 224 7.08 -36.40 16.35
CA ASP F 224 8.54 -36.54 16.23
C ASP F 224 8.93 -37.92 15.65
N HIS F 225 8.18 -38.95 16.03
CA HIS F 225 8.34 -40.29 15.47
C HIS F 225 7.85 -40.40 14.01
N ILE F 226 6.61 -40.00 13.73
CA ILE F 226 6.05 -40.10 12.36
C ILE F 226 6.70 -39.13 11.38
N GLN F 227 7.12 -37.97 11.88
CA GLN F 227 7.80 -36.98 11.04
C GLN F 227 7.03 -36.68 9.76
N PRO F 228 5.80 -36.13 9.89
CA PRO F 228 5.03 -35.86 8.70
C PRO F 228 5.60 -34.70 7.92
N VAL F 229 5.39 -34.69 6.62
CA VAL F 229 5.88 -33.61 5.77
C VAL F 229 4.74 -32.64 5.53
N LYS F 230 4.87 -31.43 6.08
CA LYS F 230 3.80 -30.44 5.96
C LYS F 230 3.84 -29.78 4.60
N GLN F 231 2.70 -29.26 4.20
CA GLN F 231 2.64 -28.46 2.98
C GLN F 231 3.10 -27.05 3.33
N GLU F 232 3.77 -26.44 2.37
CA GLU F 232 4.48 -25.19 2.59
C GLU F 232 3.55 -24.01 2.31
N PHE F 233 3.16 -23.29 3.36
CA PHE F 233 2.33 -22.08 3.19
C PHE F 233 3.20 -20.82 3.09
N ILE F 234 3.36 -20.28 1.89
CA ILE F 234 4.11 -19.04 1.69
C ILE F 234 3.18 -17.83 1.82
N PRO F 235 3.25 -17.11 2.96
CA PRO F 235 2.39 -15.95 3.08
C PRO F 235 2.99 -14.81 2.28
N ALA F 236 2.20 -14.22 1.38
CA ALA F 236 2.69 -13.10 0.58
C ALA F 236 2.96 -11.86 1.44
N GLU F 237 3.98 -11.07 1.10
CA GLU F 237 4.37 -9.90 1.88
C GLU F 237 3.82 -8.66 1.18
N ARG F 238 3.20 -7.81 1.99
CA ARG F 238 2.59 -6.61 1.49
C ARG F 238 3.58 -5.69 0.80
N ASP F 239 3.15 -5.15 -0.31
CA ASP F 239 3.87 -4.11 -1.03
C ASP F 239 3.90 -2.85 -0.17
N GLU F 240 5.02 -2.61 0.50
CA GLU F 240 5.20 -1.43 1.36
C GLU F 240 4.65 -0.15 0.72
N ALA F 241 4.93 0.00 -0.58
CA ALA F 241 4.56 1.20 -1.33
C ALA F 241 3.07 1.31 -1.59
N LEU F 242 2.45 0.20 -2.00
CA LEU F 242 1.00 0.20 -2.25
C LEU F 242 0.24 0.48 -0.96
N VAL F 243 0.61 -0.20 0.12
CA VAL F 243 0.07 0.13 1.44
C VAL F 243 0.14 1.64 1.64
N GLU F 244 1.31 2.23 1.36
CA GLU F 244 1.53 3.64 1.61
C GLU F 244 0.55 4.53 0.84
N ARG F 245 0.40 4.28 -0.46
CA ARG F 245 -0.61 4.98 -1.27
C ARG F 245 -2.00 4.87 -0.65
N VAL F 246 -2.43 3.64 -0.41
CA VAL F 246 -3.77 3.38 0.16
C VAL F 246 -3.92 4.02 1.52
N LYS F 247 -2.88 3.94 2.35
CA LYS F 247 -2.88 4.54 3.68
C LYS F 247 -2.96 6.08 3.64
N SER F 248 -2.69 6.69 2.49
CA SER F 248 -2.83 8.14 2.34
C SER F 248 -4.25 8.52 1.95
N LEU F 249 -4.79 7.83 0.94
CA LEU F 249 -6.16 8.03 0.50
C LEU F 249 -7.15 7.73 1.63
N THR F 250 -6.67 7.00 2.63
CA THR F 250 -7.47 6.63 3.78
C THR F 250 -7.41 7.76 4.83
N GLU F 251 -6.22 8.36 4.98
CA GLU F 251 -6.01 9.47 5.92
C GLU F 251 -6.68 10.75 5.45
N GLU F 252 -6.69 10.98 4.14
CA GLU F 252 -7.30 12.19 3.58
C GLU F 252 -8.81 12.15 3.76
N LYS F 253 -9.41 10.98 3.61
CA LYS F 253 -10.87 10.85 3.70
C LYS F 253 -11.36 10.59 5.13
N GLY F 254 -10.52 10.90 6.12
CA GLY F 254 -10.91 10.88 7.54
C GLY F 254 -11.39 9.53 8.05
N LEU F 255 -10.57 8.50 7.84
CA LEU F 255 -10.91 7.15 8.30
C LEU F 255 -11.22 7.18 9.78
N LYS F 256 -10.33 7.80 10.55
CA LYS F 256 -10.49 7.89 11.98
C LYS F 256 -11.89 8.36 12.39
N GLU F 257 -12.32 9.46 11.79
CA GLU F 257 -13.60 10.06 12.12
C GLU F 257 -14.75 9.16 11.64
N THR F 258 -14.59 8.56 10.46
CA THR F 258 -15.54 7.58 9.95
C THR F 258 -15.77 6.44 10.96
N VAL F 259 -14.67 5.86 11.47
CA VAL F 259 -14.74 4.78 12.44
C VAL F 259 -15.57 5.19 13.64
N LEU F 260 -15.45 6.46 14.03
CA LEU F 260 -16.08 6.97 15.24
C LEU F 260 -17.57 7.32 15.13
N THR F 261 -18.13 7.22 13.93
CA THR F 261 -19.58 7.19 13.76
C THR F 261 -20.25 6.36 14.88
N PHE F 262 -21.28 6.91 15.49
CA PHE F 262 -21.89 6.27 16.65
C PHE F 262 -22.80 5.11 16.30
N ASP F 263 -23.59 5.29 15.25
CA ASP F 263 -24.63 4.32 14.87
C ASP F 263 -24.02 3.16 14.09
N LYS F 264 -24.39 1.94 14.48
CA LYS F 264 -23.80 0.73 13.89
C LYS F 264 -23.96 0.68 12.37
N GLN F 265 -25.20 0.72 11.92
CA GLN F 265 -25.49 0.59 10.49
C GLN F 265 -24.87 1.76 9.73
N GLN F 266 -24.91 2.95 10.32
CA GLN F 266 -24.31 4.11 9.69
C GLN F 266 -22.79 4.01 9.64
N ARG F 267 -22.17 3.46 10.68
CA ARG F 267 -20.71 3.27 10.66
C ARG F 267 -20.33 2.36 9.50
N ASP F 268 -21.03 1.23 9.41
CA ASP F 268 -20.73 0.26 8.36
C ASP F 268 -20.99 0.83 6.97
N GLU F 269 -22.03 1.65 6.85
CA GLU F 269 -22.38 2.27 5.57
C GLU F 269 -21.29 3.22 5.11
N ASN F 270 -20.79 4.04 6.03
CA ASN F 270 -19.74 5.01 5.71
C ASN F 270 -18.42 4.32 5.38
N LEU F 271 -18.09 3.28 6.14
CA LEU F 271 -16.86 2.53 5.90
C LEU F 271 -16.93 1.86 4.54
N ASP F 272 -18.03 1.17 4.27
CA ASP F 272 -18.25 0.57 2.95
C ASP F 272 -18.01 1.65 1.90
N ASN F 273 -18.69 2.79 2.02
CA ASN F 273 -18.55 3.91 1.08
C ASN F 273 -17.12 4.42 0.97
N LEU F 274 -16.48 4.64 2.11
CA LEU F 274 -15.09 5.07 2.12
C LEU F 274 -14.23 4.12 1.30
N LYS F 275 -14.30 2.83 1.62
CA LYS F 275 -13.59 1.80 0.86
C LYS F 275 -14.07 1.86 -0.58
N GLU F 276 -15.40 1.86 -0.76
CA GLU F 276 -16.06 1.94 -2.07
C GLU F 276 -15.45 3.02 -2.96
N GLU F 277 -14.94 4.10 -2.37
CA GLU F 277 -14.30 5.17 -3.13
C GLU F 277 -12.82 4.90 -3.42
N ILE F 278 -12.06 4.60 -2.36
CA ILE F 278 -10.61 4.36 -2.51
C ILE F 278 -10.36 3.31 -3.61
N VAL F 279 -11.13 2.23 -3.57
CA VAL F 279 -10.98 1.15 -4.54
C VAL F 279 -11.15 1.60 -5.99
N ASN F 280 -11.98 2.62 -6.23
CA ASN F 280 -12.28 3.11 -7.60
C ASN F 280 -11.13 3.87 -8.25
N GLU F 281 -10.01 3.99 -7.55
CA GLU F 281 -8.88 4.77 -8.04
C GLU F 281 -8.19 4.31 -9.33
N PHE F 282 -7.62 3.11 -9.43
CA PHE F 282 -7.68 2.03 -8.44
C PHE F 282 -6.32 1.85 -7.77
N GLU F 291 -10.57 -7.82 -10.89
CA GLU F 291 -9.17 -7.62 -11.18
C GLU F 291 -8.32 -7.93 -9.94
N LEU F 292 -7.17 -8.55 -10.16
CA LEU F 292 -6.31 -9.03 -9.09
C LEU F 292 -5.78 -7.89 -8.20
N LEU F 293 -5.56 -6.70 -8.77
CA LEU F 293 -5.11 -5.55 -7.99
C LEU F 293 -6.19 -5.08 -7.01
N ILE F 294 -7.44 -5.31 -7.35
CA ILE F 294 -8.55 -4.87 -6.51
C ILE F 294 -8.60 -5.70 -5.23
N LYS F 295 -8.50 -7.02 -5.37
CA LYS F 295 -8.45 -7.93 -4.23
C LYS F 295 -7.47 -7.42 -3.18
N GLU F 296 -6.31 -6.94 -3.62
CA GLU F 296 -5.28 -6.44 -2.72
C GLU F 296 -5.76 -5.19 -1.99
N VAL F 297 -6.24 -4.20 -2.73
CA VAL F 297 -6.68 -2.93 -2.14
C VAL F 297 -7.75 -3.16 -1.07
N TYR F 298 -8.73 -4.02 -1.37
CA TYR F 298 -9.74 -4.36 -0.37
C TYR F 298 -9.11 -4.94 0.87
N ALA F 299 -8.15 -5.84 0.70
CA ALA F 299 -7.50 -6.48 1.83
C ALA F 299 -6.69 -5.46 2.62
N ILE F 300 -5.99 -4.57 1.92
CA ILE F 300 -5.19 -3.54 2.58
C ILE F 300 -6.11 -2.63 3.38
N LEU F 301 -7.24 -2.29 2.79
CA LEU F 301 -8.24 -1.44 3.44
C LEU F 301 -8.75 -2.05 4.74
N ASN F 302 -9.03 -3.35 4.70
CA ASN F 302 -9.57 -4.01 5.89
C ASN F 302 -8.58 -4.01 7.05
N GLU F 303 -7.31 -4.10 6.74
CA GLU F 303 -6.27 -4.10 7.79
C GLU F 303 -6.06 -2.71 8.33
N LEU F 304 -6.13 -1.72 7.44
CA LEU F 304 -6.08 -0.32 7.87
C LEU F 304 -7.26 0.04 8.75
N VAL F 305 -8.45 -0.44 8.41
CA VAL F 305 -9.61 -0.26 9.30
C VAL F 305 -9.31 -0.96 10.61
N LYS F 306 -8.87 -2.22 10.52
CA LYS F 306 -8.53 -3.01 11.70
C LYS F 306 -7.54 -2.27 12.61
N GLU F 307 -6.52 -1.68 12.01
CA GLU F 307 -5.48 -1.00 12.75
C GLU F 307 -6.03 0.24 13.43
N GLU F 308 -6.75 1.06 12.68
CA GLU F 308 -7.34 2.28 13.24
C GLU F 308 -8.14 1.97 14.49
N VAL F 309 -9.01 0.97 14.41
CA VAL F 309 -9.82 0.61 15.57
C VAL F 309 -8.94 0.20 16.74
N ARG F 310 -7.93 -0.60 16.45
CA ARG F 310 -7.08 -1.13 17.51
C ARG F 310 -6.24 -0.01 18.13
N ARG F 311 -5.71 0.86 17.28
CA ARG F 311 -4.93 2.01 17.73
C ARG F 311 -5.76 2.90 18.65
N LEU F 312 -6.95 3.30 18.21
CA LEU F 312 -7.84 4.14 19.02
C LEU F 312 -8.01 3.64 20.43
N ILE F 313 -8.01 2.33 20.59
CA ILE F 313 -8.28 1.70 21.89
C ILE F 313 -7.05 1.68 22.78
N ALA F 314 -5.95 1.17 22.23
CA ALA F 314 -4.69 1.11 22.97
C ALA F 314 -4.15 2.50 23.30
N ASP F 315 -4.15 3.41 22.32
CA ASP F 315 -3.53 4.72 22.46
C ASP F 315 -4.45 5.82 22.99
N GLU F 316 -5.68 5.91 22.48
CA GLU F 316 -6.59 6.98 22.94
C GLU F 316 -7.63 6.49 23.96
N LYS F 317 -7.63 5.19 24.25
CA LYS F 317 -8.59 4.61 25.19
C LYS F 317 -10.06 4.89 24.87
N ILE F 318 -10.39 5.03 23.59
CA ILE F 318 -11.79 5.15 23.19
C ILE F 318 -12.17 4.17 22.07
N ARG F 319 -13.30 3.51 22.31
CA ARG F 319 -13.84 2.51 21.40
C ARG F 319 -14.64 3.22 20.31
N PRO F 320 -14.95 2.52 19.20
CA PRO F 320 -15.50 3.26 18.07
C PRO F 320 -16.93 3.83 18.23
N ASP F 321 -17.67 3.42 19.27
CA ASP F 321 -18.88 4.14 19.68
C ASP F 321 -18.62 5.17 20.80
N GLY F 322 -17.36 5.59 20.93
CA GLY F 322 -16.97 6.58 21.94
C GLY F 322 -16.86 6.10 23.38
N ARG F 323 -17.12 4.83 23.67
CA ARG F 323 -16.94 4.34 25.02
C ARG F 323 -15.49 4.15 25.40
N LYS F 324 -15.29 3.98 26.70
CA LYS F 324 -14.03 3.65 27.31
C LYS F 324 -14.00 2.15 27.65
N PRO F 325 -12.80 1.58 27.77
CA PRO F 325 -12.65 0.13 27.87
C PRO F 325 -13.51 -0.54 28.94
N ASP F 326 -13.84 0.18 30.01
CA ASP F 326 -14.66 -0.43 31.06
C ASP F 326 -16.14 -0.02 31.07
N GLU F 327 -16.60 0.83 30.16
CA GLU F 327 -18.02 1.17 30.24
C GLU F 327 -18.89 0.23 29.41
N ILE F 328 -19.94 -0.23 30.07
CA ILE F 328 -21.07 -0.94 29.54
C ILE F 328 -22.00 0.00 28.75
N ARG F 329 -22.66 -0.54 27.73
CA ARG F 329 -23.62 0.23 26.94
C ARG F 329 -24.87 0.60 27.76
N PRO F 330 -25.62 1.62 27.32
CA PRO F 330 -26.86 2.02 28.02
C PRO F 330 -27.87 0.88 28.09
N LEU F 331 -28.57 0.77 29.20
CA LEU F 331 -29.40 -0.35 29.49
C LEU F 331 -30.85 0.07 29.66
N ASP F 332 -31.75 -0.77 29.19
CA ASP F 332 -33.19 -0.59 29.40
C ASP F 332 -33.85 -1.96 29.54
N SER F 333 -34.85 -2.05 30.37
CA SER F 333 -35.53 -3.30 30.54
C SER F 333 -36.96 -3.11 30.99
N GLU F 334 -37.75 -4.16 30.82
CA GLU F 334 -39.18 -4.13 31.01
C GLU F 334 -39.60 -5.52 31.29
N VAL F 335 -40.67 -5.67 32.03
CA VAL F 335 -41.21 -6.96 32.34
C VAL F 335 -42.74 -6.98 32.05
N GLY F 336 -43.29 -8.17 31.83
CA GLY F 336 -44.74 -8.35 31.67
C GLY F 336 -45.33 -7.70 30.43
N ILE F 337 -44.59 -7.65 29.35
CA ILE F 337 -45.04 -6.94 28.17
C ILE F 337 -46.02 -7.76 27.29
N LEU F 338 -46.22 -9.03 27.61
CA LEU F 338 -47.08 -9.89 26.82
C LEU F 338 -48.20 -10.37 27.69
N PRO F 339 -49.45 -10.16 27.26
CA PRO F 339 -50.59 -10.27 28.16
C PRO F 339 -50.72 -11.68 28.73
N ARG F 340 -50.78 -12.67 27.83
CA ARG F 340 -51.24 -14.00 28.18
C ARG F 340 -50.16 -14.98 28.61
N THR F 341 -48.89 -14.61 28.42
CA THR F 341 -47.79 -15.51 28.74
C THR F 341 -47.50 -15.47 30.24
N HIS F 342 -47.01 -16.58 30.80
CA HIS F 342 -46.76 -16.67 32.24
C HIS F 342 -45.70 -15.69 32.72
N GLY F 343 -44.76 -15.36 31.86
CA GLY F 343 -43.68 -14.45 32.21
C GLY F 343 -43.02 -13.93 30.94
N SER F 344 -42.48 -12.73 31.03
CA SER F 344 -42.10 -11.99 29.86
C SER F 344 -41.09 -10.93 30.23
N GLY F 345 -39.96 -10.87 29.51
CA GLY F 345 -38.94 -9.88 29.81
C GLY F 345 -38.25 -9.31 28.59
N LEU F 346 -38.01 -8.01 28.59
CA LEU F 346 -37.38 -7.36 27.47
C LEU F 346 -36.13 -6.68 27.98
N PHE F 347 -35.00 -6.94 27.34
CA PHE F 347 -33.73 -6.43 27.83
C PHE F 347 -32.96 -5.83 26.69
N THR F 348 -32.54 -4.60 26.87
CA THR F 348 -31.87 -3.85 25.83
C THR F 348 -30.57 -3.28 26.39
N ARG F 349 -29.48 -3.56 25.68
CA ARG F 349 -28.18 -3.06 26.00
C ARG F 349 -27.55 -2.57 24.70
N GLY F 350 -27.45 -1.25 24.54
CA GLY F 350 -27.04 -0.64 23.26
C GLY F 350 -27.97 -1.02 22.11
N GLN F 351 -27.41 -1.27 20.93
CA GLN F 351 -28.17 -1.78 19.75
C GLN F 351 -28.37 -3.31 19.76
N THR F 352 -28.27 -3.92 20.93
CA THR F 352 -28.59 -5.33 21.09
C THR F 352 -29.78 -5.47 22.01
N GLN F 353 -30.74 -6.32 21.63
CA GLN F 353 -32.03 -6.37 22.28
C GLN F 353 -32.62 -7.76 22.21
N ALA F 354 -33.18 -8.21 23.33
CA ALA F 354 -33.73 -9.52 23.41
C ALA F 354 -35.01 -9.53 24.19
N LEU F 355 -35.94 -10.36 23.73
CA LEU F 355 -37.23 -10.53 24.36
C LEU F 355 -37.31 -11.99 24.73
N SER F 356 -37.53 -12.27 26.01
CA SER F 356 -37.59 -13.63 26.49
C SER F 356 -38.95 -13.90 27.07
N VAL F 357 -39.49 -15.08 26.78
CA VAL F 357 -40.84 -15.43 27.13
C VAL F 357 -40.85 -16.78 27.79
N LEU F 358 -41.66 -16.92 28.83
CA LEU F 358 -41.63 -18.10 29.64
C LEU F 358 -43.00 -18.76 29.72
N THR F 359 -43.03 -20.08 29.54
CA THR F 359 -44.24 -20.86 29.71
C THR F 359 -44.07 -21.90 30.80
N LEU F 360 -45.08 -22.05 31.64
CA LEU F 360 -45.09 -23.07 32.68
C LEU F 360 -45.93 -24.24 32.22
N GLY F 361 -45.70 -25.42 32.80
CA GLY F 361 -46.41 -26.63 32.40
C GLY F 361 -46.56 -27.61 33.54
N ALA F 362 -47.29 -28.70 33.30
CA ALA F 362 -47.65 -29.64 34.36
C ALA F 362 -46.48 -30.46 34.94
N LEU F 363 -45.91 -31.37 34.14
CA LEU F 363 -44.78 -32.22 34.54
C LEU F 363 -44.80 -33.55 33.78
N LYS F 378 -35.10 -31.59 30.20
CA LYS F 378 -36.53 -31.73 30.00
C LYS F 378 -37.35 -30.77 30.90
N ARG F 379 -37.19 -30.88 32.21
CA ARG F 379 -37.93 -30.03 33.17
C ARG F 379 -37.71 -28.52 32.99
N PHE F 380 -36.53 -28.13 32.52
CA PHE F 380 -36.23 -26.76 32.23
C PHE F 380 -35.48 -26.68 30.92
N MET F 381 -35.90 -25.81 30.00
CA MET F 381 -35.08 -25.56 28.82
C MET F 381 -35.23 -24.14 28.33
N HIS F 382 -34.24 -23.73 27.55
CA HIS F 382 -34.12 -22.39 27.05
C HIS F 382 -33.74 -22.46 25.59
N HIS F 383 -34.50 -21.81 24.71
CA HIS F 383 -34.13 -21.76 23.31
C HIS F 383 -33.80 -20.35 22.90
N TYR F 384 -33.12 -20.23 21.77
CA TYR F 384 -32.66 -18.94 21.30
C TYR F 384 -32.91 -18.85 19.80
N ASN F 385 -33.55 -17.77 19.36
CA ASN F 385 -33.86 -17.56 17.95
C ASN F 385 -33.26 -16.23 17.49
N PHE F 386 -32.65 -16.22 16.33
CA PHE F 386 -31.92 -15.06 15.77
C PHE F 386 -32.40 -14.73 14.35
N PRO F 387 -33.45 -13.88 14.22
CA PRO F 387 -33.93 -13.59 12.88
C PRO F 387 -33.04 -12.61 12.16
N ASN F 388 -33.11 -12.63 10.84
CA ASN F 388 -32.25 -11.79 10.00
C ASN F 388 -32.52 -10.30 10.16
N PHE F 389 -33.75 -9.95 10.53
CA PHE F 389 -34.11 -8.53 10.66
C PHE F 389 -33.32 -7.91 11.82
N SER F 390 -32.99 -8.73 12.82
CA SER F 390 -32.20 -8.28 13.98
C SER F 390 -30.90 -7.58 13.61
N VAL F 391 -30.40 -7.80 12.40
CA VAL F 391 -29.20 -7.13 11.95
C VAL F 391 -29.47 -6.34 10.67
N GLY F 392 -30.74 -6.04 10.42
CA GLY F 392 -31.12 -5.30 9.23
C GLY F 392 -30.86 -6.06 7.94
N GLU F 393 -30.98 -7.40 7.98
CA GLU F 393 -30.72 -8.25 6.81
C GLU F 393 -31.96 -8.94 6.27
N THR F 394 -31.89 -9.28 4.99
CA THR F 394 -32.87 -10.14 4.34
C THR F 394 -32.25 -11.50 4.10
N GLY F 395 -33.09 -12.52 4.04
CA GLY F 395 -32.59 -13.88 3.76
C GLY F 395 -33.62 -14.95 4.06
N PRO F 396 -33.30 -16.19 3.69
CA PRO F 396 -34.27 -17.26 3.89
C PRO F 396 -34.36 -17.69 5.35
N VAL F 397 -35.54 -18.07 5.80
CA VAL F 397 -35.71 -18.48 7.18
C VAL F 397 -35.49 -19.99 7.23
N ARG F 398 -34.76 -20.43 8.25
CA ARG F 398 -34.37 -21.83 8.32
C ARG F 398 -34.68 -22.47 9.64
N ALA F 399 -34.39 -23.76 9.73
CA ALA F 399 -34.43 -24.46 11.02
C ALA F 399 -33.29 -23.91 11.88
N PRO F 400 -33.38 -24.09 13.21
CA PRO F 400 -32.33 -23.55 14.08
C PRO F 400 -30.93 -23.95 13.58
N GLY F 401 -30.08 -22.98 13.28
CA GLY F 401 -28.70 -23.24 12.90
C GLY F 401 -27.82 -23.65 14.09
N ARG F 402 -26.53 -23.82 13.78
CA ARG F 402 -25.54 -24.27 14.77
C ARG F 402 -25.33 -23.22 15.89
N ARG F 403 -25.09 -21.99 15.46
CA ARG F 403 -24.96 -20.85 16.36
C ARG F 403 -26.15 -20.68 17.30
N GLU F 404 -27.36 -20.75 16.74
CA GLU F 404 -28.56 -20.61 17.54
C GLU F 404 -28.69 -21.71 18.55
N ILE F 405 -28.30 -22.92 18.17
CA ILE F 405 -28.27 -24.06 19.09
C ILE F 405 -27.20 -23.87 20.21
N GLY F 406 -26.03 -23.34 19.84
CA GLY F 406 -25.00 -22.99 20.81
C GLY F 406 -25.55 -22.00 21.84
N HIS F 407 -25.95 -20.81 21.38
CA HIS F 407 -26.39 -19.77 22.31
C HIS F 407 -27.56 -20.16 23.18
N GLY F 408 -28.45 -20.99 22.65
CA GLY F 408 -29.56 -21.49 23.43
C GLY F 408 -29.07 -22.30 24.62
N ALA F 409 -28.16 -23.22 24.34
CA ALA F 409 -27.62 -24.09 25.40
C ALA F 409 -26.75 -23.33 26.40
N LEU F 410 -25.97 -22.37 25.92
CA LEU F 410 -25.20 -21.48 26.79
C LEU F 410 -26.12 -20.78 27.79
N GLY F 411 -27.23 -20.26 27.25
CA GLY F 411 -28.26 -19.63 28.06
C GLY F 411 -28.78 -20.59 29.08
N GLU F 412 -29.16 -21.75 28.61
CA GLU F 412 -29.75 -22.76 29.50
C GLU F 412 -28.76 -23.16 30.58
N ARG F 413 -27.48 -23.18 30.23
CA ARG F 413 -26.45 -23.59 31.17
C ARG F 413 -26.30 -22.53 32.28
N ALA F 414 -26.14 -21.28 31.87
CA ALA F 414 -26.09 -20.16 32.85
C ALA F 414 -27.22 -20.12 33.86
N LEU F 415 -28.40 -20.60 33.45
CA LEU F 415 -29.64 -20.43 34.23
C LEU F 415 -30.02 -21.62 35.06
N LYS F 416 -29.68 -22.83 34.63
CA LYS F 416 -30.21 -24.02 35.29
C LYS F 416 -29.81 -24.08 36.75
N TYR F 417 -28.64 -23.54 37.09
CA TYR F 417 -28.15 -23.57 38.48
C TYR F 417 -29.04 -22.81 39.46
N ILE F 418 -29.74 -21.77 38.99
CA ILE F 418 -30.61 -20.98 39.87
C ILE F 418 -32.07 -21.35 39.82
N ILE F 419 -32.41 -22.40 39.07
CA ILE F 419 -33.81 -22.82 38.96
C ILE F 419 -34.20 -23.70 40.12
N PRO F 420 -35.39 -23.49 40.68
CA PRO F 420 -35.74 -24.20 41.89
C PRO F 420 -35.76 -25.70 41.76
N ASP F 421 -35.74 -26.35 42.92
CA ASP F 421 -35.87 -27.77 42.98
C ASP F 421 -37.30 -28.11 42.56
N THR F 422 -37.44 -29.20 41.83
CA THR F 422 -38.75 -29.68 41.42
C THR F 422 -39.66 -29.94 42.63
N ALA F 423 -39.05 -30.18 43.77
CA ALA F 423 -39.76 -30.49 45.01
C ALA F 423 -40.62 -29.35 45.51
N ASP F 424 -40.08 -28.13 45.51
CA ASP F 424 -40.83 -26.97 46.00
C ASP F 424 -41.43 -26.12 44.87
N PHE F 425 -41.27 -26.57 43.62
CA PHE F 425 -41.90 -25.90 42.46
C PHE F 425 -42.17 -26.87 41.31
N PRO F 426 -43.23 -27.67 41.42
CA PRO F 426 -43.53 -28.74 40.44
C PRO F 426 -44.13 -28.26 39.13
N TYR F 427 -43.33 -27.59 38.31
CA TYR F 427 -43.77 -27.21 36.98
C TYR F 427 -42.60 -27.32 36.03
N THR F 428 -42.92 -27.56 34.76
CA THR F 428 -41.92 -27.49 33.72
C THR F 428 -41.77 -26.02 33.37
N ILE F 429 -40.59 -25.65 32.89
CA ILE F 429 -40.29 -24.28 32.54
C ILE F 429 -39.61 -24.27 31.18
N ARG F 430 -40.22 -23.58 30.22
CA ARG F 430 -39.63 -23.37 28.91
C ARG F 430 -39.46 -21.90 28.78
N ILE F 431 -38.34 -21.48 28.24
CA ILE F 431 -38.13 -20.09 27.95
C ILE F 431 -37.58 -20.01 26.54
N VAL F 432 -38.06 -19.03 25.80
CA VAL F 432 -37.63 -18.83 24.44
C VAL F 432 -37.20 -17.40 24.41
N SER F 433 -36.06 -17.13 23.78
CA SER F 433 -35.54 -15.78 23.68
C SER F 433 -35.40 -15.38 22.23
N GLU F 434 -35.96 -14.22 21.87
CA GLU F 434 -35.89 -13.71 20.53
C GLU F 434 -34.99 -12.51 20.49
N VAL F 435 -34.07 -12.52 19.56
CA VAL F 435 -33.17 -11.43 19.40
C VAL F 435 -33.76 -10.49 18.36
N LEU F 436 -34.23 -9.32 18.82
CA LEU F 436 -34.92 -8.36 17.96
C LEU F 436 -33.92 -7.41 17.32
N GLU F 437 -32.81 -7.19 18.03
CA GLU F 437 -31.70 -6.44 17.45
C GLU F 437 -30.42 -6.98 17.99
N SER F 438 -29.35 -6.75 17.24
CA SER F 438 -28.10 -7.34 17.61
C SER F 438 -26.90 -6.56 17.14
N ASN F 439 -26.05 -6.27 18.11
CA ASN F 439 -24.72 -5.74 17.84
C ASN F 439 -23.67 -6.30 18.80
N GLY F 440 -24.10 -6.96 19.87
CA GLY F 440 -23.20 -7.26 20.95
C GLY F 440 -23.21 -8.68 21.41
N SER F 441 -23.96 -8.97 22.46
CA SER F 441 -24.05 -10.32 22.87
C SER F 441 -25.46 -10.62 23.22
N SER F 442 -26.15 -10.98 22.13
CA SER F 442 -27.45 -11.59 22.12
C SER F 442 -27.55 -12.65 23.14
N SER F 443 -26.53 -13.54 23.20
CA SER F 443 -26.60 -14.69 24.11
C SER F 443 -26.64 -14.21 25.54
N GLN F 444 -25.85 -13.18 25.83
CA GLN F 444 -25.82 -12.65 27.20
C GLN F 444 -27.13 -11.90 27.48
N ALA F 445 -27.53 -11.05 26.52
CA ALA F 445 -28.84 -10.35 26.64
C ALA F 445 -30.00 -11.30 26.90
N SER F 446 -29.96 -12.49 26.30
CA SER F 446 -31.01 -13.49 26.48
C SER F 446 -31.01 -14.06 27.86
N ILE F 447 -29.82 -14.22 28.44
CA ILE F 447 -29.74 -14.62 29.85
C ILE F 447 -30.39 -13.53 30.76
N CYS F 448 -30.07 -12.27 30.49
CA CYS F 448 -30.69 -11.18 31.27
C CYS F 448 -32.21 -11.17 31.05
N GLY F 449 -32.62 -11.27 29.79
CA GLY F 449 -34.04 -11.36 29.46
C GLY F 449 -34.76 -12.46 30.23
N SER F 450 -34.11 -13.63 30.31
CA SER F 450 -34.76 -14.80 30.85
C SER F 450 -34.88 -14.68 32.34
N THR F 451 -33.88 -14.06 32.97
CA THR F 451 -33.94 -13.82 34.39
C THR F 451 -35.15 -12.91 34.69
N LEU F 452 -35.31 -11.87 33.87
CA LEU F 452 -36.50 -11.00 34.01
C LEU F 452 -37.79 -11.78 33.89
N ALA F 453 -37.88 -12.65 32.89
CA ALA F 453 -39.08 -13.44 32.66
C ALA F 453 -39.38 -14.40 33.80
N LEU F 454 -38.35 -14.99 34.38
CA LEU F 454 -38.49 -15.90 35.52
C LEU F 454 -39.07 -15.18 36.75
N MET F 455 -38.57 -13.97 37.00
CA MET F 455 -39.07 -13.16 38.13
C MET F 455 -40.51 -12.70 37.83
N ASP F 456 -40.71 -12.12 36.65
CA ASP F 456 -42.06 -11.82 36.13
C ASP F 456 -43.03 -12.96 36.40
N ALA F 457 -42.61 -14.18 36.10
CA ALA F 457 -43.50 -15.32 36.17
C ALA F 457 -43.73 -15.80 37.59
N GLY F 458 -42.96 -15.28 38.53
CA GLY F 458 -43.08 -15.71 39.93
C GLY F 458 -42.39 -17.04 40.24
N VAL F 459 -41.32 -17.34 39.52
CA VAL F 459 -40.57 -18.57 39.76
C VAL F 459 -39.62 -18.32 40.93
N PRO F 460 -39.71 -19.13 42.00
CA PRO F 460 -38.88 -18.86 43.17
C PRO F 460 -37.44 -19.31 42.92
N ILE F 461 -36.72 -18.49 42.16
CA ILE F 461 -35.36 -18.82 41.77
C ILE F 461 -34.35 -18.51 42.87
N LYS F 462 -33.21 -19.19 42.82
CA LYS F 462 -32.13 -19.00 43.79
C LYS F 462 -31.62 -17.59 43.79
N ALA F 463 -31.38 -17.02 42.62
CA ALA F 463 -30.87 -15.66 42.52
C ALA F 463 -30.84 -15.20 41.05
N PRO F 464 -31.02 -13.90 40.81
CA PRO F 464 -30.96 -13.45 39.43
C PRO F 464 -29.63 -13.77 38.81
N VAL F 465 -29.57 -13.88 37.46
CA VAL F 465 -28.31 -14.14 36.77
C VAL F 465 -28.16 -13.26 35.54
N ALA F 466 -27.02 -12.61 35.43
CA ALA F 466 -26.76 -11.74 34.29
C ALA F 466 -25.44 -12.16 33.68
N GLY F 467 -25.10 -11.60 32.53
CA GLY F 467 -23.94 -12.00 31.83
C GLY F 467 -23.46 -10.90 30.92
N ILE F 468 -22.25 -11.08 30.42
CA ILE F 468 -21.64 -10.05 29.62
C ILE F 468 -20.54 -10.70 28.84
N ALA F 469 -20.05 -10.02 27.83
CA ALA F 469 -18.98 -10.51 27.02
C ALA F 469 -17.78 -9.56 27.03
N MET F 470 -16.60 -10.09 27.34
CA MET F 470 -15.35 -9.33 27.42
C MET F 470 -14.51 -9.43 26.16
N GLY F 471 -13.77 -8.39 25.86
CA GLY F 471 -12.95 -8.33 24.65
C GLY F 471 -11.53 -7.94 24.98
N LEU F 472 -10.72 -7.78 23.95
CA LEU F 472 -9.29 -7.69 24.14
C LEU F 472 -8.64 -7.13 22.89
N VAL F 473 -7.78 -6.15 23.08
CA VAL F 473 -6.86 -5.72 22.04
C VAL F 473 -5.46 -5.82 22.63
N THR F 474 -4.58 -6.55 21.92
CA THR F 474 -3.20 -6.68 22.32
C THR F 474 -2.38 -5.87 21.35
N ARG F 475 -1.54 -5.03 21.92
CA ARG F 475 -0.43 -4.49 21.17
C ARG F 475 0.78 -5.10 21.85
N GLU F 476 1.89 -5.15 21.14
CA GLU F 476 3.10 -5.76 21.70
C GLU F 476 3.64 -4.99 22.91
N ASP F 477 3.38 -3.69 22.98
CA ASP F 477 3.64 -2.92 24.19
C ASP F 477 2.75 -3.41 25.34
N SER F 478 1.44 -3.45 25.12
CA SER F 478 0.52 -3.91 26.16
C SER F 478 -0.87 -4.24 25.62
N TYR F 479 -1.74 -4.67 26.52
CA TYR F 479 -3.10 -5.01 26.16
C TYR F 479 -4.14 -4.14 26.89
N THR F 480 -5.30 -4.00 26.25
CA THR F 480 -6.49 -3.43 26.89
C THR F 480 -7.64 -4.44 26.89
N ILE F 481 -8.22 -4.67 28.05
CA ILE F 481 -9.46 -5.43 28.15
C ILE F 481 -10.70 -4.55 27.99
N LEU F 482 -11.62 -5.01 27.12
CA LEU F 482 -12.86 -4.28 26.78
C LEU F 482 -14.07 -4.92 27.43
N THR F 483 -14.94 -4.12 28.02
CA THR F 483 -16.15 -4.59 28.67
C THR F 483 -17.34 -4.47 27.72
N ASP F 484 -18.22 -5.47 27.75
CA ASP F 484 -19.45 -5.46 26.95
C ASP F 484 -19.16 -5.10 25.49
N ILE F 485 -18.53 -6.01 24.76
CA ILE F 485 -18.09 -5.65 23.40
C ILE F 485 -19.21 -5.63 22.35
N GLN F 486 -19.02 -4.81 21.32
CA GLN F 486 -19.90 -4.79 20.17
C GLN F 486 -19.29 -5.63 19.05
N GLY F 487 -20.09 -5.90 18.02
CA GLY F 487 -19.74 -6.85 16.99
C GLY F 487 -18.39 -6.59 16.38
N MET F 488 -18.15 -5.35 16.02
CA MET F 488 -16.88 -4.93 15.43
C MET F 488 -15.67 -5.21 16.33
N GLU F 489 -15.88 -5.24 17.64
CA GLU F 489 -14.80 -5.42 18.60
C GLU F 489 -14.46 -6.90 18.72
N ASP F 490 -15.48 -7.75 18.62
CA ASP F 490 -15.27 -9.19 18.47
C ASP F 490 -14.55 -9.47 17.18
N ALA F 491 -15.04 -8.87 16.10
CA ALA F 491 -14.54 -9.18 14.77
C ALA F 491 -13.11 -8.73 14.57
N LEU F 492 -12.76 -7.55 15.10
CA LEU F 492 -11.41 -6.99 14.95
C LEU F 492 -10.56 -7.14 16.20
N GLY F 493 -11.14 -7.70 17.25
CA GLY F 493 -10.45 -7.92 18.51
C GLY F 493 -9.82 -9.29 18.58
N ASP F 494 -9.39 -9.65 19.78
CA ASP F 494 -8.57 -10.85 20.00
C ASP F 494 -9.33 -11.93 20.74
N MET F 495 -10.43 -11.58 21.38
CA MET F 495 -11.22 -12.57 22.07
C MET F 495 -12.65 -12.17 22.22
N ASP F 496 -13.44 -13.15 22.65
CA ASP F 496 -14.84 -13.01 22.89
C ASP F 496 -15.09 -13.92 24.07
N PHE F 497 -15.17 -13.33 25.26
CA PHE F 497 -15.12 -14.07 26.48
C PHE F 497 -16.37 -13.79 27.28
N LYS F 498 -17.27 -14.75 27.31
CA LYS F 498 -18.57 -14.54 27.86
C LYS F 498 -18.62 -15.14 29.21
N VAL F 499 -19.09 -14.35 30.18
CA VAL F 499 -19.25 -14.82 31.54
C VAL F 499 -20.59 -14.43 32.05
N ALA F 500 -21.24 -15.35 32.74
CA ALA F 500 -22.52 -15.13 33.33
C ALA F 500 -22.53 -15.76 34.70
N GLY F 501 -23.26 -15.12 35.62
CA GLY F 501 -23.57 -15.74 36.91
C GLY F 501 -24.35 -14.82 37.81
N THR F 502 -24.37 -15.17 39.10
CA THR F 502 -25.04 -14.41 40.12
C THR F 502 -24.09 -13.43 40.80
N LYS F 503 -24.60 -12.78 41.84
CA LYS F 503 -23.80 -11.86 42.66
C LYS F 503 -22.80 -12.65 43.51
N GLU F 504 -23.24 -13.81 43.99
CA GLU F 504 -22.39 -14.78 44.69
C GLU F 504 -21.29 -15.45 43.81
N GLY F 505 -21.52 -15.67 42.52
CA GLY F 505 -20.47 -16.24 41.65
C GLY F 505 -20.87 -16.70 40.24
N ILE F 506 -19.94 -17.34 39.55
CA ILE F 506 -20.09 -17.69 38.14
C ILE F 506 -20.94 -18.94 37.93
N THR F 507 -21.84 -18.89 36.95
CA THR F 507 -22.63 -20.07 36.54
C THR F 507 -22.28 -20.61 35.14
N ALA F 508 -21.67 -19.81 34.28
CA ALA F 508 -21.33 -20.29 32.95
C ALA F 508 -20.35 -19.40 32.24
N ILE F 509 -19.47 -20.01 31.44
CA ILE F 509 -18.50 -19.32 30.62
C ILE F 509 -18.46 -19.97 29.22
N GLN F 510 -18.09 -19.16 28.23
CA GLN F 510 -17.73 -19.64 26.93
C GLN F 510 -16.81 -18.62 26.30
N MET F 511 -15.62 -19.07 25.90
CA MET F 511 -14.59 -18.20 25.41
C MET F 511 -13.88 -18.80 24.19
N ASP F 512 -13.68 -17.97 23.18
CA ASP F 512 -12.79 -18.29 22.08
C ASP F 512 -11.95 -17.07 21.73
N ILE F 513 -10.90 -17.28 20.96
CA ILE F 513 -9.92 -16.24 20.72
C ILE F 513 -9.46 -16.27 19.29
N LYS F 514 -8.77 -15.23 18.88
CA LYS F 514 -8.27 -15.12 17.53
C LYS F 514 -6.79 -14.88 17.50
N ILE F 515 -6.14 -15.08 18.63
CA ILE F 515 -4.67 -14.99 18.76
C ILE F 515 -4.18 -16.35 19.29
N ASP F 516 -2.87 -16.55 19.33
CA ASP F 516 -2.33 -17.88 19.70
C ASP F 516 -2.73 -18.32 21.09
N GLY F 517 -2.79 -17.41 22.06
CA GLY F 517 -3.13 -17.81 23.42
C GLY F 517 -3.40 -16.66 24.36
N LEU F 518 -4.00 -16.98 25.50
CA LEU F 518 -4.26 -16.02 26.57
C LEU F 518 -3.41 -16.33 27.80
N THR F 519 -2.73 -15.31 28.33
CA THR F 519 -1.93 -15.46 29.55
C THR F 519 -2.85 -15.52 30.78
N ARG F 520 -2.29 -15.91 31.92
CA ARG F 520 -3.06 -16.08 33.15
C ARG F 520 -3.55 -14.75 33.74
N GLU F 521 -2.78 -13.70 33.54
CA GLU F 521 -3.20 -12.41 34.01
C GLU F 521 -4.32 -11.79 33.21
N ILE F 522 -4.40 -12.12 31.94
CA ILE F 522 -5.49 -11.61 31.10
C ILE F 522 -6.77 -12.20 31.61
N ILE F 523 -6.74 -13.41 32.07
CA ILE F 523 -7.88 -14.33 32.10
C ILE F 523 -8.39 -13.84 33.42
N GLU F 524 -7.50 -13.68 34.38
CA GLU F 524 -7.85 -13.25 35.72
C GLU F 524 -8.47 -11.84 35.72
N GLU F 525 -7.89 -10.95 34.92
CA GLU F 525 -8.33 -9.60 34.85
C GLU F 525 -9.72 -9.54 34.22
N ALA F 526 -9.85 -10.25 33.09
CA ALA F 526 -11.15 -10.42 32.42
C ALA F 526 -12.24 -10.95 33.33
N LEU F 527 -11.94 -11.96 34.13
CA LEU F 527 -12.94 -12.50 35.05
C LEU F 527 -13.40 -11.42 36.03
N GLU F 528 -12.45 -10.62 36.52
CA GLU F 528 -12.73 -9.62 37.56
C GLU F 528 -13.61 -8.52 36.98
N GLN F 529 -13.14 -7.97 35.87
CA GLN F 529 -13.83 -6.95 35.12
C GLN F 529 -15.20 -7.44 34.60
N ALA F 530 -15.34 -8.74 34.41
CA ALA F 530 -16.64 -9.29 34.05
C ALA F 530 -17.51 -9.44 35.29
N ARG F 531 -16.89 -9.64 36.44
CA ARG F 531 -17.64 -9.66 37.73
C ARG F 531 -18.27 -8.28 38.00
N ARG F 532 -17.51 -7.24 37.69
CA ARG F 532 -17.98 -5.89 37.89
C ARG F 532 -19.14 -5.63 36.96
N GLY F 533 -18.86 -5.76 35.66
CA GLY F 533 -19.85 -5.65 34.60
C GLY F 533 -21.17 -6.32 34.95
N ARG F 534 -21.13 -7.58 35.35
CA ARG F 534 -22.39 -8.28 35.59
C ARG F 534 -23.13 -7.63 36.75
N LEU F 535 -22.37 -7.19 37.75
CA LEU F 535 -22.94 -6.60 38.97
C LEU F 535 -23.71 -5.29 38.67
N GLU F 536 -23.11 -4.42 37.87
CA GLU F 536 -23.80 -3.29 37.29
C GLU F 536 -25.14 -3.70 36.68
N ILE F 537 -25.11 -4.74 35.85
CA ILE F 537 -26.29 -5.17 35.10
C ILE F 537 -27.36 -5.71 36.04
N MET F 538 -26.98 -6.55 36.99
CA MET F 538 -28.00 -7.04 37.92
C MET F 538 -28.62 -5.86 38.66
N ASN F 539 -27.83 -4.79 38.83
CA ASN F 539 -28.29 -3.67 39.63
C ASN F 539 -29.46 -2.97 38.90
N HIS F 540 -29.20 -2.58 37.66
CA HIS F 540 -30.24 -2.14 36.73
C HIS F 540 -31.46 -3.08 36.68
N MET F 541 -31.22 -4.38 36.53
CA MET F 541 -32.32 -5.34 36.40
C MET F 541 -33.23 -5.31 37.60
N LEU F 542 -32.67 -5.04 38.78
CA LEU F 542 -33.48 -5.06 39.99
C LEU F 542 -34.34 -3.80 40.17
N GLN F 543 -33.98 -2.71 39.50
CA GLN F 543 -34.88 -1.54 39.37
C GLN F 543 -36.17 -1.94 38.70
N THR F 544 -36.08 -2.82 37.69
CA THR F 544 -37.25 -3.26 36.93
C THR F 544 -38.11 -4.23 37.74
N ILE F 545 -37.47 -5.20 38.36
CA ILE F 545 -38.18 -6.14 39.20
C ILE F 545 -37.16 -6.63 40.20
N ASP F 546 -37.51 -6.52 41.48
CA ASP F 546 -36.52 -6.71 42.55
C ASP F 546 -36.66 -8.07 43.25
N GLN F 547 -37.66 -8.85 42.86
CA GLN F 547 -37.86 -10.20 43.40
C GLN F 547 -38.98 -10.91 42.61
N PRO F 548 -39.06 -12.25 42.73
CA PRO F 548 -40.14 -13.01 42.08
C PRO F 548 -41.55 -12.60 42.46
N ARG F 549 -42.36 -12.24 41.47
CA ARG F 549 -43.79 -11.91 41.61
C ARG F 549 -44.50 -12.87 42.58
N THR F 550 -45.35 -12.37 43.47
CA THR F 550 -45.82 -13.27 44.56
C THR F 550 -46.43 -14.58 44.06
C1 PEG G . 39.77 35.44 32.99
O1 PEG G . 38.60 34.78 33.55
C2 PEG G . 39.58 35.83 31.53
O2 PEG G . 40.05 34.80 30.64
C3 PEG G . 39.09 34.34 29.68
C4 PEG G . 39.40 32.96 29.14
O4 PEG G . 38.20 32.18 29.10
C1 GOL H . 33.08 47.40 32.42
O1 GOL H . 32.67 46.17 31.79
C2 GOL H . 34.08 48.10 31.50
O2 GOL H . 33.59 47.99 30.16
C3 GOL H . 34.25 49.59 31.86
O3 GOL H . 33.06 50.34 31.61
O11 PPV I . 47.05 32.52 16.83
O11 PPV I . 48.93 32.55 17.89
P1 PPV I . 47.69 33.57 17.72
P1 PPV I . 47.43 32.79 17.85
O21 PPV I . 46.96 34.01 18.98
O21 PPV I . 46.47 31.69 17.45
O31 PPV I . 47.87 34.91 16.83
O31 PPV I . 47.16 34.03 16.86
OPP PPV I . 49.22 33.09 17.99
OPP PPV I . 46.91 33.38 19.29
P2 PPV I . 49.94 32.72 16.62
P2 PPV I . 45.69 34.42 19.26
O12 PPV I . 50.39 31.27 16.58
O12 PPV I . 45.65 35.21 20.55
O22 PPV I . 50.98 33.77 16.35
O22 PPV I . 44.45 33.56 19.07
O32 PPV I . 48.70 32.86 15.79
O32 PPV I . 46.10 35.27 18.07
C1 PEG J . -3.33 33.31 -4.24
O1 PEG J . -3.79 32.23 -3.40
C2 PEG J . -1.90 33.09 -4.73
O2 PEG J . -0.97 33.71 -3.80
C3 PEG J . 0.13 32.88 -3.40
C4 PEG J . 0.80 33.45 -2.13
O4 PEG J . 0.82 32.44 -1.10
C1 GOL K . -3.90 25.73 -15.66
O1 GOL K . -3.16 25.56 -14.44
C2 GOL K . -3.15 26.74 -16.53
O2 GOL K . -1.81 26.26 -16.64
C3 GOL K . -3.75 26.86 -17.92
O3 GOL K . -3.79 25.55 -18.50
O11 PPV L . 12.31 41.35 -4.23
O11 PPV L . 10.91 43.35 -4.01
P1 PPV L . 11.38 41.96 -5.27
P1 PPV L . 11.15 41.85 -4.17
O21 PPV L . 10.12 41.21 -5.67
O21 PPV L . 11.64 41.03 -2.99
O31 PPV L . 12.22 42.17 -6.63
O31 PPV L . 12.23 41.65 -5.36
OPP PPV L . 11.12 43.51 -4.77
OPP PPV L . 9.81 41.15 -4.76
P2 PPV L . 12.46 44.34 -4.47
P2 PPV L . 9.88 39.83 -5.69
O12 PPV L . 12.48 44.85 -3.05
O12 PPV L . 8.50 39.52 -6.19
O22 PPV L . 12.60 45.35 -5.57
O22 PPV L . 10.40 38.78 -4.72
O32 PPV L . 13.44 43.22 -4.56
O32 PPV L . 10.84 40.25 -6.79
C1 PEG M . 36.53 -7.52 -4.08
O1 PEG M . 35.80 -7.81 -2.86
C2 PEG M . 36.85 -6.03 -4.20
O2 PEG M . 35.70 -5.27 -4.62
C3 PEG M . 35.54 -4.02 -3.92
C4 PEG M . 34.21 -3.33 -4.21
O4 PEG M . 33.44 -3.14 -2.99
C1 GOL N . 48.89 -6.73 1.58
O1 GOL N . 47.77 -5.88 1.94
C2 GOL N . 49.55 -6.15 0.34
O2 GOL N . 49.55 -4.73 0.47
C3 GOL N . 50.99 -6.63 0.17
O3 GOL N . 51.78 -6.37 1.33
O11 PPV O . 34.32 7.77 -13.67
O11 PPV O . 33.77 6.29 -14.88
P1 PPV O . 35.18 6.59 -14.10
P1 PPV O . 34.16 6.45 -13.42
O21 PPV O . 35.30 5.38 -13.20
O21 PPV O . 33.13 6.69 -12.35
O31 PPV O . 36.68 7.14 -14.34
O31 PPV O . 35.21 7.68 -13.32
OPP PPV O . 34.68 6.15 -15.60
OPP PPV O . 35.03 5.15 -12.98
P2 PPV O . 34.26 7.41 -16.46
P2 PPV O . 36.12 5.34 -11.81
O12 PPV O . 32.78 7.29 -16.81
O12 PPV O . 37.01 4.13 -11.79
O22 PPV O . 35.24 7.55 -17.58
O22 PPV O . 35.30 5.52 -10.54
O32 PPV O . 34.40 8.43 -15.37
O32 PPV O . 36.79 6.59 -12.31
C1 PEG P . -50.76 -3.50 -16.59
O1 PEG P . -49.70 -2.66 -17.09
C2 PEG P . -50.30 -4.41 -15.45
O2 PEG P . -50.07 -5.76 -15.89
C3 PEG P . -48.94 -6.42 -15.27
C4 PEG P . -48.29 -7.49 -16.17
O4 PEG P . -46.90 -7.15 -16.41
C1 GOL Q . -51.38 4.80 -5.77
O1 GOL Q . -50.36 3.99 -6.35
C2 GOL Q . -52.27 3.88 -4.94
O2 GOL Q . -51.39 3.12 -4.11
C3 GOL Q . -53.24 4.64 -4.04
O3 GOL Q . -52.50 5.48 -3.14
O11 PPV R . -50.94 -20.14 -10.60
O11 PPV R . -52.68 -20.31 -12.45
P1 PPV R . -52.29 -19.45 -10.54
P1 PPV R . -51.61 -19.60 -11.64
O21 PPV R . -52.93 -19.78 -9.09
O21 PPV R . -51.66 -20.19 -10.13
O31 PPV R . -52.37 -17.93 -10.70
O31 PPV R . -50.16 -19.60 -12.07
OPP PPV R . -53.31 -20.23 -11.54
OPP PPV R . -52.07 -18.05 -11.44
P2 PPV R . -53.40 -21.78 -11.21
P2 PPV R . -51.48 -17.12 -10.25
O12 PPV R . -54.74 -22.08 -10.58
O12 PPV R . -50.23 -16.49 -10.82
O22 PPV R . -53.06 -22.54 -12.48
O22 PPV R . -52.55 -16.14 -9.89
O32 PPV R . -52.26 -21.78 -10.24
O32 PPV R . -51.20 -18.14 -9.17
C1 PEG S . -16.44 -47.77 -24.30
O1 PEG S . -16.08 -46.62 -25.10
C2 PEG S . -17.49 -47.43 -23.23
O2 PEG S . -16.91 -46.97 -21.99
C3 PEG S . -17.59 -45.84 -21.41
C4 PEG S . -16.70 -45.05 -20.45
O4 PEG S . -16.44 -43.75 -20.98
C1 GOL T . -28.30 -49.86 -30.60
O1 GOL T . -27.93 -48.64 -29.97
C2 GOL T . -28.90 -50.72 -29.50
O2 GOL T . -29.77 -49.88 -28.72
C3 GOL T . -29.69 -51.89 -30.07
O3 GOL T . -30.80 -51.37 -30.81
O11 PPV U . -19.98 -46.95 -6.59
O11 PPV U . -18.25 -48.12 -6.79
P1 PPV U . -20.11 -48.29 -7.29
P1 PPV U . -19.26 -47.28 -7.55
O21 PPV U . -21.45 -49.01 -6.73
O21 PPV U . -20.71 -47.51 -6.87
O31 PPV U . -20.19 -48.38 -8.80
O31 PPV U . -19.08 -45.78 -7.70
OPP PPV U . -18.95 -49.28 -6.70
OPP PPV U . -19.42 -47.94 -9.02
P2 PPV U . -18.94 -49.33 -5.09
P2 PPV U . -20.75 -47.74 -9.89
O12 PPV U . -19.48 -50.66 -4.65
O12 PPV U . -20.32 -46.92 -11.09
O22 PPV U . -17.54 -48.97 -4.68
O22 PPV U . -21.28 -49.10 -10.23
O32 PPV U . -19.87 -48.20 -4.83
O32 PPV U . -21.62 -46.98 -8.90
C1 PEG V . -4.92 -9.52 16.07
O1 PEG V . -4.23 -9.14 14.85
C2 PEG V . -5.99 -10.58 15.82
O2 PEG V . -7.22 -10.01 15.33
C3 PEG V . -7.96 -10.91 14.46
C4 PEG V . -9.10 -10.19 13.74
O4 PEG V . -8.79 -10.02 12.33
C1 GOL W . 2.59 -20.73 17.86
O1 GOL W . 1.82 -20.54 16.67
C2 GOL W . 1.74 -21.42 18.92
O2 GOL W . 0.89 -22.39 18.30
C3 GOL W . 2.61 -22.15 19.94
O3 GOL W . 3.37 -23.16 19.28
O11 PPV X . -21.97 -13.98 18.10
O11 PPV X . -21.83 -12.32 19.29
P1 PPV X . -21.07 -13.95 19.32
P1 PPV X . -21.25 -13.23 18.23
O21 PPV X . -21.19 -15.38 20.05
O21 PPV X . -21.80 -14.73 18.50
O31 PPV X . -19.59 -13.69 19.16
O31 PPV X . -21.47 -12.93 16.77
OPP PPV X . -21.75 -12.92 20.38
OPP PPV X . -19.66 -13.36 18.50
P2 PPV X . -23.34 -13.05 20.42
P2 PPV X . -18.79 -14.68 18.13
O12 PPV X . -23.75 -13.45 21.81
O12 PPV X . -18.31 -14.43 16.72
O22 PPV X . -23.93 -11.75 19.90
O22 PPV X . -17.69 -14.74 19.14
O32 PPV X . -23.46 -14.12 19.39
O32 PPV X . -19.80 -15.80 18.24
#